data_5MX5
#
_entry.id   5MX5
#
_cell.length_a   126.090
_cell.length_b   137.380
_cell.length_c   136.420
_cell.angle_alpha   90.00
_cell.angle_beta   104.44
_cell.angle_gamma   90.00
#
_symmetry.space_group_name_H-M   'P 1 21 1'
#
loop_
_entity.id
_entity.type
_entity.pdbx_description
1 polymer 'Proteasome activator complex subunit 1'
2 polymer 'Proteasome activator complex subunit 2'
3 non-polymer 'PHOSPHATE ION'
4 water water
#
loop_
_entity_poly.entity_id
_entity_poly.type
_entity_poly.pdbx_seq_one_letter_code
_entity_poly.pdbx_strand_id
1 'polypeptide(L)'
;MATLRVHPEAQAKVDVFREDLCSKTENLLGSYFPKKISELDAFLKEPALNEANLSNLKAPLDIPVPDPVKEKEKEERKKQ
QEKEEKEEKKKGDEDDKGPPCGPVNCNEKIVVLLQRLKPEIKDVTEQLNLVTTWLQLQIPRIEDGNNFGVAVQEKVFELM
TNLHTKLEGFHTQISKYFSERGDAVAKAAKQPHVGDYRQLVHELDEAEYQEIRLMVMEIRNAYAVLYDIILKNFEKLKKP
RGETKGMIY
;
A,C,E,G,H,J,L,N
2 'polypeptide(L)'
;MAKPCGVRLSGEARKQVDVFRQNLFQEADDFLCTFLPRKIISLSQLLQEDSLNVADLSSLRAPLDIPIPDPPPKDDEMET
DKQEKKEVPKCGYLPGNEKLLALLALVKPEVWTLKEKCILVITWIQHLIPKIEDGNDFGVAIQEKVLERVNAVKTKVEAF
QTTISKYFSERGDAVAKASKDTHVMDYRALVHERDEAAYGALRAMVLDLRAFYAELYHIISSNLEKIVNPKGEEKPSMY
;
B,D,F,I,K,M
#
loop_
_chem_comp.id
_chem_comp.type
_chem_comp.name
_chem_comp.formula
PO4 non-polymer 'PHOSPHATE ION' 'O4 P -3'
#
# COMPACT_ATOMS: atom_id res chain seq x y z
N LEU A 4 -20.94 5.75 -32.86
CA LEU A 4 -21.00 6.86 -33.86
C LEU A 4 -21.11 6.30 -35.28
N ARG A 5 -21.82 7.03 -36.14
CA ARG A 5 -22.01 6.63 -37.54
C ARG A 5 -20.73 6.88 -38.36
N VAL A 6 -20.40 5.91 -39.23
CA VAL A 6 -19.19 5.99 -40.07
C VAL A 6 -19.41 6.87 -41.31
N HIS A 7 -18.31 7.37 -41.87
CA HIS A 7 -18.32 8.21 -43.07
C HIS A 7 -17.22 7.73 -44.03
N PRO A 8 -17.59 7.30 -45.25
CA PRO A 8 -16.60 6.71 -46.17
C PRO A 8 -15.63 7.72 -46.82
N GLU A 9 -16.15 8.86 -47.29
CA GLU A 9 -15.32 9.88 -47.95
C GLU A 9 -14.42 10.61 -46.95
N ALA A 10 -14.96 10.90 -45.78
CA ALA A 10 -14.20 11.53 -44.68
C ALA A 10 -13.04 10.67 -44.20
N GLN A 11 -13.30 9.38 -43.99
CA GLN A 11 -12.27 8.41 -43.60
C GLN A 11 -11.15 8.30 -44.64
N ALA A 12 -11.52 8.36 -45.92
CA ALA A 12 -10.55 8.29 -47.02
C ALA A 12 -9.55 9.45 -47.02
N LYS A 13 -10.02 10.66 -46.69
CA LYS A 13 -9.15 11.85 -46.62
C LYS A 13 -8.10 11.74 -45.51
N VAL A 14 -8.50 11.18 -44.37
CA VAL A 14 -7.59 10.96 -43.23
C VAL A 14 -6.65 9.79 -43.51
N ASP A 15 -7.16 8.74 -44.17
CA ASP A 15 -6.35 7.60 -44.59
C ASP A 15 -5.29 7.95 -45.64
N VAL A 16 -5.55 8.97 -46.47
CA VAL A 16 -4.54 9.51 -47.40
C VAL A 16 -3.34 10.08 -46.61
N PHE A 17 -3.64 10.81 -45.54
CA PHE A 17 -2.60 11.31 -44.62
C PHE A 17 -1.96 10.18 -43.79
N ARG A 18 -2.79 9.27 -43.29
CA ARG A 18 -2.33 8.20 -42.39
C ARG A 18 -1.43 7.17 -43.12
N GLU A 19 -1.79 6.82 -44.36
CA GLU A 19 -0.96 5.95 -45.20
C GLU A 19 0.35 6.65 -45.60
N ASP A 20 0.26 7.93 -45.95
CA ASP A 20 1.44 8.75 -46.26
C ASP A 20 2.37 8.88 -45.05
N LEU A 21 1.78 9.09 -43.87
CA LEU A 21 2.55 9.22 -42.63
C LEU A 21 3.27 7.94 -42.23
N CYS A 22 2.61 6.79 -42.44
CA CYS A 22 3.20 5.48 -42.15
C CYS A 22 4.34 5.12 -43.11
N SER A 23 4.15 5.42 -44.40
CA SER A 23 5.18 5.19 -45.42
C SER A 23 6.40 6.09 -45.24
N LYS A 24 6.19 7.31 -44.76
CA LYS A 24 7.28 8.23 -44.40
C LYS A 24 8.14 7.69 -43.26
N THR A 25 7.52 7.09 -42.24
CA THR A 25 8.22 6.56 -41.07
C THR A 25 9.12 5.36 -41.40
N GLU A 26 8.64 4.47 -42.27
CA GLU A 26 9.44 3.33 -42.76
C GLU A 26 10.67 3.80 -43.54
N ASN A 27 10.48 4.83 -44.38
CA ASN A 27 11.57 5.47 -45.12
C ASN A 27 12.63 6.07 -44.19
N LEU A 28 12.19 6.73 -43.12
CA LEU A 28 13.11 7.41 -42.19
C LEU A 28 13.94 6.43 -41.35
N LEU A 29 13.30 5.40 -40.81
CA LEU A 29 14.00 4.35 -40.07
C LEU A 29 14.89 3.51 -41.01
N GLY A 30 14.40 3.23 -42.21
CA GLY A 30 15.10 2.40 -43.17
C GLY A 30 16.35 3.01 -43.80
N SER A 31 16.25 4.27 -44.23
CA SER A 31 17.32 4.93 -45.01
C SER A 31 17.79 6.29 -44.47
N TYR A 32 16.84 7.21 -44.23
CA TYR A 32 17.14 8.62 -43.89
C TYR A 32 17.96 8.79 -42.60
N PHE A 33 17.63 8.03 -41.56
CA PHE A 33 18.28 8.17 -40.25
C PHE A 33 19.74 7.65 -40.24
N PRO A 34 19.99 6.45 -40.81
CA PRO A 34 21.38 6.02 -41.05
C PRO A 34 22.18 6.95 -41.98
N LYS A 35 21.52 7.50 -43.00
CA LYS A 35 22.12 8.44 -43.95
C LYS A 35 22.56 9.74 -43.27
N LYS A 36 21.69 10.27 -42.39
CA LYS A 36 22.01 11.49 -41.63
C LYS A 36 23.12 11.30 -40.59
N ILE A 37 23.19 10.11 -39.98
CA ILE A 37 24.26 9.77 -39.04
C ILE A 37 25.63 9.77 -39.74
N SER A 38 25.67 9.23 -40.96
CA SER A 38 26.90 9.22 -41.77
C SER A 38 27.33 10.61 -42.23
N GLU A 39 26.37 11.44 -42.62
CA GLU A 39 26.64 12.83 -43.03
C GLU A 39 27.21 13.67 -41.89
N LEU A 40 26.57 13.60 -40.72
CA LEU A 40 26.98 14.38 -39.55
C LEU A 40 28.29 13.88 -38.93
N ASP A 41 28.56 12.57 -39.01
CA ASP A 41 29.86 12.01 -38.62
C ASP A 41 30.98 12.54 -39.52
N ALA A 42 30.73 12.58 -40.83
CA ALA A 42 31.67 13.14 -41.79
C ALA A 42 31.88 14.64 -41.58
N PHE A 43 30.79 15.35 -41.28
CA PHE A 43 30.83 16.80 -41.01
C PHE A 43 31.63 17.14 -39.75
N LEU A 44 31.50 16.32 -38.71
CA LEU A 44 32.26 16.51 -37.46
C LEU A 44 33.78 16.36 -37.61
N LYS A 45 34.21 15.46 -38.50
CA LYS A 45 35.65 15.20 -38.73
C LYS A 45 36.36 16.25 -39.61
N GLU A 46 35.60 17.11 -40.29
CA GLU A 46 36.18 18.15 -41.17
C GLU A 46 36.94 19.23 -40.37
N PRO A 47 37.86 19.97 -41.05
CA PRO A 47 38.63 21.00 -40.32
C PRO A 47 37.84 22.25 -39.90
N ALA A 48 36.64 22.45 -40.46
CA ALA A 48 35.76 23.56 -40.06
C ALA A 48 35.27 23.44 -38.61
N LEU A 49 34.97 22.22 -38.16
CA LEU A 49 34.56 21.94 -36.78
C LEU A 49 35.68 21.35 -35.89
N ASN A 50 36.92 21.46 -36.33
CA ASN A 50 38.10 21.02 -35.57
C ASN A 50 39.21 22.05 -35.68
N GLU A 51 38.90 23.27 -35.25
CA GLU A 51 39.88 24.37 -35.22
C GLU A 51 40.90 24.08 -34.13
N ALA A 52 42.16 23.86 -34.54
CA ALA A 52 43.25 23.53 -33.63
C ALA A 52 43.56 24.66 -32.64
N ASN A 53 43.53 25.90 -33.13
CA ASN A 53 43.77 27.09 -32.32
C ASN A 53 42.56 28.01 -32.40
N LEU A 54 42.07 28.48 -31.25
CA LEU A 54 40.89 29.34 -31.18
C LEU A 54 41.13 30.78 -31.65
N SER A 55 42.39 31.19 -31.79
CA SER A 55 42.75 32.49 -32.38
C SER A 55 42.37 32.63 -33.86
N ASN A 56 42.21 31.49 -34.55
CA ASN A 56 41.70 31.48 -35.94
C ASN A 56 40.29 32.08 -36.06
N LEU A 57 39.46 31.84 -35.04
CA LEU A 57 38.08 32.35 -35.01
C LEU A 57 37.94 33.85 -34.70
N LYS A 58 39.01 34.48 -34.21
CA LYS A 58 38.98 35.91 -33.84
C LYS A 58 38.77 36.79 -35.07
N ALA A 59 37.61 37.46 -35.11
CA ALA A 59 37.25 38.34 -36.22
C ALA A 59 37.86 39.74 -36.04
N PRO A 60 38.01 40.50 -37.14
CA PRO A 60 38.41 41.91 -37.03
C PRO A 60 37.37 42.78 -36.31
N LEU A 61 37.82 43.61 -35.38
CA LEU A 61 36.96 44.55 -34.66
C LEU A 61 37.59 45.94 -34.74
N ASP A 62 37.49 46.55 -35.93
CA ASP A 62 38.13 47.83 -36.22
C ASP A 62 37.38 49.00 -35.58
N ILE A 63 37.72 49.30 -34.33
CA ILE A 63 37.20 50.45 -33.58
C ILE A 63 38.42 51.24 -33.08
N PRO A 64 38.39 52.59 -33.20
CA PRO A 64 39.54 53.38 -32.76
C PRO A 64 39.69 53.46 -31.23
N VAL A 65 40.91 53.24 -30.75
CA VAL A 65 41.22 53.29 -29.32
C VAL A 65 41.48 54.75 -28.93
N PRO A 66 40.82 55.25 -27.86
CA PRO A 66 41.04 56.63 -27.46
C PRO A 66 42.32 56.79 -26.61
N ASP A 67 42.73 58.03 -26.40
CA ASP A 67 43.91 58.35 -25.59
C ASP A 67 43.61 59.53 -24.64
N PRO A 68 44.04 59.43 -23.37
CA PRO A 68 43.78 60.50 -22.40
C PRO A 68 44.74 61.67 -22.58
N PRO A 100 31.46 56.49 -34.30
CA PRO A 100 32.26 57.14 -35.32
C PRO A 100 33.43 56.25 -35.79
N CYS A 101 33.08 55.04 -36.24
CA CYS A 101 34.06 54.02 -36.62
C CYS A 101 33.68 53.33 -37.94
N GLY A 102 34.58 52.49 -38.44
CA GLY A 102 34.34 51.73 -39.67
C GLY A 102 33.34 50.59 -39.49
N PRO A 103 32.99 49.90 -40.59
CA PRO A 103 31.96 48.86 -40.55
C PRO A 103 32.46 47.56 -39.91
N VAL A 104 31.82 47.14 -38.82
CA VAL A 104 32.14 45.90 -38.12
C VAL A 104 31.31 44.76 -38.71
N ASN A 105 31.94 43.91 -39.51
CA ASN A 105 31.26 42.79 -40.16
C ASN A 105 31.09 41.61 -39.22
N CYS A 106 30.27 40.64 -39.65
CA CYS A 106 30.05 39.40 -38.90
C CYS A 106 31.25 38.48 -39.02
N ASN A 107 31.35 37.53 -38.09
CA ASN A 107 32.41 36.52 -38.10
C ASN A 107 32.16 35.54 -39.25
N GLU A 108 33.04 35.54 -40.24
CA GLU A 108 32.87 34.73 -41.45
C GLU A 108 32.90 33.23 -41.18
N LYS A 109 33.84 32.79 -40.34
CA LYS A 109 33.99 31.37 -39.99
C LYS A 109 32.79 30.80 -39.21
N ILE A 110 32.15 31.62 -38.39
CA ILE A 110 30.94 31.21 -37.67
C ILE A 110 29.71 31.22 -38.58
N VAL A 111 29.60 32.24 -39.44
CA VAL A 111 28.46 32.37 -40.37
C VAL A 111 28.36 31.16 -41.32
N VAL A 112 29.47 30.78 -41.95
CA VAL A 112 29.49 29.61 -42.86
C VAL A 112 29.16 28.29 -42.16
N LEU A 113 29.51 28.15 -40.89
CA LEU A 113 29.09 27.00 -40.07
C LEU A 113 27.58 27.01 -39.82
N LEU A 114 27.03 28.19 -39.54
CA LEU A 114 25.57 28.35 -39.35
C LEU A 114 24.76 28.09 -40.62
N GLN A 115 25.35 28.40 -41.79
CA GLN A 115 24.71 28.08 -43.08
C GLN A 115 24.58 26.56 -43.30
N ARG A 116 25.52 25.79 -42.77
CA ARG A 116 25.45 24.33 -42.79
C ARG A 116 24.60 23.74 -41.66
N LEU A 117 24.62 24.40 -40.50
CA LEU A 117 23.87 23.95 -39.31
C LEU A 117 22.36 24.13 -39.43
N LYS A 118 21.93 25.29 -39.90
CA LYS A 118 20.49 25.64 -39.99
C LYS A 118 19.60 24.62 -40.73
N PRO A 119 20.03 24.15 -41.93
CA PRO A 119 19.26 23.09 -42.60
C PRO A 119 19.28 21.74 -41.87
N GLU A 120 20.33 21.44 -41.11
CA GLU A 120 20.38 20.24 -40.27
C GLU A 120 19.42 20.33 -39.07
N ILE A 121 19.20 21.55 -38.55
CA ILE A 121 18.20 21.80 -37.51
C ILE A 121 16.77 21.67 -38.08
N LYS A 122 16.57 22.14 -39.30
CA LYS A 122 15.27 22.00 -40.00
C LYS A 122 14.85 20.55 -40.17
N ASP A 123 15.78 19.72 -40.65
CA ASP A 123 15.50 18.33 -40.97
C ASP A 123 15.17 17.50 -39.71
N VAL A 124 16.03 17.56 -38.71
CA VAL A 124 15.84 16.79 -37.47
C VAL A 124 14.55 17.13 -36.71
N THR A 125 14.15 18.40 -36.72
CA THR A 125 12.89 18.82 -36.10
C THR A 125 11.67 18.33 -36.88
N GLU A 126 11.73 18.40 -38.22
CA GLU A 126 10.65 17.91 -39.08
C GLU A 126 10.43 16.41 -38.98
N GLN A 127 11.52 15.64 -39.02
CA GLN A 127 11.44 14.17 -38.92
C GLN A 127 11.04 13.71 -37.51
N LEU A 128 11.47 14.45 -36.48
CA LEU A 128 11.02 14.23 -35.10
C LEU A 128 9.52 14.51 -34.96
N ASN A 129 9.06 15.59 -35.57
CA ASN A 129 7.64 15.96 -35.57
C ASN A 129 6.77 14.94 -36.31
N LEU A 130 7.32 14.38 -37.40
CA LEU A 130 6.63 13.35 -38.18
C LEU A 130 6.52 12.03 -37.39
N VAL A 131 7.62 11.60 -36.80
CA VAL A 131 7.66 10.36 -36.01
C VAL A 131 6.81 10.45 -34.74
N THR A 132 6.80 11.63 -34.10
CA THR A 132 5.96 11.87 -32.92
C THR A 132 4.47 11.77 -33.25
N THR A 133 4.09 12.31 -34.41
CA THR A 133 2.70 12.23 -34.90
C THR A 133 2.31 10.79 -35.24
N TRP A 134 3.22 10.06 -35.89
CA TRP A 134 3.03 8.65 -36.20
C TRP A 134 2.75 7.81 -34.95
N LEU A 135 3.55 8.04 -33.90
CA LEU A 135 3.41 7.30 -32.64
C LEU A 135 2.11 7.61 -31.88
N GLN A 136 1.66 8.87 -31.95
CA GLN A 136 0.38 9.26 -31.34
C GLN A 136 -0.83 8.58 -32.00
N LEU A 137 -0.79 8.42 -33.31
CA LEU A 137 -1.85 7.72 -34.05
C LEU A 137 -1.85 6.20 -33.83
N GLN A 138 -0.72 5.64 -33.38
CA GLN A 138 -0.62 4.24 -32.96
C GLN A 138 -1.15 3.95 -31.53
N ILE A 139 -1.47 4.99 -30.77
CA ILE A 139 -2.05 4.82 -29.42
C ILE A 139 -3.48 4.28 -29.58
N PRO A 140 -3.76 3.07 -29.03
CA PRO A 140 -5.06 2.44 -29.24
C PRO A 140 -6.18 3.01 -28.36
N ARG A 141 -7.36 2.41 -28.45
CA ARG A 141 -8.48 2.72 -27.57
C ARG A 141 -8.09 2.46 -26.11
N ILE A 142 -8.56 3.31 -25.21
CA ILE A 142 -8.21 3.19 -23.79
C ILE A 142 -9.06 2.06 -23.19
N GLU A 143 -8.37 1.04 -22.67
CA GLU A 143 -9.00 -0.16 -22.12
C GLU A 143 -8.48 -0.41 -20.70
N ASP A 144 -9.28 -1.14 -19.92
CA ASP A 144 -9.04 -1.30 -18.48
C ASP A 144 -7.79 -2.11 -18.15
N GLY A 145 -7.48 -3.10 -18.99
CA GLY A 145 -6.26 -3.90 -18.86
C GLY A 145 -5.51 -4.05 -20.17
N ASN A 146 -4.39 -4.77 -20.11
CA ASN A 146 -3.51 -5.02 -21.25
C ASN A 146 -2.89 -3.72 -21.77
N ASN A 147 -2.31 -2.96 -20.83
CA ASN A 147 -1.76 -1.63 -21.10
C ASN A 147 -0.23 -1.56 -21.01
N PHE A 148 0.45 -2.70 -21.23
CA PHE A 148 1.91 -2.72 -21.24
C PHE A 148 2.45 -2.10 -22.53
N GLY A 149 1.86 -2.45 -23.67
CA GLY A 149 2.18 -1.83 -24.95
C GLY A 149 1.92 -0.33 -25.00
N VAL A 150 0.88 0.11 -24.28
CA VAL A 150 0.58 1.54 -24.12
C VAL A 150 1.69 2.22 -23.32
N ALA A 151 2.19 1.54 -22.27
CA ALA A 151 3.31 2.04 -21.47
C ALA A 151 4.62 2.12 -22.25
N VAL A 152 4.82 1.21 -23.20
CA VAL A 152 5.98 1.25 -24.11
C VAL A 152 5.90 2.49 -25.02
N GLN A 153 4.71 2.74 -25.57
CA GLN A 153 4.47 3.93 -26.41
C GLN A 153 4.71 5.22 -25.62
N GLU A 154 4.20 5.27 -24.39
CA GLU A 154 4.41 6.43 -23.51
C GLU A 154 5.88 6.66 -23.12
N LYS A 155 6.61 5.56 -22.92
CA LYS A 155 8.05 5.63 -22.61
C LYS A 155 8.86 6.15 -23.79
N VAL A 156 8.55 5.68 -24.99
CA VAL A 156 9.20 6.14 -26.23
C VAL A 156 8.76 7.57 -26.58
N PHE A 157 7.49 7.89 -26.33
CA PHE A 157 6.96 9.26 -26.51
C PHE A 157 7.64 10.27 -25.55
N GLU A 158 8.02 9.81 -24.36
CA GLU A 158 8.73 10.64 -23.37
C GLU A 158 10.09 11.10 -23.88
N LEU A 159 10.82 10.22 -24.56
CA LEU A 159 12.12 10.55 -25.14
C LEU A 159 12.02 11.51 -26.32
N MET A 160 10.96 11.37 -27.13
CA MET A 160 10.73 12.28 -28.27
C MET A 160 10.38 13.70 -27.82
N THR A 161 9.60 13.81 -26.73
CA THR A 161 9.26 15.11 -26.15
C THR A 161 10.49 15.82 -25.56
N ASN A 162 11.39 15.04 -24.94
CA ASN A 162 12.65 15.58 -24.41
C ASN A 162 13.61 16.06 -25.51
N LEU A 163 13.64 15.32 -26.63
CA LEU A 163 14.39 15.75 -27.82
C LEU A 163 13.81 17.03 -28.43
N HIS A 164 12.47 17.09 -28.50
CA HIS A 164 11.77 18.26 -29.04
C HIS A 164 12.05 19.53 -28.23
N THR A 165 12.16 19.40 -26.91
CA THR A 165 12.51 20.52 -26.02
C THR A 165 13.96 20.98 -26.25
N LYS A 166 14.87 20.03 -26.44
CA LYS A 166 16.29 20.32 -26.68
C LYS A 166 16.51 21.00 -28.04
N LEU A 167 15.93 20.42 -29.09
CA LEU A 167 16.12 20.90 -30.46
C LEU A 167 15.46 22.25 -30.76
N GLU A 168 14.34 22.54 -30.09
CA GLU A 168 13.68 23.87 -30.22
C GLU A 168 14.55 25.01 -29.67
N GLY A 169 15.36 24.73 -28.66
CA GLY A 169 16.31 25.71 -28.11
C GLY A 169 17.35 26.20 -29.10
N PHE A 170 17.72 25.36 -30.07
CA PHE A 170 18.74 25.70 -31.07
C PHE A 170 18.29 26.76 -32.09
N HIS A 171 16.98 26.85 -32.36
CA HIS A 171 16.46 27.74 -33.39
C HIS A 171 16.58 29.21 -32.98
N THR A 172 16.14 29.51 -31.76
CA THR A 172 16.28 30.86 -31.17
C THR A 172 17.72 31.21 -30.81
N GLN A 173 18.49 30.19 -30.42
CA GLN A 173 19.94 30.32 -30.11
C GLN A 173 20.76 31.03 -31.21
N ILE A 174 20.46 30.71 -32.47
CA ILE A 174 21.15 31.34 -33.61
C ILE A 174 20.76 32.82 -33.72
N SER A 175 19.48 33.12 -33.57
CA SER A 175 18.99 34.51 -33.52
C SER A 175 19.51 35.28 -32.29
N LYS A 176 19.65 34.57 -31.17
CA LYS A 176 20.18 35.15 -29.92
C LYS A 176 21.66 35.54 -30.04
N TYR A 177 22.43 34.77 -30.81
CA TYR A 177 23.85 35.05 -31.05
C TYR A 177 24.08 36.41 -31.71
N PHE A 178 23.34 36.67 -32.79
CA PHE A 178 23.44 37.95 -33.51
C PHE A 178 22.86 39.12 -32.72
N SER A 179 21.86 38.83 -31.88
CA SER A 179 21.29 39.84 -30.97
C SER A 179 22.30 40.24 -29.88
N GLU A 180 22.93 39.23 -29.26
CA GLU A 180 23.92 39.47 -28.21
C GLU A 180 25.24 40.05 -28.74
N ARG A 181 25.68 39.58 -29.91
CA ARG A 181 26.90 40.11 -30.55
C ARG A 181 26.70 41.54 -31.04
N GLY A 182 25.53 41.81 -31.63
CA GLY A 182 25.16 43.17 -32.06
C GLY A 182 25.18 44.18 -30.94
N ASP A 183 24.65 43.80 -29.78
CA ASP A 183 24.65 44.65 -28.58
C ASP A 183 26.06 44.85 -28.01
N ALA A 184 26.89 43.81 -28.06
CA ALA A 184 28.28 43.88 -27.61
C ALA A 184 29.12 44.80 -28.49
N VAL A 185 28.95 44.68 -29.81
CA VAL A 185 29.64 45.53 -30.78
C VAL A 185 29.12 46.98 -30.70
N ALA A 186 27.81 47.13 -30.50
CA ALA A 186 27.20 48.46 -30.32
C ALA A 186 27.72 49.17 -29.07
N LYS A 187 27.78 48.45 -27.95
CA LYS A 187 28.34 48.98 -26.70
C LYS A 187 29.85 49.26 -26.79
N ALA A 188 30.57 48.41 -27.52
CA ALA A 188 32.00 48.61 -27.76
C ALA A 188 32.28 49.86 -28.62
N ALA A 189 31.41 50.11 -29.59
CA ALA A 189 31.53 51.29 -30.46
C ALA A 189 31.18 52.59 -29.75
N LYS A 190 30.08 52.59 -28.98
CA LYS A 190 29.65 53.75 -28.19
C LYS A 190 30.68 54.15 -27.12
N GLN A 191 31.27 53.15 -26.47
CA GLN A 191 32.27 53.35 -25.42
C GLN A 191 33.54 52.57 -25.76
N PRO A 192 34.42 53.15 -26.61
CA PRO A 192 35.67 52.47 -26.98
C PRO A 192 36.68 52.31 -25.84
N HIS A 193 36.62 53.21 -24.85
CA HIS A 193 37.48 53.14 -23.66
C HIS A 193 37.31 51.88 -22.79
N VAL A 194 36.11 51.28 -22.83
CA VAL A 194 35.85 50.04 -22.08
C VAL A 194 36.40 48.85 -22.87
N GLY A 195 37.48 48.25 -22.36
CA GLY A 195 38.14 47.12 -23.01
C GLY A 195 37.40 45.80 -22.95
N ASP A 196 36.49 45.66 -21.98
CA ASP A 196 35.75 44.40 -21.78
C ASP A 196 34.70 44.11 -22.84
N TYR A 197 34.09 45.16 -23.40
CA TYR A 197 33.10 45.00 -24.49
C TYR A 197 33.75 44.46 -25.78
N ARG A 198 35.02 44.79 -26.00
CA ARG A 198 35.80 44.21 -27.11
C ARG A 198 36.05 42.72 -26.89
N GLN A 199 36.39 42.35 -25.65
CA GLN A 199 36.59 40.95 -25.27
C GLN A 199 35.29 40.16 -25.38
N LEU A 200 34.18 40.75 -24.92
CA LEU A 200 32.84 40.13 -24.97
C LEU A 200 32.47 39.64 -26.37
N VAL A 201 32.77 40.43 -27.39
CA VAL A 201 32.47 40.08 -28.79
C VAL A 201 33.23 38.82 -29.24
N HIS A 202 34.50 38.71 -28.82
CA HIS A 202 35.33 37.55 -29.16
C HIS A 202 34.95 36.31 -28.34
N GLU A 203 34.52 36.52 -27.09
CA GLU A 203 34.05 35.43 -26.23
C GLU A 203 32.72 34.84 -26.70
N LEU A 204 31.83 35.69 -27.20
CA LEU A 204 30.59 35.22 -27.84
C LEU A 204 30.89 34.38 -29.10
N ASP A 205 31.90 34.76 -29.86
CA ASP A 205 32.34 34.01 -31.05
C ASP A 205 32.94 32.65 -30.68
N GLU A 206 33.82 32.63 -29.69
CA GLU A 206 34.40 31.38 -29.18
C GLU A 206 33.34 30.45 -28.62
N ALA A 207 32.42 31.00 -27.82
CA ALA A 207 31.31 30.23 -27.25
C ALA A 207 30.34 29.71 -28.32
N GLU A 208 30.10 30.51 -29.36
CA GLU A 208 29.20 30.13 -30.46
C GLU A 208 29.78 28.99 -31.29
N TYR A 209 31.07 29.06 -31.60
CA TYR A 209 31.78 27.97 -32.29
C TYR A 209 31.71 26.67 -31.48
N GLN A 210 31.97 26.76 -30.18
CA GLN A 210 31.93 25.60 -29.29
C GLN A 210 30.52 25.02 -29.18
N GLU A 211 29.51 25.90 -29.14
CA GLU A 211 28.11 25.47 -29.07
C GLU A 211 27.65 24.82 -30.37
N ILE A 212 27.92 25.49 -31.50
CA ILE A 212 27.65 24.92 -32.85
C ILE A 212 28.25 23.52 -33.00
N ARG A 213 29.46 23.35 -32.50
CA ARG A 213 30.14 22.04 -32.52
C ARG A 213 29.34 20.99 -31.76
N LEU A 214 28.85 21.35 -30.58
CA LEU A 214 28.01 20.45 -29.76
C LEU A 214 26.62 20.19 -30.36
N MET A 215 26.04 21.17 -31.03
CA MET A 215 24.71 21.01 -31.67
C MET A 215 24.73 19.93 -32.76
N VAL A 216 25.79 19.91 -33.55
CA VAL A 216 25.96 18.92 -34.62
C VAL A 216 26.05 17.50 -34.06
N MET A 217 26.72 17.35 -32.91
CA MET A 217 26.79 16.06 -32.21
C MET A 217 25.42 15.68 -31.63
N GLU A 218 24.76 16.65 -31.00
CA GLU A 218 23.43 16.44 -30.40
C GLU A 218 22.36 16.04 -31.43
N ILE A 219 22.43 16.62 -32.63
CA ILE A 219 21.52 16.26 -33.73
C ILE A 219 21.83 14.85 -34.25
N ARG A 220 23.12 14.52 -34.38
CA ARG A 220 23.55 13.17 -34.77
C ARG A 220 23.11 12.12 -33.75
N ASN A 221 23.29 12.42 -32.47
CA ASN A 221 22.87 11.53 -31.38
C ASN A 221 21.34 11.38 -31.30
N ALA A 222 20.61 12.43 -31.65
CA ALA A 222 19.15 12.39 -31.71
C ALA A 222 18.65 11.39 -32.77
N TYR A 223 19.24 11.43 -33.96
CA TYR A 223 18.96 10.46 -35.02
C TYR A 223 19.29 9.02 -34.60
N ALA A 224 20.44 8.85 -33.93
CA ALA A 224 20.91 7.54 -33.50
C ALA A 224 20.04 6.92 -32.41
N VAL A 225 19.68 7.73 -31.41
CA VAL A 225 18.84 7.28 -30.29
C VAL A 225 17.39 7.02 -30.75
N LEU A 226 16.87 7.86 -31.64
CA LEU A 226 15.54 7.64 -32.23
C LEU A 226 15.50 6.35 -33.06
N TYR A 227 16.52 6.15 -33.90
CA TYR A 227 16.71 4.91 -34.65
C TYR A 227 16.78 3.69 -33.72
N ASP A 228 17.56 3.82 -32.65
CA ASP A 228 17.81 2.72 -31.72
C ASP A 228 16.55 2.31 -30.95
N ILE A 229 15.90 3.29 -30.31
CA ILE A 229 14.76 3.02 -29.43
C ILE A 229 13.49 2.56 -30.17
N ILE A 230 13.28 3.06 -31.38
CA ILE A 230 12.09 2.71 -32.18
C ILE A 230 12.20 1.28 -32.73
N LEU A 231 13.35 0.95 -33.34
CA LEU A 231 13.57 -0.40 -33.91
C LEU A 231 13.56 -1.52 -32.87
N LYS A 232 14.08 -1.25 -31.68
CA LYS A 232 14.04 -2.21 -30.57
C LYS A 232 12.61 -2.52 -30.16
N ASN A 233 11.81 -1.47 -29.95
CA ASN A 233 10.42 -1.59 -29.47
C ASN A 233 9.36 -1.56 -30.60
N PHE A 234 9.77 -1.77 -31.85
CA PHE A 234 8.87 -1.59 -33.01
C PHE A 234 7.63 -2.49 -33.01
N GLU A 235 7.73 -3.66 -32.40
CA GLU A 235 6.59 -4.58 -32.25
C GLU A 235 5.45 -3.94 -31.46
N LYS A 236 5.76 -3.46 -30.26
CA LYS A 236 4.75 -2.90 -29.36
C LYS A 236 4.39 -1.44 -29.66
N LEU A 237 5.25 -0.73 -30.39
CA LEU A 237 4.91 0.61 -30.88
C LEU A 237 3.84 0.53 -31.97
N LYS A 238 4.03 -0.40 -32.92
CA LYS A 238 3.10 -0.59 -34.04
C LYS A 238 1.83 -1.31 -33.61
N LYS A 239 1.99 -2.42 -32.87
CA LYS A 239 0.88 -3.22 -32.36
C LYS A 239 1.05 -3.45 -30.84
N PRO A 240 0.49 -2.55 -30.01
CA PRO A 240 0.67 -2.67 -28.56
C PRO A 240 -0.06 -3.84 -27.88
N ARG A 241 -1.13 -4.35 -28.51
CA ARG A 241 -1.91 -5.48 -27.97
C ARG A 241 -1.84 -6.73 -28.86
N GLY A 242 -0.79 -6.85 -29.67
CA GLY A 242 -0.56 -8.04 -30.50
C GLY A 242 -1.52 -8.16 -31.66
N SER B 10 17.75 -2.84 -46.99
CA SER B 10 18.25 -2.24 -45.72
C SER B 10 19.71 -2.62 -45.35
N GLY B 11 20.29 -3.61 -46.03
CA GLY B 11 21.65 -4.08 -45.73
C GLY B 11 22.76 -3.04 -45.81
N GLU B 12 22.63 -2.10 -46.75
CA GLU B 12 23.56 -0.97 -46.86
C GLU B 12 23.37 0.01 -45.69
N ALA B 13 22.12 0.36 -45.42
CA ALA B 13 21.77 1.29 -44.34
C ALA B 13 22.04 0.73 -42.94
N ARG B 14 21.89 -0.59 -42.77
CA ARG B 14 22.26 -1.27 -41.53
C ARG B 14 23.75 -1.17 -41.22
N LYS B 15 24.58 -1.28 -42.27
CA LYS B 15 26.04 -1.13 -42.14
C LYS B 15 26.46 0.30 -41.73
N GLN B 16 25.73 1.30 -42.21
CA GLN B 16 26.01 2.71 -41.87
C GLN B 16 25.90 3.00 -40.37
N VAL B 17 24.91 2.41 -39.71
CA VAL B 17 24.69 2.59 -38.27
C VAL B 17 25.71 1.79 -37.45
N ASP B 18 26.05 0.59 -37.93
CA ASP B 18 27.05 -0.26 -37.27
C ASP B 18 28.45 0.36 -37.20
N VAL B 19 28.77 1.25 -38.15
CA VAL B 19 30.03 2.01 -38.12
C VAL B 19 29.99 3.03 -36.97
N PHE B 20 28.87 3.73 -36.84
CA PHE B 20 28.66 4.69 -35.74
C PHE B 20 28.62 4.01 -34.37
N ARG B 21 27.87 2.91 -34.27
CA ARG B 21 27.68 2.20 -32.98
C ARG B 21 28.99 1.58 -32.47
N GLN B 22 29.80 1.05 -33.39
CA GLN B 22 31.12 0.53 -33.04
C GLN B 22 32.09 1.64 -32.64
N ASN B 23 31.95 2.81 -33.27
CA ASN B 23 32.72 4.02 -32.91
C ASN B 23 32.32 4.55 -31.53
N LEU B 24 31.01 4.59 -31.26
CA LEU B 24 30.48 5.07 -29.97
C LEU B 24 30.92 4.22 -28.78
N PHE B 25 30.81 2.90 -28.93
CA PHE B 25 31.21 1.95 -27.88
C PHE B 25 32.72 1.97 -27.62
N GLN B 26 33.50 2.16 -28.68
CA GLN B 26 34.96 2.30 -28.58
C GLN B 26 35.34 3.61 -27.90
N GLU B 27 34.73 4.72 -28.34
CA GLU B 27 35.01 6.05 -27.80
C GLU B 27 34.57 6.19 -26.33
N ALA B 28 33.47 5.52 -25.98
CA ALA B 28 33.01 5.46 -24.58
C ALA B 28 33.94 4.62 -23.70
N ASP B 29 34.47 3.54 -24.26
CA ASP B 29 35.44 2.69 -23.56
C ASP B 29 36.78 3.41 -23.38
N ASP B 30 37.23 4.11 -24.42
CA ASP B 30 38.46 4.93 -24.36
C ASP B 30 38.36 6.09 -23.36
N PHE B 31 37.15 6.63 -23.17
CA PHE B 31 36.90 7.67 -22.16
C PHE B 31 37.12 7.17 -20.74
N LEU B 32 36.57 5.99 -20.43
CA LEU B 32 36.66 5.40 -19.09
C LEU B 32 38.06 4.87 -18.77
N CYS B 33 38.72 4.26 -19.75
CA CYS B 33 40.04 3.65 -19.57
C CYS B 33 41.17 4.67 -19.40
N THR B 34 41.35 5.52 -20.42
CA THR B 34 42.54 6.37 -20.55
C THR B 34 42.29 7.88 -20.37
N PHE B 35 41.21 8.40 -20.96
CA PHE B 35 40.94 9.84 -20.96
C PHE B 35 40.60 10.40 -19.57
N LEU B 36 39.68 9.73 -18.88
CA LEU B 36 39.14 10.22 -17.60
C LEU B 36 40.19 10.25 -16.47
N PRO B 37 41.01 9.19 -16.32
CA PRO B 37 42.09 9.25 -15.33
C PRO B 37 43.16 10.30 -15.63
N ARG B 38 43.54 10.44 -16.91
CA ARG B 38 44.47 11.50 -17.32
C ARG B 38 43.93 12.92 -17.04
N LYS B 39 42.61 13.09 -17.14
CA LYS B 39 41.97 14.36 -16.75
C LYS B 39 42.06 14.64 -15.25
N ILE B 40 41.93 13.59 -14.43
CA ILE B 40 42.08 13.71 -12.97
C ILE B 40 43.53 14.10 -12.60
N ILE B 41 44.51 13.58 -13.34
CA ILE B 41 45.92 13.95 -13.14
C ILE B 41 46.17 15.40 -13.58
N SER B 42 45.71 15.74 -14.78
CA SER B 42 45.94 17.08 -15.34
C SER B 42 45.21 18.21 -14.60
N LEU B 43 43.99 17.91 -14.11
CA LEU B 43 43.24 18.87 -13.30
C LEU B 43 43.81 19.01 -11.89
N SER B 44 44.33 17.91 -11.33
CA SER B 44 45.09 17.96 -10.07
C SER B 44 46.37 18.76 -10.23
N GLN B 45 47.07 18.52 -11.34
CA GLN B 45 48.29 19.27 -11.71
C GLN B 45 48.00 20.75 -11.98
N LEU B 46 46.84 21.02 -12.58
CA LEU B 46 46.36 22.40 -12.79
C LEU B 46 46.07 23.11 -11.46
N LEU B 47 45.49 22.39 -10.50
CA LEU B 47 45.20 22.93 -9.17
C LEU B 47 46.43 23.22 -8.29
N GLN B 48 47.59 22.66 -8.65
CA GLN B 48 48.85 22.99 -7.96
C GLN B 48 49.47 24.32 -8.40
N GLU B 49 49.04 24.86 -9.54
CA GLU B 49 49.65 26.08 -10.11
C GLU B 49 49.38 27.33 -9.26
N ASP B 50 50.29 28.30 -9.37
CA ASP B 50 50.25 29.52 -8.56
C ASP B 50 49.13 30.48 -8.98
N SER B 51 48.71 30.39 -10.25
CA SER B 51 47.56 31.17 -10.74
C SER B 51 46.24 30.75 -10.07
N LEU B 52 46.14 29.48 -9.64
CA LEU B 52 44.95 28.96 -8.95
C LEU B 52 45.06 28.94 -7.43
N ASN B 53 46.23 29.25 -6.87
CA ASN B 53 46.42 29.39 -5.42
C ASN B 53 46.96 30.78 -5.09
N VAL B 54 46.16 31.80 -5.39
CA VAL B 54 46.51 33.19 -5.10
C VAL B 54 46.32 33.40 -3.59
N ALA B 55 47.41 33.75 -2.90
CA ALA B 55 47.40 33.88 -1.44
C ALA B 55 46.55 35.06 -0.98
N ASP B 56 46.85 36.24 -1.52
CA ASP B 56 46.09 37.46 -1.26
C ASP B 56 45.43 37.89 -2.57
N LEU B 57 44.10 38.03 -2.54
CA LEU B 57 43.32 38.41 -3.74
C LEU B 57 43.53 39.87 -4.19
N SER B 58 44.18 40.68 -3.34
CA SER B 58 44.60 42.03 -3.73
C SER B 58 45.63 42.06 -4.88
N SER B 59 46.37 40.96 -5.07
CA SER B 59 47.28 40.83 -6.22
C SER B 59 46.55 40.75 -7.57
N LEU B 60 45.34 40.18 -7.57
CA LEU B 60 44.49 40.11 -8.77
C LEU B 60 43.86 41.46 -9.16
N ARG B 61 43.89 42.44 -8.26
CA ARG B 61 43.34 43.79 -8.51
C ARG B 61 44.03 44.46 -9.70
N ALA B 62 43.27 44.63 -10.79
CA ALA B 62 43.75 45.33 -11.98
C ALA B 62 43.70 46.84 -11.74
N PRO B 63 44.50 47.64 -12.49
CA PRO B 63 44.46 49.08 -12.34
C PRO B 63 43.30 49.69 -13.14
N LEU B 64 42.42 50.43 -12.46
CA LEU B 64 41.22 50.97 -13.09
C LEU B 64 41.52 52.23 -13.92
N ASP B 65 42.35 53.12 -13.37
CA ASP B 65 42.86 54.31 -14.09
C ASP B 65 41.78 55.28 -14.60
N ILE B 66 40.69 55.43 -13.83
CA ILE B 66 39.67 56.43 -14.11
C ILE B 66 40.00 57.66 -13.25
N PRO B 67 39.97 58.87 -13.83
CA PRO B 67 40.35 60.06 -13.05
C PRO B 67 39.36 60.39 -11.92
N ILE B 68 39.89 60.50 -10.71
CA ILE B 68 39.08 60.80 -9.52
C ILE B 68 38.78 62.30 -9.49
N PRO B 69 37.48 62.69 -9.60
CA PRO B 69 37.15 64.12 -9.65
C PRO B 69 37.28 64.80 -8.29
N ASP B 70 37.91 65.98 -8.26
CA ASP B 70 38.03 66.79 -7.03
C ASP B 70 36.68 67.39 -6.61
N PRO B 71 36.54 67.79 -5.33
CA PRO B 71 35.24 68.33 -4.87
C PRO B 71 34.86 69.68 -5.51
N PRO B 72 33.54 70.01 -5.53
CA PRO B 72 33.08 71.25 -6.14
C PRO B 72 33.36 72.47 -5.26
N VAL B 88 36.67 69.14 -18.25
CA VAL B 88 36.65 67.84 -17.59
C VAL B 88 37.61 66.86 -18.31
N PRO B 89 38.34 66.01 -17.55
CA PRO B 89 39.26 65.07 -18.21
C PRO B 89 38.57 63.93 -18.98
N LYS B 90 39.15 63.53 -20.11
CA LYS B 90 38.70 62.36 -20.87
C LYS B 90 39.15 61.07 -20.17
N CYS B 91 38.43 59.98 -20.42
CA CYS B 91 38.78 58.67 -19.86
C CYS B 91 39.68 57.91 -20.83
N GLY B 92 40.82 57.44 -20.33
CA GLY B 92 41.75 56.63 -21.13
C GLY B 92 41.26 55.21 -21.33
N TYR B 93 42.02 54.42 -22.09
CA TYR B 93 41.64 53.03 -22.38
C TYR B 93 41.76 52.17 -21.13
N LEU B 94 40.67 51.48 -20.78
CA LEU B 94 40.58 50.66 -19.59
C LEU B 94 40.61 49.17 -19.99
N PRO B 95 41.77 48.50 -19.81
CA PRO B 95 41.86 47.10 -20.24
C PRO B 95 41.22 46.13 -19.25
N GLY B 96 41.00 44.90 -19.70
CA GLY B 96 40.45 43.84 -18.85
C GLY B 96 41.48 43.29 -17.87
N ASN B 97 41.01 42.45 -16.96
CA ASN B 97 41.88 41.79 -15.98
C ASN B 97 42.66 40.67 -16.67
N GLU B 98 43.96 40.88 -16.86
CA GLU B 98 44.80 39.94 -17.63
C GLU B 98 45.15 38.68 -16.84
N LYS B 99 45.06 38.73 -15.51
CA LYS B 99 45.26 37.56 -14.65
C LYS B 99 44.09 36.58 -14.84
N LEU B 100 42.87 37.12 -14.82
CA LEU B 100 41.65 36.33 -15.05
C LEU B 100 41.51 35.84 -16.49
N LEU B 101 41.91 36.66 -17.46
CA LEU B 101 41.89 36.26 -18.88
C LEU B 101 42.83 35.07 -19.17
N ALA B 102 43.95 35.01 -18.46
CA ALA B 102 44.85 33.85 -18.52
C ALA B 102 44.21 32.62 -17.87
N LEU B 103 43.57 32.82 -16.72
CA LEU B 103 42.90 31.74 -15.99
C LEU B 103 41.65 31.23 -16.74
N LEU B 104 40.86 32.16 -17.28
CA LEU B 104 39.70 31.83 -18.12
C LEU B 104 40.08 31.01 -19.36
N ALA B 105 41.23 31.32 -19.96
CA ALA B 105 41.77 30.56 -21.10
C ALA B 105 42.13 29.11 -20.74
N LEU B 106 42.51 28.87 -19.48
CA LEU B 106 42.77 27.51 -18.98
C LEU B 106 41.50 26.75 -18.59
N VAL B 107 40.53 27.43 -17.99
CA VAL B 107 39.30 26.79 -17.50
C VAL B 107 38.29 26.49 -18.63
N LYS B 108 38.12 27.44 -19.56
CA LYS B 108 37.15 27.29 -20.67
C LYS B 108 37.21 25.94 -21.42
N PRO B 109 38.40 25.55 -21.93
CA PRO B 109 38.50 24.24 -22.61
C PRO B 109 38.10 23.04 -21.76
N GLU B 110 38.44 23.07 -20.47
CA GLU B 110 38.11 21.99 -19.53
C GLU B 110 36.59 21.88 -19.31
N VAL B 111 35.88 23.00 -19.36
CA VAL B 111 34.42 23.04 -19.25
C VAL B 111 33.75 22.47 -20.51
N TRP B 112 34.22 22.90 -21.68
CA TRP B 112 33.68 22.43 -22.97
C TRP B 112 33.97 20.95 -23.23
N THR B 113 35.11 20.44 -22.76
CA THR B 113 35.46 19.03 -22.93
C THR B 113 34.58 18.08 -22.09
N LEU B 114 34.29 18.46 -20.84
CA LEU B 114 33.44 17.62 -19.97
C LEU B 114 31.99 17.56 -20.45
N LYS B 115 31.47 18.68 -20.98
CA LYS B 115 30.14 18.70 -21.61
C LYS B 115 30.10 17.81 -22.86
N GLU B 116 31.23 17.76 -23.58
CA GLU B 116 31.40 16.85 -24.72
C GLU B 116 31.29 15.39 -24.29
N LYS B 117 31.99 15.03 -23.21
CA LYS B 117 32.02 13.66 -22.70
C LYS B 117 30.77 13.25 -21.93
N CYS B 118 30.05 14.21 -21.34
CA CYS B 118 28.73 13.93 -20.75
C CYS B 118 27.72 13.50 -21.83
N ILE B 119 27.75 14.18 -22.98
CA ILE B 119 26.92 13.83 -24.14
C ILE B 119 27.28 12.45 -24.69
N LEU B 120 28.57 12.11 -24.69
CA LEU B 120 29.04 10.78 -25.11
C LEU B 120 28.52 9.66 -24.19
N VAL B 121 28.64 9.87 -22.88
CA VAL B 121 28.20 8.87 -21.88
C VAL B 121 26.68 8.71 -21.88
N ILE B 122 25.94 9.80 -22.04
CA ILE B 122 24.46 9.76 -22.15
C ILE B 122 24.03 8.96 -23.38
N THR B 123 24.66 9.22 -24.53
CA THR B 123 24.37 8.50 -25.76
C THR B 123 24.83 7.03 -25.69
N TRP B 124 25.93 6.80 -24.97
CA TRP B 124 26.45 5.43 -24.75
C TRP B 124 25.48 4.57 -23.92
N ILE B 125 24.97 5.13 -22.83
CA ILE B 125 24.05 4.42 -21.94
C ILE B 125 22.68 4.23 -22.60
N GLN B 126 22.19 5.25 -23.30
CA GLN B 126 20.90 5.16 -24.03
C GLN B 126 20.85 4.03 -25.06
N HIS B 127 21.98 3.77 -25.73
CA HIS B 127 22.10 2.63 -26.66
C HIS B 127 22.12 1.27 -25.94
N LEU B 128 22.64 1.25 -24.71
CA LEU B 128 22.62 0.03 -23.88
C LEU B 128 21.25 -0.28 -23.23
N ILE B 129 20.32 0.67 -23.24
CA ILE B 129 18.96 0.42 -22.77
C ILE B 129 18.27 -0.56 -23.73
N PRO B 130 17.87 -1.75 -23.24
CA PRO B 130 17.32 -2.79 -24.11
C PRO B 130 15.87 -2.56 -24.49
N LYS B 131 15.29 -3.52 -25.22
CA LYS B 131 13.86 -3.55 -25.52
C LYS B 131 13.07 -3.57 -24.20
N ILE B 132 12.00 -2.80 -24.15
CA ILE B 132 11.17 -2.70 -22.95
C ILE B 132 10.32 -3.97 -22.82
N GLU B 133 10.65 -4.79 -21.83
CA GLU B 133 9.93 -6.04 -21.53
C GLU B 133 9.53 -6.05 -20.07
N ASP B 134 8.41 -6.70 -19.76
CA ASP B 134 7.90 -6.77 -18.38
C ASP B 134 8.70 -7.81 -17.59
N GLY B 135 9.17 -7.42 -16.41
CA GLY B 135 10.01 -8.27 -15.56
C GLY B 135 11.49 -8.13 -15.86
N ASN B 136 12.32 -8.30 -14.82
CA ASN B 136 13.77 -8.19 -14.90
C ASN B 136 14.16 -6.74 -15.25
N ASP B 137 13.51 -5.80 -14.56
CA ASP B 137 13.59 -4.37 -14.86
C ASP B 137 14.47 -3.57 -13.91
N PHE B 138 15.09 -4.24 -12.93
CA PHE B 138 15.97 -3.55 -11.98
C PHE B 138 17.28 -3.10 -12.62
N GLY B 139 17.78 -3.87 -13.59
CA GLY B 139 18.91 -3.45 -14.42
C GLY B 139 18.63 -2.21 -15.23
N VAL B 140 17.41 -2.11 -15.77
CA VAL B 140 16.95 -0.93 -16.50
C VAL B 140 16.78 0.26 -15.55
N ALA B 141 16.31 0.00 -14.33
CA ALA B 141 16.18 1.02 -13.28
C ALA B 141 17.54 1.61 -12.85
N ILE B 142 18.58 0.78 -12.85
CA ILE B 142 19.95 1.24 -12.55
C ILE B 142 20.48 2.14 -13.67
N GLN B 143 20.26 1.74 -14.93
CA GLN B 143 20.64 2.55 -16.09
C GLN B 143 20.01 3.95 -16.07
N GLU B 144 18.74 4.02 -15.70
CA GLU B 144 18.02 5.30 -15.58
C GLU B 144 18.59 6.19 -14.49
N LYS B 145 18.97 5.61 -13.35
CA LYS B 145 19.55 6.36 -12.23
C LYS B 145 20.96 6.89 -12.53
N VAL B 146 21.74 6.12 -13.29
CA VAL B 146 23.07 6.57 -13.74
C VAL B 146 22.91 7.70 -14.76
N LEU B 147 22.02 7.50 -15.74
CA LEU B 147 21.62 8.56 -16.69
C LEU B 147 21.15 9.85 -15.99
N GLU B 148 20.38 9.68 -14.91
CA GLU B 148 19.88 10.81 -14.12
C GLU B 148 21.03 11.60 -13.48
N ARG B 149 22.04 10.90 -12.97
CA ARG B 149 23.21 11.56 -12.38
C ARG B 149 24.14 12.19 -13.42
N VAL B 150 24.29 11.55 -14.58
CA VAL B 150 25.13 12.09 -15.66
C VAL B 150 24.50 13.37 -16.23
N ASN B 151 23.17 13.37 -16.37
CA ASN B 151 22.42 14.59 -16.74
C ASN B 151 22.54 15.71 -15.69
N ALA B 152 22.55 15.32 -14.41
CA ALA B 152 22.75 16.27 -13.31
C ALA B 152 24.14 16.91 -13.33
N VAL B 153 25.15 16.13 -13.74
CA VAL B 153 26.50 16.66 -13.94
C VAL B 153 26.54 17.62 -15.13
N LYS B 154 25.84 17.28 -16.21
CA LYS B 154 25.78 18.13 -17.41
C LYS B 154 25.10 19.49 -17.12
N THR B 155 24.05 19.48 -16.31
CA THR B 155 23.35 20.71 -15.92
C THR B 155 24.24 21.65 -15.09
N LYS B 156 25.08 21.07 -14.23
CA LYS B 156 26.06 21.84 -13.46
C LYS B 156 27.20 22.39 -14.34
N VAL B 157 27.61 21.61 -15.34
CA VAL B 157 28.62 22.04 -16.31
C VAL B 157 28.08 23.15 -17.23
N GLU B 158 26.81 23.08 -17.60
CA GLU B 158 26.14 24.16 -18.35
C GLU B 158 26.00 25.45 -17.51
N ALA B 159 25.86 25.31 -16.19
CA ALA B 159 25.85 26.45 -15.28
C ALA B 159 27.20 27.17 -15.18
N PHE B 160 28.30 26.44 -15.38
CA PHE B 160 29.64 27.04 -15.44
C PHE B 160 29.82 27.91 -16.69
N GLN B 161 29.28 27.47 -17.82
CA GLN B 161 29.34 28.22 -19.08
C GLN B 161 28.59 29.55 -19.00
N THR B 162 27.42 29.54 -18.34
CA THR B 162 26.65 30.77 -18.12
C THR B 162 27.36 31.73 -17.15
N THR B 163 28.09 31.21 -16.18
CA THR B 163 28.90 32.02 -15.26
C THR B 163 30.08 32.70 -15.97
N ILE B 164 30.73 31.96 -16.87
CA ILE B 164 31.86 32.47 -17.66
C ILE B 164 31.42 33.59 -18.62
N SER B 165 30.33 33.35 -19.35
CA SER B 165 29.79 34.34 -20.29
C SER B 165 29.26 35.59 -19.60
N LYS B 166 28.65 35.41 -18.42
CA LYS B 166 28.10 36.52 -17.64
C LYS B 166 29.18 37.43 -17.04
N TYR B 167 30.36 36.88 -16.76
CA TYR B 167 31.49 37.67 -16.24
C TYR B 167 31.91 38.81 -17.17
N PHE B 168 32.02 38.51 -18.47
CA PHE B 168 32.48 39.49 -19.46
C PHE B 168 31.49 40.64 -19.66
N SER B 169 30.20 40.32 -19.67
CA SER B 169 29.14 41.32 -19.79
C SER B 169 28.98 42.16 -18.51
N GLU B 170 29.00 41.51 -17.35
CA GLU B 170 28.84 42.20 -16.05
C GLU B 170 30.00 43.15 -15.72
N ARG B 171 31.23 42.73 -16.03
CA ARG B 171 32.40 43.59 -15.80
C ARG B 171 32.39 44.80 -16.73
N GLY B 172 32.05 44.58 -17.99
CA GLY B 172 31.91 45.66 -18.98
C GLY B 172 30.89 46.73 -18.59
N ASP B 173 29.77 46.29 -18.03
CA ASP B 173 28.74 47.20 -17.49
C ASP B 173 29.23 47.94 -16.23
N ALA B 174 29.97 47.22 -15.37
CA ALA B 174 30.53 47.81 -14.15
C ALA B 174 31.61 48.85 -14.44
N VAL B 175 32.46 48.58 -15.41
CA VAL B 175 33.51 49.53 -15.84
C VAL B 175 32.90 50.73 -16.57
N ALA B 176 31.86 50.49 -17.37
CA ALA B 176 31.14 51.55 -18.08
C ALA B 176 30.43 52.52 -17.12
N LYS B 177 29.81 51.97 -16.08
CA LYS B 177 29.19 52.77 -15.01
C LYS B 177 30.23 53.55 -14.20
N ALA B 178 31.37 52.92 -13.91
CA ALA B 178 32.45 53.55 -13.17
C ALA B 178 33.09 54.72 -13.94
N SER B 179 33.26 54.55 -15.25
CA SER B 179 33.80 55.60 -16.13
C SER B 179 32.80 56.75 -16.34
N LYS B 180 31.53 56.40 -16.52
CA LYS B 180 30.46 57.39 -16.74
C LYS B 180 30.17 58.18 -15.46
N ASP B 181 29.97 57.47 -14.36
CA ASP B 181 29.81 58.07 -13.02
C ASP B 181 31.11 57.90 -12.24
N THR B 182 31.99 58.89 -12.36
CA THR B 182 33.33 58.84 -11.74
C THR B 182 33.29 59.06 -10.23
N HIS B 183 32.46 60.01 -9.80
CA HIS B 183 32.22 60.29 -8.37
C HIS B 183 31.77 59.09 -7.52
N VAL B 184 31.05 58.15 -8.12
CA VAL B 184 30.57 56.96 -7.40
C VAL B 184 31.72 55.94 -7.29
N MET B 185 32.29 55.85 -6.09
CA MET B 185 33.44 54.95 -5.84
C MET B 185 33.04 53.50 -5.61
N ASP B 186 31.75 53.23 -5.37
CA ASP B 186 31.25 51.86 -5.21
C ASP B 186 31.28 51.05 -6.52
N TYR B 187 31.13 51.73 -7.66
CA TYR B 187 31.27 51.10 -8.97
C TYR B 187 32.70 50.63 -9.25
N ARG B 188 33.68 51.35 -8.69
CA ARG B 188 35.09 50.94 -8.78
C ARG B 188 35.33 49.70 -7.93
N ALA B 189 34.78 49.68 -6.72
CA ALA B 189 34.83 48.52 -5.83
C ALA B 189 34.09 47.30 -6.41
N LEU B 190 32.99 47.55 -7.12
CA LEU B 190 32.24 46.50 -7.81
C LEU B 190 33.06 45.78 -8.88
N VAL B 191 33.84 46.54 -9.65
CA VAL B 191 34.70 45.99 -10.71
C VAL B 191 35.76 45.06 -10.14
N HIS B 192 36.37 45.45 -9.02
CA HIS B 192 37.39 44.63 -8.36
C HIS B 192 36.76 43.45 -7.60
N GLU B 193 35.54 43.63 -7.09
CA GLU B 193 34.81 42.55 -6.43
C GLU B 193 34.28 41.50 -7.42
N ARG B 194 33.89 41.95 -8.62
CA ARG B 194 33.54 41.04 -9.73
C ARG B 194 34.71 40.14 -10.15
N ASP B 195 35.93 40.68 -10.09
CA ASP B 195 37.15 39.91 -10.39
C ASP B 195 37.45 38.85 -9.33
N GLU B 196 37.37 39.23 -8.05
CA GLU B 196 37.59 38.30 -6.93
C GLU B 196 36.54 37.18 -6.90
N ALA B 197 35.29 37.52 -7.20
CA ALA B 197 34.21 36.55 -7.30
C ALA B 197 34.40 35.59 -8.47
N ALA B 198 34.82 36.14 -9.61
CA ALA B 198 35.12 35.34 -10.80
C ALA B 198 36.31 34.40 -10.57
N TYR B 199 37.35 34.89 -9.87
CA TYR B 199 38.50 34.07 -9.51
C TYR B 199 38.11 32.90 -8.61
N GLY B 200 37.39 33.21 -7.53
CA GLY B 200 36.88 32.20 -6.60
C GLY B 200 35.94 31.21 -7.25
N ALA B 201 35.14 31.68 -8.21
CA ALA B 201 34.25 30.84 -9.01
C ALA B 201 35.05 29.90 -9.91
N LEU B 202 36.00 30.46 -10.65
CA LEU B 202 36.86 29.69 -11.57
C LEU B 202 37.67 28.59 -10.87
N ARG B 203 38.15 28.87 -9.65
CA ARG B 203 38.81 27.86 -8.83
C ARG B 203 37.82 26.75 -8.43
N ALA B 204 36.63 27.15 -8.01
CA ALA B 204 35.57 26.20 -7.64
C ALA B 204 35.10 25.33 -8.82
N MET B 205 35.15 25.87 -10.03
CA MET B 205 34.87 25.10 -11.25
C MET B 205 35.87 23.96 -11.44
N VAL B 206 37.17 24.28 -11.36
CA VAL B 206 38.24 23.30 -11.58
C VAL B 206 38.17 22.18 -10.54
N LEU B 207 37.88 22.53 -9.28
CA LEU B 207 37.65 21.54 -8.22
C LEU B 207 36.44 20.65 -8.53
N ASP B 208 35.34 21.27 -8.97
CA ASP B 208 34.13 20.54 -9.38
C ASP B 208 34.36 19.65 -10.60
N LEU B 209 35.10 20.15 -11.59
CA LEU B 209 35.40 19.39 -12.81
C LEU B 209 36.15 18.09 -12.50
N ARG B 210 37.18 18.19 -11.64
CA ARG B 210 37.91 17.02 -11.18
C ARG B 210 37.00 16.06 -10.40
N ALA B 211 36.15 16.62 -9.54
CA ALA B 211 35.19 15.84 -8.77
C ALA B 211 34.18 15.11 -9.66
N PHE B 212 33.71 15.78 -10.72
CA PHE B 212 32.75 15.18 -11.66
C PHE B 212 33.35 14.02 -12.46
N TYR B 213 34.63 14.15 -12.86
CA TYR B 213 35.33 13.03 -13.51
C TYR B 213 35.45 11.83 -12.57
N ALA B 214 35.86 12.07 -11.33
CA ALA B 214 35.97 11.02 -10.30
C ALA B 214 34.62 10.39 -9.98
N GLU B 215 33.58 11.22 -9.86
CA GLU B 215 32.21 10.76 -9.59
C GLU B 215 31.61 9.99 -10.77
N LEU B 216 31.86 10.46 -11.99
CA LEU B 216 31.38 9.77 -13.21
C LEU B 216 31.98 8.37 -13.37
N TYR B 217 33.27 8.23 -13.07
CA TYR B 217 33.91 6.91 -13.11
C TYR B 217 33.40 5.99 -12.01
N HIS B 218 33.30 6.51 -10.78
CA HIS B 218 32.89 5.73 -9.62
C HIS B 218 31.50 5.10 -9.77
N ILE B 219 30.53 5.91 -10.22
CA ILE B 219 29.16 5.41 -10.42
C ILE B 219 29.03 4.45 -11.62
N ILE B 220 29.80 4.69 -12.68
CA ILE B 220 29.79 3.82 -13.87
C ILE B 220 30.54 2.50 -13.59
N SER B 221 31.72 2.59 -13.00
CA SER B 221 32.55 1.41 -12.73
C SER B 221 31.95 0.47 -11.68
N SER B 222 31.32 1.05 -10.65
CA SER B 222 30.63 0.26 -9.62
C SER B 222 29.42 -0.50 -10.19
N ASN B 223 28.66 0.16 -11.06
CA ASN B 223 27.46 -0.42 -11.67
C ASN B 223 27.66 -0.88 -13.12
N LEU B 224 28.90 -1.13 -13.53
CA LEU B 224 29.22 -1.43 -14.94
C LEU B 224 28.56 -2.72 -15.45
N GLU B 225 28.45 -3.72 -14.58
CA GLU B 225 27.81 -5.00 -14.94
C GLU B 225 26.34 -4.79 -15.32
N LYS B 226 25.61 -4.02 -14.51
CA LYS B 226 24.20 -3.73 -14.75
C LYS B 226 23.95 -2.67 -15.83
N ILE B 227 24.90 -1.74 -16.03
CA ILE B 227 24.80 -0.74 -17.09
C ILE B 227 24.96 -1.40 -18.48
N VAL B 228 26.01 -2.19 -18.63
CA VAL B 228 26.31 -2.86 -19.90
C VAL B 228 25.40 -4.07 -20.12
N ASN B 229 25.14 -4.83 -19.05
CA ASN B 229 24.40 -6.10 -19.12
C ASN B 229 23.21 -6.08 -18.15
N PRO B 230 22.17 -5.28 -18.44
CA PRO B 230 21.04 -5.08 -17.52
C PRO B 230 20.13 -6.29 -17.33
N LYS B 231 19.85 -7.03 -18.40
CA LYS B 231 18.97 -8.21 -18.34
C LYS B 231 19.64 -9.47 -17.79
N GLY B 232 20.95 -9.42 -17.53
CA GLY B 232 21.66 -10.51 -16.88
C GLY B 232 22.41 -11.47 -17.80
N GLU B 233 22.32 -11.24 -19.11
CA GLU B 233 23.08 -12.04 -20.10
C GLU B 233 23.22 -11.31 -21.42
N VAL C 6 37.37 -5.02 -17.25
CA VAL C 6 38.09 -4.34 -16.14
C VAL C 6 39.05 -3.26 -16.66
N HIS C 7 39.15 -2.16 -15.91
CA HIS C 7 39.98 -1.00 -16.29
C HIS C 7 40.97 -0.70 -15.14
N PRO C 8 42.18 -1.33 -15.17
CA PRO C 8 43.10 -1.20 -14.02
C PRO C 8 43.77 0.16 -13.85
N GLU C 9 44.09 0.84 -14.95
CA GLU C 9 44.68 2.19 -14.90
C GLU C 9 43.72 3.20 -14.28
N ALA C 10 42.44 3.13 -14.66
CA ALA C 10 41.41 4.04 -14.16
C ALA C 10 40.99 3.75 -12.73
N GLN C 11 40.96 2.47 -12.35
CA GLN C 11 40.66 2.06 -10.97
C GLN C 11 41.77 2.46 -9.99
N ALA C 12 43.02 2.51 -10.47
CA ALA C 12 44.17 2.84 -9.62
C ALA C 12 44.19 4.30 -9.17
N LYS C 13 44.24 5.22 -10.13
CA LYS C 13 44.38 6.66 -9.83
C LYS C 13 43.17 7.30 -9.14
N VAL C 14 41.99 6.73 -9.34
CA VAL C 14 40.77 7.19 -8.65
C VAL C 14 40.79 6.75 -7.18
N ASP C 15 41.32 5.55 -6.91
CA ASP C 15 41.57 5.09 -5.53
C ASP C 15 42.65 5.92 -4.83
N VAL C 16 43.67 6.36 -5.58
CA VAL C 16 44.71 7.26 -5.03
C VAL C 16 44.10 8.63 -4.72
N PHE C 17 43.19 9.09 -5.58
CA PHE C 17 42.44 10.34 -5.34
C PHE C 17 41.51 10.22 -4.13
N ARG C 18 40.79 9.10 -4.02
CA ARG C 18 39.88 8.86 -2.88
C ARG C 18 40.60 8.72 -1.55
N GLU C 19 41.75 8.03 -1.55
CA GLU C 19 42.57 7.86 -0.34
C GLU C 19 43.16 9.18 0.16
N ASP C 20 43.60 10.03 -0.77
CA ASP C 20 44.05 11.39 -0.44
C ASP C 20 42.88 12.27 0.03
N LEU C 21 41.72 12.12 -0.62
CA LEU C 21 40.51 12.86 -0.24
C LEU C 21 39.96 12.43 1.12
N CYS C 22 40.08 11.14 1.43
CA CYS C 22 39.73 10.60 2.75
C CYS C 22 40.69 11.07 3.84
N SER C 23 41.98 11.18 3.50
CA SER C 23 43.00 11.67 4.43
C SER C 23 42.79 13.13 4.82
N LYS C 24 42.45 13.96 3.84
CA LYS C 24 42.13 15.38 4.09
C LYS C 24 40.83 15.56 4.90
N THR C 25 39.86 14.67 4.70
CA THR C 25 38.60 14.71 5.45
C THR C 25 38.77 14.42 6.94
N GLU C 26 39.65 13.47 7.28
CA GLU C 26 40.04 13.21 8.67
C GLU C 26 40.75 14.40 9.31
N ASN C 27 41.60 15.07 8.53
CA ASN C 27 42.30 16.28 8.97
C ASN C 27 41.34 17.45 9.22
N LEU C 28 40.27 17.53 8.43
CA LEU C 28 39.24 18.57 8.61
C LEU C 28 38.46 18.40 9.92
N LEU C 29 38.00 17.17 10.18
CA LEU C 29 37.26 16.87 11.41
C LEU C 29 38.16 16.94 12.65
N GLY C 30 39.35 16.34 12.54
CA GLY C 30 40.29 16.28 13.66
C GLY C 30 40.99 17.58 14.05
N SER C 31 41.12 18.52 13.11
CA SER C 31 41.92 19.73 13.33
C SER C 31 41.28 21.03 12.80
N TYR C 32 40.97 21.06 11.50
CA TYR C 32 40.53 22.29 10.82
C TYR C 32 39.19 22.84 11.28
N PHE C 33 38.21 21.95 11.48
CA PHE C 33 36.84 22.36 11.83
C PHE C 33 36.73 22.90 13.27
N PRO C 34 37.35 22.23 14.26
CA PRO C 34 37.45 22.82 15.60
C PRO C 34 38.23 24.15 15.65
N LYS C 35 39.29 24.25 14.85
CA LYS C 35 40.10 25.47 14.74
C LYS C 35 39.29 26.65 14.20
N LYS C 36 38.49 26.42 13.15
CA LYS C 36 37.65 27.46 12.55
C LYS C 36 36.51 27.92 13.47
N ILE C 37 35.91 27.00 14.22
CA ILE C 37 34.85 27.33 15.19
C ILE C 37 35.39 28.27 16.27
N SER C 38 36.61 28.03 16.73
CA SER C 38 37.27 28.89 17.73
C SER C 38 37.60 30.28 17.18
N GLU C 39 38.12 30.34 15.94
CA GLU C 39 38.43 31.61 15.27
C GLU C 39 37.20 32.49 15.08
N LEU C 40 36.12 31.89 14.61
CA LEU C 40 34.87 32.61 14.34
C LEU C 40 34.12 33.01 15.61
N ASP C 41 34.21 32.19 16.66
CA ASP C 41 33.71 32.56 18.00
C ASP C 41 34.48 33.76 18.56
N ALA C 42 35.80 33.75 18.39
CA ALA C 42 36.66 34.87 18.80
C ALA C 42 36.38 36.13 17.98
N PHE C 43 36.14 35.95 16.67
CA PHE C 43 35.81 37.04 15.76
C PHE C 43 34.45 37.69 16.08
N LEU C 44 33.46 36.87 16.45
CA LEU C 44 32.13 37.37 16.83
C LEU C 44 32.12 38.25 18.09
N LYS C 45 33.03 37.97 19.02
CA LYS C 45 33.13 38.73 20.29
C LYS C 45 33.92 40.05 20.19
N GLU C 46 34.61 40.27 19.07
CA GLU C 46 35.39 41.51 18.86
C GLU C 46 34.48 42.74 18.71
N PRO C 47 35.02 43.97 18.96
CA PRO C 47 34.18 45.17 18.87
C PRO C 47 33.82 45.63 17.45
N ALA C 48 34.45 45.05 16.41
CA ALA C 48 34.08 45.31 15.02
C ALA C 48 32.68 44.82 14.67
N LEU C 49 32.32 43.62 15.18
CA LEU C 49 30.99 43.02 14.94
C LEU C 49 29.98 43.25 16.07
N ASN C 50 30.35 44.04 17.08
CA ASN C 50 29.45 44.41 18.18
C ASN C 50 29.42 45.93 18.36
N GLU C 51 28.87 46.60 17.35
CA GLU C 51 28.67 48.06 17.40
C GLU C 51 27.53 48.37 18.36
N ALA C 52 27.85 49.10 19.44
CA ALA C 52 26.87 49.48 20.45
C ALA C 52 25.83 50.46 19.91
N ASN C 53 26.27 51.38 19.04
CA ASN C 53 25.40 52.37 18.42
C ASN C 53 25.56 52.30 16.90
N LEU C 54 24.43 52.20 16.20
CA LEU C 54 24.43 52.07 14.73
C LEU C 54 24.80 53.35 13.97
N SER C 55 24.81 54.50 14.66
CA SER C 55 25.29 55.76 14.08
C SER C 55 26.80 55.77 13.80
N ASN C 56 27.55 54.87 14.43
CA ASN C 56 28.98 54.67 14.15
C ASN C 56 29.24 54.22 12.69
N LEU C 57 28.31 53.45 12.13
CA LEU C 57 28.40 52.95 10.75
C LEU C 57 28.04 53.97 9.67
N LYS C 58 27.45 55.11 10.05
CA LYS C 58 27.03 56.14 9.09
C LYS C 58 28.23 56.81 8.43
N ALA C 59 28.42 56.56 7.13
CA ALA C 59 29.55 57.12 6.38
C ALA C 59 29.26 58.56 5.95
N PRO C 60 30.32 59.35 5.62
CA PRO C 60 30.10 60.67 5.05
C PRO C 60 29.50 60.60 3.64
N LEU C 61 28.46 61.41 3.40
CA LEU C 61 27.76 61.43 2.12
C LEU C 61 27.62 62.89 1.65
N ASP C 62 28.76 63.46 1.27
CA ASP C 62 28.85 64.88 0.91
C ASP C 62 28.34 65.13 -0.51
N ILE C 63 27.05 65.44 -0.61
CA ILE C 63 26.41 65.88 -1.85
C ILE C 63 25.77 67.25 -1.56
N PRO C 64 25.92 68.25 -2.46
CA PRO C 64 25.36 69.56 -2.15
C PRO C 64 23.83 69.57 -2.11
N VAL C 65 23.25 69.95 -0.97
CA VAL C 65 21.80 70.04 -0.81
C VAL C 65 21.35 71.43 -1.29
N PRO C 66 20.65 71.49 -2.45
CA PRO C 66 20.27 72.79 -3.01
C PRO C 66 18.94 73.32 -2.47
N ASP C 67 18.72 74.61 -2.68
CA ASP C 67 17.44 75.26 -2.39
C ASP C 67 17.15 76.31 -3.47
N PRO C 68 15.86 76.59 -3.75
CA PRO C 68 15.54 77.43 -4.92
C PRO C 68 15.83 78.93 -4.77
N VAL C 69 15.98 79.44 -3.53
CA VAL C 69 16.23 80.87 -3.30
C VAL C 69 17.69 81.27 -3.55
N LYS C 70 18.63 80.45 -3.10
CA LYS C 70 20.06 80.66 -3.38
C LYS C 70 20.42 80.24 -4.82
N GLU C 71 19.59 79.37 -5.42
CA GLU C 71 19.69 79.01 -6.84
C GLU C 71 19.39 80.23 -7.73
N LYS C 72 18.37 81.00 -7.38
CA LYS C 72 18.02 82.24 -8.10
C LYS C 72 19.09 83.35 -8.00
N GLU C 73 19.88 83.32 -6.92
CA GLU C 73 21.01 84.25 -6.76
C GLU C 73 22.10 83.94 -7.80
N PRO C 99 24.33 66.67 -12.21
CA PRO C 99 24.98 67.79 -11.55
C PRO C 99 26.39 67.45 -11.05
N PRO C 100 27.23 68.48 -10.75
CA PRO C 100 28.58 68.23 -10.26
C PRO C 100 28.59 67.82 -8.79
N CYS C 101 29.47 66.88 -8.44
CA CYS C 101 29.54 66.33 -7.08
C CYS C 101 30.94 65.81 -6.73
N GLY C 102 31.27 65.86 -5.46
CA GLY C 102 32.54 65.32 -4.95
C GLY C 102 32.54 63.81 -4.86
N PRO C 103 33.70 63.19 -4.56
CA PRO C 103 33.81 61.74 -4.54
C PRO C 103 33.14 61.10 -3.32
N VAL C 104 32.11 60.29 -3.57
CA VAL C 104 31.40 59.55 -2.51
C VAL C 104 32.12 58.21 -2.31
N ASN C 105 32.88 58.11 -1.21
CA ASN C 105 33.68 56.92 -0.92
C ASN C 105 32.84 55.77 -0.40
N CYS C 106 33.43 54.58 -0.38
CA CYS C 106 32.81 53.39 0.20
C CYS C 106 32.77 53.48 1.71
N ASN C 107 31.86 52.72 2.33
CA ASN C 107 31.77 52.65 3.80
C ASN C 107 32.98 51.91 4.34
N GLU C 108 33.83 52.61 5.08
CA GLU C 108 35.13 52.08 5.53
C GLU C 108 34.98 50.93 6.53
N LYS C 109 34.09 51.10 7.51
CA LYS C 109 33.84 50.07 8.53
C LYS C 109 33.22 48.78 7.98
N ILE C 110 32.45 48.89 6.90
CA ILE C 110 31.88 47.71 6.22
C ILE C 110 32.91 47.03 5.32
N VAL C 111 33.74 47.81 4.62
CA VAL C 111 34.77 47.26 3.72
C VAL C 111 35.77 46.38 4.49
N VAL C 112 36.29 46.87 5.61
CA VAL C 112 37.24 46.09 6.43
C VAL C 112 36.64 44.79 7.01
N LEU C 113 35.34 44.78 7.28
CA LEU C 113 34.63 43.55 7.67
C LEU C 113 34.51 42.56 6.49
N LEU C 114 34.25 43.09 5.30
CA LEU C 114 34.20 42.27 4.07
C LEU C 114 35.57 41.68 3.68
N GLN C 115 36.65 42.41 3.97
CA GLN C 115 38.02 41.89 3.75
C GLN C 115 38.34 40.68 4.64
N ARG C 116 37.74 40.62 5.83
CA ARG C 116 37.86 39.46 6.72
C ARG C 116 36.84 38.36 6.37
N LEU C 117 35.63 38.74 5.97
CA LEU C 117 34.56 37.79 5.65
C LEU C 117 34.81 36.99 4.37
N LYS C 118 35.34 37.65 3.33
CA LYS C 118 35.56 37.00 2.01
C LYS C 118 36.45 35.75 2.05
N PRO C 119 37.63 35.82 2.70
CA PRO C 119 38.45 34.59 2.84
C PRO C 119 37.84 33.51 3.73
N GLU C 120 36.97 33.88 4.67
CA GLU C 120 36.23 32.91 5.48
C GLU C 120 35.21 32.16 4.62
N ILE C 121 34.45 32.88 3.79
CA ILE C 121 33.50 32.27 2.84
C ILE C 121 34.20 31.33 1.86
N LYS C 122 35.36 31.77 1.35
CA LYS C 122 36.20 30.97 0.46
C LYS C 122 36.57 29.62 1.06
N ASP C 123 36.92 29.61 2.35
CA ASP C 123 37.33 28.39 3.05
C ASP C 123 36.19 27.40 3.28
N VAL C 124 35.00 27.88 3.61
CA VAL C 124 33.86 26.98 3.91
C VAL C 124 33.41 26.26 2.64
N THR C 125 33.28 27.01 1.55
CA THR C 125 32.85 26.46 0.26
C THR C 125 33.84 25.42 -0.29
N GLU C 126 35.13 25.63 -0.05
CA GLU C 126 36.17 24.66 -0.44
C GLU C 126 36.11 23.38 0.37
N GLN C 127 36.04 23.50 1.69
CA GLN C 127 35.98 22.32 2.57
C GLN C 127 34.64 21.59 2.48
N LEU C 128 33.56 22.33 2.23
CA LEU C 128 32.25 21.71 1.94
C LEU C 128 32.29 20.94 0.63
N ASN C 129 32.89 21.54 -0.40
CA ASN C 129 33.11 20.88 -1.70
C ASN C 129 33.97 19.62 -1.56
N LEU C 130 35.02 19.70 -0.73
CA LEU C 130 35.93 18.59 -0.49
C LEU C 130 35.22 17.42 0.22
N VAL C 131 34.47 17.74 1.26
CA VAL C 131 33.72 16.74 2.03
C VAL C 131 32.57 16.15 1.22
N THR C 132 31.89 16.97 0.41
CA THR C 132 30.83 16.51 -0.48
C THR C 132 31.37 15.53 -1.53
N THR C 133 32.51 15.87 -2.14
CA THR C 133 33.18 14.99 -3.10
C THR C 133 33.64 13.67 -2.47
N TRP C 134 34.09 13.73 -1.22
CA TRP C 134 34.44 12.52 -0.46
C TRP C 134 33.24 11.61 -0.26
N LEU C 135 32.13 12.18 0.19
CA LEU C 135 30.89 11.42 0.46
C LEU C 135 30.27 10.81 -0.80
N GLN C 136 30.37 11.52 -1.94
CA GLN C 136 29.88 11.01 -3.23
C GLN C 136 30.63 9.75 -3.68
N LEU C 137 31.94 9.73 -3.49
CA LEU C 137 32.78 8.58 -3.86
C LEU C 137 32.65 7.39 -2.89
N GLN C 138 32.08 7.62 -1.71
CA GLN C 138 31.73 6.53 -0.77
C GLN C 138 30.39 5.83 -1.08
N ILE C 139 29.61 6.35 -2.03
CA ILE C 139 28.34 5.75 -2.41
C ILE C 139 28.60 4.42 -3.15
N PRO C 140 28.11 3.29 -2.59
CA PRO C 140 28.42 1.98 -3.18
C PRO C 140 27.54 1.65 -4.38
N ARG C 141 27.71 0.44 -4.91
CA ARG C 141 26.89 -0.09 -6.02
C ARG C 141 25.39 -0.02 -5.70
N ILE C 142 24.59 0.32 -6.70
CA ILE C 142 23.14 0.38 -6.56
C ILE C 142 22.62 -1.06 -6.50
N GLU C 143 22.05 -1.42 -5.35
CA GLU C 143 21.53 -2.77 -5.10
C GLU C 143 20.05 -2.75 -4.74
N ASP C 144 19.44 -3.93 -4.82
CA ASP C 144 18.01 -4.11 -4.56
C ASP C 144 17.64 -3.92 -3.09
N GLY C 145 18.55 -4.30 -2.19
CA GLY C 145 18.38 -4.13 -0.74
C GLY C 145 19.67 -3.76 -0.04
N ASN C 146 19.63 -3.79 1.29
CA ASN C 146 20.76 -3.42 2.16
C ASN C 146 21.17 -1.96 1.90
N ASN C 147 20.17 -1.08 1.93
CA ASN C 147 20.32 0.32 1.54
C ASN C 147 20.05 1.30 2.70
N PHE C 148 20.25 0.86 3.94
CA PHE C 148 20.12 1.76 5.09
C PHE C 148 21.32 2.70 5.17
N GLY C 149 22.53 2.15 5.03
CA GLY C 149 23.75 2.96 4.93
C GLY C 149 23.75 3.94 3.76
N VAL C 150 23.09 3.55 2.67
CA VAL C 150 22.88 4.43 1.51
C VAL C 150 21.93 5.57 1.87
N ALA C 151 20.88 5.25 2.64
CA ALA C 151 19.94 6.26 3.15
C ALA C 151 20.58 7.22 4.17
N VAL C 152 21.55 6.73 4.94
CA VAL C 152 22.34 7.57 5.85
C VAL C 152 23.17 8.58 5.04
N GLN C 153 23.83 8.09 4.00
CA GLN C 153 24.62 8.96 3.11
C GLN C 153 23.77 10.03 2.43
N GLU C 154 22.60 9.63 1.91
CA GLU C 154 21.66 10.56 1.28
C GLU C 154 21.11 11.62 2.25
N LYS C 155 20.89 11.23 3.51
CA LYS C 155 20.42 12.16 4.55
C LYS C 155 21.48 13.21 4.91
N VAL C 156 22.72 12.77 5.07
CA VAL C 156 23.84 13.67 5.36
C VAL C 156 24.22 14.52 4.14
N PHE C 157 24.07 13.95 2.94
CA PHE C 157 24.28 14.67 1.68
C PHE C 157 23.27 15.82 1.47
N GLU C 158 22.04 15.61 1.91
CA GLU C 158 20.98 16.63 1.85
C GLU C 158 21.37 17.90 2.62
N LEU C 159 21.96 17.72 3.80
CA LEU C 159 22.43 18.84 4.61
C LEU C 159 23.59 19.59 3.95
N MET C 160 24.50 18.87 3.31
CA MET C 160 25.61 19.46 2.56
C MET C 160 25.13 20.25 1.34
N THR C 161 24.06 19.78 0.70
CA THR C 161 23.45 20.49 -0.44
C THR C 161 22.77 21.78 0.00
N ASN C 162 22.07 21.75 1.14
CA ASN C 162 21.41 22.94 1.69
C ASN C 162 22.39 24.00 2.18
N LEU C 163 23.52 23.57 2.75
CA LEU C 163 24.62 24.47 3.12
C LEU C 163 25.27 25.10 1.90
N HIS C 164 25.46 24.31 0.84
CA HIS C 164 26.02 24.80 -0.42
C HIS C 164 25.15 25.88 -1.08
N THR C 165 23.83 25.71 -0.99
CA THR C 165 22.87 26.71 -1.48
C THR C 165 22.91 28.00 -0.65
N LYS C 166 23.06 27.86 0.67
CA LYS C 166 23.15 29.01 1.58
C LYS C 166 24.44 29.80 1.38
N LEU C 167 25.57 29.09 1.39
CA LEU C 167 26.89 29.73 1.30
C LEU C 167 27.19 30.36 -0.06
N GLU C 168 26.62 29.81 -1.14
CA GLU C 168 26.66 30.47 -2.47
C GLU C 168 25.88 31.78 -2.46
N GLY C 169 24.80 31.84 -1.70
CA GLY C 169 24.03 33.07 -1.48
C GLY C 169 24.84 34.20 -0.84
N PHE C 170 25.74 33.85 0.08
CA PHE C 170 26.64 34.82 0.71
C PHE C 170 27.66 35.40 -0.28
N HIS C 171 28.11 34.55 -1.22
CA HIS C 171 29.12 34.93 -2.21
C HIS C 171 28.62 36.02 -3.17
N THR C 172 27.42 35.82 -3.70
CA THR C 172 26.79 36.77 -4.63
C THR C 172 26.26 38.04 -3.94
N GLN C 173 25.96 37.95 -2.65
CA GLN C 173 25.41 39.08 -1.88
C GLN C 173 26.40 40.26 -1.72
N ILE C 174 27.70 39.97 -1.71
CA ILE C 174 28.73 41.01 -1.55
C ILE C 174 28.83 41.87 -2.82
N SER C 175 28.79 41.23 -3.98
CA SER C 175 28.72 41.95 -5.27
C SER C 175 27.42 42.74 -5.42
N LYS C 176 26.34 42.22 -4.86
CA LYS C 176 25.02 42.87 -4.83
C LYS C 176 25.03 44.15 -3.98
N TYR C 177 25.78 44.13 -2.88
CA TYR C 177 25.89 45.30 -1.97
C TYR C 177 26.52 46.51 -2.65
N PHE C 178 27.68 46.31 -3.27
CA PHE C 178 28.38 47.40 -3.99
C PHE C 178 27.60 47.89 -5.21
N SER C 179 26.85 47.00 -5.85
CA SER C 179 25.99 47.35 -6.98
C SER C 179 24.80 48.22 -6.53
N GLU C 180 24.12 47.79 -5.47
CA GLU C 180 22.97 48.53 -4.92
C GLU C 180 23.36 49.87 -4.30
N ARG C 181 24.50 49.91 -3.60
CA ARG C 181 25.02 51.15 -3.00
C ARG C 181 25.46 52.14 -4.07
N GLY C 182 26.10 51.65 -5.13
CA GLY C 182 26.50 52.47 -6.27
C GLY C 182 25.33 53.13 -6.97
N ASP C 183 24.25 52.37 -7.18
CA ASP C 183 23.03 52.88 -7.80
C ASP C 183 22.30 53.90 -6.91
N ALA C 184 22.31 53.68 -5.60
CA ALA C 184 21.71 54.61 -4.63
C ALA C 184 22.49 55.93 -4.55
N VAL C 185 23.82 55.84 -4.53
CA VAL C 185 24.71 57.01 -4.53
C VAL C 185 24.60 57.79 -5.84
N ALA C 186 24.54 57.07 -6.97
CA ALA C 186 24.37 57.69 -8.30
C ALA C 186 23.04 58.45 -8.42
N LYS C 187 21.97 57.87 -7.90
CA LYS C 187 20.66 58.52 -7.86
C LYS C 187 20.61 59.70 -6.88
N ALA C 188 21.28 59.55 -5.73
CA ALA C 188 21.38 60.62 -4.74
C ALA C 188 22.19 61.82 -5.25
N ALA C 189 23.25 61.54 -6.00
CA ALA C 189 24.07 62.60 -6.60
C ALA C 189 23.35 63.33 -7.74
N LYS C 190 22.72 62.55 -8.63
CA LYS C 190 21.99 63.11 -9.78
C LYS C 190 20.70 63.83 -9.39
N GLN C 191 20.06 63.38 -8.32
CA GLN C 191 18.87 64.03 -7.76
C GLN C 191 19.08 64.30 -6.26
N PRO C 192 19.77 65.43 -5.93
CA PRO C 192 20.02 65.76 -4.52
C PRO C 192 18.78 66.16 -3.72
N HIS C 193 17.77 66.69 -4.40
CA HIS C 193 16.49 67.07 -3.76
C HIS C 193 15.70 65.90 -3.16
N VAL C 194 15.89 64.69 -3.68
CA VAL C 194 15.24 63.49 -3.14
C VAL C 194 16.03 63.00 -1.92
N GLY C 195 15.49 63.27 -0.73
CA GLY C 195 16.14 62.91 0.53
C GLY C 195 16.16 61.43 0.86
N ASP C 196 15.24 60.65 0.28
CA ASP C 196 15.15 59.22 0.54
C ASP C 196 16.30 58.40 -0.07
N TYR C 197 16.91 58.91 -1.15
CA TYR C 197 18.10 58.27 -1.74
C TYR C 197 19.32 58.37 -0.82
N ARG C 198 19.42 59.47 -0.06
CA ARG C 198 20.46 59.63 0.97
C ARG C 198 20.25 58.65 2.12
N GLN C 199 18.98 58.45 2.49
CA GLN C 199 18.58 57.47 3.50
C GLN C 199 18.87 56.05 3.02
N LEU C 200 18.50 55.75 1.78
CA LEU C 200 18.72 54.44 1.15
C LEU C 200 20.16 53.95 1.22
N VAL C 201 21.12 54.87 1.09
CA VAL C 201 22.55 54.54 1.19
C VAL C 201 22.93 54.13 2.62
N HIS C 202 22.41 54.84 3.62
CA HIS C 202 22.69 54.54 5.02
C HIS C 202 21.97 53.26 5.51
N GLU C 203 20.80 52.98 4.93
CA GLU C 203 20.05 51.76 5.25
C GLU C 203 20.70 50.51 4.64
N LEU C 204 21.22 50.64 3.42
CA LEU C 204 22.05 49.59 2.81
C LEU C 204 23.31 49.29 3.63
N ASP C 205 23.91 50.32 4.22
CA ASP C 205 25.06 50.16 5.12
C ASP C 205 24.70 49.45 6.42
N GLU C 206 23.62 49.91 7.06
CA GLU C 206 23.12 49.27 8.29
C GLU C 206 22.71 47.81 8.07
N ALA C 207 22.00 47.55 6.97
CA ALA C 207 21.57 46.20 6.60
C ALA C 207 22.75 45.26 6.30
N GLU C 208 23.77 45.80 5.62
CA GLU C 208 24.96 45.02 5.26
C GLU C 208 25.78 44.62 6.49
N TYR C 209 25.96 45.54 7.43
CA TYR C 209 26.62 45.26 8.71
C TYR C 209 25.90 44.16 9.48
N GLN C 210 24.58 44.26 9.57
CA GLN C 210 23.76 43.27 10.26
C GLN C 210 23.80 41.90 9.57
N GLU C 211 23.83 41.91 8.24
CA GLU C 211 23.93 40.68 7.44
C GLU C 211 25.31 40.03 7.59
N ILE C 212 26.37 40.83 7.50
CA ILE C 212 27.75 40.36 7.74
C ILE C 212 27.88 39.71 9.13
N ARG C 213 27.22 40.29 10.12
CA ARG C 213 27.21 39.74 11.48
C ARG C 213 26.61 38.34 11.52
N LEU C 214 25.49 38.13 10.82
CA LEU C 214 24.84 36.82 10.73
C LEU C 214 25.58 35.84 9.81
N MET C 215 26.19 36.35 8.73
CA MET C 215 26.97 35.51 7.81
C MET C 215 28.17 34.83 8.49
N VAL C 216 28.78 35.52 9.46
CA VAL C 216 29.85 34.95 10.26
C VAL C 216 29.31 33.85 11.20
N MET C 217 28.14 34.09 11.80
CA MET C 217 27.46 33.10 12.64
C MET C 217 27.05 31.86 11.84
N GLU C 218 26.49 32.07 10.65
CA GLU C 218 26.06 30.97 9.77
C GLU C 218 27.25 30.12 9.27
N ILE C 219 28.38 30.78 9.03
CA ILE C 219 29.63 30.09 8.66
C ILE C 219 30.17 29.24 9.82
N ARG C 220 30.16 29.79 11.02
CA ARG C 220 30.57 29.06 12.24
C ARG C 220 29.66 27.85 12.49
N ASN C 221 28.36 28.05 12.36
CA ASN C 221 27.38 26.96 12.54
C ASN C 221 27.51 25.87 11.48
N ALA C 222 27.89 26.26 10.26
CA ALA C 222 28.13 25.30 9.16
C ALA C 222 29.26 24.33 9.50
N TYR C 223 30.37 24.86 10.01
CA TYR C 223 31.49 24.04 10.50
C TYR C 223 31.07 23.11 11.65
N ALA C 224 30.27 23.65 12.57
CA ALA C 224 29.83 22.91 13.75
C ALA C 224 28.87 21.78 13.42
N VAL C 225 27.88 22.06 12.56
CA VAL C 225 26.87 21.07 12.16
C VAL C 225 27.48 19.98 11.26
N LEU C 226 28.38 20.38 10.35
CA LEU C 226 29.12 19.42 9.52
C LEU C 226 29.99 18.48 10.37
N TYR C 227 30.74 19.06 11.30
CA TYR C 227 31.51 18.30 12.28
C TYR C 227 30.61 17.33 13.06
N ASP C 228 29.46 17.81 13.52
CA ASP C 228 28.55 17.02 14.36
C ASP C 228 27.93 15.84 13.60
N ILE C 229 27.34 16.12 12.44
CA ILE C 229 26.59 15.11 11.68
C ILE C 229 27.47 14.03 11.03
N ILE C 230 28.67 14.41 10.60
CA ILE C 230 29.60 13.45 9.97
C ILE C 230 30.23 12.54 11.03
N LEU C 231 30.64 13.12 12.15
CA LEU C 231 31.32 12.37 13.22
C LEU C 231 30.39 11.35 13.90
N LYS C 232 29.12 11.72 14.07
CA LYS C 232 28.10 10.79 14.59
C LYS C 232 27.86 9.62 13.64
N ASN C 233 27.67 9.93 12.36
CA ASN C 233 27.32 8.92 11.34
C ASN C 233 28.52 8.38 10.54
N PHE C 234 29.74 8.51 11.06
CA PHE C 234 30.96 8.17 10.31
C PHE C 234 31.06 6.68 9.94
N GLU C 235 30.49 5.81 10.76
CA GLU C 235 30.48 4.36 10.49
C GLU C 235 29.79 4.03 9.16
N LYS C 236 28.55 4.50 8.99
CA LYS C 236 27.76 4.20 7.80
C LYS C 236 28.12 5.05 6.56
N LEU C 237 28.70 6.23 6.77
CA LEU C 237 29.22 7.04 5.65
C LEU C 237 30.47 6.39 5.05
N LYS C 238 31.39 5.96 5.92
CA LYS C 238 32.61 5.25 5.53
C LYS C 238 32.29 3.87 4.95
N LYS C 239 31.51 3.08 5.67
CA LYS C 239 31.14 1.72 5.29
C LYS C 239 29.61 1.52 5.38
N PRO C 240 28.88 1.85 4.30
CA PRO C 240 27.41 1.70 4.31
C PRO C 240 26.89 0.26 4.37
N ARG C 241 27.63 -0.70 3.81
CA ARG C 241 27.23 -2.12 3.83
C ARG C 241 28.07 -3.00 4.77
N GLY C 242 28.93 -2.38 5.58
CA GLY C 242 29.65 -3.08 6.65
C GLY C 242 30.77 -3.98 6.17
N GLU C 243 31.75 -3.38 5.48
CA GLU C 243 32.95 -4.06 4.98
C GLU C 243 32.65 -5.03 3.82
N VAL D 7 40.27 7.84 12.34
CA VAL D 7 39.80 9.24 12.58
C VAL D 7 39.73 9.54 14.09
N ARG D 8 40.91 9.60 14.70
CA ARG D 8 41.04 9.89 16.14
C ARG D 8 41.22 11.41 16.33
N LEU D 9 40.57 11.95 17.36
CA LEU D 9 40.58 13.38 17.64
C LEU D 9 41.51 13.70 18.81
N SER D 10 42.18 14.84 18.74
CA SER D 10 43.08 15.30 19.81
C SER D 10 42.30 15.82 21.01
N GLY D 11 43.00 16.03 22.12
CA GLY D 11 42.41 16.58 23.33
C GLY D 11 41.92 18.00 23.18
N GLU D 12 42.69 18.81 22.44
CA GLU D 12 42.33 20.21 22.16
C GLU D 12 41.14 20.32 21.20
N ALA D 13 41.08 19.43 20.22
CA ALA D 13 40.02 19.44 19.20
C ALA D 13 38.61 19.23 19.79
N ARG D 14 38.49 18.27 20.70
CA ARG D 14 37.24 18.02 21.42
C ARG D 14 36.84 19.19 22.31
N LYS D 15 37.81 19.77 23.03
CA LYS D 15 37.58 20.93 23.89
C LYS D 15 37.10 22.17 23.12
N GLN D 16 37.74 22.45 21.99
CA GLN D 16 37.36 23.58 21.12
C GLN D 16 35.89 23.52 20.67
N VAL D 17 35.42 22.32 20.35
CA VAL D 17 34.01 22.12 19.99
C VAL D 17 33.12 22.11 21.24
N ASP D 18 33.59 21.49 22.33
CA ASP D 18 32.85 21.47 23.61
C ASP D 18 32.66 22.86 24.23
N VAL D 19 33.58 23.79 23.96
CA VAL D 19 33.41 25.20 24.35
C VAL D 19 32.23 25.83 23.59
N PHE D 20 32.14 25.54 22.28
CA PHE D 20 31.01 26.00 21.46
C PHE D 20 29.69 25.32 21.82
N ARG D 21 29.72 23.99 21.91
CA ARG D 21 28.50 23.19 22.17
C ARG D 21 27.83 23.59 23.49
N GLN D 22 28.61 23.66 24.56
CA GLN D 22 28.09 23.97 25.89
C GLN D 22 27.73 25.46 26.05
N ASN D 23 28.32 26.32 25.21
CA ASN D 23 27.87 27.71 25.07
C ASN D 23 26.53 27.77 24.31
N LEU D 24 26.43 26.98 23.23
CA LEU D 24 25.20 26.91 22.41
C LEU D 24 23.99 26.42 23.20
N PHE D 25 24.18 25.36 23.99
CA PHE D 25 23.10 24.78 24.81
C PHE D 25 22.66 25.73 25.93
N GLN D 26 23.60 26.46 26.52
CA GLN D 26 23.30 27.47 27.55
C GLN D 26 22.55 28.66 26.95
N GLU D 27 23.00 29.14 25.78
CA GLU D 27 22.37 30.27 25.10
C GLU D 27 20.95 29.93 24.62
N ALA D 28 20.75 28.69 24.17
CA ALA D 28 19.44 28.20 23.77
C ALA D 28 18.49 28.01 24.96
N ASP D 29 19.03 27.62 26.11
CA ASP D 29 18.26 27.50 27.35
C ASP D 29 17.87 28.88 27.90
N ASP D 30 18.79 29.83 27.83
CA ASP D 30 18.52 31.23 28.21
C ASP D 30 17.46 31.90 27.32
N PHE D 31 17.40 31.50 26.05
CA PHE D 31 16.41 32.01 25.11
C PHE D 31 14.98 31.69 25.55
N LEU D 32 14.72 30.41 25.80
CA LEU D 32 13.37 29.94 26.15
C LEU D 32 12.91 30.37 27.55
N CYS D 33 13.83 30.36 28.51
CA CYS D 33 13.50 30.65 29.92
C CYS D 33 13.32 32.13 30.22
N THR D 34 14.28 32.96 29.80
CA THR D 34 14.31 34.39 30.17
C THR D 34 14.06 35.35 29.00
N PHE D 35 14.80 35.17 27.90
CA PHE D 35 14.78 36.09 26.76
C PHE D 35 13.42 36.16 26.05
N LEU D 36 12.86 34.99 25.75
CA LEU D 36 11.64 34.89 24.94
C LEU D 36 10.39 35.45 25.65
N PRO D 37 10.15 35.08 26.93
CA PRO D 37 9.05 35.71 27.65
C PRO D 37 9.18 37.23 27.80
N ARG D 38 10.40 37.72 28.04
CA ARG D 38 10.67 39.17 28.08
C ARG D 38 10.37 39.87 26.75
N LYS D 39 10.63 39.18 25.63
CA LYS D 39 10.28 39.71 24.30
C LYS D 39 8.78 39.80 24.07
N ILE D 40 8.00 38.86 24.63
CA ILE D 40 6.53 38.92 24.56
C ILE D 40 5.99 40.12 25.36
N ILE D 41 6.61 40.43 26.50
CA ILE D 41 6.22 41.57 27.34
C ILE D 41 6.59 42.90 26.68
N SER D 42 7.82 43.00 26.16
CA SER D 42 8.31 44.24 25.54
C SER D 42 7.60 44.57 24.21
N LEU D 43 7.36 43.55 23.39
CA LEU D 43 6.59 43.72 22.14
C LEU D 43 5.12 44.04 22.39
N SER D 44 4.54 43.47 23.45
CA SER D 44 3.19 43.84 23.91
C SER D 44 3.14 45.29 24.35
N GLN D 45 4.14 45.70 25.14
CA GLN D 45 4.28 47.09 25.60
C GLN D 45 4.54 48.06 24.43
N LEU D 46 5.27 47.59 23.42
CA LEU D 46 5.52 48.37 22.20
C LEU D 46 4.24 48.59 21.38
N LEU D 47 3.36 47.60 21.36
CA LEU D 47 2.06 47.70 20.67
C LEU D 47 1.07 48.67 21.35
N GLN D 48 1.27 48.94 22.64
CA GLN D 48 0.48 49.94 23.37
C GLN D 48 0.91 51.40 23.12
N GLU D 49 2.03 51.60 22.43
CA GLU D 49 2.57 52.95 22.18
C GLU D 49 1.70 53.72 21.18
N ASP D 50 1.79 55.05 21.24
CA ASP D 50 0.99 55.93 20.38
C ASP D 50 1.41 55.90 18.91
N SER D 51 2.71 55.69 18.67
CA SER D 51 3.24 55.61 17.30
C SER D 51 2.74 54.39 16.52
N LEU D 52 2.37 53.31 17.22
CA LEU D 52 1.83 52.08 16.60
C LEU D 52 0.29 51.99 16.62
N ASN D 53 -0.38 52.87 17.38
CA ASN D 53 -1.84 52.94 17.41
C ASN D 53 -2.33 54.27 16.82
N VAL D 54 -1.92 54.55 15.58
CA VAL D 54 -2.36 55.73 14.86
C VAL D 54 -3.77 55.45 14.33
N ALA D 55 -4.75 56.21 14.83
CA ALA D 55 -6.16 55.97 14.52
C ALA D 55 -6.50 56.40 13.09
N ASP D 56 -6.15 57.63 12.75
CA ASP D 56 -6.34 58.18 11.39
C ASP D 56 -4.99 58.20 10.68
N LEU D 57 -4.89 57.48 9.56
CA LEU D 57 -3.63 57.38 8.80
C LEU D 57 -3.26 58.65 8.01
N SER D 58 -4.17 59.63 7.94
CA SER D 58 -3.87 60.95 7.40
C SER D 58 -2.81 61.73 8.20
N SER D 59 -2.65 61.40 9.48
CA SER D 59 -1.61 62.01 10.32
C SER D 59 -0.18 61.58 9.93
N LEU D 60 -0.02 60.40 9.32
CA LEU D 60 1.27 59.96 8.77
C LEU D 60 1.72 60.77 7.55
N ARG D 61 0.77 61.40 6.85
CA ARG D 61 1.04 62.19 5.63
C ARG D 61 2.06 63.31 5.88
N ALA D 62 3.26 63.12 5.33
CA ALA D 62 4.31 64.15 5.37
C ALA D 62 4.07 65.17 4.26
N PRO D 63 4.51 66.44 4.46
CA PRO D 63 4.31 67.47 3.43
C PRO D 63 5.25 67.30 2.24
N LEU D 64 4.69 66.97 1.08
CA LEU D 64 5.45 66.78 -0.15
C LEU D 64 5.55 68.11 -0.90
N ASP D 65 6.59 68.87 -0.58
CA ASP D 65 6.76 70.24 -1.08
C ASP D 65 7.34 70.27 -2.50
N ILE D 66 6.48 69.98 -3.47
CA ILE D 66 6.81 70.02 -4.90
C ILE D 66 5.88 71.06 -5.54
N PRO D 67 6.42 71.94 -6.41
CA PRO D 67 5.58 73.00 -7.00
C PRO D 67 4.55 72.48 -7.99
N ILE D 68 3.28 72.85 -7.78
CA ILE D 68 2.18 72.43 -8.64
C ILE D 68 2.19 73.35 -9.87
N PRO D 69 2.29 72.77 -11.09
CA PRO D 69 2.32 73.62 -12.29
C PRO D 69 0.93 74.15 -12.66
N ASP D 70 0.90 75.26 -13.39
CA ASP D 70 -0.36 75.90 -13.80
C ASP D 70 -0.70 75.54 -15.26
N PRO D 71 -2.00 75.60 -15.64
CA PRO D 71 -2.38 75.17 -16.99
C PRO D 71 -1.90 76.12 -18.11
N PRO D 72 -1.33 75.58 -19.20
CA PRO D 72 -0.84 76.44 -20.28
C PRO D 72 -1.97 76.95 -21.18
N VAL D 88 10.10 77.69 -14.98
CA VAL D 88 9.46 76.86 -13.97
C VAL D 88 10.19 76.97 -12.62
N PRO D 89 9.45 76.90 -11.48
CA PRO D 89 10.12 76.83 -10.18
C PRO D 89 10.85 75.52 -9.96
N LYS D 90 12.11 75.59 -9.50
CA LYS D 90 12.91 74.40 -9.20
C LYS D 90 12.45 73.78 -7.88
N CYS D 91 12.54 72.45 -7.79
CA CYS D 91 12.11 71.70 -6.62
C CYS D 91 13.11 71.84 -5.48
N GLY D 92 12.61 72.18 -4.29
CA GLY D 92 13.43 72.25 -3.08
C GLY D 92 13.69 70.87 -2.49
N TYR D 93 14.41 70.85 -1.36
CA TYR D 93 14.78 69.59 -0.71
C TYR D 93 13.54 68.87 -0.15
N LEU D 94 13.38 67.61 -0.53
CA LEU D 94 12.25 66.77 -0.12
C LEU D 94 12.72 65.74 0.93
N PRO D 95 12.41 65.98 2.23
CA PRO D 95 12.86 65.06 3.26
C PRO D 95 11.99 63.80 3.35
N GLY D 96 12.48 62.81 4.10
CA GLY D 96 11.73 61.57 4.33
C GLY D 96 10.64 61.73 5.37
N ASN D 97 9.78 60.72 5.48
CA ASN D 97 8.73 60.69 6.49
C ASN D 97 9.37 60.37 7.85
N GLU D 98 9.37 61.36 8.75
CA GLU D 98 10.03 61.22 10.05
C GLU D 98 9.29 60.31 11.03
N LYS D 99 7.96 60.23 10.90
CA LYS D 99 7.15 59.33 11.71
C LYS D 99 7.44 57.85 11.41
N LEU D 100 7.58 57.52 10.13
CA LEU D 100 7.94 56.17 9.70
C LEU D 100 9.40 55.84 10.00
N LEU D 101 10.30 56.81 9.77
CA LEU D 101 11.71 56.66 10.13
C LEU D 101 11.93 56.41 11.63
N ALA D 102 11.09 57.03 12.46
CA ALA D 102 11.09 56.77 13.90
C ALA D 102 10.57 55.37 14.23
N LEU D 103 9.50 54.96 13.56
CA LEU D 103 8.92 53.62 13.74
C LEU D 103 9.81 52.51 13.18
N LEU D 104 10.46 52.76 12.05
CA LEU D 104 11.44 51.83 11.47
C LEU D 104 12.62 51.57 12.41
N ALA D 105 13.05 52.60 13.14
CA ALA D 105 14.12 52.46 14.15
C ALA D 105 13.74 51.55 15.32
N LEU D 106 12.45 51.49 15.64
CA LEU D 106 11.92 50.57 16.66
C LEU D 106 11.74 49.13 16.16
N VAL D 107 11.30 48.98 14.90
CA VAL D 107 10.99 47.67 14.33
C VAL D 107 12.23 46.92 13.84
N LYS D 108 13.13 47.62 13.15
CA LYS D 108 14.35 47.00 12.57
C LYS D 108 15.13 46.09 13.54
N PRO D 109 15.48 46.58 14.75
CA PRO D 109 16.22 45.74 15.71
C PRO D 109 15.47 44.48 16.16
N GLU D 110 14.15 44.56 16.28
CA GLU D 110 13.32 43.41 16.66
C GLU D 110 13.28 42.33 15.55
N VAL D 111 13.38 42.75 14.29
CA VAL D 111 13.43 41.83 13.15
C VAL D 111 14.79 41.11 13.09
N TRP D 112 15.88 41.88 13.25
CA TRP D 112 17.23 41.31 13.24
C TRP D 112 17.51 40.36 14.40
N THR D 113 16.97 40.66 15.58
CA THR D 113 17.16 39.81 16.77
C THR D 113 16.48 38.45 16.63
N LEU D 114 15.24 38.43 16.14
CA LEU D 114 14.50 37.16 15.95
C LEU D 114 15.13 36.26 14.88
N LYS D 115 15.71 36.86 13.84
CA LYS D 115 16.47 36.11 12.83
C LYS D 115 17.73 35.48 13.43
N GLU D 116 18.36 36.18 14.36
CA GLU D 116 19.52 35.66 15.11
C GLU D 116 19.12 34.47 16.00
N LYS D 117 17.99 34.59 16.69
CA LYS D 117 17.51 33.53 17.59
C LYS D 117 16.92 32.31 16.86
N CYS D 118 16.40 32.51 15.65
CA CYS D 118 15.99 31.40 14.78
C CYS D 118 17.19 30.55 14.35
N ILE D 119 18.31 31.23 14.06
CA ILE D 119 19.58 30.55 13.73
C ILE D 119 20.12 29.78 14.95
N LEU D 120 19.96 30.34 16.14
CA LEU D 120 20.35 29.67 17.39
C LEU D 120 19.54 28.40 17.63
N VAL D 121 18.22 28.48 17.49
CA VAL D 121 17.32 27.35 17.71
C VAL D 121 17.54 26.25 16.66
N ILE D 122 17.76 26.64 15.40
CA ILE D 122 18.06 25.69 14.32
C ILE D 122 19.37 24.94 14.58
N THR D 123 20.41 25.66 14.98
CA THR D 123 21.70 25.06 15.31
C THR D 123 21.61 24.19 16.57
N TRP D 124 20.81 24.64 17.54
CA TRP D 124 20.57 23.90 18.79
C TRP D 124 19.90 22.55 18.54
N ILE D 125 18.83 22.55 17.74
CA ILE D 125 18.08 21.33 17.44
C ILE D 125 18.87 20.37 16.53
N GLN D 126 19.63 20.91 15.57
CA GLN D 126 20.50 20.09 14.71
C GLN D 126 21.55 19.28 15.48
N HIS D 127 22.09 19.86 16.56
CA HIS D 127 23.03 19.15 17.44
C HIS D 127 22.35 18.05 18.28
N LEU D 128 21.08 18.25 18.61
CA LEU D 128 20.28 17.22 19.31
C LEU D 128 19.86 16.04 18.44
N ILE D 129 19.93 16.17 17.11
CA ILE D 129 19.64 15.06 16.19
C ILE D 129 20.73 13.98 16.36
N PRO D 130 20.33 12.78 16.81
CA PRO D 130 21.30 11.73 17.13
C PRO D 130 21.85 11.01 15.89
N LYS D 131 22.66 9.97 16.12
CA LYS D 131 23.12 9.06 15.07
C LYS D 131 21.91 8.42 14.38
N ILE D 132 21.97 8.31 13.06
CA ILE D 132 20.88 7.73 12.28
C ILE D 132 20.87 6.22 12.45
N GLU D 133 19.87 5.72 13.20
CA GLU D 133 19.68 4.29 13.44
C GLU D 133 18.31 3.87 12.92
N ASP D 134 18.19 2.59 12.55
CA ASP D 134 16.93 2.04 12.04
C ASP D 134 16.05 1.64 13.23
N GLY D 135 14.84 2.20 13.29
CA GLY D 135 13.90 1.95 14.38
C GLY D 135 14.01 2.99 15.49
N ASN D 136 12.90 3.22 16.19
CA ASN D 136 12.79 4.23 17.25
C ASN D 136 13.07 5.62 16.66
N ASP D 137 12.39 5.93 15.55
CA ASP D 137 12.66 7.11 14.74
C ASP D 137 11.59 8.19 14.79
N PHE D 138 10.55 8.00 15.62
CA PHE D 138 9.48 8.99 15.73
C PHE D 138 9.93 10.25 16.48
N GLY D 139 10.83 10.08 17.45
CA GLY D 139 11.49 11.22 18.10
C GLY D 139 12.30 12.07 17.12
N VAL D 140 12.97 11.40 16.18
CA VAL D 140 13.72 12.07 15.11
C VAL D 140 12.75 12.77 14.14
N ALA D 141 11.61 12.13 13.86
CA ALA D 141 10.55 12.72 13.02
C ALA D 141 9.92 13.97 13.64
N ILE D 142 9.79 14.00 14.96
CA ILE D 142 9.30 15.18 15.68
C ILE D 142 10.30 16.34 15.58
N GLN D 143 11.58 16.04 15.80
CA GLN D 143 12.66 17.04 15.65
C GLN D 143 12.63 17.70 14.27
N GLU D 144 12.51 16.89 13.23
CA GLU D 144 12.44 17.38 11.84
C GLU D 144 11.24 18.31 11.59
N LYS D 145 10.09 17.98 12.17
CA LYS D 145 8.89 18.82 12.04
C LYS D 145 8.99 20.13 12.83
N VAL D 146 9.63 20.10 13.99
CA VAL D 146 9.91 21.31 14.77
C VAL D 146 10.92 22.20 14.02
N LEU D 147 11.96 21.56 13.47
CA LEU D 147 12.97 22.24 12.65
C LEU D 147 12.36 22.92 11.41
N GLU D 148 11.35 22.27 10.82
CA GLU D 148 10.62 22.81 9.67
C GLU D 148 9.86 24.08 10.03
N ARG D 149 9.18 24.09 11.18
CA ARG D 149 8.40 25.25 11.63
C ARG D 149 9.29 26.44 12.02
N VAL D 150 10.47 26.16 12.58
CA VAL D 150 11.42 27.23 12.94
C VAL D 150 11.99 27.87 11.66
N ASN D 151 12.31 27.05 10.65
CA ASN D 151 12.73 27.54 9.34
C ASN D 151 11.63 28.35 8.63
N ALA D 152 10.37 27.91 8.79
CA ALA D 152 9.22 28.64 8.26
C ALA D 152 9.07 30.04 8.88
N VAL D 153 9.33 30.13 10.19
CA VAL D 153 9.36 31.41 10.90
C VAL D 153 10.52 32.29 10.41
N LYS D 154 11.68 31.67 10.22
CA LYS D 154 12.87 32.38 9.72
C LYS D 154 12.64 32.97 8.32
N THR D 155 11.95 32.20 7.46
CA THR D 155 11.62 32.66 6.09
C THR D 155 10.70 33.88 6.09
N LYS D 156 9.70 33.88 6.98
CA LYS D 156 8.80 35.02 7.15
C LYS D 156 9.50 36.26 7.75
N VAL D 157 10.48 36.01 8.63
CA VAL D 157 11.31 37.08 9.20
C VAL D 157 12.25 37.69 8.13
N GLU D 158 12.77 36.84 7.24
CA GLU D 158 13.55 37.32 6.09
C GLU D 158 12.70 38.14 5.10
N ALA D 159 11.42 37.78 4.98
CA ALA D 159 10.47 38.55 4.16
C ALA D 159 10.16 39.94 4.71
N PHE D 160 10.24 40.10 6.04
CA PHE D 160 10.10 41.42 6.68
C PHE D 160 11.28 42.34 6.36
N GLN D 161 12.48 41.77 6.27
CA GLN D 161 13.69 42.53 5.92
C GLN D 161 13.65 43.04 4.49
N THR D 162 13.15 42.22 3.56
CA THR D 162 12.96 42.64 2.17
C THR D 162 11.89 43.72 2.03
N THR D 163 10.85 43.66 2.88
CA THR D 163 9.81 44.70 2.93
C THR D 163 10.36 46.05 3.43
N ILE D 164 11.23 46.00 4.44
CA ILE D 164 11.85 47.21 5.00
C ILE D 164 12.83 47.85 4.01
N SER D 165 13.69 47.03 3.40
CA SER D 165 14.68 47.53 2.43
C SER D 165 14.03 48.08 1.15
N LYS D 166 12.94 47.46 0.72
CA LYS D 166 12.20 47.87 -0.48
C LYS D 166 11.45 49.20 -0.29
N TYR D 167 11.03 49.50 0.95
CA TYR D 167 10.35 50.77 1.25
C TYR D 167 11.21 52.00 0.93
N PHE D 168 12.49 51.95 1.29
CA PHE D 168 13.41 53.08 1.08
C PHE D 168 13.69 53.35 -0.40
N SER D 169 13.86 52.28 -1.18
CA SER D 169 14.07 52.39 -2.63
C SER D 169 12.78 52.80 -3.37
N GLU D 170 11.65 52.20 -3.01
CA GLU D 170 10.36 52.50 -3.67
C GLU D 170 9.86 53.92 -3.40
N ARG D 171 10.08 54.44 -2.20
CA ARG D 171 9.71 55.83 -1.88
C ARG D 171 10.61 56.82 -2.61
N GLY D 172 11.90 56.54 -2.65
CA GLY D 172 12.87 57.35 -3.40
C GLY D 172 12.55 57.48 -4.88
N ASP D 173 12.13 56.37 -5.48
CA ASP D 173 11.69 56.37 -6.89
C ASP D 173 10.36 57.09 -7.08
N ALA D 174 9.44 56.94 -6.12
CA ALA D 174 8.15 57.62 -6.16
C ALA D 174 8.30 59.14 -6.01
N VAL D 175 9.16 59.58 -5.10
CA VAL D 175 9.46 61.00 -4.89
C VAL D 175 10.22 61.58 -6.10
N ALA D 176 11.12 60.79 -6.68
CA ALA D 176 11.87 61.19 -7.88
C ALA D 176 10.97 61.35 -9.11
N LYS D 177 10.02 60.41 -9.27
CA LYS D 177 9.01 60.49 -10.35
C LYS D 177 8.07 61.69 -10.16
N ALA D 178 7.67 61.95 -8.91
CA ALA D 178 6.78 63.06 -8.58
C ALA D 178 7.45 64.43 -8.80
N SER D 179 8.73 64.54 -8.44
CA SER D 179 9.51 65.77 -8.64
C SER D 179 9.85 66.01 -10.12
N LYS D 180 10.15 64.92 -10.85
CA LYS D 180 10.41 64.99 -12.29
C LYS D 180 9.13 65.37 -13.04
N ASP D 181 8.08 64.57 -12.84
CA ASP D 181 6.78 64.79 -13.45
C ASP D 181 5.85 65.44 -12.43
N THR D 182 5.87 66.78 -12.39
CA THR D 182 5.10 67.56 -11.42
C THR D 182 3.60 67.53 -11.73
N HIS D 183 3.26 67.67 -13.01
CA HIS D 183 1.87 67.57 -13.50
C HIS D 183 1.11 66.29 -13.15
N VAL D 184 1.83 65.18 -13.00
CA VAL D 184 1.22 63.89 -12.63
C VAL D 184 0.99 63.84 -11.12
N MET D 185 -0.27 64.01 -10.70
CA MET D 185 -0.63 64.04 -9.28
C MET D 185 -0.78 62.65 -8.65
N ASP D 186 -0.83 61.60 -9.47
CA ASP D 186 -0.89 60.22 -8.98
C ASP D 186 0.42 59.79 -8.29
N TYR D 187 1.56 60.31 -8.76
CA TYR D 187 2.85 60.05 -8.11
C TYR D 187 2.95 60.66 -6.71
N ARG D 188 2.26 61.77 -6.49
CA ARG D 188 2.16 62.38 -5.15
C ARG D 188 1.31 61.50 -4.22
N ALA D 189 0.19 60.99 -4.76
CA ALA D 189 -0.65 60.03 -4.05
C ALA D 189 0.07 58.70 -3.78
N LEU D 190 0.89 58.26 -4.74
CA LEU D 190 1.71 57.05 -4.59
C LEU D 190 2.68 57.15 -3.41
N VAL D 191 3.37 58.29 -3.29
CA VAL D 191 4.31 58.53 -2.18
C VAL D 191 3.60 58.42 -0.82
N HIS D 192 2.42 59.02 -0.72
CA HIS D 192 1.61 58.95 0.51
C HIS D 192 1.01 57.57 0.74
N GLU D 193 0.68 56.86 -0.33
CA GLU D 193 0.17 55.49 -0.25
C GLU D 193 1.24 54.49 0.19
N ARG D 194 2.48 54.70 -0.23
CA ARG D 194 3.61 53.87 0.22
C ARG D 194 3.90 54.05 1.72
N ASP D 195 3.67 55.27 2.23
CA ASP D 195 3.80 55.55 3.67
C ASP D 195 2.74 54.81 4.50
N GLU D 196 1.48 54.88 4.04
CA GLU D 196 0.37 54.18 4.72
C GLU D 196 0.52 52.65 4.67
N ALA D 197 0.98 52.15 3.53
CA ALA D 197 1.23 50.70 3.36
C ALA D 197 2.40 50.23 4.23
N ALA D 198 3.47 51.03 4.28
CA ALA D 198 4.63 50.73 5.12
C ALA D 198 4.28 50.76 6.61
N TYR D 199 3.44 51.71 7.02
CA TYR D 199 2.97 51.79 8.41
C TYR D 199 2.19 50.54 8.80
N GLY D 200 1.19 50.18 7.99
CA GLY D 200 0.38 48.99 8.21
C GLY D 200 1.17 47.70 8.23
N ALA D 201 2.21 47.63 7.40
CA ALA D 201 3.14 46.50 7.38
C ALA D 201 3.98 46.44 8.67
N LEU D 202 4.50 47.59 9.10
CA LEU D 202 5.33 47.69 10.31
C LEU D 202 4.55 47.36 11.60
N ARG D 203 3.27 47.74 11.65
CA ARG D 203 2.38 47.31 12.75
C ARG D 203 2.13 45.81 12.68
N ALA D 204 1.86 45.30 11.48
CA ALA D 204 1.65 43.86 11.26
C ALA D 204 2.88 43.02 11.60
N MET D 205 4.08 43.57 11.35
CA MET D 205 5.34 42.92 11.73
C MET D 205 5.43 42.66 13.23
N VAL D 206 5.20 43.69 14.03
CA VAL D 206 5.34 43.60 15.49
C VAL D 206 4.34 42.60 16.08
N LEU D 207 3.13 42.57 15.52
CA LEU D 207 2.13 41.54 15.88
C LEU D 207 2.60 40.14 15.51
N ASP D 208 3.16 39.99 14.32
CA ASP D 208 3.74 38.71 13.87
C ASP D 208 4.96 38.28 14.68
N LEU D 209 5.84 39.23 15.00
CA LEU D 209 7.06 38.95 15.79
C LEU D 209 6.71 38.41 17.19
N ARG D 210 5.73 39.04 17.85
CA ARG D 210 5.22 38.57 19.14
C ARG D 210 4.59 37.19 19.01
N ALA D 211 3.79 36.99 17.96
CA ALA D 211 3.18 35.70 17.68
C ALA D 211 4.21 34.60 17.41
N PHE D 212 5.30 34.94 16.71
CA PHE D 212 6.37 33.98 16.43
C PHE D 212 7.14 33.57 17.69
N TYR D 213 7.38 34.50 18.60
CA TYR D 213 7.99 34.16 19.91
C TYR D 213 7.08 33.21 20.70
N ALA D 214 5.78 33.51 20.73
CA ALA D 214 4.79 32.67 21.39
C ALA D 214 4.67 31.28 20.75
N GLU D 215 4.63 31.25 19.41
CA GLU D 215 4.57 29.99 18.65
C GLU D 215 5.85 29.15 18.77
N LEU D 216 7.01 29.82 18.78
CA LEU D 216 8.30 29.13 18.96
C LEU D 216 8.41 28.46 20.33
N TYR D 217 7.95 29.15 21.38
CA TYR D 217 7.92 28.57 22.72
C TYR D 217 6.93 27.41 22.81
N HIS D 218 5.72 27.63 22.29
CA HIS D 218 4.65 26.64 22.38
C HIS D 218 5.00 25.30 21.74
N ILE D 219 5.57 25.34 20.52
CA ILE D 219 5.96 24.12 19.81
C ILE D 219 7.18 23.43 20.44
N ILE D 220 8.13 24.20 20.95
CA ILE D 220 9.33 23.64 21.61
C ILE D 220 9.00 23.08 22.99
N SER D 221 8.26 23.84 23.79
CA SER D 221 7.88 23.43 25.15
C SER D 221 6.96 22.20 25.17
N SER D 222 6.00 22.16 24.25
CA SER D 222 5.09 21.02 24.10
C SER D 222 5.83 19.72 23.77
N ASN D 223 6.82 19.82 22.87
CA ASN D 223 7.58 18.66 22.40
C ASN D 223 9.01 18.57 22.98
N LEU D 224 9.25 19.18 24.14
CA LEU D 224 10.62 19.33 24.66
C LEU D 224 11.30 18.01 25.01
N GLU D 225 10.53 17.02 25.47
CA GLU D 225 11.07 15.71 25.81
C GLU D 225 11.65 15.01 24.57
N LYS D 226 10.91 15.05 23.48
CA LYS D 226 11.34 14.42 22.22
C LYS D 226 12.42 15.21 21.46
N ILE D 227 12.45 16.54 21.64
CA ILE D 227 13.49 17.38 21.03
C ILE D 227 14.86 17.11 21.67
N VAL D 228 14.90 17.08 23.00
CA VAL D 228 16.14 16.84 23.75
C VAL D 228 16.48 15.35 23.78
N ASN D 229 15.48 14.50 23.98
CA ASN D 229 15.66 13.05 24.13
C ASN D 229 14.71 12.29 23.17
N PRO D 230 15.04 12.28 21.86
CA PRO D 230 14.19 11.60 20.87
C PRO D 230 14.18 10.07 20.98
N LYS D 231 15.33 9.48 21.27
CA LYS D 231 15.46 8.03 21.43
C LYS D 231 14.88 7.50 22.75
N GLY D 232 14.70 8.39 23.74
CA GLY D 232 14.13 8.01 25.04
C GLY D 232 15.12 7.27 25.92
N GLU D 233 16.37 7.70 25.90
CA GLU D 233 17.44 7.05 26.65
C GLU D 233 17.41 7.46 28.12
N LEU E 4 18.32 21.67 31.64
CA LEU E 4 17.50 21.85 30.40
C LEU E 4 16.11 21.22 30.56
N ARG E 5 15.14 22.05 30.96
CA ARG E 5 13.76 21.60 31.20
C ARG E 5 12.81 22.80 31.23
N VAL E 6 11.50 22.55 31.04
CA VAL E 6 10.46 23.58 31.10
C VAL E 6 10.47 24.28 32.47
N HIS E 7 10.50 25.61 32.44
CA HIS E 7 10.38 26.46 33.62
C HIS E 7 8.98 27.09 33.66
N PRO E 8 8.26 26.98 34.79
CA PRO E 8 6.90 27.51 34.87
C PRO E 8 6.78 29.05 34.96
N GLU E 9 7.88 29.75 35.14
CA GLU E 9 7.90 31.22 35.08
C GLU E 9 7.63 31.69 33.64
N ALA E 10 8.35 31.10 32.69
CA ALA E 10 8.15 31.38 31.26
C ALA E 10 6.80 30.90 30.74
N GLN E 11 6.35 29.74 31.24
CA GLN E 11 5.05 29.16 30.86
C GLN E 11 3.88 30.07 31.22
N ALA E 12 3.96 30.71 32.38
CA ALA E 12 2.90 31.62 32.85
C ALA E 12 2.71 32.87 31.99
N LYS E 13 3.81 33.40 31.46
CA LYS E 13 3.77 34.64 30.65
C LYS E 13 3.19 34.40 29.25
N VAL E 14 3.44 33.22 28.70
CA VAL E 14 2.85 32.82 27.41
C VAL E 14 1.36 32.52 27.57
N ASP E 15 0.99 31.86 28.67
CA ASP E 15 -0.42 31.54 28.97
C ASP E 15 -1.29 32.78 29.24
N VAL E 16 -0.68 33.88 29.68
CA VAL E 16 -1.37 35.18 29.80
C VAL E 16 -1.73 35.69 28.40
N PHE E 17 -0.74 35.72 27.50
CA PHE E 17 -0.94 36.06 26.09
C PHE E 17 -1.91 35.11 25.39
N ARG E 18 -1.84 33.82 25.74
CA ARG E 18 -2.71 32.78 25.19
C ARG E 18 -4.18 32.98 25.57
N GLU E 19 -4.45 33.29 26.83
CA GLU E 19 -5.82 33.55 27.31
C GLU E 19 -6.40 34.89 26.82
N ASP E 20 -5.53 35.87 26.55
CA ASP E 20 -5.96 37.12 25.91
C ASP E 20 -6.46 36.87 24.48
N LEU E 21 -5.77 36.00 23.75
CA LEU E 21 -6.19 35.58 22.41
C LEU E 21 -7.48 34.77 22.43
N CYS E 22 -7.64 33.90 23.43
CA CYS E 22 -8.90 33.17 23.64
C CYS E 22 -10.07 34.14 23.80
N SER E 23 -9.97 35.02 24.80
CA SER E 23 -11.02 35.98 25.12
C SER E 23 -11.32 36.98 24.00
N LYS E 24 -10.29 37.39 23.27
CA LYS E 24 -10.47 38.27 22.10
C LYS E 24 -11.13 37.53 20.93
N THR E 25 -10.77 36.27 20.72
CA THR E 25 -11.42 35.42 19.71
C THR E 25 -12.90 35.17 20.01
N GLU E 26 -13.27 35.12 21.30
CA GLU E 26 -14.68 35.01 21.71
C GLU E 26 -15.46 36.25 21.31
N ASN E 27 -14.86 37.43 21.52
CA ASN E 27 -15.46 38.71 21.16
C ASN E 27 -15.59 38.90 19.65
N LEU E 28 -14.61 38.41 18.89
CA LEU E 28 -14.64 38.50 17.42
C LEU E 28 -15.78 37.69 16.81
N LEU E 29 -15.96 36.46 17.28
CA LEU E 29 -17.04 35.59 16.83
C LEU E 29 -18.40 36.07 17.33
N GLY E 30 -18.47 36.40 18.61
CA GLY E 30 -19.72 36.81 19.25
C GLY E 30 -20.26 38.19 18.90
N SER E 31 -19.39 39.13 18.55
CA SER E 31 -19.77 40.53 18.33
C SER E 31 -19.20 41.17 17.06
N TYR E 32 -17.88 41.16 16.91
CA TYR E 32 -17.18 41.93 15.86
C TYR E 32 -17.47 41.44 14.43
N PHE E 33 -17.41 40.13 14.22
CA PHE E 33 -17.60 39.54 12.88
C PHE E 33 -19.04 39.71 12.34
N PRO E 34 -20.07 39.44 13.17
CA PRO E 34 -21.45 39.77 12.76
C PRO E 34 -21.71 41.25 12.49
N LYS E 35 -21.04 42.14 13.23
CA LYS E 35 -21.15 43.58 13.02
C LYS E 35 -20.54 44.01 11.69
N LYS E 36 -19.34 43.52 11.40
CA LYS E 36 -18.65 43.83 10.14
C LYS E 36 -19.39 43.33 8.91
N ILE E 37 -20.03 42.17 9.00
CA ILE E 37 -20.87 41.64 7.91
C ILE E 37 -22.03 42.59 7.62
N SER E 38 -22.64 43.15 8.67
CA SER E 38 -23.74 44.11 8.51
C SER E 38 -23.28 45.45 7.93
N GLU E 39 -22.14 45.96 8.40
CA GLU E 39 -21.55 47.21 7.89
C GLU E 39 -21.21 47.13 6.40
N LEU E 40 -20.57 46.03 6.01
CA LEU E 40 -20.14 45.81 4.62
C LEU E 40 -21.32 45.51 3.69
N ASP E 41 -22.34 44.81 4.19
CA ASP E 41 -23.61 44.64 3.47
C ASP E 41 -24.31 45.99 3.24
N ALA E 42 -24.29 46.84 4.27
CA ALA E 42 -24.84 48.19 4.17
C ALA E 42 -24.03 49.07 3.21
N PHE E 43 -22.71 48.91 3.23
CA PHE E 43 -21.81 49.65 2.34
C PHE E 43 -21.99 49.25 0.87
N LEU E 44 -22.17 47.95 0.61
CA LEU E 44 -22.40 47.45 -0.76
C LEU E 44 -23.68 47.98 -1.42
N LYS E 45 -24.71 48.24 -0.62
CA LYS E 45 -26.00 48.75 -1.11
C LYS E 45 -26.06 50.27 -1.36
N GLU E 46 -25.02 51.00 -0.92
CA GLU E 46 -24.96 52.46 -1.14
C GLU E 46 -24.71 52.82 -2.61
N PRO E 47 -25.06 54.07 -3.03
CA PRO E 47 -24.88 54.44 -4.44
C PRO E 47 -23.43 54.73 -4.88
N ALA E 48 -22.48 54.78 -3.93
CA ALA E 48 -21.06 54.89 -4.25
C ALA E 48 -20.52 53.63 -4.94
N LEU E 49 -20.99 52.45 -4.52
CA LEU E 49 -20.64 51.17 -5.14
C LEU E 49 -21.71 50.60 -6.09
N ASN E 50 -22.68 51.43 -6.47
CA ASN E 50 -23.73 51.06 -7.43
C ASN E 50 -23.91 52.17 -8.44
N GLU E 51 -22.82 52.51 -9.13
CA GLU E 51 -22.84 53.50 -10.21
C GLU E 51 -23.57 52.91 -11.40
N ALA E 52 -24.69 53.53 -11.78
CA ALA E 52 -25.54 53.03 -12.86
C ALA E 52 -24.84 53.08 -14.22
N ASN E 53 -24.19 54.21 -14.50
CA ASN E 53 -23.45 54.42 -15.74
C ASN E 53 -21.96 54.58 -15.42
N LEU E 54 -21.11 53.84 -16.13
CA LEU E 54 -19.66 53.88 -15.94
C LEU E 54 -19.00 55.18 -16.43
N SER E 55 -19.70 55.96 -17.24
CA SER E 55 -19.25 57.29 -17.65
C SER E 55 -19.18 58.30 -16.49
N ASN E 56 -19.90 58.03 -15.39
CA ASN E 56 -19.79 58.83 -14.16
C ASN E 56 -18.39 58.80 -13.56
N LEU E 57 -17.69 57.68 -13.70
CA LEU E 57 -16.33 57.50 -13.18
C LEU E 57 -15.22 58.15 -14.04
N LYS E 58 -15.55 58.62 -15.24
CA LYS E 58 -14.56 59.23 -16.14
C LYS E 58 -14.06 60.56 -15.59
N ALA E 59 -12.78 60.59 -15.19
CA ALA E 59 -12.14 61.79 -14.64
C ALA E 59 -11.70 62.72 -15.77
N PRO E 60 -11.51 64.03 -15.46
CA PRO E 60 -11.00 64.96 -16.46
C PRO E 60 -9.51 64.74 -16.72
N LEU E 61 -9.14 64.66 -18.00
CA LEU E 61 -7.75 64.45 -18.43
C LEU E 61 -7.38 65.53 -19.45
N ASP E 62 -7.24 66.76 -18.96
CA ASP E 62 -6.95 67.92 -19.80
C ASP E 62 -5.48 67.92 -20.23
N ILE E 63 -5.20 67.19 -21.32
CA ILE E 63 -3.88 67.16 -21.96
C ILE E 63 -4.09 67.72 -23.37
N PRO E 64 -3.26 68.70 -23.80
CA PRO E 64 -3.47 69.34 -25.10
C PRO E 64 -3.14 68.44 -26.30
N VAL E 65 -4.12 68.22 -27.17
CA VAL E 65 -3.92 67.47 -28.42
C VAL E 65 -3.34 68.42 -29.48
N PRO E 66 -2.16 68.08 -30.05
CA PRO E 66 -1.48 69.04 -30.94
C PRO E 66 -2.04 69.04 -32.37
N ASP E 67 -2.10 70.22 -32.97
CA ASP E 67 -2.43 70.38 -34.38
C ASP E 67 -1.10 70.51 -35.15
N PRO E 68 -0.78 69.53 -36.04
CA PRO E 68 0.51 69.55 -36.76
C PRO E 68 0.80 70.82 -37.58
N VAL E 69 -0.23 71.34 -38.26
CA VAL E 69 -0.09 72.53 -39.11
C VAL E 69 0.24 73.82 -38.34
N LYS E 70 -0.23 73.91 -37.09
CA LYS E 70 -0.06 75.13 -36.28
C LYS E 70 1.27 75.07 -35.53
N PRO E 99 5.90 68.14 -24.43
CA PRO E 99 5.27 69.44 -24.27
C PRO E 99 4.76 69.69 -22.84
N PRO E 100 4.59 70.96 -22.44
CA PRO E 100 4.11 71.29 -21.09
C PRO E 100 2.61 71.02 -20.92
N CYS E 101 2.23 70.52 -19.74
CA CYS E 101 0.85 70.11 -19.44
C CYS E 101 0.40 70.62 -18.08
N GLY E 102 -0.92 70.81 -17.95
CA GLY E 102 -1.54 71.21 -16.68
C GLY E 102 -1.60 70.06 -15.69
N PRO E 103 -1.94 70.36 -14.42
CA PRO E 103 -1.92 69.34 -13.37
C PRO E 103 -3.06 68.34 -13.49
N VAL E 104 -2.72 67.10 -13.85
CA VAL E 104 -3.70 66.01 -13.99
C VAL E 104 -3.97 65.41 -12.61
N ASN E 105 -5.13 65.74 -12.05
CA ASN E 105 -5.52 65.28 -10.71
C ASN E 105 -5.95 63.81 -10.71
N CYS E 106 -6.02 63.23 -9.51
CA CYS E 106 -6.49 61.86 -9.32
C CYS E 106 -8.00 61.75 -9.53
N ASN E 107 -8.48 60.54 -9.75
CA ASN E 107 -9.91 60.27 -9.91
C ASN E 107 -10.60 60.43 -8.56
N GLU E 108 -11.48 61.43 -8.46
CA GLU E 108 -12.13 61.79 -7.19
C GLU E 108 -13.01 60.67 -6.62
N LYS E 109 -13.84 60.08 -7.48
CA LYS E 109 -14.77 59.01 -7.06
C LYS E 109 -14.07 57.72 -6.62
N ILE E 110 -12.90 57.43 -7.19
CA ILE E 110 -12.10 56.26 -6.79
C ILE E 110 -11.35 56.51 -5.48
N VAL E 111 -10.82 57.72 -5.30
CA VAL E 111 -10.06 58.07 -4.09
C VAL E 111 -10.93 57.95 -2.83
N VAL E 112 -12.13 58.52 -2.86
CA VAL E 112 -13.05 58.45 -1.70
C VAL E 112 -13.50 57.02 -1.36
N LEU E 113 -13.59 56.17 -2.37
CA LEU E 113 -13.84 54.73 -2.15
C LEU E 113 -12.65 54.04 -1.49
N LEU E 114 -11.44 54.38 -1.93
CA LEU E 114 -10.20 53.84 -1.33
C LEU E 114 -9.99 54.31 0.12
N GLN E 115 -10.43 55.52 0.45
CA GLN E 115 -10.37 56.02 1.83
C GLN E 115 -11.26 55.23 2.80
N ARG E 116 -12.35 54.66 2.28
CA ARG E 116 -13.21 53.75 3.04
C ARG E 116 -12.72 52.29 2.99
N LEU E 117 -12.17 51.88 1.85
CA LEU E 117 -11.67 50.51 1.66
C LEU E 117 -10.42 50.19 2.48
N LYS E 118 -9.47 51.13 2.53
CA LYS E 118 -8.19 50.92 3.24
C LYS E 118 -8.31 50.52 4.72
N PRO E 119 -9.12 51.25 5.51
CA PRO E 119 -9.33 50.82 6.91
C PRO E 119 -10.08 49.48 7.07
N GLU E 120 -10.91 49.11 6.09
CA GLU E 120 -11.57 47.80 6.10
C GLU E 120 -10.57 46.66 5.88
N ILE E 121 -9.67 46.83 4.90
CA ILE E 121 -8.58 45.87 4.64
C ILE E 121 -7.70 45.70 5.88
N LYS E 122 -7.35 46.82 6.51
CA LYS E 122 -6.56 46.83 7.75
C LYS E 122 -7.18 46.01 8.87
N ASP E 123 -8.51 46.10 9.01
CA ASP E 123 -9.23 45.37 10.06
C ASP E 123 -9.25 43.85 9.84
N VAL E 124 -9.50 43.40 8.61
CA VAL E 124 -9.63 41.94 8.35
C VAL E 124 -8.30 41.23 8.56
N THR E 125 -7.23 41.81 8.01
CA THR E 125 -5.89 41.25 8.13
C THR E 125 -5.41 41.22 9.58
N GLU E 126 -5.81 42.21 10.37
CA GLU E 126 -5.46 42.29 11.79
C GLU E 126 -6.21 41.24 12.62
N GLN E 127 -7.52 41.08 12.37
CA GLN E 127 -8.32 40.06 13.06
C GLN E 127 -8.00 38.64 12.58
N LEU E 128 -7.75 38.48 11.27
CA LEU E 128 -7.32 37.19 10.72
C LEU E 128 -6.00 36.73 11.35
N ASN E 129 -5.05 37.66 11.49
CA ASN E 129 -3.78 37.39 12.19
C ASN E 129 -3.98 36.97 13.65
N LEU E 130 -4.94 37.60 14.33
CA LEU E 130 -5.25 37.28 15.73
C LEU E 130 -5.81 35.85 15.88
N VAL E 131 -6.75 35.49 15.00
CA VAL E 131 -7.36 34.16 15.02
C VAL E 131 -6.36 33.08 14.56
N THR E 132 -5.50 33.42 13.60
CA THR E 132 -4.43 32.52 13.15
C THR E 132 -3.44 32.24 14.29
N THR E 133 -3.03 33.29 15.00
CA THR E 133 -2.15 33.16 16.17
C THR E 133 -2.81 32.35 17.30
N TRP E 134 -4.12 32.56 17.49
CA TRP E 134 -4.90 31.79 18.46
C TRP E 134 -4.91 30.30 18.13
N LEU E 135 -5.19 29.97 16.87
CA LEU E 135 -5.26 28.58 16.41
C LEU E 135 -3.91 27.85 16.47
N GLN E 136 -2.82 28.55 16.15
CA GLN E 136 -1.46 27.99 16.25
C GLN E 136 -1.10 27.56 17.67
N LEU E 137 -1.48 28.36 18.66
CA LEU E 137 -1.22 28.06 20.08
C LEU E 137 -2.15 26.98 20.67
N GLN E 138 -3.21 26.63 19.95
CA GLN E 138 -4.07 25.48 20.30
C GLN E 138 -3.56 24.12 19.76
N ILE E 139 -2.50 24.14 18.93
CA ILE E 139 -1.93 22.90 18.38
C ILE E 139 -1.21 22.13 19.49
N PRO E 140 -1.63 20.88 19.76
CA PRO E 140 -1.07 20.10 20.85
C PRO E 140 0.29 19.47 20.53
N ARG E 141 0.82 18.69 21.46
CA ARG E 141 2.04 17.90 21.28
C ARG E 141 1.92 16.97 20.06
N ILE E 142 3.02 16.80 19.33
CA ILE E 142 3.05 15.92 18.16
C ILE E 142 3.11 14.47 18.64
N GLU E 143 2.12 13.68 18.23
CA GLU E 143 2.00 12.28 18.65
C GLU E 143 1.76 11.35 17.47
N ASP E 144 1.93 10.06 17.72
CA ASP E 144 1.86 9.01 16.68
C ASP E 144 0.42 8.80 16.20
N GLY E 145 -0.55 8.91 17.11
CA GLY E 145 -1.97 8.78 16.80
C GLY E 145 -2.80 9.83 17.50
N ASN E 146 -4.12 9.67 17.44
CA ASN E 146 -5.09 10.59 18.04
C ASN E 146 -4.94 11.99 17.43
N ASN E 147 -4.87 12.04 16.10
CA ASN E 147 -4.55 13.25 15.35
C ASN E 147 -5.70 13.74 14.46
N PHE E 148 -6.94 13.35 14.76
CA PHE E 148 -8.09 13.85 14.01
C PHE E 148 -8.38 15.31 14.34
N GLY E 149 -8.33 15.66 15.62
CA GLY E 149 -8.43 17.05 16.07
C GLY E 149 -7.33 17.93 15.52
N VAL E 150 -6.13 17.36 15.37
CA VAL E 150 -4.99 18.05 14.75
C VAL E 150 -5.25 18.27 13.25
N ALA E 151 -5.83 17.27 12.59
CA ALA E 151 -6.24 17.39 11.17
C ALA E 151 -7.35 18.42 10.95
N VAL E 152 -8.25 18.57 11.92
CA VAL E 152 -9.30 19.60 11.88
C VAL E 152 -8.67 21.00 11.95
N GLN E 153 -7.71 21.18 12.86
CA GLN E 153 -6.98 22.45 12.99
C GLN E 153 -6.22 22.80 11.70
N GLU E 154 -5.54 21.82 11.12
CA GLU E 154 -4.83 21.99 9.84
C GLU E 154 -5.77 22.35 8.68
N LYS E 155 -6.96 21.75 8.67
CA LYS E 155 -7.98 22.04 7.64
C LYS E 155 -8.52 23.47 7.74
N VAL E 156 -8.76 23.93 8.97
CA VAL E 156 -9.22 25.31 9.21
C VAL E 156 -8.06 26.31 9.01
N PHE E 157 -6.84 25.91 9.36
CA PHE E 157 -5.64 26.71 9.12
C PHE E 157 -5.35 26.91 7.61
N GLU E 158 -5.68 25.90 6.80
CA GLU E 158 -5.56 26.00 5.33
C GLU E 158 -6.38 27.16 4.77
N LEU E 159 -7.60 27.33 5.29
CA LEU E 159 -8.48 28.44 4.89
C LEU E 159 -7.91 29.79 5.32
N MET E 160 -7.37 29.86 6.53
CA MET E 160 -6.79 31.10 7.07
C MET E 160 -5.54 31.54 6.30
N THR E 161 -4.75 30.58 5.83
CA THR E 161 -3.59 30.85 4.98
C THR E 161 -4.00 31.37 3.60
N ASN E 162 -5.02 30.75 3.01
CA ASN E 162 -5.54 31.16 1.70
C ASN E 162 -6.20 32.54 1.72
N LEU E 163 -6.89 32.87 2.81
CA LEU E 163 -7.45 34.21 3.01
C LEU E 163 -6.34 35.26 3.17
N HIS E 164 -5.31 34.92 3.94
CA HIS E 164 -4.16 35.82 4.16
C HIS E 164 -3.44 36.18 2.86
N THR E 165 -3.29 35.19 1.98
CA THR E 165 -2.70 35.40 0.65
C THR E 165 -3.57 36.32 -0.23
N LYS E 166 -4.89 36.13 -0.15
CA LYS E 166 -5.86 36.94 -0.90
C LYS E 166 -5.88 38.40 -0.42
N LEU E 167 -5.98 38.59 0.90
CA LEU E 167 -6.11 39.92 1.49
C LEU E 167 -4.81 40.76 1.43
N GLU E 168 -3.66 40.10 1.45
CA GLU E 168 -2.38 40.78 1.16
C GLU E 168 -2.30 41.29 -0.28
N GLY E 169 -2.92 40.55 -1.20
CA GLY E 169 -3.05 40.98 -2.60
C GLY E 169 -3.84 42.26 -2.78
N PHE E 170 -4.89 42.44 -1.96
CA PHE E 170 -5.68 43.68 -1.95
C PHE E 170 -4.86 44.88 -1.46
N HIS E 171 -3.98 44.63 -0.49
CA HIS E 171 -3.13 45.66 0.10
C HIS E 171 -2.17 46.27 -0.94
N THR E 172 -1.52 45.41 -1.71
CA THR E 172 -0.53 45.84 -2.70
C THR E 172 -1.12 46.44 -3.99
N GLN E 173 -2.35 46.06 -4.32
CA GLN E 173 -2.97 46.50 -5.59
C GLN E 173 -3.37 47.99 -5.60
N ILE E 174 -3.57 48.58 -4.42
CA ILE E 174 -3.89 50.01 -4.31
C ILE E 174 -2.67 50.87 -4.63
N SER E 175 -1.50 50.43 -4.16
CA SER E 175 -0.23 51.06 -4.54
C SER E 175 0.08 50.87 -6.03
N LYS E 176 -0.26 49.70 -6.56
CA LYS E 176 -0.12 49.40 -7.99
C LYS E 176 -1.01 50.29 -8.87
N TYR E 177 -2.22 50.61 -8.39
CA TYR E 177 -3.16 51.47 -9.13
C TYR E 177 -2.60 52.88 -9.37
N PHE E 178 -2.13 53.52 -8.30
CA PHE E 178 -1.53 54.86 -8.39
C PHE E 178 -0.23 54.86 -9.20
N SER E 179 0.52 53.75 -9.15
CA SER E 179 1.73 53.57 -9.94
C SER E 179 1.42 53.46 -11.44
N GLU E 180 0.47 52.58 -11.78
CA GLU E 180 0.08 52.35 -13.18
C GLU E 180 -0.63 53.55 -13.81
N ARG E 181 -1.51 54.21 -13.05
CA ARG E 181 -2.21 55.41 -13.53
C ARG E 181 -1.24 56.57 -13.75
N GLY E 182 -0.28 56.74 -12.83
CA GLY E 182 0.77 57.74 -12.96
C GLY E 182 1.62 57.55 -14.21
N ASP E 183 1.98 56.30 -14.49
CA ASP E 183 2.75 55.96 -15.70
C ASP E 183 1.94 56.14 -16.98
N ALA E 184 0.63 55.88 -16.92
CA ALA E 184 -0.27 56.09 -18.06
C ALA E 184 -0.48 57.58 -18.34
N VAL E 185 -0.69 58.36 -17.28
CA VAL E 185 -0.83 59.83 -17.40
C VAL E 185 0.48 60.47 -17.86
N ALA E 186 1.61 59.99 -17.34
CA ALA E 186 2.93 60.48 -17.75
C ALA E 186 3.22 60.23 -19.23
N LYS E 187 2.86 59.04 -19.71
CA LYS E 187 2.97 58.69 -21.12
C LYS E 187 2.00 59.47 -22.01
N ALA E 188 0.78 59.71 -21.51
CA ALA E 188 -0.22 60.51 -22.24
C ALA E 188 0.19 61.97 -22.42
N ALA E 189 0.78 62.55 -21.38
CA ALA E 189 1.30 63.93 -21.43
C ALA E 189 2.58 64.03 -22.29
N LYS E 190 3.48 63.05 -22.10
CA LYS E 190 4.71 62.95 -22.89
C LYS E 190 4.45 62.64 -24.36
N GLN E 191 3.39 61.86 -24.63
CA GLN E 191 3.00 61.46 -26.00
C GLN E 191 1.52 61.83 -26.24
N PRO E 192 1.22 63.14 -26.42
CA PRO E 192 -0.17 63.56 -26.65
C PRO E 192 -0.83 62.99 -27.91
N HIS E 193 -0.02 62.75 -28.95
CA HIS E 193 -0.51 62.18 -30.21
C HIS E 193 -1.04 60.74 -30.11
N VAL E 194 -0.57 59.98 -29.11
CA VAL E 194 -1.03 58.61 -28.88
C VAL E 194 -2.34 58.64 -28.09
N GLY E 195 -3.45 58.33 -28.77
CA GLY E 195 -4.77 58.33 -28.15
C GLY E 195 -5.05 57.19 -27.18
N ASP E 196 -4.29 56.10 -27.29
CA ASP E 196 -4.49 54.91 -26.44
C ASP E 196 -4.07 55.12 -24.98
N TYR E 197 -3.07 55.97 -24.74
CA TYR E 197 -2.64 56.31 -23.38
C TYR E 197 -3.71 57.09 -22.60
N ARG E 198 -4.50 57.90 -23.32
CA ARG E 198 -5.65 58.59 -22.71
C ARG E 198 -6.72 57.58 -22.31
N GLN E 199 -7.01 56.65 -23.22
CA GLN E 199 -7.96 55.57 -22.98
C GLN E 199 -7.51 54.67 -21.83
N LEU E 200 -6.22 54.32 -21.82
CA LEU E 200 -5.61 53.51 -20.75
C LEU E 200 -5.89 54.03 -19.34
N VAL E 201 -5.83 55.36 -19.17
CA VAL E 201 -6.10 56.00 -17.87
C VAL E 201 -7.57 55.80 -17.46
N HIS E 202 -8.48 55.93 -18.42
CA HIS E 202 -9.91 55.74 -18.15
C HIS E 202 -10.26 54.26 -17.89
N GLU E 203 -9.54 53.35 -18.55
CA GLU E 203 -9.73 51.90 -18.35
C GLU E 203 -9.24 51.42 -16.98
N LEU E 204 -8.09 51.95 -16.55
CA LEU E 204 -7.57 51.68 -15.20
C LEU E 204 -8.54 52.17 -14.10
N ASP E 205 -9.22 53.28 -14.35
CA ASP E 205 -10.22 53.82 -13.42
C ASP E 205 -11.47 52.93 -13.34
N GLU E 206 -11.98 52.52 -14.51
CA GLU E 206 -13.11 51.57 -14.56
C GLU E 206 -12.78 50.24 -13.90
N ALA E 207 -11.60 49.71 -14.20
CA ALA E 207 -11.13 48.44 -13.62
C ALA E 207 -10.93 48.52 -12.11
N GLU E 208 -10.41 49.66 -11.63
CA GLU E 208 -10.19 49.88 -10.19
C GLU E 208 -11.51 49.98 -9.41
N TYR E 209 -12.49 50.67 -9.98
CA TYR E 209 -13.85 50.73 -9.40
C TYR E 209 -14.48 49.34 -9.30
N GLN E 210 -14.40 48.58 -10.39
CA GLN E 210 -14.93 47.22 -10.44
C GLN E 210 -14.20 46.29 -9.46
N GLU E 211 -12.89 46.48 -9.31
CA GLU E 211 -12.09 45.71 -8.36
C GLU E 211 -12.42 46.07 -6.91
N ILE E 212 -12.48 47.37 -6.61
CA ILE E 212 -12.88 47.86 -5.27
C ILE E 212 -14.24 47.30 -4.83
N ARG E 213 -15.19 47.25 -5.77
CA ARG E 213 -16.51 46.67 -5.52
C ARG E 213 -16.43 45.20 -5.11
N LEU E 214 -15.60 44.42 -5.80
CA LEU E 214 -15.37 43.01 -5.47
C LEU E 214 -14.54 42.81 -4.21
N MET E 215 -13.56 43.69 -3.98
CA MET E 215 -12.73 43.62 -2.76
C MET E 215 -13.54 43.83 -1.47
N VAL E 216 -14.58 44.65 -1.54
CA VAL E 216 -15.51 44.82 -0.42
C VAL E 216 -16.35 43.55 -0.20
N MET E 217 -16.80 42.94 -1.29
CA MET E 217 -17.53 41.65 -1.22
C MET E 217 -16.65 40.54 -0.66
N GLU E 218 -15.41 40.44 -1.17
CA GLU E 218 -14.44 39.44 -0.71
C GLU E 218 -14.08 39.59 0.78
N ILE E 219 -14.03 40.83 1.26
CA ILE E 219 -13.78 41.14 2.68
C ILE E 219 -14.94 40.70 3.56
N ARG E 220 -16.17 40.98 3.12
CA ARG E 220 -17.38 40.53 3.82
C ARG E 220 -17.47 38.99 3.89
N ASN E 221 -17.19 38.35 2.76
CA ASN E 221 -17.21 36.88 2.66
C ASN E 221 -16.14 36.24 3.56
N ALA E 222 -15.01 36.91 3.73
CA ALA E 222 -13.94 36.44 4.63
C ALA E 222 -14.41 36.40 6.08
N TYR E 223 -15.09 37.46 6.52
CA TYR E 223 -15.70 37.49 7.86
C TYR E 223 -16.77 36.40 8.05
N ALA E 224 -17.59 36.20 7.02
CA ALA E 224 -18.67 35.22 7.07
C ALA E 224 -18.17 33.78 7.11
N VAL E 225 -17.20 33.46 6.25
CA VAL E 225 -16.65 32.11 6.14
C VAL E 225 -15.77 31.77 7.36
N LEU E 226 -15.02 32.74 7.88
CA LEU E 226 -14.28 32.57 9.13
C LEU E 226 -15.22 32.28 10.30
N TYR E 227 -16.23 33.14 10.44
CA TYR E 227 -17.29 32.96 11.45
C TYR E 227 -17.95 31.58 11.36
N ASP E 228 -18.24 31.15 10.13
CA ASP E 228 -18.93 29.87 9.89
C ASP E 228 -18.08 28.66 10.26
N ILE E 229 -16.85 28.61 9.72
CA ILE E 229 -15.98 27.43 9.89
C ILE E 229 -15.44 27.25 11.32
N ILE E 230 -15.19 28.35 12.02
CA ILE E 230 -14.69 28.31 13.40
C ILE E 230 -15.77 27.84 14.36
N LEU E 231 -16.98 28.40 14.25
CA LEU E 231 -18.13 27.99 15.07
C LEU E 231 -18.50 26.52 14.90
N LYS E 232 -18.51 26.06 13.65
CA LYS E 232 -18.81 24.66 13.34
C LYS E 232 -17.83 23.69 14.00
N ASN E 233 -16.54 24.00 13.90
CA ASN E 233 -15.46 23.12 14.39
C ASN E 233 -14.83 23.56 15.72
N PHE E 234 -15.53 24.38 16.50
CA PHE E 234 -14.94 25.06 17.67
C PHE E 234 -14.41 24.11 18.76
N GLU E 235 -15.09 22.99 18.98
CA GLU E 235 -14.68 22.02 20.01
C GLU E 235 -13.34 21.34 19.68
N LYS E 236 -13.17 20.93 18.42
CA LYS E 236 -11.92 20.29 17.99
C LYS E 236 -10.76 21.30 17.83
N LEU E 237 -11.07 22.53 17.39
CA LEU E 237 -10.08 23.61 17.33
C LEU E 237 -9.53 23.95 18.71
N LYS E 238 -10.43 24.03 19.70
CA LYS E 238 -10.08 24.34 21.08
C LYS E 238 -9.44 23.15 21.78
N LYS E 239 -10.13 22.01 21.75
CA LYS E 239 -9.70 20.77 22.39
C LYS E 239 -9.64 19.63 21.36
N PRO E 240 -8.49 19.47 20.67
CA PRO E 240 -8.37 18.42 19.65
C PRO E 240 -8.30 16.98 20.21
N ARG E 241 -7.88 16.83 21.46
CA ARG E 241 -7.84 15.52 22.13
C ARG E 241 -8.65 15.56 23.43
N GLY E 242 -9.85 16.12 23.36
CA GLY E 242 -10.75 16.21 24.52
C GLY E 242 -10.27 17.20 25.57
N LYS F 3 -7.96 28.20 31.59
CA LYS F 3 -9.38 28.71 31.60
C LYS F 3 -10.15 28.18 30.38
N PRO F 4 -11.47 27.92 30.53
CA PRO F 4 -12.24 27.48 29.36
C PRO F 4 -12.54 28.60 28.36
N CYS F 5 -12.47 28.29 27.07
CA CYS F 5 -12.87 29.19 26.00
C CYS F 5 -14.26 28.76 25.54
N GLY F 6 -15.27 29.60 25.77
CA GLY F 6 -16.67 29.26 25.46
C GLY F 6 -17.48 30.44 24.96
N VAL F 7 -17.91 30.37 23.70
CA VAL F 7 -18.69 31.42 23.04
C VAL F 7 -20.18 31.06 23.05
N ARG F 8 -21.01 31.92 23.64
CA ARG F 8 -22.47 31.81 23.52
C ARG F 8 -22.99 33.07 22.84
N LEU F 9 -23.66 32.89 21.70
CA LEU F 9 -24.02 33.98 20.81
C LEU F 9 -25.30 34.67 21.24
N SER F 10 -25.29 36.00 21.28
CA SER F 10 -26.48 36.79 21.56
C SER F 10 -27.43 36.75 20.36
N GLY F 11 -28.73 36.86 20.63
CA GLY F 11 -29.76 36.86 19.58
C GLY F 11 -29.58 37.93 18.51
N GLU F 12 -29.07 39.09 18.91
CA GLU F 12 -28.67 40.16 17.98
C GLU F 12 -27.66 39.66 16.94
N ALA F 13 -26.55 39.12 17.43
CA ALA F 13 -25.44 38.66 16.58
C ALA F 13 -25.82 37.52 15.63
N ARG F 14 -26.66 36.59 16.10
CA ARG F 14 -27.11 35.46 15.28
C ARG F 14 -28.07 35.88 14.17
N LYS F 15 -28.94 36.86 14.46
CA LYS F 15 -29.83 37.44 13.44
C LYS F 15 -29.07 38.19 12.34
N GLN F 16 -28.03 38.94 12.73
CA GLN F 16 -27.19 39.67 11.76
C GLN F 16 -26.58 38.76 10.69
N VAL F 17 -26.12 37.58 11.11
CA VAL F 17 -25.55 36.59 10.19
C VAL F 17 -26.64 35.87 9.38
N ASP F 18 -27.80 35.63 10.01
CA ASP F 18 -28.96 35.05 9.32
C ASP F 18 -29.51 35.92 8.19
N VAL F 19 -29.41 37.24 8.33
CA VAL F 19 -29.76 38.19 7.25
C VAL F 19 -28.82 37.96 6.05
N PHE F 20 -27.53 37.79 6.31
CA PHE F 20 -26.54 37.51 5.26
C PHE F 20 -26.72 36.14 4.62
N ARG F 21 -26.83 35.10 5.44
CA ARG F 21 -26.87 33.71 4.96
C ARG F 21 -28.14 33.40 4.15
N GLN F 22 -29.27 33.99 4.55
CA GLN F 22 -30.53 33.84 3.79
C GLN F 22 -30.46 34.55 2.43
N ASN F 23 -29.82 35.71 2.37
CA ASN F 23 -29.57 36.42 1.10
C ASN F 23 -28.57 35.66 0.21
N LEU F 24 -27.55 35.07 0.82
CA LEU F 24 -26.55 34.27 0.09
C LEU F 24 -27.17 33.03 -0.56
N PHE F 25 -27.94 32.28 0.23
CA PHE F 25 -28.60 31.06 -0.26
C PHE F 25 -29.71 31.34 -1.28
N GLN F 26 -30.41 32.47 -1.10
CA GLN F 26 -31.42 32.92 -2.06
C GLN F 26 -30.80 33.38 -3.39
N GLU F 27 -29.68 34.11 -3.30
CA GLU F 27 -28.95 34.59 -4.49
C GLU F 27 -28.30 33.42 -5.25
N ALA F 28 -27.83 32.41 -4.51
CA ALA F 28 -27.28 31.19 -5.12
C ALA F 28 -28.34 30.34 -5.83
N ASP F 29 -29.56 30.33 -5.28
CA ASP F 29 -30.70 29.65 -5.90
C ASP F 29 -31.11 30.36 -7.21
N ASP F 30 -31.26 31.68 -7.13
CA ASP F 30 -31.63 32.50 -8.28
C ASP F 30 -30.54 32.56 -9.36
N PHE F 31 -29.28 32.33 -8.98
CA PHE F 31 -28.18 32.20 -9.93
C PHE F 31 -28.36 30.96 -10.81
N LEU F 32 -28.56 29.81 -10.16
CA LEU F 32 -28.74 28.52 -10.86
C LEU F 32 -30.08 28.42 -11.60
N CYS F 33 -31.13 28.98 -10.99
CA CYS F 33 -32.50 28.84 -11.50
C CYS F 33 -32.76 29.67 -12.76
N THR F 34 -32.49 30.99 -12.68
CA THR F 34 -32.88 31.94 -13.74
C THR F 34 -31.71 32.67 -14.40
N PHE F 35 -30.79 33.23 -13.60
CA PHE F 35 -29.68 34.06 -14.09
C PHE F 35 -28.77 33.32 -15.10
N LEU F 36 -28.39 32.10 -14.76
CA LEU F 36 -27.41 31.34 -15.55
C LEU F 36 -27.95 30.88 -16.92
N PRO F 37 -29.19 30.33 -16.96
CA PRO F 37 -29.82 30.08 -18.27
C PRO F 37 -29.98 31.33 -19.14
N ARG F 38 -30.31 32.46 -18.53
CA ARG F 38 -30.41 33.74 -19.25
C ARG F 38 -29.07 34.21 -19.85
N LYS F 39 -27.96 33.95 -19.15
CA LYS F 39 -26.63 34.28 -19.66
C LYS F 39 -26.22 33.41 -20.86
N ILE F 40 -26.61 32.13 -20.85
CA ILE F 40 -26.32 31.23 -21.98
C ILE F 40 -27.07 31.66 -23.25
N ILE F 41 -28.31 32.17 -23.08
CA ILE F 41 -29.10 32.68 -24.21
C ILE F 41 -28.53 34.01 -24.73
N SER F 42 -28.22 34.94 -23.83
CA SER F 42 -27.72 36.27 -24.21
C SER F 42 -26.31 36.25 -24.80
N LEU F 43 -25.44 35.40 -24.26
CA LEU F 43 -24.08 35.21 -24.82
C LEU F 43 -24.12 34.49 -26.17
N SER F 44 -25.05 33.54 -26.33
CA SER F 44 -25.31 32.91 -27.64
C SER F 44 -25.82 33.93 -28.65
N GLN F 45 -26.71 34.81 -28.21
CA GLN F 45 -27.23 35.90 -29.04
C GLN F 45 -26.15 36.93 -29.37
N LEU F 46 -25.23 37.16 -28.43
CA LEU F 46 -24.08 38.04 -28.64
C LEU F 46 -23.10 37.48 -29.67
N LEU F 47 -22.93 36.16 -29.69
CA LEU F 47 -22.06 35.48 -30.69
C LEU F 47 -22.61 35.50 -32.12
N GLN F 48 -23.92 35.68 -32.27
CA GLN F 48 -24.56 35.84 -33.60
C GLN F 48 -24.50 37.29 -34.14
N GLU F 49 -23.95 38.22 -33.36
CA GLU F 49 -23.78 39.61 -33.82
C GLU F 49 -22.71 39.68 -34.91
N ASP F 50 -22.84 40.67 -35.79
CA ASP F 50 -21.91 40.86 -36.91
C ASP F 50 -20.53 41.37 -36.45
N SER F 51 -20.48 42.07 -35.32
CA SER F 51 -19.21 42.52 -34.73
C SER F 51 -18.34 41.36 -34.19
N LEU F 52 -18.97 40.24 -33.83
CA LEU F 52 -18.25 39.04 -33.34
C LEU F 52 -18.12 37.92 -34.39
N ASN F 53 -18.64 38.13 -35.60
CA ASN F 53 -18.50 37.20 -36.71
C ASN F 53 -17.85 37.91 -37.90
N VAL F 54 -16.68 38.48 -37.64
CA VAL F 54 -15.89 39.16 -38.67
C VAL F 54 -15.17 38.09 -39.49
N ALA F 55 -15.42 38.11 -40.81
CA ALA F 55 -14.92 37.07 -41.72
C ALA F 55 -13.41 37.15 -41.91
N ASP F 56 -12.93 38.35 -42.24
CA ASP F 56 -11.50 38.63 -42.41
C ASP F 56 -11.06 39.61 -41.33
N LEU F 57 -10.06 39.21 -40.53
CA LEU F 57 -9.58 40.03 -39.41
C LEU F 57 -8.83 41.31 -39.85
N SER F 58 -8.41 41.37 -41.11
CA SER F 58 -7.83 42.58 -41.68
C SER F 58 -8.81 43.75 -41.88
N SER F 59 -10.12 43.44 -41.88
CA SER F 59 -11.16 44.49 -41.89
C SER F 59 -11.20 45.32 -40.60
N LEU F 60 -10.67 44.75 -39.50
CA LEU F 60 -10.54 45.46 -38.22
C LEU F 60 -9.43 46.52 -38.22
N ARG F 61 -8.50 46.43 -39.18
CA ARG F 61 -7.38 47.36 -39.31
C ARG F 61 -7.81 48.84 -39.31
N ALA F 62 -7.38 49.58 -38.29
CA ALA F 62 -7.64 51.02 -38.19
C ALA F 62 -6.54 51.79 -38.95
N PRO F 63 -6.87 53.01 -39.43
CA PRO F 63 -5.86 53.80 -40.16
C PRO F 63 -4.86 54.43 -39.21
N LEU F 64 -3.57 54.19 -39.45
CA LEU F 64 -2.51 54.62 -38.54
C LEU F 64 -2.13 56.09 -38.75
N ASP F 65 -2.11 56.54 -40.01
CA ASP F 65 -1.89 57.96 -40.39
C ASP F 65 -0.59 58.58 -39.84
N ILE F 66 0.49 57.80 -39.89
CA ILE F 66 1.84 58.28 -39.58
C ILE F 66 2.55 58.49 -40.92
N PRO F 67 3.21 59.65 -41.11
CA PRO F 67 3.82 59.95 -42.42
C PRO F 67 5.02 59.05 -42.72
N ILE F 68 5.04 58.49 -43.94
CA ILE F 68 6.10 57.58 -44.36
C ILE F 68 7.26 58.43 -44.88
N PRO F 69 8.49 58.18 -44.37
CA PRO F 69 9.66 58.89 -44.93
C PRO F 69 10.02 58.45 -46.36
N ASP F 70 11.02 59.12 -46.93
CA ASP F 70 11.47 58.85 -48.30
C ASP F 70 13.00 58.66 -48.36
N PRO F 71 13.49 57.88 -49.35
CA PRO F 71 14.92 57.55 -49.41
C PRO F 71 15.79 58.74 -49.86
N PRO F 72 16.87 59.05 -49.13
CA PRO F 72 17.74 60.17 -49.49
C PRO F 72 18.67 59.83 -50.65
N PRO F 89 7.97 65.69 -41.72
CA PRO F 89 6.83 66.29 -41.02
C PRO F 89 6.45 65.51 -39.76
N LYS F 90 6.28 66.22 -38.64
CA LYS F 90 5.90 65.59 -37.36
C LYS F 90 4.45 65.09 -37.35
N CYS F 91 4.22 64.03 -36.57
CA CYS F 91 2.97 63.26 -36.63
C CYS F 91 1.79 63.93 -35.91
N GLY F 92 0.59 63.66 -36.41
CA GLY F 92 -0.65 64.15 -35.81
C GLY F 92 -1.28 63.17 -34.85
N TYR F 93 -2.52 63.45 -34.45
CA TYR F 93 -3.23 62.63 -33.45
C TYR F 93 -3.60 61.25 -33.98
N LEU F 94 -3.34 60.22 -33.16
CA LEU F 94 -3.56 58.82 -33.52
C LEU F 94 -4.59 58.20 -32.57
N PRO F 95 -5.87 58.10 -33.02
CA PRO F 95 -6.88 57.50 -32.16
C PRO F 95 -6.80 55.97 -32.10
N GLY F 96 -7.45 55.39 -31.10
CA GLY F 96 -7.50 53.94 -30.92
C GLY F 96 -8.41 53.26 -31.92
N ASN F 97 -8.40 51.93 -31.93
CA ASN F 97 -9.24 51.13 -32.81
C ASN F 97 -10.70 51.18 -32.32
N GLU F 98 -11.57 51.81 -33.10
CA GLU F 98 -13.00 51.96 -32.74
C GLU F 98 -13.75 50.63 -32.65
N LYS F 99 -13.46 49.72 -33.58
CA LYS F 99 -14.17 48.43 -33.65
C LYS F 99 -13.88 47.54 -32.44
N LEU F 100 -12.63 47.53 -31.99
CA LEU F 100 -12.25 46.81 -30.76
C LEU F 100 -12.78 47.49 -29.50
N LEU F 101 -12.77 48.82 -29.48
CA LEU F 101 -13.34 49.59 -28.35
C LEU F 101 -14.85 49.35 -28.18
N ALA F 102 -15.57 49.19 -29.29
CA ALA F 102 -16.99 48.83 -29.27
C ALA F 102 -17.19 47.41 -28.74
N LEU F 103 -16.34 46.48 -29.20
CA LEU F 103 -16.40 45.08 -28.75
C LEU F 103 -15.97 44.91 -27.30
N LEU F 104 -14.95 45.65 -26.88
CA LEU F 104 -14.50 45.66 -25.47
C LEU F 104 -15.58 46.12 -24.50
N ALA F 105 -16.40 47.08 -24.93
CA ALA F 105 -17.54 47.56 -24.14
C ALA F 105 -18.62 46.49 -23.92
N LEU F 106 -18.75 45.55 -24.86
CA LEU F 106 -19.68 44.42 -24.73
C LEU F 106 -19.11 43.25 -23.91
N VAL F 107 -17.80 43.01 -24.03
CA VAL F 107 -17.15 41.86 -23.37
C VAL F 107 -16.81 42.15 -21.89
N LYS F 108 -16.27 43.33 -21.60
CA LYS F 108 -15.86 43.70 -20.23
C LYS F 108 -16.92 43.44 -19.15
N PRO F 109 -18.17 43.91 -19.33
CA PRO F 109 -19.23 43.65 -18.34
C PRO F 109 -19.53 42.17 -18.11
N GLU F 110 -19.44 41.36 -19.16
CA GLU F 110 -19.65 39.91 -19.06
C GLU F 110 -18.54 39.22 -18.26
N VAL F 111 -17.31 39.74 -18.36
CA VAL F 111 -16.16 39.21 -17.60
C VAL F 111 -16.27 39.56 -16.11
N TRP F 112 -16.65 40.80 -15.81
CA TRP F 112 -16.81 41.26 -14.42
C TRP F 112 -17.98 40.58 -13.67
N THR F 113 -19.06 40.28 -14.40
CA THR F 113 -20.23 39.63 -13.79
C THR F 113 -19.96 38.17 -13.40
N LEU F 114 -19.29 37.41 -14.27
CA LEU F 114 -18.97 36.01 -13.98
C LEU F 114 -17.98 35.86 -12.82
N LYS F 115 -17.03 36.79 -12.69
CA LYS F 115 -16.13 36.83 -11.53
C LYS F 115 -16.88 37.08 -10.22
N GLU F 116 -17.92 37.92 -10.28
CA GLU F 116 -18.79 38.16 -9.13
C GLU F 116 -19.60 36.91 -8.75
N LYS F 117 -20.14 36.22 -9.77
CA LYS F 117 -20.94 35.01 -9.54
C LYS F 117 -20.09 33.79 -9.15
N CYS F 118 -18.81 33.76 -9.56
CA CYS F 118 -17.86 32.75 -9.07
C CYS F 118 -17.62 32.93 -7.57
N ILE F 119 -17.45 34.17 -7.14
CA ILE F 119 -17.30 34.51 -5.71
C ILE F 119 -18.55 34.13 -4.90
N LEU F 120 -19.73 34.33 -5.49
CA LEU F 120 -21.00 33.93 -4.87
C LEU F 120 -21.08 32.42 -4.65
N VAL F 121 -20.78 31.65 -5.71
CA VAL F 121 -20.87 30.19 -5.67
C VAL F 121 -19.83 29.58 -4.72
N ILE F 122 -18.63 30.17 -4.67
CA ILE F 122 -17.58 29.74 -3.72
C ILE F 122 -18.06 29.95 -2.28
N THR F 123 -18.48 31.18 -1.97
CA THR F 123 -18.98 31.52 -0.63
C THR F 123 -20.23 30.72 -0.24
N TRP F 124 -21.07 30.43 -1.22
CA TRP F 124 -22.26 29.59 -1.02
C TRP F 124 -21.88 28.16 -0.63
N ILE F 125 -20.99 27.54 -1.40
CA ILE F 125 -20.54 26.16 -1.14
C ILE F 125 -19.73 26.07 0.16
N GLN F 126 -18.93 27.10 0.45
CA GLN F 126 -18.19 27.20 1.73
C GLN F 126 -19.08 27.04 2.96
N HIS F 127 -20.25 27.69 2.94
CA HIS F 127 -21.23 27.60 4.03
C HIS F 127 -21.93 26.22 4.11
N LEU F 128 -22.03 25.53 2.99
CA LEU F 128 -22.57 24.16 2.96
C LEU F 128 -21.59 23.08 3.47
N ILE F 129 -20.31 23.42 3.62
CA ILE F 129 -19.32 22.49 4.19
C ILE F 129 -19.61 22.34 5.70
N PRO F 130 -19.99 21.12 6.15
CA PRO F 130 -20.42 20.93 7.54
C PRO F 130 -19.25 20.86 8.53
N LYS F 131 -19.58 20.58 9.79
CA LYS F 131 -18.59 20.27 10.83
C LYS F 131 -17.73 19.08 10.38
N ILE F 132 -16.42 19.19 10.60
CA ILE F 132 -15.48 18.15 10.20
C ILE F 132 -15.58 16.98 11.18
N GLU F 133 -16.22 15.90 10.73
CA GLU F 133 -16.40 14.68 11.52
C GLU F 133 -15.74 13.50 10.81
N ASP F 134 -15.28 12.52 11.58
CA ASP F 134 -14.59 11.35 11.02
C ASP F 134 -15.61 10.34 10.51
N GLY F 135 -15.56 10.06 9.19
CA GLY F 135 -16.52 9.17 8.53
C GLY F 135 -17.60 9.94 7.81
N ASN F 136 -18.17 9.33 6.77
CA ASN F 136 -19.20 9.92 5.90
C ASN F 136 -18.65 11.18 5.22
N ASP F 137 -17.43 11.07 4.72
CA ASP F 137 -16.65 12.21 4.20
C ASP F 137 -16.63 12.31 2.67
N PHE F 138 -17.32 11.40 1.98
CA PHE F 138 -17.33 11.43 0.51
C PHE F 138 -18.14 12.61 -0.04
N GLY F 139 -19.22 12.96 0.64
CA GLY F 139 -19.97 14.18 0.34
C GLY F 139 -19.14 15.45 0.51
N VAL F 140 -18.30 15.46 1.54
CA VAL F 140 -17.36 16.57 1.79
C VAL F 140 -16.27 16.60 0.71
N ALA F 141 -15.82 15.42 0.27
CA ALA F 141 -14.85 15.31 -0.84
C ALA F 141 -15.40 15.82 -2.17
N ILE F 142 -16.69 15.57 -2.42
CA ILE F 142 -17.39 16.07 -3.61
C ILE F 142 -17.51 17.61 -3.56
N GLN F 143 -17.86 18.15 -2.39
CA GLN F 143 -17.91 19.60 -2.19
C GLN F 143 -16.57 20.27 -2.50
N GLU F 144 -15.48 19.68 -2.01
CA GLU F 144 -14.11 20.18 -2.28
C GLU F 144 -13.76 20.15 -3.78
N LYS F 145 -14.15 19.07 -4.46
CA LYS F 145 -13.87 18.89 -5.89
C LYS F 145 -14.65 19.87 -6.78
N VAL F 146 -15.88 20.19 -6.38
CA VAL F 146 -16.68 21.21 -7.07
C VAL F 146 -16.10 22.60 -6.79
N LEU F 147 -15.73 22.85 -5.54
CA LEU F 147 -15.08 24.11 -5.12
C LEU F 147 -13.75 24.35 -5.86
N GLU F 148 -13.04 23.26 -6.16
CA GLU F 148 -11.81 23.31 -6.97
C GLU F 148 -12.09 23.79 -8.40
N ARG F 149 -13.10 23.20 -9.03
CA ARG F 149 -13.46 23.53 -10.42
C ARG F 149 -14.01 24.96 -10.56
N VAL F 150 -14.73 25.44 -9.53
CA VAL F 150 -15.25 26.81 -9.54
C VAL F 150 -14.11 27.83 -9.41
N ASN F 151 -13.15 27.54 -8.54
CA ASN F 151 -11.91 28.35 -8.43
C ASN F 151 -11.08 28.34 -9.73
N ALA F 152 -11.05 27.20 -10.42
CA ALA F 152 -10.37 27.07 -11.71
C ALA F 152 -11.02 27.95 -12.78
N VAL F 153 -12.35 28.03 -12.76
CA VAL F 153 -13.11 28.92 -13.64
C VAL F 153 -12.84 30.39 -13.29
N LYS F 154 -12.77 30.70 -12.00
CA LYS F 154 -12.46 32.06 -11.54
C LYS F 154 -11.05 32.51 -11.96
N THR F 155 -10.08 31.59 -11.92
CA THR F 155 -8.70 31.87 -12.32
C THR F 155 -8.58 32.21 -13.82
N LYS F 156 -9.31 31.47 -14.66
CA LYS F 156 -9.36 31.75 -16.09
C LYS F 156 -10.08 33.08 -16.41
N VAL F 157 -11.09 33.41 -15.60
CA VAL F 157 -11.79 34.70 -15.71
C VAL F 157 -10.88 35.87 -15.30
N GLU F 158 -10.04 35.66 -14.28
CA GLU F 158 -9.02 36.65 -13.88
C GLU F 158 -7.95 36.83 -14.96
N ALA F 159 -7.63 35.76 -15.69
CA ALA F 159 -6.72 35.83 -16.84
C ALA F 159 -7.27 36.67 -18.00
N PHE F 160 -8.58 36.66 -18.18
CA PHE F 160 -9.25 37.50 -19.19
C PHE F 160 -9.14 38.99 -18.85
N GLN F 161 -9.22 39.33 -17.57
CA GLN F 161 -9.06 40.72 -17.11
C GLN F 161 -7.64 41.26 -17.34
N THR F 162 -6.64 40.41 -17.12
CA THR F 162 -5.24 40.77 -17.39
C THR F 162 -4.96 40.93 -18.89
N THR F 163 -5.62 40.15 -19.73
CA THR F 163 -5.52 40.28 -21.19
C THR F 163 -6.12 41.60 -21.69
N ILE F 164 -7.28 41.98 -21.15
CA ILE F 164 -7.98 43.22 -21.53
C ILE F 164 -7.20 44.47 -21.11
N SER F 165 -6.67 44.47 -19.89
CA SER F 165 -5.85 45.59 -19.39
C SER F 165 -4.53 45.74 -20.13
N LYS F 166 -3.94 44.61 -20.51
CA LYS F 166 -2.65 44.58 -21.20
C LYS F 166 -2.73 45.05 -22.66
N TYR F 167 -3.92 44.93 -23.28
CA TYR F 167 -4.15 45.42 -24.65
C TYR F 167 -3.90 46.92 -24.80
N PHE F 168 -4.44 47.71 -23.86
CA PHE F 168 -4.35 49.17 -23.92
C PHE F 168 -2.91 49.70 -23.74
N SER F 169 -2.16 49.08 -22.84
CA SER F 169 -0.75 49.44 -22.62
C SER F 169 0.15 48.98 -23.76
N GLU F 170 -0.07 47.76 -24.26
CA GLU F 170 0.75 47.20 -25.35
C GLU F 170 0.55 47.91 -26.69
N ARG F 171 -0.69 48.25 -27.03
CA ARG F 171 -0.99 48.96 -28.28
C ARG F 171 -0.44 50.40 -28.24
N GLY F 172 -0.61 51.07 -27.09
CA GLY F 172 -0.05 52.40 -26.87
C GLY F 172 1.46 52.47 -27.03
N ASP F 173 2.15 51.45 -26.52
CA ASP F 173 3.61 51.33 -26.68
C ASP F 173 3.99 51.02 -28.14
N ALA F 174 3.19 50.18 -28.81
CA ALA F 174 3.40 49.86 -30.23
C ALA F 174 3.16 51.07 -31.13
N VAL F 175 2.12 51.85 -30.83
CA VAL F 175 1.82 53.11 -31.54
C VAL F 175 2.94 54.13 -31.32
N ALA F 176 3.41 54.23 -30.08
CA ALA F 176 4.49 55.17 -29.71
C ALA F 176 5.80 54.86 -30.44
N LYS F 177 6.14 53.57 -30.52
CA LYS F 177 7.33 53.12 -31.27
C LYS F 177 7.23 53.41 -32.77
N ALA F 178 6.04 53.20 -33.34
CA ALA F 178 5.79 53.45 -34.77
C ALA F 178 5.89 54.94 -35.13
N SER F 179 5.39 55.80 -34.25
CA SER F 179 5.48 57.25 -34.43
C SER F 179 6.89 57.79 -34.21
N LYS F 180 7.55 57.29 -33.16
CA LYS F 180 8.91 57.73 -32.80
C LYS F 180 9.98 57.21 -33.79
N ASP F 181 9.79 55.98 -34.29
CA ASP F 181 10.59 55.42 -35.38
C ASP F 181 9.71 55.17 -36.60
N THR F 182 9.58 56.19 -37.46
CA THR F 182 8.72 56.12 -38.65
C THR F 182 9.27 55.19 -39.75
N HIS F 183 10.59 55.17 -39.89
CA HIS F 183 11.28 54.29 -40.85
C HIS F 183 11.03 52.78 -40.64
N VAL F 184 10.78 52.37 -39.39
CA VAL F 184 10.53 50.96 -39.05
C VAL F 184 9.06 50.63 -39.34
N MET F 185 8.82 49.88 -40.41
CA MET F 185 7.45 49.50 -40.81
C MET F 185 6.90 48.29 -40.06
N ASP F 186 7.77 47.54 -39.37
CA ASP F 186 7.34 46.40 -38.55
C ASP F 186 6.54 46.81 -37.31
N TYR F 187 6.80 48.01 -36.78
CA TYR F 187 6.02 48.56 -35.68
C TYR F 187 4.59 48.93 -36.10
N ARG F 188 4.40 49.30 -37.37
CA ARG F 188 3.07 49.53 -37.92
C ARG F 188 2.29 48.22 -38.05
N ALA F 189 2.99 47.16 -38.47
CA ALA F 189 2.41 45.82 -38.52
C ALA F 189 2.11 45.26 -37.13
N LEU F 190 2.96 45.59 -36.15
CA LEU F 190 2.75 45.20 -34.75
C LEU F 190 1.47 45.78 -34.17
N VAL F 191 1.18 47.04 -34.47
CA VAL F 191 -0.05 47.72 -34.03
C VAL F 191 -1.29 47.01 -34.59
N HIS F 192 -1.22 46.63 -35.86
CA HIS F 192 -2.33 45.93 -36.53
C HIS F 192 -2.42 44.46 -36.10
N GLU F 193 -1.29 43.84 -35.78
CA GLU F 193 -1.26 42.47 -35.25
C GLU F 193 -1.79 42.41 -33.81
N ARG F 194 -1.55 43.46 -33.03
CA ARG F 194 -2.14 43.61 -31.69
C ARG F 194 -3.67 43.71 -31.73
N ASP F 195 -4.21 44.33 -32.77
CA ASP F 195 -5.66 44.44 -32.96
C ASP F 195 -6.31 43.09 -33.29
N GLU F 196 -5.73 42.37 -34.25
CA GLU F 196 -6.24 41.06 -34.65
C GLU F 196 -6.15 40.01 -33.54
N ALA F 197 -5.08 40.06 -32.76
CA ALA F 197 -4.90 39.17 -31.60
C ALA F 197 -5.87 39.51 -30.47
N ALA F 198 -6.17 40.80 -30.28
CA ALA F 198 -7.13 41.25 -29.28
C ALA F 198 -8.56 40.83 -29.61
N TYR F 199 -8.95 40.98 -30.87
CA TYR F 199 -10.27 40.52 -31.34
C TYR F 199 -10.43 39.01 -31.17
N GLY F 200 -9.43 38.26 -31.62
CA GLY F 200 -9.41 36.80 -31.48
C GLY F 200 -9.50 36.34 -30.04
N ALA F 201 -8.86 37.08 -29.14
CA ALA F 201 -8.95 36.83 -27.69
C ALA F 201 -10.36 37.15 -27.17
N LEU F 202 -10.89 38.31 -27.55
CA LEU F 202 -12.22 38.76 -27.10
C LEU F 202 -13.37 37.86 -27.57
N ARG F 203 -13.26 37.31 -28.77
CA ARG F 203 -14.23 36.32 -29.26
C ARG F 203 -14.11 35.00 -28.49
N ALA F 204 -12.88 34.57 -28.26
CA ALA F 204 -12.59 33.36 -27.48
C ALA F 204 -13.07 33.46 -26.03
N MET F 205 -13.05 34.68 -25.47
CA MET F 205 -13.59 34.94 -24.13
C MET F 205 -15.08 34.66 -24.05
N VAL F 206 -15.84 35.21 -25.00
CA VAL F 206 -17.31 35.07 -24.99
C VAL F 206 -17.74 33.60 -25.13
N LEU F 207 -17.01 32.84 -25.96
CA LEU F 207 -17.21 31.39 -26.05
C LEU F 207 -16.89 30.69 -24.73
N ASP F 208 -15.77 31.07 -24.13
CA ASP F 208 -15.36 30.52 -22.81
C ASP F 208 -16.32 30.90 -21.69
N LEU F 209 -16.83 32.14 -21.71
CA LEU F 209 -17.80 32.62 -20.72
C LEU F 209 -19.09 31.81 -20.77
N ARG F 210 -19.62 31.63 -21.98
CA ARG F 210 -20.79 30.76 -22.21
C ARG F 210 -20.51 29.32 -21.77
N ALA F 211 -19.32 28.82 -22.10
CA ALA F 211 -18.88 27.48 -21.71
C ALA F 211 -18.79 27.32 -20.19
N PHE F 212 -18.26 28.34 -19.51
CA PHE F 212 -18.13 28.30 -18.05
C PHE F 212 -19.48 28.32 -17.33
N TYR F 213 -20.44 29.11 -17.84
CA TYR F 213 -21.81 29.08 -17.30
C TYR F 213 -22.43 27.68 -17.46
N ALA F 214 -22.30 27.09 -18.65
CA ALA F 214 -22.79 25.74 -18.91
C ALA F 214 -22.09 24.68 -18.04
N GLU F 215 -20.77 24.81 -17.88
CA GLU F 215 -19.99 23.89 -17.05
C GLU F 215 -20.27 24.03 -15.55
N LEU F 216 -20.45 25.26 -15.09
CA LEU F 216 -20.80 25.53 -13.68
C LEU F 216 -22.15 24.93 -13.31
N TYR F 217 -23.14 25.06 -14.20
CA TYR F 217 -24.46 24.46 -13.98
C TYR F 217 -24.37 22.93 -14.02
N HIS F 218 -23.67 22.39 -15.02
CA HIS F 218 -23.58 20.94 -15.20
C HIS F 218 -22.96 20.22 -14.00
N ILE F 219 -21.85 20.77 -13.48
CA ILE F 219 -21.17 20.16 -12.31
C ILE F 219 -21.93 20.35 -11.00
N ILE F 220 -22.62 21.48 -10.84
CA ILE F 220 -23.43 21.75 -9.64
C ILE F 220 -24.74 20.95 -9.66
N SER F 221 -25.43 20.94 -10.79
CA SER F 221 -26.72 20.23 -10.93
C SER F 221 -26.57 18.71 -10.85
N SER F 222 -25.52 18.18 -11.47
CA SER F 222 -25.23 16.74 -11.42
C SER F 222 -24.90 16.27 -10.00
N ASN F 223 -24.15 17.08 -9.26
CA ASN F 223 -23.72 16.76 -7.89
C ASN F 223 -24.50 17.55 -6.82
N LEU F 224 -25.75 17.91 -7.11
CA LEU F 224 -26.52 18.84 -6.25
C LEU F 224 -26.88 18.26 -4.88
N GLU F 225 -27.27 16.99 -4.84
CA GLU F 225 -27.66 16.33 -3.59
C GLU F 225 -26.50 16.25 -2.59
N LYS F 226 -25.28 16.01 -3.09
CA LYS F 226 -24.08 15.90 -2.25
C LYS F 226 -23.50 17.28 -1.85
N ILE F 227 -23.64 18.28 -2.73
CA ILE F 227 -23.22 19.65 -2.40
C ILE F 227 -24.08 20.22 -1.27
N VAL F 228 -25.39 20.06 -1.39
CA VAL F 228 -26.35 20.63 -0.43
C VAL F 228 -26.42 19.78 0.84
N ASN F 229 -26.51 18.46 0.67
CA ASN F 229 -26.70 17.51 1.76
C ASN F 229 -25.59 16.44 1.71
N PRO F 230 -24.35 16.80 2.10
CA PRO F 230 -23.22 15.86 2.00
C PRO F 230 -23.29 14.65 2.94
N LYS F 231 -23.90 14.80 4.11
CA LYS F 231 -23.98 13.73 5.12
C LYS F 231 -25.20 12.81 4.94
N GLY F 232 -26.24 13.29 4.27
CA GLY F 232 -27.47 12.51 4.04
C GLY F 232 -28.57 12.74 5.06
N GLU F 233 -28.70 13.98 5.54
CA GLU F 233 -29.76 14.36 6.48
C GLU F 233 -31.10 14.51 5.75
N GLU F 234 -32.19 14.17 6.45
CA GLU F 234 -33.54 14.34 5.93
C GLU F 234 -34.02 15.77 6.14
N THR G 3 -36.44 23.18 -1.39
CA THR G 3 -36.46 24.50 -2.12
C THR G 3 -35.42 24.62 -3.25
N LEU G 4 -34.17 24.23 -2.98
CA LEU G 4 -33.12 24.20 -4.00
C LEU G 4 -33.15 22.84 -4.70
N ARG G 5 -33.24 22.86 -6.02
CA ARG G 5 -33.37 21.63 -6.81
C ARG G 5 -33.06 21.90 -8.29
N VAL G 6 -32.99 20.84 -9.08
CA VAL G 6 -32.85 20.97 -10.53
C VAL G 6 -34.21 21.37 -11.12
N HIS G 7 -34.23 22.48 -11.86
CA HIS G 7 -35.45 22.99 -12.48
C HIS G 7 -35.47 22.55 -13.95
N PRO G 8 -36.52 21.82 -14.38
CA PRO G 8 -36.68 21.42 -15.79
C PRO G 8 -36.61 22.55 -16.82
N GLU G 9 -37.03 23.76 -16.44
CA GLU G 9 -37.00 24.92 -17.34
C GLU G 9 -35.57 25.39 -17.61
N ALA G 10 -34.76 25.46 -16.56
CA ALA G 10 -33.33 25.76 -16.67
C ALA G 10 -32.55 24.61 -17.31
N GLN G 11 -32.90 23.38 -16.91
CA GLN G 11 -32.30 22.15 -17.47
C GLN G 11 -32.55 22.02 -18.97
N ALA G 12 -33.74 22.43 -19.43
CA ALA G 12 -34.08 22.40 -20.86
C ALA G 12 -33.26 23.39 -21.69
N LYS G 13 -33.07 24.59 -21.16
CA LYS G 13 -32.27 25.63 -21.82
C LYS G 13 -30.79 25.26 -21.93
N VAL G 14 -30.26 24.59 -20.90
CA VAL G 14 -28.88 24.09 -20.90
C VAL G 14 -28.73 22.89 -21.85
N ASP G 15 -29.73 22.00 -21.88
CA ASP G 15 -29.74 20.85 -22.80
C ASP G 15 -29.85 21.25 -24.28
N VAL G 16 -30.47 22.40 -24.57
CA VAL G 16 -30.49 22.94 -25.94
C VAL G 16 -29.07 23.30 -26.40
N PHE G 17 -28.30 23.94 -25.52
CA PHE G 17 -26.88 24.21 -25.77
C PHE G 17 -26.05 22.92 -25.82
N ARG G 18 -26.39 21.96 -24.96
CA ARG G 18 -25.68 20.67 -24.88
C ARG G 18 -25.85 19.79 -26.12
N GLU G 19 -27.09 19.71 -26.63
CA GLU G 19 -27.38 18.98 -27.88
C GLU G 19 -26.82 19.70 -29.10
N ASP G 20 -26.88 21.03 -29.09
CA ASP G 20 -26.29 21.87 -30.15
C ASP G 20 -24.77 21.66 -30.25
N LEU G 21 -24.11 21.59 -29.09
CA LEU G 21 -22.66 21.39 -29.03
C LEU G 21 -22.23 19.98 -29.45
N CYS G 22 -23.09 18.99 -29.19
CA CYS G 22 -22.83 17.60 -29.57
C CYS G 22 -22.93 17.35 -31.07
N SER G 23 -23.97 17.90 -31.70
CA SER G 23 -24.17 17.76 -33.15
C SER G 23 -23.08 18.47 -33.97
N LYS G 24 -22.57 19.59 -33.45
CA LYS G 24 -21.42 20.27 -34.04
C LYS G 24 -20.15 19.42 -33.97
N THR G 25 -19.91 18.80 -32.81
CA THR G 25 -18.77 17.90 -32.59
C THR G 25 -18.77 16.70 -33.55
N GLU G 26 -19.96 16.15 -33.80
CA GLU G 26 -20.12 15.07 -34.79
C GLU G 26 -19.84 15.54 -36.22
N ASN G 27 -20.20 16.78 -36.54
CA ASN G 27 -19.89 17.39 -37.83
C ASN G 27 -18.38 17.67 -38.00
N LEU G 28 -17.69 17.99 -36.91
CA LEU G 28 -16.23 18.16 -36.93
C LEU G 28 -15.51 16.87 -37.25
N LEU G 29 -15.93 15.77 -36.61
CA LEU G 29 -15.40 14.44 -36.92
C LEU G 29 -15.81 14.00 -38.33
N GLY G 30 -17.09 14.21 -38.66
CA GLY G 30 -17.66 13.77 -39.93
C GLY G 30 -17.28 14.57 -41.17
N SER G 31 -16.89 15.85 -41.01
CA SER G 31 -16.68 16.76 -42.15
C SER G 31 -15.49 17.71 -42.01
N TYR G 32 -15.47 18.52 -40.95
CA TYR G 32 -14.52 19.63 -40.82
C TYR G 32 -13.06 19.22 -40.66
N PHE G 33 -12.79 18.22 -39.82
CA PHE G 33 -11.41 17.79 -39.50
C PHE G 33 -10.71 17.07 -40.67
N PRO G 34 -11.40 16.11 -41.33
CA PRO G 34 -10.81 15.50 -42.55
C PRO G 34 -10.60 16.48 -43.71
N LYS G 35 -11.47 17.45 -43.85
CA LYS G 35 -11.35 18.50 -44.87
C LYS G 35 -10.12 19.38 -44.63
N LYS G 36 -9.90 19.76 -43.36
CA LYS G 36 -8.74 20.58 -42.99
C LYS G 36 -7.40 19.88 -43.19
N ILE G 37 -7.35 18.57 -42.95
CA ILE G 37 -6.12 17.77 -43.15
C ILE G 37 -5.72 17.78 -44.63
N SER G 38 -6.71 17.68 -45.53
CA SER G 38 -6.48 17.75 -46.98
C SER G 38 -5.99 19.12 -47.46
N GLU G 39 -6.54 20.19 -46.88
CA GLU G 39 -6.12 21.56 -47.19
C GLU G 39 -4.67 21.84 -46.76
N LEU G 40 -4.35 21.45 -45.52
CA LEU G 40 -3.01 21.69 -44.97
C LEU G 40 -1.94 20.79 -45.60
N ASP G 41 -2.31 19.57 -45.98
CA ASP G 41 -1.43 18.71 -46.79
C ASP G 41 -1.17 19.32 -48.17
N ALA G 42 -2.22 19.85 -48.80
CA ALA G 42 -2.09 20.55 -50.08
C ALA G 42 -1.27 21.83 -49.96
N PHE G 43 -1.50 22.57 -48.86
CA PHE G 43 -0.77 23.82 -48.58
C PHE G 43 0.72 23.57 -48.31
N LEU G 44 1.04 22.48 -47.61
CA LEU G 44 2.43 22.09 -47.36
C LEU G 44 3.23 21.77 -48.63
N LYS G 45 2.55 21.20 -49.63
CA LYS G 45 3.19 20.83 -50.90
C LYS G 45 3.36 21.98 -51.92
N GLU G 46 2.75 23.14 -51.64
CA GLU G 46 2.88 24.33 -52.51
C GLU G 46 4.32 24.88 -52.50
N PRO G 47 4.71 25.62 -53.58
CA PRO G 47 6.08 26.15 -53.64
C PRO G 47 6.36 27.35 -52.72
N ALA G 48 5.31 27.94 -52.12
CA ALA G 48 5.48 28.99 -51.12
C ALA G 48 6.18 28.47 -49.85
N LEU G 49 5.71 27.34 -49.34
CA LEU G 49 6.29 26.70 -48.15
C LEU G 49 7.49 25.78 -48.46
N ASN G 50 7.73 25.48 -49.73
CA ASN G 50 8.90 24.68 -50.14
C ASN G 50 9.89 25.52 -50.94
N GLU G 51 10.49 26.51 -50.28
CA GLU G 51 11.55 27.32 -50.89
C GLU G 51 12.84 26.50 -50.97
N ALA G 52 13.34 26.30 -52.19
CA ALA G 52 14.52 25.48 -52.43
C ALA G 52 15.78 26.13 -51.87
N ASN G 53 15.96 27.42 -52.13
CA ASN G 53 17.09 28.19 -51.64
C ASN G 53 16.60 29.28 -50.67
N LEU G 54 17.27 29.38 -49.52
CA LEU G 54 16.89 30.34 -48.46
C LEU G 54 17.26 31.80 -48.78
N SER G 55 18.10 32.02 -49.79
CA SER G 55 18.40 33.37 -50.29
C SER G 55 17.20 34.07 -50.95
N ASN G 56 16.21 33.28 -51.39
CA ASN G 56 14.95 33.83 -51.92
C ASN G 56 14.17 34.67 -50.88
N LEU G 57 14.26 34.27 -49.61
CA LEU G 57 13.56 34.96 -48.51
C LEU G 57 14.23 36.27 -48.06
N LYS G 58 15.47 36.52 -48.48
CA LYS G 58 16.22 37.72 -48.08
C LYS G 58 15.57 38.99 -48.66
N ALA G 59 14.96 39.79 -47.79
CA ALA G 59 14.31 41.03 -48.19
C ALA G 59 15.33 42.18 -48.30
N PRO G 60 14.99 43.26 -49.04
CA PRO G 60 15.87 44.43 -49.06
C PRO G 60 15.90 45.18 -47.72
N LEU G 61 17.10 45.33 -47.17
CA LEU G 61 17.33 46.12 -45.95
C LEU G 61 18.16 47.34 -46.35
N ASP G 62 17.52 48.25 -47.08
CA ASP G 62 18.19 49.41 -47.68
C ASP G 62 18.48 50.47 -46.61
N ILE G 63 19.67 50.37 -46.03
CA ILE G 63 20.19 51.36 -45.08
C ILE G 63 21.59 51.78 -45.58
N PRO G 64 21.87 53.10 -45.60
CA PRO G 64 23.16 53.56 -46.14
C PRO G 64 24.35 53.22 -45.25
N VAL G 65 25.42 52.70 -45.85
CA VAL G 65 26.64 52.34 -45.12
C VAL G 65 27.40 53.60 -44.67
N PRO G 66 28.11 53.53 -43.53
CA PRO G 66 28.82 54.71 -43.02
C PRO G 66 30.13 54.95 -43.76
N PRO G 99 20.96 59.13 -37.87
CA PRO G 99 21.05 59.01 -39.32
C PRO G 99 19.66 58.98 -39.99
N PRO G 100 19.44 59.81 -41.04
CA PRO G 100 18.17 59.69 -41.78
C PRO G 100 18.10 58.41 -42.61
N CYS G 101 16.98 57.70 -42.52
CA CYS G 101 16.79 56.41 -43.20
C CYS G 101 15.44 56.34 -43.91
N GLY G 102 15.40 55.62 -45.03
CA GLY G 102 14.17 55.40 -45.78
C GLY G 102 13.32 54.29 -45.15
N PRO G 103 12.13 54.02 -45.74
CA PRO G 103 11.22 53.02 -45.19
C PRO G 103 11.71 51.59 -45.38
N VAL G 104 12.00 50.91 -44.27
CA VAL G 104 12.38 49.50 -44.27
C VAL G 104 11.11 48.66 -44.21
N ASN G 105 10.70 48.11 -45.34
CA ASN G 105 9.43 47.36 -45.44
C ASN G 105 9.51 46.00 -44.76
N CYS G 106 8.33 45.42 -44.53
CA CYS G 106 8.23 44.05 -44.01
C CYS G 106 8.61 43.04 -45.09
N ASN G 107 8.97 41.83 -44.66
CA ASN G 107 9.33 40.76 -45.58
C ASN G 107 8.08 40.27 -46.31
N GLU G 108 8.03 40.51 -47.62
CA GLU G 108 6.84 40.22 -48.45
C GLU G 108 6.46 38.74 -48.44
N LYS G 109 7.45 37.88 -48.64
CA LYS G 109 7.23 36.42 -48.68
C LYS G 109 6.74 35.83 -47.35
N ILE G 110 7.17 36.40 -46.23
CA ILE G 110 6.72 35.98 -44.89
C ILE G 110 5.33 36.53 -44.58
N VAL G 111 5.05 37.77 -44.97
CA VAL G 111 3.75 38.39 -44.73
C VAL G 111 2.61 37.62 -45.42
N VAL G 112 2.80 37.25 -46.69
CA VAL G 112 1.78 36.47 -47.44
C VAL G 112 1.60 35.03 -46.92
N LEU G 113 2.62 34.47 -46.26
CA LEU G 113 2.48 33.19 -45.54
C LEU G 113 1.65 33.37 -44.27
N LEU G 114 1.91 34.45 -43.53
CA LEU G 114 1.12 34.80 -42.34
C LEU G 114 -0.34 35.18 -42.65
N GLN G 115 -0.60 35.64 -43.88
CA GLN G 115 -1.97 35.88 -44.34
C GLN G 115 -2.82 34.60 -44.33
N ARG G 116 -2.20 33.48 -44.74
CA ARG G 116 -2.87 32.16 -44.71
C ARG G 116 -2.79 31.46 -43.36
N LEU G 117 -1.69 31.66 -42.63
CA LEU G 117 -1.48 30.98 -41.34
C LEU G 117 -2.41 31.48 -40.23
N LYS G 118 -2.58 32.79 -40.13
CA LYS G 118 -3.40 33.40 -39.06
C LYS G 118 -4.85 32.87 -38.97
N PRO G 119 -5.57 32.81 -40.11
CA PRO G 119 -6.92 32.19 -40.07
C PRO G 119 -6.93 30.68 -39.82
N GLU G 120 -5.85 29.98 -40.18
CA GLU G 120 -5.70 28.56 -39.84
C GLU G 120 -5.45 28.34 -38.34
N ILE G 121 -4.74 29.28 -37.70
CA ILE G 121 -4.58 29.28 -36.24
C ILE G 121 -5.92 29.60 -35.55
N LYS G 122 -6.68 30.53 -36.12
CA LYS G 122 -8.01 30.90 -35.61
C LYS G 122 -8.98 29.71 -35.61
N ASP G 123 -9.02 28.98 -36.72
CA ASP G 123 -9.97 27.86 -36.89
C ASP G 123 -9.65 26.67 -35.99
N VAL G 124 -8.38 26.29 -35.90
CA VAL G 124 -7.97 25.15 -35.06
C VAL G 124 -8.19 25.39 -33.56
N THR G 125 -7.96 26.61 -33.09
CA THR G 125 -8.24 26.99 -31.70
C THR G 125 -9.75 27.11 -31.44
N GLU G 126 -10.51 27.52 -32.46
CA GLU G 126 -11.98 27.57 -32.40
C GLU G 126 -12.59 26.19 -32.14
N GLN G 127 -12.23 25.22 -32.98
CA GLN G 127 -12.79 23.86 -32.89
C GLN G 127 -12.22 23.07 -31.70
N LEU G 128 -10.98 23.35 -31.32
CA LEU G 128 -10.40 22.77 -30.09
C LEU G 128 -11.17 23.24 -28.86
N ASN G 129 -11.45 24.54 -28.79
CA ASN G 129 -12.25 25.13 -27.71
C ASN G 129 -13.68 24.57 -27.66
N LEU G 130 -14.27 24.34 -28.84
CA LEU G 130 -15.62 23.76 -28.95
C LEU G 130 -15.67 22.34 -28.40
N VAL G 131 -14.71 21.51 -28.82
CA VAL G 131 -14.66 20.10 -28.43
C VAL G 131 -14.24 19.94 -26.96
N THR G 132 -13.37 20.82 -26.47
CA THR G 132 -13.01 20.87 -25.04
C THR G 132 -14.24 21.17 -24.18
N THR G 133 -15.10 22.08 -24.63
CA THR G 133 -16.35 22.40 -23.96
C THR G 133 -17.35 21.24 -24.00
N TRP G 134 -17.42 20.56 -25.15
CA TRP G 134 -18.28 19.37 -25.31
C TRP G 134 -17.90 18.26 -24.32
N LEU G 135 -16.61 17.94 -24.26
CA LEU G 135 -16.10 16.89 -23.38
C LEU G 135 -16.32 17.20 -21.90
N GLN G 136 -16.24 18.47 -21.51
CA GLN G 136 -16.52 18.91 -20.14
C GLN G 136 -17.96 18.65 -19.72
N LEU G 137 -18.91 18.93 -20.62
CA LEU G 137 -20.34 18.70 -20.36
C LEU G 137 -20.75 17.22 -20.38
N GLN G 138 -19.89 16.34 -20.91
CA GLN G 138 -20.08 14.88 -20.83
C GLN G 138 -19.58 14.25 -19.52
N ILE G 139 -18.85 15.00 -18.68
CA ILE G 139 -18.35 14.50 -17.41
C ILE G 139 -19.53 14.28 -16.45
N PRO G 140 -19.75 13.02 -16.00
CA PRO G 140 -20.92 12.71 -15.18
C PRO G 140 -20.74 13.08 -13.70
N ARG G 141 -21.72 12.72 -12.88
CA ARG G 141 -21.67 12.90 -11.43
C ARG G 141 -20.43 12.22 -10.82
N ILE G 142 -19.82 12.88 -9.84
CA ILE G 142 -18.67 12.33 -9.12
C ILE G 142 -19.17 11.19 -8.23
N GLU G 143 -18.63 9.99 -8.43
CA GLU G 143 -19.07 8.79 -7.72
C GLU G 143 -17.91 8.01 -7.10
N ASP G 144 -18.26 7.12 -6.17
CA ASP G 144 -17.30 6.34 -5.40
C ASP G 144 -16.54 5.32 -6.26
N GLY G 145 -17.24 4.70 -7.21
CA GLY G 145 -16.65 3.75 -8.16
C GLY G 145 -17.20 3.92 -9.55
N ASN G 146 -16.86 2.98 -10.44
CA ASN G 146 -17.29 2.97 -11.84
C ASN G 146 -16.78 4.23 -12.57
N ASN G 147 -15.50 4.52 -12.38
CA ASN G 147 -14.86 5.75 -12.86
C ASN G 147 -13.86 5.53 -14.00
N PHE G 148 -13.99 4.42 -14.74
CA PHE G 148 -13.07 4.16 -15.84
C PHE G 148 -13.33 5.10 -17.02
N GLY G 149 -14.61 5.22 -17.41
CA GLY G 149 -15.02 6.18 -18.42
C GLY G 149 -14.70 7.63 -18.07
N VAL G 150 -14.70 7.93 -16.76
CA VAL G 150 -14.28 9.23 -16.25
C VAL G 150 -12.76 9.41 -16.45
N ALA G 151 -12.00 8.35 -16.19
CA ALA G 151 -10.55 8.35 -16.45
C ALA G 151 -10.20 8.44 -17.93
N VAL G 152 -11.04 7.85 -18.79
CA VAL G 152 -10.91 7.98 -20.25
C VAL G 152 -11.10 9.44 -20.68
N GLN G 153 -12.12 10.09 -20.14
CA GLN G 153 -12.38 11.51 -20.40
C GLN G 153 -11.21 12.40 -19.96
N GLU G 154 -10.66 12.12 -18.78
CA GLU G 154 -9.50 12.85 -18.24
C GLU G 154 -8.23 12.68 -19.10
N LYS G 155 -8.02 11.48 -19.65
CA LYS G 155 -6.87 11.22 -20.52
C LYS G 155 -6.97 11.95 -21.87
N VAL G 156 -8.17 11.98 -22.44
CA VAL G 156 -8.43 12.71 -23.69
C VAL G 156 -8.40 14.24 -23.43
N PHE G 157 -8.90 14.66 -22.27
CA PHE G 157 -8.83 16.07 -21.85
C PHE G 157 -7.39 16.54 -21.60
N GLU G 158 -6.51 15.63 -21.18
CA GLU G 158 -5.08 15.91 -20.99
C GLU G 158 -4.41 16.35 -22.30
N LEU G 159 -4.75 15.68 -23.40
CA LEU G 159 -4.25 16.02 -24.73
C LEU G 159 -4.78 17.37 -25.23
N MET G 160 -6.07 17.61 -25.03
CA MET G 160 -6.71 18.86 -25.45
C MET G 160 -6.14 20.08 -24.73
N THR G 161 -5.74 19.91 -23.47
CA THR G 161 -5.05 20.94 -22.71
C THR G 161 -3.64 21.21 -23.25
N ASN G 162 -2.93 20.13 -23.60
CA ASN G 162 -1.57 20.24 -24.17
C ASN G 162 -1.56 20.90 -25.55
N LEU G 163 -2.54 20.57 -26.39
CA LEU G 163 -2.72 21.24 -27.69
C LEU G 163 -3.05 22.72 -27.52
N HIS G 164 -3.93 23.03 -26.57
CA HIS G 164 -4.32 24.41 -26.28
C HIS G 164 -3.13 25.27 -25.83
N THR G 165 -2.22 24.69 -25.05
CA THR G 165 -0.98 25.37 -24.65
C THR G 165 -0.05 25.62 -25.84
N LYS G 166 0.03 24.64 -26.75
CA LYS G 166 0.87 24.75 -27.95
C LYS G 166 0.33 25.79 -28.94
N LEU G 167 -0.97 25.72 -29.22
CA LEU G 167 -1.59 26.58 -30.22
C LEU G 167 -1.74 28.05 -29.78
N GLU G 168 -1.83 28.29 -28.47
CA GLU G 168 -1.73 29.67 -27.93
C GLU G 168 -0.33 30.26 -28.11
N GLY G 169 0.69 29.41 -28.03
CA GLY G 169 2.07 29.81 -28.32
C GLY G 169 2.31 30.29 -29.74
N PHE G 170 1.59 29.69 -30.70
CA PHE G 170 1.65 30.12 -32.11
C PHE G 170 1.05 31.51 -32.31
N HIS G 171 -0.02 31.79 -31.57
CA HIS G 171 -0.72 33.08 -31.63
C HIS G 171 0.17 34.24 -31.21
N THR G 172 0.90 34.06 -30.10
CA THR G 172 1.74 35.10 -29.52
C THR G 172 3.06 35.34 -30.27
N GLN G 173 3.61 34.30 -30.90
CA GLN G 173 4.94 34.38 -31.54
C GLN G 173 4.96 35.23 -32.82
N ILE G 174 3.80 35.39 -33.47
CA ILE G 174 3.68 36.25 -34.66
C ILE G 174 3.77 37.73 -34.27
N SER G 175 3.13 38.09 -33.15
CA SER G 175 3.28 39.42 -32.57
C SER G 175 4.73 39.70 -32.14
N LYS G 176 5.38 38.67 -31.59
CA LYS G 176 6.79 38.73 -31.19
C LYS G 176 7.74 38.90 -32.39
N TYR G 177 7.41 38.27 -33.52
CA TYR G 177 8.22 38.38 -34.74
C TYR G 177 8.35 39.82 -35.24
N PHE G 178 7.21 40.50 -35.39
CA PHE G 178 7.19 41.90 -35.79
C PHE G 178 7.81 42.83 -34.74
N SER G 179 7.67 42.47 -33.47
CA SER G 179 8.31 43.21 -32.36
C SER G 179 9.83 43.07 -32.39
N GLU G 180 10.31 41.84 -32.59
CA GLU G 180 11.77 41.57 -32.63
C GLU G 180 12.44 42.09 -33.91
N ARG G 181 11.77 41.93 -35.05
CA ARG G 181 12.29 42.44 -36.33
C ARG G 181 12.34 43.96 -36.35
N GLY G 182 11.31 44.60 -35.80
CA GLY G 182 11.27 46.06 -35.65
C GLY G 182 12.40 46.61 -34.80
N ASP G 183 12.72 45.92 -33.71
CA ASP G 183 13.86 46.28 -32.84
C ASP G 183 15.21 46.07 -33.55
N ALA G 184 15.32 44.99 -34.33
CA ALA G 184 16.53 44.71 -35.11
C ALA G 184 16.75 45.73 -36.23
N VAL G 185 15.67 46.12 -36.90
CA VAL G 185 15.71 47.16 -37.94
C VAL G 185 16.00 48.53 -37.33
N ALA G 186 15.38 48.83 -36.19
CA ALA G 186 15.62 50.10 -35.47
C ALA G 186 17.07 50.27 -35.05
N LYS G 187 17.65 49.19 -34.51
CA LYS G 187 19.07 49.18 -34.12
C LYS G 187 20.01 49.23 -35.33
N ALA G 188 19.65 48.54 -36.42
CA ALA G 188 20.43 48.54 -37.66
C ALA G 188 20.51 49.92 -38.32
N ALA G 189 19.40 50.66 -38.29
CA ALA G 189 19.35 52.02 -38.82
C ALA G 189 20.12 53.01 -37.95
N LYS G 190 19.92 52.93 -36.64
CA LYS G 190 20.65 53.77 -35.67
C LYS G 190 22.13 53.44 -35.58
N GLN G 191 22.49 52.18 -35.85
CA GLN G 191 23.89 51.73 -35.86
C GLN G 191 24.21 51.06 -37.20
N PRO G 192 24.47 51.86 -38.26
CA PRO G 192 24.79 51.28 -39.58
C PRO G 192 26.11 50.48 -39.61
N HIS G 193 27.12 50.97 -38.89
CA HIS G 193 28.41 50.28 -38.74
C HIS G 193 28.34 48.85 -38.18
N VAL G 194 27.35 48.57 -37.34
CA VAL G 194 27.20 47.24 -36.74
C VAL G 194 26.54 46.29 -37.74
N GLY G 195 27.34 45.41 -38.33
CA GLY G 195 26.87 44.47 -39.35
C GLY G 195 26.01 43.31 -38.85
N ASP G 196 26.08 43.02 -37.55
CA ASP G 196 25.30 41.94 -36.94
C ASP G 196 23.80 42.22 -36.88
N TYR G 197 23.43 43.49 -36.68
CA TYR G 197 22.02 43.89 -36.69
C TYR G 197 21.36 43.69 -38.06
N ARG G 198 22.13 43.87 -39.13
CA ARG G 198 21.67 43.58 -40.49
C ARG G 198 21.44 42.08 -40.68
N GLN G 199 22.42 41.28 -40.22
CA GLN G 199 22.35 39.82 -40.26
C GLN G 199 21.20 39.28 -39.39
N LEU G 200 20.97 39.91 -38.24
CA LEU G 200 19.88 39.54 -37.33
C LEU G 200 18.50 39.57 -37.99
N VAL G 201 18.25 40.61 -38.78
CA VAL G 201 16.97 40.79 -39.49
C VAL G 201 16.74 39.66 -40.50
N HIS G 202 17.80 39.26 -41.21
CA HIS G 202 17.73 38.17 -42.19
C HIS G 202 17.54 36.80 -41.50
N GLU G 203 18.18 36.63 -40.35
CA GLU G 203 18.05 35.40 -39.55
C GLU G 203 16.68 35.26 -38.89
N LEU G 204 16.11 36.40 -38.45
CA LEU G 204 14.73 36.42 -37.94
C LEU G 204 13.72 36.08 -39.04
N ASP G 205 13.99 36.51 -40.27
CA ASP G 205 13.16 36.16 -41.43
C ASP G 205 13.26 34.67 -41.76
N GLU G 206 14.50 34.16 -41.82
CA GLU G 206 14.73 32.73 -42.06
C GLU G 206 14.08 31.87 -40.97
N ALA G 207 14.30 32.23 -39.71
CA ALA G 207 13.72 31.52 -38.57
C ALA G 207 12.19 31.55 -38.54
N GLU G 208 11.61 32.67 -38.96
CA GLU G 208 10.14 32.82 -39.02
C GLU G 208 9.53 31.95 -40.12
N TYR G 209 10.17 31.93 -41.29
CA TYR G 209 9.78 31.03 -42.39
C TYR G 209 9.81 29.56 -41.97
N GLN G 210 10.87 29.17 -41.26
CA GLN G 210 11.02 27.80 -40.75
C GLN G 210 9.97 27.46 -39.70
N GLU G 211 9.60 28.45 -38.88
CA GLU G 211 8.56 28.29 -37.86
C GLU G 211 7.18 28.13 -38.50
N ILE G 212 6.88 28.94 -39.52
CA ILE G 212 5.60 28.87 -40.24
C ILE G 212 5.39 27.51 -40.90
N ARG G 213 6.45 26.95 -41.48
CA ARG G 213 6.43 25.56 -41.98
C ARG G 213 5.95 24.58 -40.92
N LEU G 214 6.60 24.62 -39.75
CA LEU G 214 6.29 23.70 -38.65
C LEU G 214 4.95 23.98 -37.99
N MET G 215 4.58 25.27 -37.87
CA MET G 215 3.25 25.65 -37.35
C MET G 215 2.10 25.10 -38.20
N VAL G 216 2.28 25.10 -39.53
CA VAL G 216 1.31 24.48 -40.44
C VAL G 216 1.23 22.97 -40.23
N MET G 217 2.40 22.33 -40.09
CA MET G 217 2.46 20.88 -39.80
C MET G 217 1.80 20.55 -38.46
N GLU G 218 2.10 21.35 -37.43
CA GLU G 218 1.54 21.14 -36.08
C GLU G 218 0.02 21.30 -36.02
N ILE G 219 -0.52 22.24 -36.80
CA ILE G 219 -1.97 22.44 -36.89
C ILE G 219 -2.66 21.26 -37.59
N ARG G 220 -2.05 20.77 -38.67
CA ARG G 220 -2.54 19.57 -39.36
C ARG G 220 -2.46 18.34 -38.45
N ASN G 221 -1.36 18.19 -37.73
CA ASN G 221 -1.18 17.09 -36.77
C ASN G 221 -2.18 17.16 -35.62
N ALA G 222 -2.54 18.38 -35.20
CA ALA G 222 -3.55 18.58 -34.16
C ALA G 222 -4.94 18.07 -34.58
N TYR G 223 -5.36 18.43 -35.79
CA TYR G 223 -6.61 17.93 -36.37
C TYR G 223 -6.62 16.40 -36.49
N ALA G 224 -5.51 15.85 -37.00
CA ALA G 224 -5.37 14.40 -37.22
C ALA G 224 -5.40 13.61 -35.91
N VAL G 225 -4.68 14.09 -34.90
CA VAL G 225 -4.62 13.44 -33.58
C VAL G 225 -5.93 13.59 -32.80
N LEU G 226 -6.55 14.77 -32.87
CA LEU G 226 -7.88 14.99 -32.26
C LEU G 226 -8.95 14.09 -32.87
N TYR G 227 -8.98 14.04 -34.20
CA TYR G 227 -9.84 13.12 -34.95
C TYR G 227 -9.60 11.67 -34.53
N ASP G 228 -8.33 11.29 -34.41
CA ASP G 228 -7.93 9.93 -34.09
C ASP G 228 -8.34 9.52 -32.67
N ILE G 229 -7.98 10.33 -31.68
CA ILE G 229 -8.20 10.00 -30.27
C ILE G 229 -9.68 9.99 -29.85
N ILE G 230 -10.47 10.91 -30.40
CA ILE G 230 -11.89 11.02 -30.06
C ILE G 230 -12.69 9.88 -30.72
N LEU G 231 -12.40 9.59 -31.98
CA LEU G 231 -13.10 8.54 -32.73
C LEU G 231 -12.87 7.14 -32.14
N LYS G 232 -11.66 6.88 -31.64
CA LYS G 232 -11.34 5.60 -30.98
C LYS G 232 -12.05 5.44 -29.63
N ASN G 233 -12.12 6.53 -28.86
CA ASN G 233 -12.67 6.50 -27.50
C ASN G 233 -14.11 7.05 -27.38
N PHE G 234 -14.78 7.28 -28.50
CA PHE G 234 -16.06 8.02 -28.52
C PHE G 234 -17.16 7.44 -27.63
N GLU G 235 -17.23 6.12 -27.54
CA GLU G 235 -18.22 5.45 -26.70
C GLU G 235 -18.04 5.73 -25.21
N LYS G 236 -16.79 5.66 -24.74
CA LYS G 236 -16.47 5.97 -23.34
C LYS G 236 -16.50 7.48 -23.03
N LEU G 237 -16.25 8.32 -24.03
CA LEU G 237 -16.37 9.78 -23.86
C LEU G 237 -17.82 10.22 -23.75
N LYS G 238 -18.67 9.70 -24.64
CA LYS G 238 -20.10 10.04 -24.66
C LYS G 238 -20.87 9.32 -23.55
N LYS G 239 -20.67 8.00 -23.44
CA LYS G 239 -21.28 7.18 -22.41
C LYS G 239 -20.20 6.63 -21.45
N PRO G 240 -19.79 7.44 -20.45
CA PRO G 240 -18.76 6.97 -19.49
C PRO G 240 -19.21 5.85 -18.55
N ARG G 241 -20.52 5.69 -18.33
CA ARG G 241 -21.07 4.59 -17.55
C ARG G 241 -22.17 3.81 -18.31
N GLY G 242 -22.07 3.80 -19.64
CA GLY G 242 -23.07 3.16 -20.50
C GLY G 242 -24.37 3.94 -20.55
N VAL H 6 -10.07 -28.78 -33.83
CA VAL H 6 -11.34 -28.25 -34.41
C VAL H 6 -12.08 -29.38 -35.12
N HIS H 7 -13.38 -29.49 -34.87
CA HIS H 7 -14.22 -30.55 -35.44
C HIS H 7 -15.64 -30.00 -35.69
N PRO H 8 -16.14 -30.05 -36.95
CA PRO H 8 -17.49 -29.50 -37.24
C PRO H 8 -18.66 -30.16 -36.50
N GLU H 9 -18.69 -31.49 -36.48
CA GLU H 9 -19.79 -32.24 -35.85
C GLU H 9 -19.75 -32.23 -34.32
N ALA H 10 -18.60 -31.90 -33.72
CA ALA H 10 -18.46 -31.84 -32.26
C ALA H 10 -19.14 -30.61 -31.69
N GLN H 11 -18.85 -29.45 -32.27
CA GLN H 11 -19.51 -28.19 -31.88
C GLN H 11 -21.03 -28.31 -31.90
N ALA H 12 -21.57 -29.03 -32.90
CA ALA H 12 -23.00 -29.34 -32.96
C ALA H 12 -23.49 -30.15 -31.75
N LYS H 13 -22.74 -31.17 -31.37
CA LYS H 13 -23.05 -32.00 -30.20
C LYS H 13 -23.03 -31.21 -28.88
N VAL H 14 -22.08 -30.29 -28.74
CA VAL H 14 -21.97 -29.43 -27.56
C VAL H 14 -23.00 -28.29 -27.59
N ASP H 15 -23.32 -27.79 -28.80
CA ASP H 15 -24.37 -26.77 -28.97
C ASP H 15 -25.76 -27.29 -28.58
N VAL H 16 -26.03 -28.57 -28.81
CA VAL H 16 -27.29 -29.20 -28.35
C VAL H 16 -27.38 -29.17 -26.82
N PHE H 17 -26.27 -29.41 -26.14
CA PHE H 17 -26.20 -29.35 -24.67
C PHE H 17 -26.35 -27.93 -24.12
N ARG H 18 -25.62 -26.97 -24.71
CA ARG H 18 -25.64 -25.58 -24.22
C ARG H 18 -27.01 -24.92 -24.34
N GLU H 19 -27.65 -25.07 -25.50
CA GLU H 19 -29.02 -24.57 -25.72
C GLU H 19 -30.05 -25.26 -24.82
N ASP H 20 -29.82 -26.53 -24.48
CA ASP H 20 -30.66 -27.25 -23.52
C ASP H 20 -30.47 -26.68 -22.10
N LEU H 21 -29.22 -26.43 -21.72
CA LEU H 21 -28.89 -25.92 -20.39
C LEU H 21 -29.36 -24.47 -20.17
N CYS H 22 -29.12 -23.61 -21.16
CA CYS H 22 -29.55 -22.20 -21.09
C CYS H 22 -31.08 -22.05 -21.15
N SER H 23 -31.74 -22.88 -21.95
CA SER H 23 -33.21 -22.90 -22.02
C SER H 23 -33.83 -23.44 -20.73
N LYS H 24 -33.25 -24.53 -20.20
CA LYS H 24 -33.65 -25.07 -18.90
C LYS H 24 -33.59 -24.01 -17.79
N THR H 25 -32.49 -23.26 -17.76
CA THR H 25 -32.28 -22.21 -16.74
C THR H 25 -33.21 -21.00 -16.89
N GLU H 26 -33.53 -20.63 -18.13
CA GLU H 26 -34.41 -19.47 -18.41
C GLU H 26 -35.86 -19.71 -17.93
N ASN H 27 -36.42 -20.87 -18.23
CA ASN H 27 -37.75 -21.25 -17.74
C ASN H 27 -37.76 -21.65 -16.25
N LEU H 28 -36.59 -22.01 -15.72
CA LEU H 28 -36.43 -22.32 -14.29
C LEU H 28 -36.75 -21.13 -13.39
N LEU H 29 -36.18 -19.98 -13.74
CA LEU H 29 -36.44 -18.71 -13.04
C LEU H 29 -37.83 -18.18 -13.39
N GLY H 30 -38.19 -18.28 -14.67
CA GLY H 30 -39.48 -17.81 -15.17
C GLY H 30 -40.71 -18.63 -14.80
N SER H 31 -40.53 -19.87 -14.33
CA SER H 31 -41.66 -20.77 -14.03
C SER H 31 -41.44 -21.70 -12.83
N TYR H 32 -40.36 -22.48 -12.86
CA TYR H 32 -40.12 -23.54 -11.85
C TYR H 32 -39.89 -23.00 -10.43
N PHE H 33 -39.09 -21.95 -10.30
CA PHE H 33 -38.71 -21.38 -8.99
C PHE H 33 -39.86 -20.68 -8.25
N PRO H 34 -40.66 -19.84 -8.95
CA PRO H 34 -41.88 -19.31 -8.33
C PRO H 34 -42.92 -20.39 -7.95
N LYS H 35 -43.03 -21.43 -8.76
CA LYS H 35 -43.94 -22.55 -8.51
C LYS H 35 -43.57 -23.32 -7.24
N LYS H 36 -42.28 -23.62 -7.08
CA LYS H 36 -41.78 -24.34 -5.90
C LYS H 36 -41.89 -23.55 -4.59
N ILE H 37 -41.76 -22.23 -4.67
CA ILE H 37 -41.96 -21.36 -3.50
C ILE H 37 -43.40 -21.45 -2.98
N SER H 38 -44.37 -21.46 -3.90
CA SER H 38 -45.79 -21.58 -3.55
C SER H 38 -46.15 -22.97 -3.01
N GLU H 39 -45.56 -24.03 -3.59
CA GLU H 39 -45.78 -25.40 -3.12
C GLU H 39 -45.27 -25.61 -1.69
N LEU H 40 -44.06 -25.12 -1.42
CA LEU H 40 -43.43 -25.26 -0.10
C LEU H 40 -44.07 -24.36 0.97
N ASP H 41 -44.52 -23.17 0.56
CA ASP H 41 -45.31 -22.30 1.47
C ASP H 41 -46.65 -22.96 1.85
N ALA H 42 -47.31 -23.56 0.87
CA ALA H 42 -48.55 -24.32 1.10
C ALA H 42 -48.30 -25.55 1.97
N PHE H 43 -47.16 -26.22 1.74
CA PHE H 43 -46.78 -27.40 2.52
C PHE H 43 -46.45 -27.07 3.99
N LEU H 44 -45.81 -25.91 4.21
CA LEU H 44 -45.50 -25.45 5.58
C LEU H 44 -46.75 -25.17 6.44
N LYS H 45 -47.81 -24.66 5.80
CA LYS H 45 -49.07 -24.32 6.49
C LYS H 45 -49.98 -25.52 6.79
N GLU H 46 -49.67 -26.70 6.24
CA GLU H 46 -50.46 -27.92 6.49
C GLU H 46 -50.31 -28.41 7.94
N PRO H 47 -51.31 -29.18 8.45
CA PRO H 47 -51.23 -29.64 9.85
C PRO H 47 -50.22 -30.77 10.12
N ALA H 48 -49.63 -31.36 9.07
CA ALA H 48 -48.54 -32.33 9.21
C ALA H 48 -47.26 -31.68 9.79
N LEU H 49 -46.94 -30.47 9.32
CA LEU H 49 -45.77 -29.71 9.81
C LEU H 49 -46.10 -28.67 10.90
N ASN H 50 -47.35 -28.65 11.37
CA ASN H 50 -47.78 -27.75 12.45
C ASN H 50 -48.47 -28.56 13.56
N GLU H 51 -47.70 -29.47 14.15
CA GLU H 51 -48.17 -30.26 15.30
C GLU H 51 -48.22 -29.36 16.54
N ALA H 52 -49.41 -29.16 17.08
CA ALA H 52 -49.61 -28.29 18.24
C ALA H 52 -48.98 -28.86 19.51
N ASN H 53 -49.18 -30.14 19.75
CA ASN H 53 -48.61 -30.86 20.89
C ASN H 53 -47.62 -31.91 20.38
N LEU H 54 -46.40 -31.91 20.95
CA LEU H 54 -45.33 -32.83 20.53
C LEU H 54 -45.55 -34.29 20.97
N SER H 55 -46.49 -34.52 21.90
CA SER H 55 -46.87 -35.88 22.30
C SER H 55 -47.58 -36.69 21.20
N ASN H 56 -48.13 -35.99 20.19
CA ASN H 56 -48.71 -36.66 19.00
C ASN H 56 -47.67 -37.48 18.22
N LEU H 57 -46.42 -36.99 18.20
CA LEU H 57 -45.32 -37.67 17.50
C LEU H 57 -44.75 -38.91 18.21
N LYS H 58 -45.10 -39.10 19.49
CA LYS H 58 -44.55 -40.22 20.28
C LYS H 58 -45.05 -41.57 19.76
N ALA H 59 -44.13 -42.36 19.21
CA ALA H 59 -44.45 -43.68 18.65
C ALA H 59 -44.56 -44.73 19.75
N PRO H 60 -45.29 -45.85 19.50
CA PRO H 60 -45.26 -46.98 20.42
C PRO H 60 -43.88 -47.65 20.51
N LEU H 61 -43.47 -48.02 21.71
CA LEU H 61 -42.19 -48.70 21.96
C LEU H 61 -42.42 -49.90 22.88
N ASP H 62 -42.89 -51.00 22.30
CA ASP H 62 -43.29 -52.19 23.04
C ASP H 62 -42.09 -53.04 23.47
N ILE H 63 -41.45 -52.62 24.57
CA ILE H 63 -40.37 -53.37 25.21
C ILE H 63 -40.79 -53.56 26.68
N PRO H 64 -40.78 -54.82 27.18
CA PRO H 64 -41.28 -55.06 28.53
C PRO H 64 -40.36 -54.55 29.64
N VAL H 65 -40.92 -53.79 30.58
CA VAL H 65 -40.14 -53.26 31.71
C VAL H 65 -39.85 -54.36 32.74
N PRO H 66 -38.60 -54.42 33.28
CA PRO H 66 -38.29 -55.39 34.32
C PRO H 66 -38.67 -54.87 35.71
N ASP H 67 -38.68 -55.77 36.69
CA ASP H 67 -38.99 -55.44 38.09
C ASP H 67 -38.04 -56.14 39.06
N PRO H 68 -37.74 -55.51 40.21
CA PRO H 68 -36.81 -56.11 41.17
C PRO H 68 -37.48 -57.20 42.01
N PRO H 100 -36.36 -60.55 23.15
CA PRO H 100 -37.51 -61.23 23.72
C PRO H 100 -38.85 -60.46 23.55
N CYS H 101 -38.90 -59.53 22.59
CA CYS H 101 -40.07 -58.66 22.39
C CYS H 101 -40.51 -58.65 20.93
N GLY H 102 -41.66 -58.03 20.69
CA GLY H 102 -42.25 -57.94 19.34
C GLY H 102 -41.56 -56.94 18.42
N PRO H 103 -42.08 -56.79 17.19
CA PRO H 103 -41.47 -55.91 16.19
C PRO H 103 -41.69 -54.42 16.50
N VAL H 104 -40.60 -53.71 16.79
CA VAL H 104 -40.63 -52.27 17.01
C VAL H 104 -40.59 -51.57 15.65
N ASN H 105 -41.72 -51.01 15.24
CA ASN H 105 -41.85 -50.38 13.92
C ASN H 105 -41.34 -48.95 13.93
N CYS H 106 -41.23 -48.36 12.74
CA CYS H 106 -40.81 -46.97 12.56
C CYS H 106 -41.93 -46.00 12.96
N ASN H 107 -41.54 -44.74 13.17
CA ASN H 107 -42.50 -43.68 13.51
C ASN H 107 -43.30 -43.31 12.26
N GLU H 108 -44.62 -43.55 12.30
CA GLU H 108 -45.48 -43.33 11.14
C GLU H 108 -45.62 -41.85 10.72
N LYS H 109 -45.65 -40.96 11.71
CA LYS H 109 -45.73 -39.51 11.44
C LYS H 109 -44.49 -38.95 10.74
N ILE H 110 -43.32 -39.42 11.14
CA ILE H 110 -42.05 -38.94 10.58
C ILE H 110 -41.78 -39.55 9.19
N VAL H 111 -42.10 -40.83 9.01
CA VAL H 111 -41.87 -41.52 7.72
C VAL H 111 -42.62 -40.83 6.57
N VAL H 112 -43.90 -40.52 6.78
CA VAL H 112 -44.71 -39.84 5.75
C VAL H 112 -44.22 -38.42 5.42
N LEU H 113 -43.66 -37.72 6.41
CA LEU H 113 -43.01 -36.43 6.16
C LEU H 113 -41.74 -36.57 5.32
N LEU H 114 -40.96 -37.61 5.60
CA LEU H 114 -39.75 -37.91 4.82
C LEU H 114 -40.06 -38.32 3.38
N GLN H 115 -41.19 -39.00 3.15
CA GLN H 115 -41.63 -39.33 1.79
C GLN H 115 -41.97 -38.08 0.96
N ARG H 116 -42.46 -37.03 1.62
CA ARG H 116 -42.70 -35.73 0.98
C ARG H 116 -41.44 -34.85 0.92
N LEU H 117 -40.58 -34.95 1.93
CA LEU H 117 -39.36 -34.14 2.00
C LEU H 117 -38.27 -34.61 1.02
N LYS H 118 -38.06 -35.92 0.92
CA LYS H 118 -37.01 -36.50 0.06
C LYS H 118 -37.01 -35.96 -1.39
N PRO H 119 -38.15 -36.03 -2.10
CA PRO H 119 -38.18 -35.49 -3.47
C PRO H 119 -37.88 -33.99 -3.58
N GLU H 120 -38.25 -33.21 -2.56
CA GLU H 120 -37.97 -31.77 -2.54
C GLU H 120 -36.47 -31.46 -2.42
N ILE H 121 -35.73 -32.29 -1.68
CA ILE H 121 -34.27 -32.13 -1.54
C ILE H 121 -33.55 -32.49 -2.85
N LYS H 122 -33.98 -33.58 -3.48
CA LYS H 122 -33.33 -34.06 -4.70
C LYS H 122 -33.65 -33.17 -5.92
N ASP H 123 -34.79 -32.48 -5.88
CA ASP H 123 -35.10 -31.45 -6.89
C ASP H 123 -34.19 -30.24 -6.74
N VAL H 124 -34.16 -29.65 -5.54
CA VAL H 124 -33.40 -28.42 -5.29
C VAL H 124 -31.88 -28.58 -5.53
N THR H 125 -31.34 -29.75 -5.24
CA THR H 125 -29.92 -30.05 -5.51
C THR H 125 -29.63 -30.17 -7.00
N GLU H 126 -30.56 -30.77 -7.75
CA GLU H 126 -30.46 -30.86 -9.21
C GLU H 126 -30.54 -29.49 -9.90
N GLN H 127 -31.52 -28.68 -9.49
CA GLN H 127 -31.69 -27.34 -10.05
C GLN H 127 -30.54 -26.41 -9.64
N LEU H 128 -29.95 -26.66 -8.47
CA LEU H 128 -28.73 -25.96 -8.05
C LEU H 128 -27.53 -26.37 -8.90
N ASN H 129 -27.36 -27.68 -9.11
CA ASN H 129 -26.34 -28.22 -10.03
C ASN H 129 -26.49 -27.69 -11.46
N LEU H 130 -27.74 -27.56 -11.91
CA LEU H 130 -28.07 -27.01 -13.23
C LEU H 130 -27.63 -25.55 -13.35
N VAL H 131 -28.01 -24.73 -12.37
CA VAL H 131 -27.71 -23.30 -12.36
C VAL H 131 -26.21 -23.03 -12.16
N THR H 132 -25.54 -23.88 -11.36
CA THR H 132 -24.09 -23.79 -11.17
C THR H 132 -23.36 -24.02 -12.49
N THR H 133 -23.69 -25.12 -13.16
CA THR H 133 -23.10 -25.46 -14.47
C THR H 133 -23.37 -24.37 -15.52
N TRP H 134 -24.60 -23.85 -15.54
CA TRP H 134 -24.98 -22.74 -16.42
C TRP H 134 -24.08 -21.52 -16.20
N LEU H 135 -23.88 -21.16 -14.93
CA LEU H 135 -23.05 -19.99 -14.58
C LEU H 135 -21.56 -20.19 -14.89
N GLN H 136 -21.07 -21.44 -14.83
CA GLN H 136 -19.67 -21.75 -15.18
C GLN H 136 -19.39 -21.57 -16.67
N LEU H 137 -20.34 -21.98 -17.52
CA LEU H 137 -20.23 -21.77 -18.97
C LEU H 137 -20.35 -20.30 -19.38
N GLN H 138 -21.00 -19.48 -18.54
CA GLN H 138 -21.08 -18.03 -18.75
C GLN H 138 -19.78 -17.27 -18.43
N ILE H 139 -18.83 -17.91 -17.75
CA ILE H 139 -17.54 -17.29 -17.43
C ILE H 139 -16.75 -17.11 -18.73
N PRO H 140 -16.35 -15.86 -19.06
CA PRO H 140 -15.66 -15.61 -20.33
C PRO H 140 -14.17 -15.96 -20.27
N ARG H 141 -13.46 -15.65 -21.35
CA ARG H 141 -11.99 -15.76 -21.40
C ARG H 141 -11.37 -14.88 -20.33
N ILE H 142 -10.32 -15.39 -19.69
CA ILE H 142 -9.62 -14.66 -18.63
C ILE H 142 -8.80 -13.55 -19.29
N GLU H 143 -9.17 -12.30 -19.01
CA GLU H 143 -8.52 -11.11 -19.57
C GLU H 143 -7.97 -10.20 -18.47
N ASP H 144 -7.02 -9.35 -18.83
CA ASP H 144 -6.22 -8.59 -17.86
C ASP H 144 -7.03 -7.55 -17.09
N GLY H 145 -7.98 -6.90 -17.78
CA GLY H 145 -8.87 -5.92 -17.16
C GLY H 145 -10.32 -6.16 -17.53
N ASN H 146 -11.20 -5.27 -17.06
CA ASN H 146 -12.65 -5.31 -17.32
C ASN H 146 -13.27 -6.59 -16.70
N ASN H 147 -12.90 -6.84 -15.44
CA ASN H 147 -13.27 -8.07 -14.73
C ASN H 147 -14.26 -7.83 -13.59
N PHE H 148 -15.08 -6.79 -13.69
CA PHE H 148 -16.11 -6.51 -12.69
C PHE H 148 -17.29 -7.47 -12.83
N GLY H 149 -17.68 -7.75 -14.07
CA GLY H 149 -18.68 -8.78 -14.37
C GLY H 149 -18.24 -10.18 -13.95
N VAL H 150 -16.93 -10.44 -14.03
CA VAL H 150 -16.34 -11.71 -13.56
C VAL H 150 -16.45 -11.80 -12.03
N ALA H 151 -16.22 -10.69 -11.34
CA ALA H 151 -16.36 -10.63 -9.88
C ALA H 151 -17.80 -10.81 -9.41
N VAL H 152 -18.76 -10.30 -10.19
CA VAL H 152 -20.20 -10.51 -9.92
C VAL H 152 -20.56 -11.99 -10.04
N GLN H 153 -20.08 -12.63 -11.11
CA GLN H 153 -20.28 -14.08 -11.30
C GLN H 153 -19.68 -14.91 -10.18
N GLU H 154 -18.47 -14.55 -9.74
CA GLU H 154 -17.81 -15.22 -8.60
C GLU H 154 -18.58 -15.06 -7.29
N LYS H 155 -19.16 -13.87 -7.07
CA LYS H 155 -19.97 -13.59 -5.87
C LYS H 155 -21.28 -14.40 -5.89
N VAL H 156 -21.93 -14.46 -7.04
CA VAL H 156 -23.16 -15.24 -7.23
C VAL H 156 -22.85 -16.75 -7.19
N PHE H 157 -21.68 -17.15 -7.68
CA PHE H 157 -21.20 -18.53 -7.61
C PHE H 157 -20.88 -18.97 -6.17
N GLU H 158 -20.44 -18.03 -5.34
CA GLU H 158 -20.14 -18.29 -3.92
C GLU H 158 -21.38 -18.73 -3.14
N LEU H 159 -22.51 -18.06 -3.37
CA LEU H 159 -23.78 -18.39 -2.71
C LEU H 159 -24.29 -19.78 -3.09
N MET H 160 -24.13 -20.15 -4.36
CA MET H 160 -24.59 -21.45 -4.86
C MET H 160 -23.86 -22.63 -4.23
N THR H 161 -22.53 -22.50 -4.09
CA THR H 161 -21.72 -23.52 -3.43
C THR H 161 -21.99 -23.60 -1.91
N ASN H 162 -22.36 -22.47 -1.30
CA ASN H 162 -22.79 -22.46 0.10
C ASN H 162 -24.13 -23.18 0.28
N LEU H 163 -25.07 -22.95 -0.65
CA LEU H 163 -26.32 -23.70 -0.70
C LEU H 163 -26.10 -25.18 -0.99
N HIS H 164 -25.14 -25.48 -1.87
CA HIS H 164 -24.76 -26.85 -2.20
C HIS H 164 -24.23 -27.60 -0.98
N THR H 165 -23.40 -26.92 -0.17
CA THR H 165 -22.92 -27.46 1.10
C THR H 165 -24.06 -27.65 2.12
N LYS H 166 -25.00 -26.71 2.13
CA LYS H 166 -26.13 -26.74 3.08
C LYS H 166 -27.15 -27.83 2.75
N LEU H 167 -27.47 -27.97 1.46
CA LEU H 167 -28.43 -28.98 0.99
C LEU H 167 -27.87 -30.42 1.03
N GLU H 168 -26.55 -30.56 0.89
CA GLU H 168 -25.90 -31.87 1.09
C GLU H 168 -25.92 -32.32 2.57
N GLY H 169 -25.94 -31.35 3.49
CA GLY H 169 -26.15 -31.63 4.91
C GLY H 169 -27.53 -32.20 5.23
N PHE H 170 -28.52 -31.84 4.42
CA PHE H 170 -29.90 -32.33 4.59
C PHE H 170 -30.08 -33.79 4.16
N HIS H 171 -29.66 -34.14 2.95
CA HIS H 171 -29.87 -35.52 2.44
C HIS H 171 -28.96 -36.58 3.10
N THR H 172 -27.85 -36.15 3.69
CA THR H 172 -27.00 -37.04 4.49
C THR H 172 -27.64 -37.39 5.84
N GLN H 173 -28.21 -36.38 6.51
CA GLN H 173 -28.76 -36.56 7.86
C GLN H 173 -30.09 -37.32 7.94
N ILE H 174 -30.76 -37.53 6.80
CA ILE H 174 -31.96 -38.37 6.74
C ILE H 174 -31.60 -39.85 6.91
N SER H 175 -30.51 -40.28 6.29
CA SER H 175 -29.95 -41.63 6.52
C SER H 175 -29.39 -41.78 7.94
N LYS H 176 -28.85 -40.69 8.47
CA LYS H 176 -28.36 -40.61 9.86
C LYS H 176 -29.46 -40.88 10.90
N TYR H 177 -30.68 -40.39 10.63
CA TYR H 177 -31.83 -40.57 11.52
C TYR H 177 -32.18 -42.05 11.76
N PHE H 178 -32.32 -42.81 10.68
CA PHE H 178 -32.64 -44.23 10.75
C PHE H 178 -31.51 -45.07 11.33
N SER H 179 -30.27 -44.63 11.11
CA SER H 179 -29.08 -45.26 11.70
C SER H 179 -29.02 -45.05 13.22
N GLU H 180 -29.24 -43.81 13.65
CA GLU H 180 -29.23 -43.45 15.08
C GLU H 180 -30.41 -44.03 15.86
N ARG H 181 -31.60 -43.98 15.26
CA ARG H 181 -32.81 -44.52 15.90
C ARG H 181 -32.78 -46.04 16.02
N GLY H 182 -32.23 -46.70 14.99
CA GLY H 182 -32.02 -48.15 15.03
C GLY H 182 -31.08 -48.59 16.15
N ASP H 183 -30.01 -47.82 16.36
CA ASP H 183 -29.07 -48.08 17.46
C ASP H 183 -29.69 -47.81 18.84
N ALA H 184 -30.52 -46.77 18.93
CA ALA H 184 -31.21 -46.43 20.18
C ALA H 184 -32.26 -47.48 20.57
N VAL H 185 -33.03 -47.95 19.58
CA VAL H 185 -34.02 -49.02 19.77
C VAL H 185 -33.32 -50.35 20.09
N ALA H 186 -32.19 -50.61 19.43
CA ALA H 186 -31.38 -51.80 19.70
C ALA H 186 -30.84 -51.83 21.14
N LYS H 187 -30.33 -50.69 21.60
CA LYS H 187 -29.83 -50.54 22.97
C LYS H 187 -30.96 -50.59 24.01
N ALA H 188 -32.11 -50.01 23.68
CA ALA H 188 -33.29 -50.05 24.54
C ALA H 188 -33.86 -51.46 24.69
N ALA H 189 -33.81 -52.25 23.61
CA ALA H 189 -34.27 -53.64 23.62
C ALA H 189 -33.31 -54.57 24.39
N LYS H 190 -32.01 -54.37 24.20
CA LYS H 190 -30.98 -55.16 24.90
C LYS H 190 -30.91 -54.84 26.40
N GLN H 191 -31.06 -53.57 26.75
CA GLN H 191 -31.17 -53.12 28.15
C GLN H 191 -32.52 -52.43 28.39
N PRO H 192 -33.57 -53.21 28.72
CA PRO H 192 -34.86 -52.62 29.11
C PRO H 192 -34.81 -51.79 30.40
N HIS H 193 -33.96 -52.20 31.35
CA HIS H 193 -33.78 -51.48 32.62
C HIS H 193 -33.32 -50.02 32.50
N VAL H 194 -32.59 -49.68 31.44
CA VAL H 194 -32.15 -48.31 31.19
C VAL H 194 -33.30 -47.50 30.57
N GLY H 195 -33.87 -46.59 31.36
CA GLY H 195 -34.98 -45.76 30.92
C GLY H 195 -34.64 -44.63 29.95
N ASP H 196 -33.36 -44.24 29.91
CA ASP H 196 -32.91 -43.14 29.05
C ASP H 196 -32.84 -43.52 27.57
N TYR H 197 -32.59 -44.79 27.27
CA TYR H 197 -32.58 -45.28 25.88
C TYR H 197 -33.98 -45.24 25.25
N ARG H 198 -35.02 -45.43 26.08
CA ARG H 198 -36.41 -45.26 25.63
C ARG H 198 -36.69 -43.80 25.30
N GLN H 199 -36.24 -42.90 26.18
CA GLN H 199 -36.35 -41.46 25.96
C GLN H 199 -35.52 -40.98 24.76
N LEU H 200 -34.36 -41.62 24.54
CA LEU H 200 -33.50 -41.32 23.38
C LEU H 200 -34.20 -41.55 22.05
N VAL H 201 -35.03 -42.59 21.97
CA VAL H 201 -35.82 -42.88 20.76
C VAL H 201 -36.87 -41.78 20.52
N HIS H 202 -37.53 -41.35 21.59
CA HIS H 202 -38.56 -40.31 21.51
C HIS H 202 -37.97 -38.92 21.23
N GLU H 203 -36.79 -38.65 21.76
CA GLU H 203 -36.08 -37.38 21.54
C GLU H 203 -35.55 -37.24 20.11
N LEU H 204 -35.04 -38.33 19.55
CA LEU H 204 -34.62 -38.37 18.14
C LEU H 204 -35.79 -38.14 17.18
N ASP H 205 -36.98 -38.62 17.55
CA ASP H 205 -38.21 -38.37 16.78
C ASP H 205 -38.63 -36.90 16.83
N GLU H 206 -38.63 -36.32 18.03
CA GLU H 206 -38.96 -34.89 18.20
C GLU H 206 -37.96 -33.97 17.48
N ALA H 207 -36.68 -34.31 17.55
CA ALA H 207 -35.63 -33.56 16.87
C ALA H 207 -35.71 -33.66 15.34
N GLU H 208 -36.02 -34.86 14.85
CA GLU H 208 -36.16 -35.11 13.40
C GLU H 208 -37.36 -34.37 12.80
N TYR H 209 -38.48 -34.38 13.52
CA TYR H 209 -39.68 -33.61 13.13
C TYR H 209 -39.36 -32.12 13.01
N GLN H 210 -38.70 -31.58 14.04
CA GLN H 210 -38.33 -30.16 14.08
C GLN H 210 -37.30 -29.80 13.01
N GLU H 211 -36.38 -30.72 12.72
CA GLU H 211 -35.39 -30.53 11.66
C GLU H 211 -36.05 -30.56 10.28
N ILE H 212 -36.92 -31.54 10.05
CA ILE H 212 -37.74 -31.63 8.82
C ILE H 212 -38.55 -30.35 8.57
N ARG H 213 -39.08 -29.77 9.66
CA ARG H 213 -39.84 -28.53 9.58
C ARG H 213 -38.98 -27.36 9.07
N LEU H 214 -37.74 -27.27 9.58
CA LEU H 214 -36.78 -26.25 9.12
C LEU H 214 -36.19 -26.56 7.74
N MET H 215 -35.98 -27.83 7.44
CA MET H 215 -35.46 -28.25 6.12
C MET H 215 -36.37 -27.84 4.96
N VAL H 216 -37.68 -27.86 5.19
CA VAL H 216 -38.66 -27.38 4.21
C VAL H 216 -38.56 -25.86 4.04
N MET H 217 -38.37 -25.13 5.14
CA MET H 217 -38.16 -23.67 5.10
C MET H 217 -36.86 -23.31 4.37
N GLU H 218 -35.78 -24.05 4.68
CA GLU H 218 -34.47 -23.82 4.07
C GLU H 218 -34.44 -24.04 2.56
N ILE H 219 -35.18 -25.06 2.09
CA ILE H 219 -35.31 -25.34 0.65
C ILE H 219 -36.12 -24.23 -0.04
N ARG H 220 -37.22 -23.80 0.58
CA ARG H 220 -38.02 -22.69 0.07
C ARG H 220 -37.22 -21.39 -0.01
N ASN H 221 -36.43 -21.11 1.04
CA ASN H 221 -35.55 -19.94 1.07
C ASN H 221 -34.43 -20.02 0.02
N ALA H 222 -33.94 -21.23 -0.24
CA ALA H 222 -32.93 -21.46 -1.29
C ALA H 222 -33.46 -21.08 -2.67
N TYR H 223 -34.68 -21.52 -2.99
CA TYR H 223 -35.35 -21.14 -4.24
C TYR H 223 -35.58 -19.62 -4.35
N ALA H 224 -35.96 -19.00 -3.25
CA ALA H 224 -36.26 -17.57 -3.22
C ALA H 224 -35.00 -16.69 -3.36
N VAL H 225 -33.95 -17.04 -2.62
CA VAL H 225 -32.69 -16.26 -2.64
C VAL H 225 -31.91 -16.49 -3.95
N LEU H 226 -31.97 -17.70 -4.51
CA LEU H 226 -31.41 -17.98 -5.84
C LEU H 226 -32.10 -17.15 -6.91
N TYR H 227 -33.43 -17.13 -6.88
CA TYR H 227 -34.24 -16.30 -7.78
C TYR H 227 -33.90 -14.81 -7.63
N ASP H 228 -33.75 -14.36 -6.38
CA ASP H 228 -33.49 -12.94 -6.09
C ASP H 228 -32.13 -12.48 -6.60
N ILE H 229 -31.08 -13.23 -6.25
CA ILE H 229 -29.71 -12.85 -6.58
C ILE H 229 -29.37 -12.99 -8.07
N ILE H 230 -29.94 -14.00 -8.74
CA ILE H 230 -29.72 -14.21 -10.18
C ILE H 230 -30.43 -13.13 -10.99
N LEU H 231 -31.69 -12.86 -10.67
CA LEU H 231 -32.51 -11.90 -11.42
C LEU H 231 -32.04 -10.44 -11.23
N LYS H 232 -31.60 -10.10 -10.02
CA LYS H 232 -31.02 -8.78 -9.73
C LYS H 232 -29.75 -8.51 -10.55
N ASN H 233 -28.86 -9.50 -10.58
CA ASN H 233 -27.57 -9.39 -11.29
C ASN H 233 -27.57 -9.99 -12.70
N PHE H 234 -28.74 -10.29 -13.25
CA PHE H 234 -28.87 -11.08 -14.50
C PHE H 234 -28.12 -10.50 -15.70
N GLU H 235 -28.05 -9.17 -15.80
CA GLU H 235 -27.34 -8.50 -16.88
C GLU H 235 -25.84 -8.82 -16.87
N LYS H 236 -25.23 -8.80 -15.69
CA LYS H 236 -23.79 -9.10 -15.55
C LYS H 236 -23.47 -10.60 -15.60
N LEU H 237 -24.43 -11.46 -15.22
CA LEU H 237 -24.23 -12.92 -15.29
C LEU H 237 -24.25 -13.41 -16.74
N LYS H 238 -25.23 -12.94 -17.52
CA LYS H 238 -25.30 -13.25 -18.95
C LYS H 238 -24.19 -12.58 -19.76
N LYS H 239 -23.95 -11.29 -19.48
CA LYS H 239 -22.94 -10.50 -20.18
C LYS H 239 -22.04 -9.77 -19.18
N PRO H 240 -20.97 -10.43 -18.69
CA PRO H 240 -20.02 -9.76 -17.78
C PRO H 240 -19.24 -8.61 -18.41
N ARG H 241 -18.97 -8.70 -19.72
CA ARG H 241 -18.38 -7.61 -20.49
C ARG H 241 -19.41 -7.07 -21.47
N GLY H 242 -19.58 -5.74 -21.48
CA GLY H 242 -20.61 -5.09 -22.30
C GLY H 242 -20.27 -5.08 -23.77
N GLU I 12 -49.01 -14.94 -13.89
CA GLU I 12 -49.02 -15.53 -12.51
C GLU I 12 -47.61 -15.74 -11.94
N ALA I 13 -46.66 -16.15 -12.78
CA ALA I 13 -45.30 -16.50 -12.35
C ALA I 13 -44.58 -15.42 -11.54
N ARG I 14 -44.70 -14.17 -11.97
CA ARG I 14 -44.20 -13.02 -11.19
C ARG I 14 -44.99 -12.83 -9.88
N LYS I 15 -46.31 -13.01 -9.96
CA LYS I 15 -47.20 -12.85 -8.80
C LYS I 15 -46.91 -13.84 -7.66
N GLN I 16 -46.47 -15.06 -8.01
CA GLN I 16 -46.16 -16.09 -7.00
C GLN I 16 -44.98 -15.73 -6.09
N VAL I 17 -43.96 -15.08 -6.66
CA VAL I 17 -42.80 -14.60 -5.88
C VAL I 17 -43.18 -13.37 -5.03
N ASP I 18 -44.07 -12.54 -5.57
CA ASP I 18 -44.55 -11.34 -4.85
C ASP I 18 -45.35 -11.65 -3.59
N VAL I 19 -45.96 -12.84 -3.53
CA VAL I 19 -46.67 -13.29 -2.31
C VAL I 19 -45.67 -13.59 -1.18
N PHE I 20 -44.62 -14.34 -1.50
CA PHE I 20 -43.57 -14.67 -0.51
C PHE I 20 -42.76 -13.45 -0.06
N ARG I 21 -42.46 -12.56 -1.01
CA ARG I 21 -41.69 -11.33 -0.73
C ARG I 21 -42.34 -10.48 0.37
N GLN I 22 -43.63 -10.21 0.22
CA GLN I 22 -44.38 -9.41 1.22
C GLN I 22 -44.65 -10.17 2.52
N ASN I 23 -44.75 -11.50 2.47
CA ASN I 23 -44.88 -12.34 3.68
C ASN I 23 -43.60 -12.30 4.53
N LEU I 24 -42.45 -12.44 3.87
CA LEU I 24 -41.15 -12.42 4.54
C LEU I 24 -40.84 -11.05 5.16
N PHE I 25 -41.15 -9.98 4.42
CA PHE I 25 -40.98 -8.61 4.92
C PHE I 25 -41.95 -8.30 6.07
N GLN I 26 -43.16 -8.87 6.02
CA GLN I 26 -44.16 -8.72 7.09
C GLN I 26 -43.74 -9.43 8.37
N GLU I 27 -43.34 -10.70 8.24
CA GLU I 27 -42.92 -11.52 9.39
C GLU I 27 -41.67 -10.97 10.10
N ALA I 28 -40.73 -10.44 9.33
CA ALA I 28 -39.54 -9.77 9.88
C ALA I 28 -39.90 -8.49 10.64
N ASP I 29 -40.91 -7.78 10.16
CA ASP I 29 -41.42 -6.58 10.86
C ASP I 29 -42.15 -6.98 12.15
N ASP I 30 -42.97 -8.04 12.07
CA ASP I 30 -43.65 -8.59 13.26
C ASP I 30 -42.68 -9.15 14.30
N PHE I 31 -41.56 -9.72 13.84
CA PHE I 31 -40.54 -10.29 14.72
C PHE I 31 -39.87 -9.23 15.60
N LEU I 32 -39.39 -8.16 14.97
CA LEU I 32 -38.64 -7.11 15.67
C LEU I 32 -39.52 -6.22 16.55
N CYS I 33 -40.75 -5.96 16.11
CA CYS I 33 -41.66 -5.06 16.82
C CYS I 33 -42.29 -5.68 18.08
N THR I 34 -42.84 -6.90 17.93
CA THR I 34 -43.67 -7.52 18.97
C THR I 34 -43.09 -8.83 19.55
N PHE I 35 -42.78 -9.79 18.67
CA PHE I 35 -42.35 -11.14 19.10
C PHE I 35 -41.05 -11.16 19.90
N LEU I 36 -40.07 -10.33 19.49
CA LEU I 36 -38.75 -10.33 20.12
C LEU I 36 -38.76 -9.70 21.53
N PRO I 37 -39.41 -8.53 21.70
CA PRO I 37 -39.61 -8.02 23.07
C PRO I 37 -40.41 -8.94 24.00
N ARG I 38 -41.43 -9.60 23.46
CA ARG I 38 -42.21 -10.59 24.23
C ARG I 38 -41.39 -11.81 24.66
N LYS I 39 -40.45 -12.23 23.83
CA LYS I 39 -39.53 -13.33 24.18
C LYS I 39 -38.55 -12.95 25.29
N ILE I 40 -38.09 -11.70 25.31
CA ILE I 40 -37.20 -11.20 26.37
C ILE I 40 -37.91 -11.20 27.74
N ILE I 41 -39.21 -10.91 27.74
CA ILE I 41 -40.02 -10.96 28.96
C ILE I 41 -40.28 -12.41 29.41
N SER I 42 -40.73 -13.26 28.49
CA SER I 42 -41.05 -14.66 28.82
C SER I 42 -39.82 -15.48 29.25
N LEU I 43 -38.66 -15.19 28.64
CA LEU I 43 -37.39 -15.79 29.06
C LEU I 43 -36.91 -15.25 30.41
N SER I 44 -37.09 -13.95 30.63
CA SER I 44 -36.83 -13.34 31.95
C SER I 44 -37.78 -13.89 33.02
N GLN I 45 -39.04 -14.08 32.64
CA GLN I 45 -40.06 -14.69 33.52
C GLN I 45 -39.73 -16.15 33.86
N LEU I 46 -39.18 -16.88 32.88
CA LEU I 46 -38.71 -18.25 33.09
C LEU I 46 -37.50 -18.32 34.04
N LEU I 47 -36.60 -17.34 33.96
CA LEU I 47 -35.42 -17.29 34.84
C LEU I 47 -35.74 -16.99 36.32
N GLN I 48 -36.92 -16.43 36.60
CA GLN I 48 -37.38 -16.21 37.97
C GLN I 48 -38.01 -17.45 38.63
N GLU I 49 -38.39 -18.45 37.83
CA GLU I 49 -39.04 -19.66 38.34
C GLU I 49 -38.09 -20.50 39.21
N ASP I 50 -38.67 -21.29 40.10
CA ASP I 50 -37.91 -22.07 41.09
C ASP I 50 -37.11 -23.22 40.47
N SER I 51 -37.55 -23.71 39.29
CA SER I 51 -36.83 -24.76 38.57
C SER I 51 -35.45 -24.31 38.08
N LEU I 52 -35.35 -23.07 37.58
CA LEU I 52 -34.08 -22.51 37.11
C LEU I 52 -33.17 -22.02 38.24
N ASN I 53 -33.72 -21.73 39.42
CA ASN I 53 -32.96 -21.23 40.57
C ASN I 53 -32.88 -22.26 41.70
N VAL I 54 -32.33 -23.44 41.37
CA VAL I 54 -32.07 -24.47 42.37
C VAL I 54 -30.82 -24.05 43.16
N ALA I 55 -30.98 -23.84 44.47
CA ALA I 55 -29.90 -23.34 45.33
C ALA I 55 -28.82 -24.39 45.55
N ASP I 56 -29.23 -25.59 45.96
CA ASP I 56 -28.33 -26.72 46.20
C ASP I 56 -28.56 -27.78 45.12
N LEU I 57 -27.50 -28.13 44.38
CA LEU I 57 -27.59 -29.09 43.28
C LEU I 57 -27.79 -30.56 43.71
N SER I 58 -27.68 -30.82 45.02
CA SER I 58 -28.04 -32.13 45.59
C SER I 58 -29.52 -32.52 45.39
N SER I 59 -30.39 -31.52 45.29
CA SER I 59 -31.83 -31.75 45.04
C SER I 59 -32.15 -32.29 43.64
N LEU I 60 -31.27 -32.06 42.67
CA LEU I 60 -31.40 -32.64 41.32
C LEU I 60 -31.09 -34.16 41.28
N ARG I 61 -30.42 -34.67 42.31
CA ARG I 61 -30.03 -36.08 42.40
C ARG I 61 -31.25 -37.02 42.36
N ALA I 62 -31.29 -37.88 41.33
CA ALA I 62 -32.33 -38.91 41.19
C ALA I 62 -31.81 -40.24 41.79
N PRO I 63 -32.71 -41.06 42.36
CA PRO I 63 -32.26 -42.37 42.85
C PRO I 63 -31.91 -43.34 41.72
N LEU I 64 -30.73 -43.95 41.79
CA LEU I 64 -30.32 -44.96 40.81
C LEU I 64 -31.04 -46.29 41.05
N ASP I 65 -31.00 -46.76 42.30
CA ASP I 65 -31.58 -48.05 42.71
C ASP I 65 -30.95 -49.26 41.99
N ILE I 66 -29.63 -49.21 41.83
CA ILE I 66 -28.84 -50.34 41.33
C ILE I 66 -28.30 -51.08 42.57
N PRO I 67 -28.39 -52.42 42.60
CA PRO I 67 -27.90 -53.15 43.79
C PRO I 67 -26.39 -52.99 44.02
N ILE I 68 -26.02 -52.70 45.27
CA ILE I 68 -24.62 -52.55 45.67
C ILE I 68 -24.09 -53.94 46.05
N PRO I 69 -23.01 -54.41 45.40
CA PRO I 69 -22.55 -55.77 45.66
C PRO I 69 -21.73 -55.85 46.95
N ASP I 70 -21.97 -56.89 47.74
CA ASP I 70 -21.22 -57.11 49.00
C ASP I 70 -19.77 -57.54 48.70
N PRO I 71 -18.83 -57.30 49.63
CA PRO I 71 -17.45 -57.77 49.45
C PRO I 71 -17.34 -59.30 49.34
N PRO I 72 -16.49 -59.81 48.42
CA PRO I 72 -16.40 -61.26 48.21
C PRO I 72 -15.59 -61.96 49.31
N CYS I 91 -31.19 -56.39 37.73
CA CYS I 91 -31.27 -54.99 38.12
C CYS I 91 -32.68 -54.44 37.87
N GLY I 92 -33.13 -53.57 38.77
CA GLY I 92 -34.45 -52.92 38.65
C GLY I 92 -34.46 -51.82 37.60
N TYR I 93 -35.66 -51.27 37.35
CA TYR I 93 -35.83 -50.21 36.35
C TYR I 93 -35.22 -48.90 36.85
N LEU I 94 -34.58 -48.17 35.94
CA LEU I 94 -33.90 -46.91 36.25
C LEU I 94 -34.57 -45.77 35.47
N PRO I 95 -35.43 -44.97 36.14
CA PRO I 95 -36.03 -43.82 35.46
C PRO I 95 -35.04 -42.69 35.19
N GLY I 96 -35.30 -41.88 34.17
CA GLY I 96 -34.53 -40.67 33.90
C GLY I 96 -34.81 -39.59 34.93
N ASN I 97 -33.95 -38.59 34.99
CA ASN I 97 -34.09 -37.50 35.96
C ASN I 97 -35.32 -36.65 35.62
N GLU I 98 -36.38 -36.80 36.41
CA GLU I 98 -37.66 -36.12 36.15
C GLU I 98 -37.60 -34.60 36.36
N LYS I 99 -36.68 -34.14 37.21
CA LYS I 99 -36.45 -32.70 37.37
C LYS I 99 -35.89 -32.05 36.09
N LEU I 100 -34.95 -32.75 35.45
CA LEU I 100 -34.37 -32.28 34.18
C LEU I 100 -35.34 -32.44 33.01
N LEU I 101 -36.12 -33.52 33.00
CA LEU I 101 -37.14 -33.74 31.95
C LEU I 101 -38.24 -32.67 31.96
N ALA I 102 -38.58 -32.15 33.13
CA ALA I 102 -39.49 -31.00 33.26
C ALA I 102 -38.84 -29.72 32.72
N LEU I 103 -37.56 -29.53 33.04
CA LEU I 103 -36.79 -28.37 32.54
C LEU I 103 -36.54 -28.45 31.03
N LEU I 104 -36.14 -29.63 30.56
CA LEU I 104 -35.93 -29.90 29.12
C LEU I 104 -37.18 -29.69 28.27
N ALA I 105 -38.36 -29.96 28.85
CA ALA I 105 -39.64 -29.72 28.17
C ALA I 105 -39.91 -28.23 27.87
N LEU I 106 -39.40 -27.34 28.73
CA LEU I 106 -39.52 -25.89 28.55
C LEU I 106 -38.45 -25.30 27.62
N VAL I 107 -37.20 -25.77 27.78
CA VAL I 107 -36.05 -25.21 27.03
C VAL I 107 -36.09 -25.60 25.54
N LYS I 108 -36.40 -26.87 25.25
CA LYS I 108 -36.42 -27.39 23.87
C LYS I 108 -37.20 -26.51 22.87
N PRO I 109 -38.48 -26.17 23.17
CA PRO I 109 -39.23 -25.22 22.33
C PRO I 109 -38.53 -23.89 22.07
N GLU I 110 -37.92 -23.32 23.10
CA GLU I 110 -37.24 -22.01 23.00
C GLU I 110 -35.99 -22.05 22.11
N VAL I 111 -35.33 -23.22 22.04
CA VAL I 111 -34.18 -23.42 21.16
C VAL I 111 -34.65 -23.49 19.69
N TRP I 112 -35.67 -24.29 19.43
CA TRP I 112 -36.25 -24.42 18.09
C TRP I 112 -36.94 -23.14 17.60
N THR I 113 -37.52 -22.37 18.53
CA THR I 113 -38.17 -21.10 18.20
C THR I 113 -37.17 -20.06 17.69
N LEU I 114 -36.06 -19.89 18.40
CA LEU I 114 -35.02 -18.92 18.01
C LEU I 114 -34.30 -19.30 16.71
N LYS I 115 -34.07 -20.60 16.50
CA LYS I 115 -33.45 -21.09 15.26
C LYS I 115 -34.32 -20.83 14.03
N GLU I 116 -35.65 -20.90 14.21
CA GLU I 116 -36.60 -20.56 13.15
C GLU I 116 -36.54 -19.07 12.79
N LYS I 117 -36.43 -18.22 13.80
CA LYS I 117 -36.37 -16.76 13.60
C LYS I 117 -35.02 -16.26 13.10
N CYS I 118 -33.93 -16.99 13.39
CA CYS I 118 -32.63 -16.70 12.80
C CYS I 118 -32.65 -16.91 11.29
N ILE I 119 -33.26 -18.02 10.86
CA ILE I 119 -33.45 -18.32 9.43
C ILE I 119 -34.33 -17.26 8.75
N LEU I 120 -35.36 -16.78 9.45
CA LEU I 120 -36.22 -15.69 8.97
C LEU I 120 -35.44 -14.40 8.72
N VAL I 121 -34.63 -14.00 9.70
CA VAL I 121 -33.83 -12.77 9.63
C VAL I 121 -32.69 -12.89 8.60
N ILE I 122 -32.08 -14.08 8.50
CA ILE I 122 -31.06 -14.36 7.48
C ILE I 122 -31.66 -14.24 6.06
N THR I 123 -32.84 -14.83 5.85
CA THR I 123 -33.54 -14.73 4.57
C THR I 123 -34.02 -13.30 4.29
N TRP I 124 -34.43 -12.59 5.34
CA TRP I 124 -34.88 -11.20 5.24
C TRP I 124 -33.77 -10.25 4.75
N ILE I 125 -32.58 -10.36 5.36
CA ILE I 125 -31.44 -9.51 4.98
C ILE I 125 -30.93 -9.84 3.57
N GLN I 126 -30.89 -11.11 3.21
CA GLN I 126 -30.45 -11.55 1.87
C GLN I 126 -31.30 -10.99 0.73
N HIS I 127 -32.61 -10.82 0.96
CA HIS I 127 -33.49 -10.18 -0.02
C HIS I 127 -33.28 -8.65 -0.11
N LEU I 128 -32.84 -8.04 0.98
CA LEU I 128 -32.47 -6.61 0.98
C LEU I 128 -31.09 -6.31 0.38
N ILE I 129 -30.26 -7.33 0.14
CA ILE I 129 -28.98 -7.15 -0.56
C ILE I 129 -29.27 -6.78 -2.03
N PRO I 130 -28.86 -5.57 -2.46
CA PRO I 130 -29.21 -5.08 -3.79
C PRO I 130 -28.33 -5.67 -4.90
N LYS I 131 -28.54 -5.18 -6.12
CA LYS I 131 -27.67 -5.48 -7.26
C LYS I 131 -26.23 -5.08 -6.95
N ILE I 132 -25.28 -5.93 -7.34
CA ILE I 132 -23.86 -5.68 -7.07
C ILE I 132 -23.35 -4.59 -8.02
N GLU I 133 -23.09 -3.41 -7.46
CA GLU I 133 -22.55 -2.26 -8.20
C GLU I 133 -21.20 -1.85 -7.61
N ASP I 134 -20.44 -1.08 -8.38
CA ASP I 134 -19.04 -0.78 -8.04
C ASP I 134 -18.90 0.25 -6.90
N GLY I 135 -19.65 1.35 -7.01
CA GLY I 135 -19.64 2.41 -5.99
C GLY I 135 -20.77 2.30 -4.98
N ASN I 136 -20.55 2.91 -3.80
CA ASN I 136 -21.56 3.03 -2.75
C ASN I 136 -21.85 1.67 -2.09
N ASP I 137 -20.76 0.99 -1.70
CA ASP I 137 -20.81 -0.39 -1.19
C ASP I 137 -20.68 -0.53 0.33
N PHE I 138 -20.60 0.58 1.07
CA PHE I 138 -20.48 0.52 2.53
C PHE I 138 -21.77 0.06 3.21
N GLY I 139 -22.92 0.40 2.62
CA GLY I 139 -24.21 -0.15 3.04
C GLY I 139 -24.29 -1.65 2.85
N VAL I 140 -23.73 -2.14 1.74
CA VAL I 140 -23.66 -3.58 1.46
C VAL I 140 -22.69 -4.26 2.44
N ALA I 141 -21.60 -3.58 2.80
CA ALA I 141 -20.65 -4.08 3.80
C ALA I 141 -21.26 -4.19 5.20
N ILE I 142 -22.15 -3.27 5.56
CA ILE I 142 -22.87 -3.32 6.84
C ILE I 142 -23.85 -4.50 6.88
N GLN I 143 -24.57 -4.73 5.79
CA GLN I 143 -25.44 -5.91 5.66
C GLN I 143 -24.67 -7.20 5.89
N GLU I 144 -23.52 -7.33 5.22
CA GLU I 144 -22.63 -8.50 5.38
C GLU I 144 -22.09 -8.66 6.81
N LYS I 145 -21.82 -7.54 7.50
CA LYS I 145 -21.38 -7.55 8.89
C LYS I 145 -22.48 -8.02 9.83
N VAL I 146 -23.71 -7.59 9.58
CA VAL I 146 -24.88 -8.05 10.36
C VAL I 146 -25.23 -9.51 10.02
N LEU I 147 -25.11 -9.87 8.73
CA LEU I 147 -25.37 -11.24 8.28
C LEU I 147 -24.37 -12.25 8.86
N GLU I 148 -23.16 -11.78 9.17
CA GLU I 148 -22.15 -12.57 9.87
C GLU I 148 -22.57 -12.88 11.31
N ARG I 149 -23.06 -11.87 12.01
CA ARG I 149 -23.42 -12.00 13.43
C ARG I 149 -24.64 -12.90 13.66
N VAL I 150 -25.66 -12.78 12.81
CA VAL I 150 -26.84 -13.66 12.87
C VAL I 150 -26.48 -15.13 12.59
N ASN I 151 -25.53 -15.36 11.69
CA ASN I 151 -24.99 -16.71 11.43
C ASN I 151 -24.16 -17.25 12.61
N ALA I 152 -23.43 -16.36 13.28
CA ALA I 152 -22.71 -16.70 14.50
C ALA I 152 -23.66 -17.08 15.65
N VAL I 153 -24.79 -16.36 15.74
CA VAL I 153 -25.85 -16.69 16.69
C VAL I 153 -26.51 -18.03 16.36
N LYS I 154 -26.77 -18.26 15.06
CA LYS I 154 -27.38 -19.52 14.61
C LYS I 154 -26.50 -20.74 14.87
N THR I 155 -25.18 -20.57 14.75
CA THR I 155 -24.22 -21.63 15.05
C THR I 155 -24.23 -22.03 16.52
N LYS I 156 -24.33 -21.04 17.41
CA LYS I 156 -24.43 -21.30 18.86
C LYS I 156 -25.76 -21.92 19.27
N VAL I 157 -26.83 -21.55 18.57
CA VAL I 157 -28.16 -22.16 18.78
C VAL I 157 -28.18 -23.63 18.32
N GLU I 158 -27.48 -23.93 17.22
CA GLU I 158 -27.28 -25.32 16.77
C GLU I 158 -26.44 -26.14 17.77
N ALA I 159 -25.47 -25.49 18.41
CA ALA I 159 -24.65 -26.13 19.46
C ALA I 159 -25.45 -26.48 20.73
N PHE I 160 -26.53 -25.75 21.01
CA PHE I 160 -27.45 -26.09 22.11
C PHE I 160 -28.26 -27.36 21.81
N GLN I 161 -28.63 -27.56 20.55
CA GLN I 161 -29.37 -28.76 20.13
C GLN I 161 -28.54 -30.03 20.22
N THR I 162 -27.25 -29.93 19.90
CA THR I 162 -26.32 -31.05 20.05
C THR I 162 -26.17 -31.46 21.51
N THR I 163 -26.03 -30.46 22.39
CA THR I 163 -25.92 -30.68 23.85
C THR I 163 -27.16 -31.38 24.43
N ILE I 164 -28.35 -31.01 23.95
CA ILE I 164 -29.60 -31.62 24.40
C ILE I 164 -29.72 -33.08 23.93
N SER I 165 -29.43 -33.33 22.65
CA SER I 165 -29.44 -34.68 22.10
C SER I 165 -28.32 -35.56 22.67
N LYS I 166 -27.17 -34.95 22.96
CA LYS I 166 -26.03 -35.63 23.58
C LYS I 166 -26.34 -36.15 24.99
N TYR I 167 -27.08 -35.37 25.78
CA TYR I 167 -27.43 -35.70 27.16
C TYR I 167 -28.12 -37.07 27.34
N PHE I 168 -29.10 -37.36 26.49
CA PHE I 168 -29.91 -38.58 26.61
C PHE I 168 -29.12 -39.85 26.27
N SER I 169 -28.34 -39.80 25.19
CA SER I 169 -27.46 -40.91 24.81
C SER I 169 -26.32 -41.12 25.82
N GLU I 170 -25.81 -40.02 26.38
CA GLU I 170 -24.73 -40.09 27.38
C GLU I 170 -25.19 -40.63 28.74
N ARG I 171 -26.33 -40.17 29.23
CA ARG I 171 -26.90 -40.66 30.50
C ARG I 171 -27.30 -42.13 30.40
N GLY I 172 -27.82 -42.55 29.23
CA GLY I 172 -28.12 -43.95 28.95
C GLY I 172 -26.89 -44.85 28.99
N ASP I 173 -25.79 -44.36 28.41
CA ASP I 173 -24.49 -45.06 28.49
C ASP I 173 -23.94 -45.07 29.92
N ALA I 174 -24.20 -44.01 30.67
CA ALA I 174 -23.76 -43.89 32.07
C ALA I 174 -24.39 -44.95 32.98
N VAL I 175 -25.73 -44.99 32.98
CA VAL I 175 -26.49 -45.95 33.79
C VAL I 175 -26.34 -47.41 33.32
N ALA I 176 -26.10 -47.60 32.02
CA ALA I 176 -25.84 -48.93 31.46
C ALA I 176 -24.52 -49.50 31.98
N LYS I 177 -23.47 -48.69 31.98
CA LYS I 177 -22.18 -49.06 32.57
C LYS I 177 -22.27 -49.25 34.09
N ALA I 178 -23.04 -48.40 34.76
CA ALA I 178 -23.24 -48.48 36.21
C ALA I 178 -24.01 -49.75 36.62
N SER I 179 -25.02 -50.12 35.84
CA SER I 179 -25.80 -51.34 36.10
C SER I 179 -25.04 -52.62 35.74
N LYS I 180 -24.29 -52.57 34.63
CA LYS I 180 -23.48 -53.70 34.18
C LYS I 180 -22.30 -53.95 35.13
N ASP I 181 -21.53 -52.90 35.40
CA ASP I 181 -20.45 -52.92 36.39
C ASP I 181 -20.91 -52.24 37.68
N THR I 182 -21.50 -53.04 38.57
CA THR I 182 -22.05 -52.55 39.84
C THR I 182 -20.97 -52.06 40.81
N HIS I 183 -19.93 -52.88 40.97
CA HIS I 183 -18.76 -52.55 41.81
C HIS I 183 -18.10 -51.19 41.55
N VAL I 184 -18.12 -50.72 40.31
CA VAL I 184 -17.51 -49.43 39.95
C VAL I 184 -18.46 -48.30 40.34
N MET I 185 -18.14 -47.61 41.44
CA MET I 185 -18.97 -46.53 41.98
C MET I 185 -18.74 -45.17 41.27
N ASP I 186 -17.70 -45.08 40.45
CA ASP I 186 -17.45 -43.88 39.63
C ASP I 186 -18.51 -43.65 38.55
N TYR I 187 -19.04 -44.75 38.00
CA TYR I 187 -20.14 -44.67 37.02
C TYR I 187 -21.42 -44.12 37.64
N ARG I 188 -21.68 -44.45 38.91
CA ARG I 188 -22.83 -43.91 39.64
C ARG I 188 -22.69 -42.41 39.88
N ALA I 189 -21.48 -42.00 40.29
CA ALA I 189 -21.14 -40.58 40.45
C ALA I 189 -21.20 -39.83 39.12
N LEU I 190 -20.76 -40.48 38.05
CA LEU I 190 -20.80 -39.90 36.70
C LEU I 190 -22.23 -39.65 36.20
N VAL I 191 -23.17 -40.53 36.55
CA VAL I 191 -24.59 -40.33 36.22
C VAL I 191 -25.14 -39.07 36.88
N HIS I 192 -24.80 -38.89 38.16
CA HIS I 192 -25.24 -37.72 38.92
C HIS I 192 -24.54 -36.42 38.48
N GLU I 193 -23.30 -36.53 38.02
CA GLU I 193 -22.55 -35.37 37.52
C GLU I 193 -23.00 -34.95 36.12
N ARG I 194 -23.42 -35.93 35.32
CA ARG I 194 -24.05 -35.66 34.01
C ARG I 194 -25.36 -34.87 34.13
N ASP I 195 -26.08 -35.04 35.24
CA ASP I 195 -27.30 -34.27 35.52
C ASP I 195 -26.98 -32.81 35.88
N GLU I 196 -26.03 -32.62 36.78
CA GLU I 196 -25.61 -31.27 37.21
C GLU I 196 -25.03 -30.45 36.06
N ALA I 197 -24.26 -31.09 35.19
CA ALA I 197 -23.73 -30.47 33.98
C ALA I 197 -24.85 -30.12 32.99
N ALA I 198 -25.81 -31.03 32.85
CA ALA I 198 -27.00 -30.80 32.02
C ALA I 198 -27.90 -29.69 32.58
N TYR I 199 -28.02 -29.62 33.91
CA TYR I 199 -28.77 -28.55 34.57
C TYR I 199 -28.12 -27.18 34.35
N GLY I 200 -26.83 -27.09 34.65
CA GLY I 200 -26.05 -25.86 34.47
C GLY I 200 -25.99 -25.38 33.03
N ALA I 201 -25.97 -26.33 32.08
CA ALA I 201 -26.03 -26.02 30.65
C ALA I 201 -27.39 -25.45 30.27
N LEU I 202 -28.46 -26.10 30.70
CA LEU I 202 -29.84 -25.67 30.40
C LEU I 202 -30.20 -24.29 30.98
N ARG I 203 -29.65 -23.97 32.15
CA ARG I 203 -29.79 -22.62 32.71
C ARG I 203 -29.00 -21.60 31.89
N ALA I 204 -27.78 -21.95 31.51
CA ALA I 204 -26.93 -21.11 30.66
C ALA I 204 -27.53 -20.87 29.27
N MET I 205 -28.24 -21.88 28.74
CA MET I 205 -28.96 -21.75 27.47
C MET I 205 -30.02 -20.65 27.52
N VAL I 206 -30.84 -20.65 28.57
CA VAL I 206 -31.93 -19.67 28.71
C VAL I 206 -31.37 -18.24 28.87
N LEU I 207 -30.27 -18.11 29.60
CA LEU I 207 -29.54 -16.83 29.68
C LEU I 207 -28.99 -16.39 28.32
N ASP I 208 -28.43 -17.34 27.57
CA ASP I 208 -27.94 -17.07 26.22
C ASP I 208 -29.08 -16.73 25.24
N LEU I 209 -30.14 -17.54 25.25
CA LEU I 209 -31.31 -17.32 24.39
C LEU I 209 -31.89 -15.92 24.53
N ARG I 210 -32.05 -15.47 25.77
CA ARG I 210 -32.52 -14.11 26.07
C ARG I 210 -31.54 -13.05 25.57
N ALA I 211 -30.25 -13.25 25.87
CA ALA I 211 -29.19 -12.36 25.42
C ALA I 211 -29.10 -12.28 23.89
N PHE I 212 -29.33 -13.41 23.22
CA PHE I 212 -29.27 -13.48 21.75
C PHE I 212 -30.44 -12.77 21.08
N TYR I 213 -31.62 -12.80 21.71
CA TYR I 213 -32.75 -11.94 21.27
C TYR I 213 -32.40 -10.45 21.43
N ALA I 214 -31.80 -10.10 22.56
CA ALA I 214 -31.38 -8.71 22.84
C ALA I 214 -30.28 -8.24 21.89
N GLU I 215 -29.30 -9.10 21.61
CA GLU I 215 -28.22 -8.81 20.66
C GLU I 215 -28.72 -8.69 19.21
N LEU I 216 -29.65 -9.57 18.82
CA LEU I 216 -30.25 -9.54 17.49
C LEU I 216 -31.01 -8.24 17.21
N TYR I 217 -31.77 -7.76 18.20
CA TYR I 217 -32.49 -6.49 18.05
C TYR I 217 -31.55 -5.29 18.04
N HIS I 218 -30.61 -5.25 18.99
CA HIS I 218 -29.68 -4.12 19.13
C HIS I 218 -28.89 -3.84 17.85
N ILE I 219 -28.33 -4.89 17.26
CA ILE I 219 -27.54 -4.76 16.03
C ILE I 219 -28.38 -4.42 14.79
N ILE I 220 -29.61 -4.94 14.73
CA ILE I 220 -30.53 -4.63 13.61
C ILE I 220 -31.13 -3.23 13.77
N SER I 221 -31.60 -2.91 14.98
CA SER I 221 -32.24 -1.63 15.27
C SER I 221 -31.30 -0.43 15.11
N SER I 222 -30.07 -0.58 15.58
CA SER I 222 -29.04 0.46 15.42
C SER I 222 -28.68 0.73 13.96
N ASN I 223 -28.57 -0.34 13.18
CA ASN I 223 -28.16 -0.27 11.77
C ASN I 223 -29.31 -0.44 10.76
N LEU I 224 -30.56 -0.30 11.21
CA LEU I 224 -31.74 -0.56 10.35
C LEU I 224 -31.74 0.28 9.06
N GLU I 225 -31.34 1.54 9.17
CA GLU I 225 -31.31 2.47 8.05
C GLU I 225 -30.58 1.90 6.83
N LYS I 226 -29.36 1.40 7.05
CA LYS I 226 -28.52 0.86 5.98
C LYS I 226 -28.77 -0.61 5.63
N ILE I 227 -29.49 -1.34 6.50
CA ILE I 227 -29.91 -2.72 6.19
C ILE I 227 -31.01 -2.74 5.12
N VAL I 228 -32.05 -1.93 5.32
CA VAL I 228 -33.16 -1.83 4.35
C VAL I 228 -32.89 -0.88 3.17
N ASN I 229 -32.06 0.13 3.39
CA ASN I 229 -31.71 1.12 2.35
C ASN I 229 -30.18 1.29 2.29
N PRO I 230 -29.47 0.32 1.67
CA PRO I 230 -28.00 0.36 1.65
C PRO I 230 -27.40 1.46 0.77
N LYS I 231 -27.93 1.60 -0.45
CA LYS I 231 -27.45 2.62 -1.40
C LYS I 231 -27.85 4.04 -1.00
N GLY I 232 -28.95 4.18 -0.25
CA GLY I 232 -29.40 5.47 0.26
C GLY I 232 -30.68 5.99 -0.40
N GLU I 233 -30.76 5.82 -1.73
CA GLU I 233 -31.93 6.23 -2.52
C GLU I 233 -32.30 7.70 -2.33
N HIS J 7 -42.28 1.23 19.50
CA HIS J 7 -43.31 1.10 20.57
C HIS J 7 -42.65 1.34 21.94
N PRO J 8 -43.25 2.20 22.80
CA PRO J 8 -42.56 2.63 24.02
C PRO J 8 -42.47 1.56 25.11
N GLU J 9 -43.51 0.74 25.27
CA GLU J 9 -43.47 -0.42 26.18
C GLU J 9 -42.43 -1.46 25.75
N ALA J 10 -42.27 -1.65 24.43
CA ALA J 10 -41.28 -2.59 23.89
C ALA J 10 -39.85 -2.12 24.14
N GLN J 11 -39.59 -0.83 23.88
CA GLN J 11 -38.28 -0.23 24.12
C GLN J 11 -37.99 -0.10 25.63
N ALA J 12 -39.04 0.14 26.42
CA ALA J 12 -38.92 0.15 27.89
C ALA J 12 -38.44 -1.20 28.42
N LYS J 13 -39.04 -2.28 27.94
CA LYS J 13 -38.66 -3.64 28.36
C LYS J 13 -37.24 -4.03 27.95
N VAL J 14 -36.81 -3.59 26.76
CA VAL J 14 -35.45 -3.83 26.26
C VAL J 14 -34.43 -2.96 27.01
N ASP J 15 -34.76 -1.69 27.22
CA ASP J 15 -33.89 -0.78 27.99
C ASP J 15 -33.91 -1.04 29.50
N VAL J 16 -34.96 -1.70 30.00
CA VAL J 16 -34.96 -2.25 31.36
C VAL J 16 -33.87 -3.31 31.48
N PHE J 17 -33.78 -4.20 30.50
CA PHE J 17 -32.73 -5.23 30.46
C PHE J 17 -31.33 -4.62 30.36
N ARG J 18 -31.17 -3.57 29.56
CA ARG J 18 -29.87 -2.86 29.41
C ARG J 18 -29.42 -2.19 30.70
N GLU J 19 -30.33 -1.48 31.37
CA GLU J 19 -30.03 -0.80 32.64
C GLU J 19 -29.84 -1.78 33.81
N ASP J 20 -30.60 -2.87 33.82
CA ASP J 20 -30.38 -3.97 34.78
C ASP J 20 -29.03 -4.66 34.57
N LEU J 21 -28.63 -4.82 33.31
CA LEU J 21 -27.35 -5.45 32.96
C LEU J 21 -26.17 -4.54 33.30
N CYS J 22 -26.32 -3.25 33.05
CA CYS J 22 -25.30 -2.24 33.38
C CYS J 22 -25.13 -2.04 34.88
N SER J 23 -26.23 -2.13 35.63
CA SER J 23 -26.21 -2.02 37.10
C SER J 23 -25.48 -3.20 37.74
N LYS J 24 -25.72 -4.41 37.23
CA LYS J 24 -25.01 -5.62 37.67
C LYS J 24 -23.51 -5.56 37.33
N THR J 25 -23.17 -5.00 36.17
CA THR J 25 -21.77 -4.85 35.73
C THR J 25 -20.97 -3.94 36.68
N GLU J 26 -21.56 -2.83 37.09
CA GLU J 26 -20.92 -1.91 38.06
C GLU J 26 -20.77 -2.55 39.45
N ASN J 27 -21.74 -3.38 39.83
CA ASN J 27 -21.67 -4.14 41.09
C ASN J 27 -20.60 -5.24 41.03
N LEU J 28 -20.48 -5.91 39.88
CA LEU J 28 -19.46 -6.94 39.68
C LEU J 28 -18.04 -6.37 39.82
N LEU J 29 -17.78 -5.28 39.10
CA LEU J 29 -16.50 -4.59 39.16
C LEU J 29 -16.26 -3.93 40.52
N GLY J 30 -17.33 -3.40 41.12
CA GLY J 30 -17.23 -2.66 42.38
C GLY J 30 -17.06 -3.51 43.64
N SER J 31 -17.67 -4.70 43.67
CA SER J 31 -17.68 -5.54 44.88
C SER J 31 -17.42 -7.04 44.65
N TYR J 32 -18.14 -7.64 43.69
CA TYR J 32 -18.12 -9.09 43.48
C TYR J 32 -16.76 -9.64 43.01
N PHE J 33 -16.14 -8.97 42.04
CA PHE J 33 -14.85 -9.42 41.46
C PHE J 33 -13.69 -9.31 42.46
N PRO J 34 -13.57 -8.19 43.19
CA PRO J 34 -12.60 -8.14 44.31
C PRO J 34 -12.84 -9.18 45.42
N LYS J 35 -14.10 -9.48 45.71
CA LYS J 35 -14.45 -10.48 46.73
C LYS J 35 -14.03 -11.89 46.31
N LYS J 36 -14.37 -12.27 45.07
CA LYS J 36 -14.03 -13.59 44.52
C LYS J 36 -12.52 -13.83 44.43
N ILE J 37 -11.74 -12.78 44.12
CA ILE J 37 -10.28 -12.87 44.12
C ILE J 37 -9.75 -13.24 45.50
N SER J 38 -10.27 -12.58 46.54
CA SER J 38 -9.85 -12.84 47.93
C SER J 38 -10.30 -14.21 48.45
N GLU J 39 -11.48 -14.68 48.02
CA GLU J 39 -11.97 -16.02 48.37
C GLU J 39 -11.09 -17.12 47.77
N LEU J 40 -10.80 -16.99 46.48
CA LEU J 40 -10.00 -17.99 45.75
C LEU J 40 -8.51 -17.97 46.13
N ASP J 41 -7.97 -16.77 46.38
CA ASP J 41 -6.58 -16.63 46.84
C ASP J 41 -6.40 -17.20 48.26
N ALA J 42 -7.43 -17.03 49.10
CA ALA J 42 -7.47 -17.67 50.42
C ALA J 42 -7.66 -19.19 50.32
N PHE J 43 -8.50 -19.62 49.38
CA PHE J 43 -8.74 -21.06 49.12
C PHE J 43 -7.48 -21.78 48.63
N LEU J 44 -6.70 -21.14 47.77
CA LEU J 44 -5.42 -21.69 47.28
C LEU J 44 -4.41 -22.03 48.39
N LYS J 45 -4.39 -21.22 49.45
CA LYS J 45 -3.43 -21.38 50.55
C LYS J 45 -3.86 -22.41 51.62
N GLU J 46 -5.07 -22.96 51.51
CA GLU J 46 -5.55 -23.99 52.44
C GLU J 46 -4.81 -25.32 52.26
N PRO J 47 -4.78 -26.19 53.29
CA PRO J 47 -4.02 -27.44 53.17
C PRO J 47 -4.63 -28.49 52.22
N ALA J 48 -5.91 -28.36 51.89
CA ALA J 48 -6.57 -29.23 50.91
C ALA J 48 -5.95 -29.12 49.51
N LEU J 49 -5.56 -27.91 49.12
CA LEU J 49 -4.93 -27.65 47.80
C LEU J 49 -3.40 -27.68 47.82
N ASN J 50 -2.79 -27.60 49.00
CA ASN J 50 -1.33 -27.71 49.15
C ASN J 50 -0.96 -29.01 49.89
N GLU J 51 -1.10 -30.13 49.19
CA GLU J 51 -0.69 -31.43 49.71
C GLU J 51 0.83 -31.55 49.61
N ALA J 52 1.48 -31.75 50.75
CA ALA J 52 2.95 -31.87 50.82
C ALA J 52 3.46 -33.15 50.16
N ASN J 53 2.75 -34.26 50.39
CA ASN J 53 3.10 -35.56 49.82
C ASN J 53 1.92 -36.08 49.00
N LEU J 54 2.19 -36.52 47.76
CA LEU J 54 1.16 -37.00 46.84
C LEU J 54 0.60 -38.39 47.17
N SER J 55 1.26 -39.13 48.06
CA SER J 55 0.76 -40.42 48.54
C SER J 55 -0.49 -40.30 49.43
N ASN J 56 -0.75 -39.11 49.97
CA ASN J 56 -1.99 -38.82 50.70
C ASN J 56 -3.24 -38.93 49.81
N LEU J 57 -3.09 -38.62 48.53
CA LEU J 57 -4.19 -38.69 47.56
C LEU J 57 -4.51 -40.11 47.05
N LYS J 58 -3.63 -41.08 47.31
CA LYS J 58 -3.83 -42.45 46.84
C LYS J 58 -5.02 -43.12 47.53
N ALA J 59 -6.11 -43.29 46.77
CA ALA J 59 -7.33 -43.95 47.27
C ALA J 59 -7.12 -45.46 47.38
N PRO J 60 -7.82 -46.13 48.32
CA PRO J 60 -7.76 -47.60 48.35
C PRO J 60 -8.43 -48.24 47.12
N LEU J 61 -7.74 -49.21 46.51
CA LEU J 61 -8.23 -49.90 45.32
C LEU J 61 -8.35 -51.40 45.62
N ASP J 62 -9.47 -51.77 46.24
CA ASP J 62 -9.70 -53.15 46.72
C ASP J 62 -10.01 -54.10 45.56
N ILE J 63 -8.96 -54.67 44.97
CA ILE J 63 -9.07 -55.69 43.92
C ILE J 63 -8.11 -56.84 44.29
N PRO J 64 -8.60 -58.10 44.26
CA PRO J 64 -7.75 -59.23 44.65
C PRO J 64 -6.71 -59.58 43.56
N VAL J 65 -5.45 -59.74 43.99
CA VAL J 65 -4.35 -60.09 43.07
C VAL J 65 -4.26 -61.62 42.89
N PRO J 66 -4.08 -62.09 41.64
CA PRO J 66 -3.88 -63.52 41.39
C PRO J 66 -2.39 -63.92 41.44
N CYS J 101 -17.66 -58.91 42.06
CA CYS J 101 -16.36 -58.46 42.53
C CYS J 101 -16.49 -57.35 43.57
N GLY J 102 -15.37 -57.02 44.23
CA GLY J 102 -15.37 -56.07 45.33
C GLY J 102 -15.58 -54.62 44.89
N PRO J 103 -16.32 -53.83 45.71
CA PRO J 103 -16.67 -52.46 45.32
C PRO J 103 -15.51 -51.47 45.43
N VAL J 104 -15.41 -50.57 44.45
CA VAL J 104 -14.37 -49.53 44.40
C VAL J 104 -15.04 -48.15 44.49
N ASN J 105 -14.72 -47.41 45.55
CA ASN J 105 -15.33 -46.10 45.79
C ASN J 105 -14.60 -44.98 45.07
N CYS J 106 -15.25 -43.83 44.98
CA CYS J 106 -14.64 -42.62 44.40
C CYS J 106 -13.61 -42.04 45.37
N ASN J 107 -12.63 -41.33 44.82
CA ASN J 107 -11.56 -40.71 45.62
C ASN J 107 -12.12 -39.52 46.41
N GLU J 108 -12.27 -39.71 47.72
CA GLU J 108 -12.87 -38.70 48.61
C GLU J 108 -12.09 -37.38 48.67
N LYS J 109 -10.76 -37.47 48.66
CA LYS J 109 -9.89 -36.28 48.62
C LYS J 109 -10.14 -35.38 47.40
N ILE J 110 -10.39 -36.00 46.26
CA ILE J 110 -10.69 -35.28 45.02
C ILE J 110 -12.16 -34.83 44.96
N VAL J 111 -13.08 -35.67 45.44
CA VAL J 111 -14.52 -35.35 45.41
C VAL J 111 -14.84 -34.10 46.23
N VAL J 112 -14.28 -33.97 47.43
CA VAL J 112 -14.49 -32.77 48.26
C VAL J 112 -13.93 -31.49 47.65
N LEU J 113 -12.84 -31.60 46.88
CA LEU J 113 -12.31 -30.47 46.11
C LEU J 113 -13.22 -30.09 44.94
N LEU J 114 -13.75 -31.10 44.25
CA LEU J 114 -14.70 -30.89 43.14
C LEU J 114 -16.04 -30.30 43.60
N GLN J 115 -16.48 -30.63 44.81
CA GLN J 115 -17.69 -30.02 45.40
C GLN J 115 -17.54 -28.51 45.65
N ARG J 116 -16.31 -28.08 45.95
CA ARG J 116 -15.99 -26.65 46.09
C ARG J 116 -15.71 -25.98 44.74
N LEU J 117 -15.10 -26.73 43.80
CA LEU J 117 -14.75 -26.20 42.48
C LEU J 117 -15.95 -25.96 41.56
N LYS J 118 -16.92 -26.87 41.57
CA LYS J 118 -18.10 -26.79 40.67
C LYS J 118 -18.91 -25.48 40.77
N PRO J 119 -19.28 -25.05 42.00
CA PRO J 119 -19.97 -23.76 42.13
C PRO J 119 -19.09 -22.54 41.79
N GLU J 120 -17.77 -22.66 41.96
CA GLU J 120 -16.84 -21.61 41.54
C GLU J 120 -16.77 -21.46 40.02
N ILE J 121 -16.77 -22.58 39.28
CA ILE J 121 -16.81 -22.55 37.81
C ILE J 121 -18.15 -21.97 37.31
N LYS J 122 -19.25 -22.38 37.94
CA LYS J 122 -20.60 -21.89 37.63
C LYS J 122 -20.70 -20.35 37.66
N ASP J 123 -20.07 -19.74 38.67
CA ASP J 123 -20.11 -18.29 38.84
C ASP J 123 -19.34 -17.54 37.76
N VAL J 124 -18.10 -17.95 37.50
CA VAL J 124 -17.24 -17.26 36.49
C VAL J 124 -17.93 -17.22 35.13
N THR J 125 -18.44 -18.38 34.70
CA THR J 125 -19.12 -18.51 33.41
C THR J 125 -20.35 -17.61 33.33
N GLU J 126 -21.15 -17.57 34.39
CA GLU J 126 -22.34 -16.71 34.46
C GLU J 126 -22.00 -15.22 34.46
N GLN J 127 -21.02 -14.83 35.27
CA GLN J 127 -20.57 -13.42 35.32
C GLN J 127 -19.83 -13.00 34.04
N LEU J 128 -19.09 -13.93 33.43
CA LEU J 128 -18.45 -13.69 32.13
C LEU J 128 -19.51 -13.52 31.03
N ASN J 129 -20.50 -14.40 31.02
CA ASN J 129 -21.64 -14.30 30.09
C ASN J 129 -22.42 -12.99 30.26
N LEU J 130 -22.59 -12.57 31.51
CA LEU J 130 -23.29 -11.32 31.84
C LEU J 130 -22.54 -10.08 31.36
N VAL J 131 -21.22 -10.06 31.60
CA VAL J 131 -20.35 -8.96 31.17
C VAL J 131 -20.17 -8.96 29.64
N THR J 132 -20.12 -10.15 29.03
CA THR J 132 -20.02 -10.29 27.57
C THR J 132 -21.27 -9.74 26.87
N THR J 133 -22.45 -10.03 27.43
CA THR J 133 -23.72 -9.49 26.93
C THR J 133 -23.81 -7.97 27.08
N TRP J 134 -23.28 -7.46 28.21
CA TRP J 134 -23.21 -6.01 28.45
C TRP J 134 -22.37 -5.30 27.38
N LEU J 135 -21.19 -5.85 27.10
CA LEU J 135 -20.28 -5.28 26.09
C LEU J 135 -20.84 -5.34 24.67
N GLN J 136 -21.58 -6.41 24.35
CA GLN J 136 -22.28 -6.55 23.07
C GLN J 136 -23.31 -5.43 22.83
N LEU J 137 -24.08 -5.11 23.86
CA LEU J 137 -25.10 -4.06 23.79
C LEU J 137 -24.53 -2.63 23.79
N GLN J 138 -23.26 -2.48 24.17
CA GLN J 138 -22.53 -1.20 24.05
C GLN J 138 -21.96 -0.93 22.65
N ILE J 139 -21.97 -1.92 21.76
CA ILE J 139 -21.47 -1.76 20.39
C ILE J 139 -22.40 -0.83 19.60
N PRO J 140 -21.89 0.34 19.14
CA PRO J 140 -22.74 1.32 18.46
C PRO J 140 -23.01 0.97 16.99
N ARG J 141 -23.68 1.87 16.29
CA ARG J 141 -23.93 1.76 14.85
C ARG J 141 -22.62 1.63 14.07
N ILE J 142 -22.62 0.79 13.04
CA ILE J 142 -21.45 0.57 12.19
C ILE J 142 -21.31 1.79 11.26
N GLU J 143 -20.19 2.48 11.38
CA GLU J 143 -19.93 3.72 10.62
C GLU J 143 -18.59 3.66 9.90
N ASP J 144 -18.42 4.59 8.96
CA ASP J 144 -17.24 4.62 8.06
C ASP J 144 -15.94 4.90 8.83
N GLY J 145 -16.00 5.84 9.77
CA GLY J 145 -14.87 6.20 10.62
C GLY J 145 -15.26 6.34 12.09
N ASN J 146 -14.34 6.88 12.88
CA ASN J 146 -14.52 7.06 14.33
C ASN J 146 -14.74 5.71 15.02
N ASN J 147 -13.88 4.75 14.70
CA ASN J 147 -14.02 3.36 15.15
C ASN J 147 -12.89 2.92 16.08
N PHE J 148 -12.24 3.85 16.78
CA PHE J 148 -11.19 3.51 17.74
C PHE J 148 -11.79 2.91 19.02
N GLY J 149 -12.87 3.53 19.50
CA GLY J 149 -13.65 2.98 20.61
C GLY J 149 -14.25 1.61 20.28
N VAL J 150 -14.63 1.42 19.02
CA VAL J 150 -15.12 0.13 18.52
C VAL J 150 -13.99 -0.93 18.55
N ALA J 151 -12.78 -0.50 18.16
CA ALA J 151 -11.60 -1.38 18.22
C ALA J 151 -11.19 -1.73 19.66
N VAL J 152 -11.41 -0.81 20.59
CA VAL J 152 -11.17 -1.06 22.03
C VAL J 152 -12.15 -2.11 22.56
N GLN J 153 -13.42 -2.02 22.15
CA GLN J 153 -14.43 -3.02 22.53
C GLN J 153 -14.08 -4.41 21.99
N GLU J 154 -13.72 -4.48 20.71
CA GLU J 154 -13.33 -5.73 20.06
C GLU J 154 -12.09 -6.39 20.70
N LYS J 155 -11.13 -5.57 21.14
CA LYS J 155 -9.93 -6.07 21.83
C LYS J 155 -10.24 -6.64 23.21
N VAL J 156 -11.11 -5.96 23.95
CA VAL J 156 -11.58 -6.45 25.26
C VAL J 156 -12.52 -7.66 25.08
N PHE J 157 -13.31 -7.66 24.01
CA PHE J 157 -14.18 -8.79 23.65
C PHE J 157 -13.38 -10.05 23.25
N GLU J 158 -12.20 -9.84 22.66
CA GLU J 158 -11.28 -10.94 22.32
C GLU J 158 -10.83 -11.72 23.55
N LEU J 159 -10.53 -11.00 24.64
CA LEU J 159 -10.11 -11.60 25.90
C LEU J 159 -11.24 -12.36 26.60
N MET J 160 -12.47 -11.84 26.49
CA MET J 160 -13.66 -12.49 27.05
C MET J 160 -14.01 -13.79 26.32
N THR J 161 -13.79 -13.81 25.00
CA THR J 161 -14.01 -15.02 24.19
C THR J 161 -12.99 -16.11 24.51
N ASN J 162 -11.72 -15.73 24.68
CA ASN J 162 -10.65 -16.67 25.02
C ASN J 162 -10.80 -17.26 26.43
N LEU J 163 -11.33 -16.46 27.37
CA LEU J 163 -11.68 -16.96 28.70
C LEU J 163 -12.84 -17.94 28.63
N HIS J 164 -13.89 -17.60 27.88
CA HIS J 164 -15.06 -18.45 27.69
C HIS J 164 -14.71 -19.85 27.14
N THR J 165 -13.77 -19.89 26.20
CA THR J 165 -13.25 -21.15 25.65
C THR J 165 -12.50 -21.97 26.72
N LYS J 166 -11.69 -21.28 27.52
CA LYS J 166 -10.92 -21.92 28.60
C LYS J 166 -11.83 -22.44 29.71
N LEU J 167 -12.77 -21.62 30.16
CA LEU J 167 -13.65 -21.97 31.28
C LEU J 167 -14.70 -23.04 30.96
N GLU J 168 -15.12 -23.13 29.69
CA GLU J 168 -15.93 -24.26 29.21
C GLU J 168 -15.12 -25.57 29.24
N GLY J 169 -13.82 -25.48 28.95
CA GLY J 169 -12.91 -26.61 29.07
C GLY J 169 -12.78 -27.18 30.47
N PHE J 170 -12.87 -26.32 31.49
CA PHE J 170 -12.87 -26.75 32.89
C PHE J 170 -14.15 -27.51 33.26
N HIS J 171 -15.28 -27.09 32.69
CA HIS J 171 -16.58 -27.74 32.93
C HIS J 171 -16.58 -29.18 32.39
N THR J 172 -16.10 -29.33 31.15
CA THR J 172 -16.06 -30.64 30.48
C THR J 172 -15.09 -31.65 31.12
N GLN J 173 -14.01 -31.18 31.72
CA GLN J 173 -12.96 -32.07 32.26
C GLN J 173 -13.38 -32.81 33.54
N ILE J 174 -14.36 -32.28 34.28
CA ILE J 174 -14.84 -32.92 35.51
C ILE J 174 -15.68 -34.16 35.19
N SER J 175 -16.55 -34.06 34.19
CA SER J 175 -17.30 -35.21 33.68
C SER J 175 -16.39 -36.25 33.01
N LYS J 176 -15.34 -35.76 32.34
CA LYS J 176 -14.31 -36.62 31.75
C LYS J 176 -13.51 -37.43 32.78
N TYR J 177 -13.27 -36.83 33.95
CA TYR J 177 -12.51 -37.49 35.03
C TYR J 177 -13.16 -38.79 35.53
N PHE J 178 -14.46 -38.72 35.83
CA PHE J 178 -15.21 -39.89 36.31
C PHE J 178 -15.38 -40.96 35.23
N SER J 179 -15.47 -40.53 33.97
CA SER J 179 -15.54 -41.45 32.82
C SER J 179 -14.22 -42.20 32.62
N GLU J 180 -13.10 -41.47 32.67
CA GLU J 180 -11.77 -42.06 32.51
C GLU J 180 -11.36 -42.95 33.69
N ARG J 181 -11.69 -42.51 34.90
CA ARG J 181 -11.41 -43.30 36.11
C ARG J 181 -12.29 -44.55 36.18
N GLY J 182 -13.57 -44.41 35.84
CA GLY J 182 -14.50 -45.53 35.80
C GLY J 182 -14.11 -46.62 34.81
N ASP J 183 -13.63 -46.20 33.64
CA ASP J 183 -13.09 -47.14 32.63
C ASP J 183 -11.81 -47.83 33.10
N ALA J 184 -10.94 -47.07 33.76
CA ALA J 184 -9.67 -47.61 34.30
C ALA J 184 -9.90 -48.62 35.43
N VAL J 185 -10.85 -48.32 36.32
CA VAL J 185 -11.24 -49.23 37.41
C VAL J 185 -11.93 -50.48 36.84
N ALA J 186 -12.79 -50.29 35.83
CA ALA J 186 -13.45 -51.40 35.14
C ALA J 186 -12.45 -52.31 34.43
N LYS J 187 -11.47 -51.70 33.75
CA LYS J 187 -10.37 -52.44 33.11
C LYS J 187 -9.46 -53.14 34.12
N ALA J 188 -9.22 -52.48 35.26
CA ALA J 188 -8.42 -53.05 36.35
C ALA J 188 -9.09 -54.26 37.01
N ALA J 189 -10.40 -54.15 37.22
CA ALA J 189 -11.20 -55.25 37.80
C ALA J 189 -11.38 -56.42 36.83
N LYS J 190 -11.57 -56.11 35.55
CA LYS J 190 -11.73 -57.13 34.50
C LYS J 190 -10.45 -57.96 34.32
N GLN J 191 -9.29 -57.28 34.34
CA GLN J 191 -7.98 -57.92 34.22
C GLN J 191 -7.11 -57.54 35.43
N PRO J 192 -7.23 -58.27 36.55
CA PRO J 192 -6.41 -57.99 37.74
C PRO J 192 -4.91 -58.22 37.54
N HIS J 193 -4.55 -59.15 36.66
CA HIS J 193 -3.14 -59.44 36.34
C HIS J 193 -2.36 -58.25 35.75
N VAL J 194 -3.05 -57.37 35.03
CA VAL J 194 -2.41 -56.17 34.47
C VAL J 194 -2.29 -55.11 35.56
N GLY J 195 -1.06 -54.90 36.04
CA GLY J 195 -0.78 -53.95 37.11
C GLY J 195 -0.80 -52.47 36.73
N ASP J 196 -0.74 -52.18 35.43
CA ASP J 196 -0.69 -50.79 34.94
C ASP J 196 -2.04 -50.08 35.01
N TYR J 197 -3.13 -50.84 34.92
CA TYR J 197 -4.48 -50.28 35.11
C TYR J 197 -4.72 -49.79 36.53
N ARG J 198 -4.09 -50.44 37.52
CA ARG J 198 -4.12 -49.99 38.91
C ARG J 198 -3.38 -48.66 39.05
N GLN J 199 -2.19 -48.60 38.45
CA GLN J 199 -1.38 -47.37 38.42
C GLN J 199 -2.13 -46.24 37.71
N LEU J 200 -2.77 -46.55 36.58
CA LEU J 200 -3.56 -45.58 35.81
C LEU J 200 -4.61 -44.84 36.64
N VAL J 201 -5.28 -45.56 37.54
CA VAL J 201 -6.28 -44.96 38.45
C VAL J 201 -5.64 -43.94 39.38
N HIS J 202 -4.47 -44.29 39.94
CA HIS J 202 -3.74 -43.38 40.83
C HIS J 202 -3.14 -42.19 40.09
N GLU J 203 -2.72 -42.40 38.85
CA GLU J 203 -2.17 -41.33 38.00
C GLU J 203 -3.25 -40.36 37.53
N LEU J 204 -4.45 -40.88 37.25
CA LEU J 204 -5.62 -40.03 36.98
C LEU J 204 -6.00 -39.17 38.19
N ASP J 205 -5.89 -39.75 39.38
CA ASP J 205 -6.15 -39.03 40.63
C ASP J 205 -5.13 -37.92 40.90
N GLU J 206 -3.85 -38.24 40.75
CA GLU J 206 -2.78 -37.24 40.89
C GLU J 206 -2.92 -36.12 39.87
N ALA J 207 -3.14 -36.48 38.61
CA ALA J 207 -3.33 -35.50 37.53
C ALA J 207 -4.58 -34.64 37.71
N GLU J 208 -5.64 -35.22 38.27
CA GLU J 208 -6.87 -34.49 38.55
C GLU J 208 -6.68 -33.47 39.68
N TYR J 209 -6.04 -33.89 40.77
CA TYR J 209 -5.69 -32.99 41.88
C TYR J 209 -4.83 -31.81 41.40
N GLN J 210 -3.81 -32.11 40.61
CA GLN J 210 -2.92 -31.09 40.05
C GLN J 210 -3.66 -30.12 39.12
N GLU J 211 -4.61 -30.64 38.34
CA GLU J 211 -5.45 -29.83 37.46
C GLU J 211 -6.41 -28.94 38.24
N ILE J 212 -7.08 -29.50 39.24
CA ILE J 212 -8.00 -28.74 40.11
C ILE J 212 -7.29 -27.56 40.78
N ARG J 213 -6.06 -27.80 41.24
CA ARG J 213 -5.20 -26.75 41.82
C ARG J 213 -4.98 -25.60 40.86
N LEU J 214 -4.65 -25.92 39.61
CA LEU J 214 -4.43 -24.91 38.56
C LEU J 214 -5.73 -24.26 38.06
N MET J 215 -6.82 -25.03 38.03
CA MET J 215 -8.14 -24.49 37.64
C MET J 215 -8.63 -23.39 38.60
N VAL J 216 -8.33 -23.54 39.89
CA VAL J 216 -8.66 -22.51 40.89
C VAL J 216 -7.84 -21.23 40.66
N MET J 217 -6.56 -21.39 40.33
CA MET J 217 -5.70 -20.26 39.96
C MET J 217 -6.19 -19.54 38.70
N GLU J 218 -6.54 -20.32 37.67
CA GLU J 218 -7.05 -19.78 36.40
C GLU J 218 -8.37 -19.01 36.57
N ILE J 219 -9.24 -19.50 37.46
CA ILE J 219 -10.50 -18.82 37.78
C ILE J 219 -10.25 -17.50 38.52
N ARG J 220 -9.34 -17.52 39.49
CA ARG J 220 -8.92 -16.31 40.21
C ARG J 220 -8.29 -15.28 39.27
N ASN J 221 -7.43 -15.74 38.38
CA ASN J 221 -6.78 -14.88 37.38
C ASN J 221 -7.78 -14.33 36.35
N ALA J 222 -8.81 -15.11 36.02
CA ALA J 222 -9.88 -14.66 35.13
C ALA J 222 -10.67 -13.48 35.71
N TYR J 223 -10.98 -13.54 37.01
CA TYR J 223 -11.61 -12.41 37.72
C TYR J 223 -10.71 -11.18 37.76
N ALA J 224 -9.42 -11.39 38.00
CA ALA J 224 -8.45 -10.30 38.12
C ALA J 224 -8.18 -9.59 36.79
N VAL J 225 -8.00 -10.37 35.72
CA VAL J 225 -7.74 -9.83 34.39
C VAL J 225 -8.98 -9.13 33.81
N LEU J 226 -10.16 -9.69 34.04
CA LEU J 226 -11.43 -9.05 33.64
C LEU J 226 -11.63 -7.71 34.35
N TYR J 227 -11.47 -7.72 35.67
CA TYR J 227 -11.50 -6.49 36.48
C TYR J 227 -10.52 -5.45 35.94
N ASP J 228 -9.28 -5.89 35.72
CA ASP J 228 -8.18 -5.00 35.31
C ASP J 228 -8.41 -4.36 33.95
N ILE J 229 -8.75 -5.18 32.94
CA ILE J 229 -8.92 -4.70 31.56
C ILE J 229 -10.18 -3.83 31.37
N ILE J 230 -11.27 -4.16 32.07
CA ILE J 230 -12.52 -3.42 31.94
C ILE J 230 -12.43 -2.03 32.59
N LEU J 231 -11.87 -1.96 33.79
CA LEU J 231 -11.72 -0.67 34.50
C LEU J 231 -10.80 0.32 33.78
N LYS J 232 -9.67 -0.18 33.27
CA LYS J 232 -8.73 0.66 32.52
C LYS J 232 -9.37 1.27 31.26
N ASN J 233 -10.13 0.44 30.53
CA ASN J 233 -10.79 0.86 29.29
C ASN J 233 -12.27 1.22 29.45
N PHE J 234 -12.74 1.46 30.69
CA PHE J 234 -14.17 1.60 30.97
C PHE J 234 -14.84 2.79 30.27
N GLU J 235 -14.11 3.88 30.09
CA GLU J 235 -14.63 5.07 29.42
C GLU J 235 -14.95 4.79 27.95
N LYS J 236 -14.02 4.15 27.25
CA LYS J 236 -14.20 3.79 25.83
C LYS J 236 -15.15 2.61 25.62
N LEU J 237 -15.23 1.69 26.57
CA LEU J 237 -16.16 0.55 26.49
C LEU J 237 -17.62 1.00 26.59
N LYS J 238 -17.90 1.91 27.53
CA LYS J 238 -19.25 2.44 27.75
C LYS J 238 -19.62 3.49 26.70
N LYS J 239 -18.69 4.42 26.46
CA LYS J 239 -18.87 5.52 25.50
C LYS J 239 -17.79 5.43 24.41
N PRO J 240 -18.04 4.62 23.36
CA PRO J 240 -17.02 4.43 22.30
C PRO J 240 -16.77 5.66 21.43
N ARG J 241 -17.83 6.34 21.01
CA ARG J 241 -17.72 7.52 20.15
C ARG J 241 -17.63 8.82 20.95
N GLY J 242 -18.42 8.92 22.03
CA GLY J 242 -18.37 10.09 22.90
C GLY J 242 -19.46 10.08 23.97
N ARG K 8 -16.95 2.67 41.03
CA ARG K 8 -17.43 2.23 42.38
C ARG K 8 -16.33 1.44 43.12
N LEU K 9 -15.19 2.11 43.33
CA LEU K 9 -14.09 1.52 44.09
C LEU K 9 -14.30 1.75 45.58
N SER K 10 -14.85 0.75 46.26
CA SER K 10 -15.01 0.77 47.71
C SER K 10 -13.64 0.63 48.38
N GLY K 11 -13.53 1.13 49.61
CA GLY K 11 -12.28 1.08 50.38
C GLY K 11 -11.77 -0.33 50.62
N GLU K 12 -12.68 -1.25 50.92
CA GLU K 12 -12.36 -2.68 51.06
C GLU K 12 -12.07 -3.32 49.70
N ALA K 13 -12.88 -2.97 48.69
CA ALA K 13 -12.72 -3.50 47.32
C ALA K 13 -11.40 -3.10 46.68
N ARG K 14 -10.97 -1.86 46.88
CA ARG K 14 -9.67 -1.37 46.42
C ARG K 14 -8.52 -2.10 47.13
N LYS K 15 -8.68 -2.32 48.44
CA LYS K 15 -7.69 -3.04 49.26
C LYS K 15 -7.51 -4.50 48.81
N GLN K 16 -8.63 -5.18 48.54
CA GLN K 16 -8.60 -6.60 48.11
C GLN K 16 -7.82 -6.83 46.81
N VAL K 17 -7.96 -5.90 45.85
CA VAL K 17 -7.26 -6.01 44.56
C VAL K 17 -5.78 -5.61 44.70
N ASP K 18 -5.51 -4.56 45.48
CA ASP K 18 -4.12 -4.12 45.74
C ASP K 18 -3.29 -5.20 46.44
N VAL K 19 -3.92 -5.97 47.33
CA VAL K 19 -3.28 -7.12 47.98
C VAL K 19 -2.94 -8.22 46.96
N PHE K 20 -3.85 -8.47 46.01
CA PHE K 20 -3.60 -9.44 44.94
C PHE K 20 -2.48 -8.99 43.99
N ARG K 21 -2.54 -7.73 43.55
CA ARG K 21 -1.56 -7.19 42.61
C ARG K 21 -0.15 -7.12 43.22
N GLN K 22 -0.09 -6.85 44.53
CA GLN K 22 1.18 -6.87 45.28
C GLN K 22 1.76 -8.29 45.37
N ASN K 23 0.91 -9.29 45.53
CA ASN K 23 1.33 -10.70 45.52
C ASN K 23 1.78 -11.13 44.12
N LEU K 24 1.02 -10.74 43.10
CA LEU K 24 1.33 -11.06 41.70
C LEU K 24 2.68 -10.47 41.25
N PHE K 25 2.88 -9.19 41.54
CA PHE K 25 4.10 -8.48 41.12
C PHE K 25 5.34 -8.95 41.88
N GLN K 26 5.18 -9.34 43.15
CA GLN K 26 6.29 -9.86 43.96
C GLN K 26 6.64 -11.30 43.55
N GLU K 27 5.63 -12.15 43.35
CA GLU K 27 5.82 -13.52 42.86
C GLU K 27 6.54 -13.56 41.51
N ALA K 28 6.18 -12.64 40.61
CA ALA K 28 6.83 -12.50 39.31
C ALA K 28 8.28 -12.03 39.44
N ASP K 29 8.54 -11.12 40.38
CA ASP K 29 9.89 -10.65 40.68
C ASP K 29 10.73 -11.78 41.29
N ASP K 30 10.16 -12.48 42.27
CA ASP K 30 10.81 -13.65 42.89
C ASP K 30 11.12 -14.77 41.89
N PHE K 31 10.23 -14.95 40.91
CA PHE K 31 10.42 -15.95 39.86
C PHE K 31 11.66 -15.68 39.01
N LEU K 32 11.78 -14.45 38.51
CA LEU K 32 12.92 -14.05 37.68
C LEU K 32 14.22 -13.87 38.49
N CYS K 33 14.09 -13.42 39.74
CA CYS K 33 15.24 -13.24 40.63
C CYS K 33 15.92 -14.56 41.02
N THR K 34 15.17 -15.41 41.71
CA THR K 34 15.72 -16.57 42.43
C THR K 34 15.22 -17.95 41.96
N PHE K 35 13.91 -18.08 41.75
CA PHE K 35 13.29 -19.39 41.42
C PHE K 35 13.79 -19.97 40.09
N LEU K 36 13.79 -19.14 39.05
CA LEU K 36 14.14 -19.59 37.70
C LEU K 36 15.62 -20.00 37.54
N PRO K 37 16.56 -19.20 38.07
CA PRO K 37 17.97 -19.62 38.07
C PRO K 37 18.27 -20.89 38.88
N ARG K 38 17.61 -21.06 40.03
CA ARG K 38 17.72 -22.27 40.84
C ARG K 38 17.18 -23.51 40.12
N LYS K 39 16.14 -23.32 39.30
CA LYS K 39 15.61 -24.41 38.46
C LYS K 39 16.60 -24.84 37.37
N ILE K 40 17.32 -23.88 36.80
CA ILE K 40 18.38 -24.19 35.80
C ILE K 40 19.50 -25.02 36.44
N ILE K 41 19.86 -24.72 37.69
CA ILE K 41 20.88 -25.48 38.41
C ILE K 41 20.37 -26.88 38.78
N SER K 42 19.15 -26.96 39.32
CA SER K 42 18.58 -28.25 39.74
C SER K 42 18.26 -29.19 38.57
N LEU K 43 17.75 -28.62 37.47
CA LEU K 43 17.50 -29.41 36.24
C LEU K 43 18.81 -29.83 35.56
N SER K 44 19.85 -29.00 35.64
CA SER K 44 21.19 -29.37 35.19
C SER K 44 21.77 -30.50 36.07
N GLN K 45 21.59 -30.37 37.38
CA GLN K 45 22.00 -31.40 38.35
C GLN K 45 21.20 -32.69 38.18
N LEU K 46 19.92 -32.58 37.80
CA LEU K 46 19.08 -33.74 37.52
C LEU K 46 19.52 -34.52 36.28
N LEU K 47 19.97 -33.80 35.25
CA LEU K 47 20.49 -34.43 34.02
C LEU K 47 21.84 -35.16 34.21
N GLN K 48 22.58 -34.79 35.27
CA GLN K 48 23.82 -35.49 35.64
C GLN K 48 23.60 -36.82 36.37
N GLU K 49 22.36 -37.13 36.75
CA GLU K 49 22.04 -38.37 37.47
C GLU K 49 22.22 -39.62 36.59
N ASP K 50 22.45 -40.75 37.25
CA ASP K 50 22.60 -42.04 36.56
C ASP K 50 21.29 -42.54 35.94
N SER K 51 20.16 -42.15 36.54
CA SER K 51 18.84 -42.49 36.01
C SER K 51 18.57 -41.88 34.63
N LEU K 52 19.04 -40.66 34.40
CA LEU K 52 18.85 -39.95 33.12
C LEU K 52 20.00 -40.11 32.11
N ASN K 53 21.04 -40.87 32.47
CA ASN K 53 22.15 -41.16 31.57
C ASN K 53 22.35 -42.67 31.45
N VAL K 54 21.28 -43.35 31.01
CA VAL K 54 21.33 -44.79 30.75
C VAL K 54 22.00 -44.99 29.39
N ALA K 55 23.16 -45.66 29.39
CA ALA K 55 23.95 -45.88 28.18
C ALA K 55 23.28 -46.88 27.25
N ASP K 56 22.96 -48.06 27.79
CA ASP K 56 22.30 -49.13 27.05
C ASP K 56 20.83 -49.21 27.49
N LEU K 57 19.91 -48.95 26.55
CA LEU K 57 18.47 -48.94 26.85
C LEU K 57 17.87 -50.33 27.14
N SER K 58 18.61 -51.40 26.86
CA SER K 58 18.22 -52.75 27.26
C SER K 58 18.15 -52.97 28.77
N SER K 59 18.89 -52.16 29.54
CA SER K 59 18.83 -52.19 31.01
C SER K 59 17.48 -51.75 31.58
N LEU K 60 16.74 -50.90 30.83
CA LEU K 60 15.40 -50.48 31.21
C LEU K 60 14.33 -51.57 31.07
N ARG K 61 14.63 -52.64 30.33
CA ARG K 61 13.68 -53.74 30.08
C ARG K 61 13.19 -54.40 31.36
N ALA K 62 11.91 -54.21 31.67
CA ALA K 62 11.26 -54.84 32.82
C ALA K 62 10.83 -56.27 32.47
N PRO K 63 10.71 -57.15 33.48
CA PRO K 63 10.27 -58.52 33.21
C PRO K 63 8.77 -58.60 32.91
N LEU K 64 8.42 -59.11 31.72
CA LEU K 64 7.03 -59.31 31.32
C LEU K 64 6.72 -60.81 31.44
N ASP K 65 6.27 -61.21 32.63
CA ASP K 65 6.12 -62.63 32.97
C ASP K 65 4.79 -63.21 32.46
N ILE K 66 4.73 -63.40 31.14
CA ILE K 66 3.57 -63.99 30.46
C ILE K 66 4.05 -65.34 29.91
N PRO K 67 3.28 -66.42 30.14
CA PRO K 67 3.72 -67.75 29.67
C PRO K 67 3.69 -67.90 28.15
N ILE K 68 4.73 -68.52 27.60
CA ILE K 68 4.90 -68.67 26.16
C ILE K 68 4.12 -69.91 25.71
N PRO K 69 3.23 -69.77 24.69
CA PRO K 69 2.58 -70.98 24.15
C PRO K 69 3.56 -71.85 23.35
N ASP K 70 3.27 -73.15 23.28
CA ASP K 70 4.11 -74.11 22.56
C ASP K 70 3.43 -74.58 21.26
N PRO K 71 4.21 -75.07 20.28
CA PRO K 71 3.61 -75.49 19.00
C PRO K 71 2.70 -76.72 19.14
N PRO K 72 1.48 -76.69 18.54
CA PRO K 72 0.54 -77.80 18.71
C PRO K 72 0.87 -78.97 17.78
N VAL K 88 -1.72 -74.69 29.16
CA VAL K 88 -2.88 -73.96 29.70
C VAL K 88 -2.60 -73.19 31.02
N PRO K 89 -1.41 -72.55 31.16
CA PRO K 89 -1.18 -71.79 32.39
C PRO K 89 -1.64 -70.34 32.26
N LYS K 90 -2.42 -69.84 33.23
CA LYS K 90 -2.85 -68.44 33.24
C LYS K 90 -1.72 -67.52 33.71
N CYS K 91 -1.84 -66.24 33.36
CA CYS K 91 -0.79 -65.26 33.65
C CYS K 91 -0.82 -64.81 35.10
N GLY K 92 0.38 -64.61 35.68
CA GLY K 92 0.52 -64.05 37.03
C GLY K 92 0.44 -62.54 37.02
N TYR K 93 0.70 -61.92 38.17
CA TYR K 93 0.63 -60.45 38.30
C TYR K 93 1.77 -59.78 37.54
N LEU K 94 1.42 -58.84 36.65
CA LEU K 94 2.37 -58.13 35.80
C LEU K 94 2.52 -56.67 36.30
N PRO K 95 3.63 -56.37 36.99
CA PRO K 95 3.81 -55.01 37.51
C PRO K 95 4.35 -54.04 36.47
N GLY K 96 4.30 -52.75 36.78
CA GLY K 96 4.81 -51.70 35.90
C GLY K 96 6.33 -51.63 35.90
N ASN K 97 6.87 -50.82 34.98
CA ASN K 97 8.32 -50.61 34.88
C ASN K 97 8.79 -49.72 36.03
N GLU K 98 9.57 -50.30 36.95
CA GLU K 98 10.01 -49.60 38.17
C GLU K 98 11.06 -48.52 37.90
N LYS K 99 11.89 -48.71 36.87
CA LYS K 99 12.88 -47.72 36.45
C LYS K 99 12.20 -46.44 35.96
N LEU K 100 11.20 -46.61 35.10
CA LEU K 100 10.42 -45.49 34.57
C LEU K 100 9.51 -44.83 35.60
N LEU K 101 8.88 -45.63 36.46
CA LEU K 101 8.04 -45.10 37.56
C LEU K 101 8.84 -44.23 38.54
N ALA K 102 10.08 -44.61 38.81
CA ALA K 102 11.00 -43.79 39.60
C ALA K 102 11.37 -42.49 38.87
N LEU K 103 11.64 -42.59 37.58
CA LEU K 103 11.97 -41.43 36.74
C LEU K 103 10.77 -40.50 36.53
N LEU K 104 9.58 -41.07 36.38
CA LEU K 104 8.33 -40.30 36.26
C LEU K 104 8.02 -39.47 37.51
N ALA K 105 8.36 -40.00 38.69
CA ALA K 105 8.22 -39.26 39.95
C ALA K 105 9.13 -38.02 40.04
N LEU K 106 10.26 -38.04 39.35
CA LEU K 106 11.17 -36.90 39.25
C LEU K 106 10.72 -35.87 38.22
N VAL K 107 10.20 -36.33 37.08
CA VAL K 107 9.82 -35.45 35.96
C VAL K 107 8.46 -34.78 36.17
N LYS K 108 7.46 -35.55 36.63
CA LYS K 108 6.09 -35.02 36.82
C LYS K 108 6.00 -33.68 37.55
N PRO K 109 6.64 -33.56 38.74
CA PRO K 109 6.60 -32.27 39.47
C PRO K 109 7.22 -31.09 38.72
N GLU K 110 8.28 -31.36 37.95
CA GLU K 110 8.95 -30.32 37.14
C GLU K 110 8.07 -29.82 35.99
N VAL K 111 7.21 -30.69 35.47
CA VAL K 111 6.24 -30.32 34.43
C VAL K 111 5.11 -29.46 35.02
N TRP K 112 4.58 -29.87 36.17
CA TRP K 112 3.49 -29.14 36.84
C TRP K 112 3.91 -27.76 37.37
N THR K 113 5.16 -27.62 37.82
CA THR K 113 5.66 -26.35 38.34
C THR K 113 5.81 -25.29 37.24
N LEU K 114 6.36 -25.68 36.08
CA LEU K 114 6.54 -24.74 34.97
C LEU K 114 5.22 -24.24 34.39
N LYS K 115 4.21 -25.11 34.34
CA LYS K 115 2.86 -24.70 33.92
C LYS K 115 2.24 -23.68 34.87
N GLU K 116 2.53 -23.82 36.17
CA GLU K 116 2.11 -22.84 37.18
C GLU K 116 2.81 -21.49 36.99
N LYS K 117 4.11 -21.52 36.74
CA LYS K 117 4.90 -20.30 36.53
C LYS K 117 4.62 -19.62 35.19
N CYS K 118 4.22 -20.40 34.17
CA CYS K 118 3.72 -19.84 32.91
C CYS K 118 2.42 -19.05 33.14
N ILE K 119 1.51 -19.62 33.94
CA ILE K 119 0.26 -18.94 34.31
C ILE K 119 0.53 -17.66 35.12
N LEU K 120 1.55 -17.69 35.98
CA LEU K 120 1.99 -16.51 36.73
C LEU K 120 2.51 -15.41 35.80
N VAL K 121 3.44 -15.77 34.93
CA VAL K 121 4.07 -14.82 34.00
C VAL K 121 3.06 -14.21 33.02
N ILE K 122 2.12 -15.03 32.53
CA ILE K 122 1.05 -14.55 31.65
C ILE K 122 0.19 -13.50 32.38
N THR K 123 -0.36 -13.90 33.53
CA THR K 123 -1.18 -13.02 34.36
C THR K 123 -0.44 -11.74 34.80
N TRP K 124 0.87 -11.88 35.08
CA TRP K 124 1.72 -10.75 35.42
C TRP K 124 1.81 -9.73 34.28
N ILE K 125 2.06 -10.21 33.06
CA ILE K 125 2.16 -9.35 31.88
C ILE K 125 0.81 -8.74 31.48
N GLN K 126 -0.29 -9.47 31.67
CA GLN K 126 -1.63 -8.96 31.37
C GLN K 126 -1.99 -7.71 32.17
N HIS K 127 -1.58 -7.66 33.44
CA HIS K 127 -1.77 -6.48 34.28
C HIS K 127 -0.91 -5.28 33.85
N LEU K 128 0.28 -5.56 33.31
CA LEU K 128 1.15 -4.50 32.77
C LEU K 128 0.68 -3.91 31.43
N ILE K 129 -0.25 -4.57 30.74
CA ILE K 129 -0.84 -4.02 29.51
C ILE K 129 -1.72 -2.81 29.88
N PRO K 130 -1.33 -1.60 29.41
CA PRO K 130 -2.01 -0.38 29.85
C PRO K 130 -3.36 -0.14 29.16
N LYS K 131 -3.97 1.01 29.45
CA LYS K 131 -5.16 1.50 28.75
C LYS K 131 -4.88 1.59 27.25
N ILE K 132 -5.84 1.15 26.44
CA ILE K 132 -5.70 1.16 24.98
C ILE K 132 -5.87 2.61 24.49
N GLU K 133 -4.76 3.19 24.02
CA GLU K 133 -4.73 4.56 23.50
C GLU K 133 -4.10 4.58 22.12
N ASP K 134 -4.56 5.48 21.25
CA ASP K 134 -4.08 5.57 19.88
C ASP K 134 -2.72 6.29 19.85
N GLY K 135 -1.70 5.60 19.34
CA GLY K 135 -0.33 6.12 19.32
C GLY K 135 0.48 5.67 20.52
N ASN K 136 1.81 5.61 20.34
CA ASN K 136 2.75 5.10 21.34
C ASN K 136 2.42 3.63 21.68
N ASP K 137 2.21 2.84 20.63
CA ASP K 137 1.67 1.47 20.74
C ASP K 137 2.68 0.35 20.49
N PHE K 138 3.94 0.69 20.17
CA PHE K 138 4.95 -0.35 19.92
C PHE K 138 5.37 -1.10 21.18
N GLY K 139 5.36 -0.41 22.33
CA GLY K 139 5.55 -1.06 23.63
C GLY K 139 4.48 -2.09 23.94
N VAL K 140 3.23 -1.80 23.54
CA VAL K 140 2.11 -2.73 23.69
C VAL K 140 2.27 -3.94 22.75
N ALA K 141 2.79 -3.70 21.56
CA ALA K 141 3.10 -4.78 20.60
C ALA K 141 4.19 -5.73 21.10
N ILE K 142 5.20 -5.18 21.79
CA ILE K 142 6.26 -5.99 22.40
C ILE K 142 5.70 -6.88 23.51
N GLN K 143 4.79 -6.35 24.32
CA GLN K 143 4.09 -7.13 25.35
C GLN K 143 3.30 -8.30 24.75
N GLU K 144 2.64 -8.05 23.61
CA GLU K 144 1.90 -9.10 22.90
C GLU K 144 2.80 -10.21 22.35
N LYS K 145 3.96 -9.84 21.80
CA LYS K 145 4.93 -10.81 21.29
C LYS K 145 5.54 -11.68 22.40
N VAL K 146 5.83 -11.07 23.55
CA VAL K 146 6.36 -11.80 24.71
C VAL K 146 5.28 -12.74 25.26
N LEU K 147 4.06 -12.22 25.41
CA LEU K 147 2.91 -13.01 25.88
C LEU K 147 2.61 -14.20 24.96
N GLU K 148 2.82 -14.01 23.65
CA GLU K 148 2.66 -15.08 22.66
C GLU K 148 3.66 -16.22 22.86
N ARG K 149 4.91 -15.89 23.19
CA ARG K 149 5.96 -16.89 23.41
C ARG K 149 5.76 -17.68 24.72
N VAL K 150 5.26 -17.03 25.76
CA VAL K 150 4.97 -17.70 27.04
C VAL K 150 3.79 -18.67 26.88
N ASN K 151 2.81 -18.31 26.05
CA ASN K 151 1.73 -19.23 25.67
C ASN K 151 2.25 -20.42 24.88
N ALA K 152 3.20 -20.19 23.97
CA ALA K 152 3.83 -21.25 23.19
C ALA K 152 4.62 -22.24 24.07
N VAL K 153 5.27 -21.71 25.11
CA VAL K 153 5.95 -22.54 26.12
C VAL K 153 4.92 -23.32 26.95
N LYS K 154 3.82 -22.66 27.31
CA LYS K 154 2.73 -23.31 28.07
C LYS K 154 2.08 -24.45 27.29
N THR K 155 1.91 -24.27 25.98
CA THR K 155 1.34 -25.29 25.11
C THR K 155 2.22 -26.54 25.02
N LYS K 156 3.54 -26.34 24.89
CA LYS K 156 4.51 -27.43 24.87
C LYS K 156 4.62 -28.16 26.21
N VAL K 157 4.41 -27.44 27.31
CA VAL K 157 4.37 -28.02 28.66
C VAL K 157 3.10 -28.86 28.85
N GLU K 158 1.97 -28.37 28.32
CA GLU K 158 0.71 -29.16 28.30
C GLU K 158 0.81 -30.41 27.42
N ALA K 159 1.63 -30.35 26.37
CA ALA K 159 1.92 -31.52 25.51
C ALA K 159 2.72 -32.60 26.24
N PHE K 160 3.56 -32.21 27.20
CA PHE K 160 4.28 -33.17 28.05
C PHE K 160 3.35 -33.92 29.02
N GLN K 161 2.35 -33.22 29.54
CA GLN K 161 1.36 -33.83 30.44
C GLN K 161 0.52 -34.90 29.74
N THR K 162 0.15 -34.65 28.48
CA THR K 162 -0.57 -35.63 27.66
C THR K 162 0.30 -36.84 27.32
N THR K 163 1.61 -36.62 27.12
CA THR K 163 2.57 -37.71 26.90
C THR K 163 2.73 -38.61 28.13
N ILE K 164 2.75 -38.01 29.32
CA ILE K 164 2.87 -38.74 30.59
C ILE K 164 1.59 -39.55 30.89
N SER K 165 0.44 -38.92 30.72
CA SER K 165 -0.86 -39.58 30.96
C SER K 165 -1.14 -40.72 29.98
N LYS K 166 -0.74 -40.53 28.72
CA LYS K 166 -0.93 -41.53 27.66
C LYS K 166 -0.03 -42.76 27.84
N TYR K 167 1.14 -42.59 28.46
CA TYR K 167 2.06 -43.71 28.74
C TYR K 167 1.42 -44.80 29.60
N PHE K 168 0.71 -44.39 30.65
CA PHE K 168 0.09 -45.33 31.59
C PHE K 168 -1.06 -46.12 30.96
N SER K 169 -1.87 -45.46 30.13
CA SER K 169 -2.98 -46.10 29.42
C SER K 169 -2.50 -46.99 28.28
N GLU K 170 -1.51 -46.52 27.51
CA GLU K 170 -0.97 -47.30 26.38
C GLU K 170 -0.20 -48.55 26.81
N ARG K 171 0.55 -48.45 27.91
CA ARG K 171 1.25 -49.62 28.46
C ARG K 171 0.27 -50.64 29.03
N GLY K 172 -0.79 -50.16 29.68
CA GLY K 172 -1.86 -51.03 30.19
C GLY K 172 -2.59 -51.79 29.11
N ASP K 173 -2.89 -51.12 28.00
CA ASP K 173 -3.51 -51.76 26.83
C ASP K 173 -2.54 -52.73 26.14
N ALA K 174 -1.26 -52.37 26.07
CA ALA K 174 -0.23 -53.22 25.46
C ALA K 174 0.00 -54.50 26.26
N VAL K 175 0.09 -54.39 27.59
CA VAL K 175 0.23 -55.54 28.48
C VAL K 175 -1.03 -56.42 28.47
N ALA K 176 -2.20 -55.79 28.40
CA ALA K 176 -3.48 -56.50 28.31
C ALA K 176 -3.60 -57.33 27.02
N LYS K 177 -3.17 -56.74 25.90
CA LYS K 177 -3.12 -57.46 24.62
C LYS K 177 -2.10 -58.60 24.61
N ALA K 178 -0.93 -58.36 25.22
CA ALA K 178 0.14 -59.37 25.29
C ALA K 178 -0.24 -60.58 26.14
N SER K 179 -0.88 -60.33 27.29
CA SER K 179 -1.35 -61.39 28.18
C SER K 179 -2.54 -62.17 27.61
N LYS K 180 -3.43 -61.47 26.91
CA LYS K 180 -4.62 -62.06 26.30
C LYS K 180 -4.25 -62.86 25.05
N ASP K 181 -3.52 -62.22 24.13
CA ASP K 181 -2.96 -62.89 22.94
C ASP K 181 -1.49 -63.22 23.20
N THR K 182 -1.27 -64.37 23.84
CA THR K 182 0.07 -64.81 24.25
C THR K 182 0.97 -65.21 23.07
N HIS K 183 0.38 -65.85 22.07
CA HIS K 183 1.09 -66.22 20.82
C HIS K 183 1.73 -65.07 20.05
N VAL K 184 1.16 -63.86 20.14
CA VAL K 184 1.67 -62.69 19.42
C VAL K 184 2.84 -62.07 20.20
N MET K 185 4.05 -62.27 19.67
CA MET K 185 5.28 -61.76 20.32
C MET K 185 5.53 -60.28 20.03
N ASP K 186 4.86 -59.72 19.01
CA ASP K 186 4.93 -58.29 18.70
C ASP K 186 4.34 -57.40 19.80
N TYR K 187 3.34 -57.91 20.52
CA TYR K 187 2.78 -57.20 21.68
C TYR K 187 3.74 -57.13 22.86
N ARG K 188 4.58 -58.15 23.03
CA ARG K 188 5.65 -58.14 24.04
C ARG K 188 6.72 -57.11 23.68
N ALA K 189 7.13 -57.11 22.41
CA ALA K 189 8.07 -56.11 21.88
C ALA K 189 7.51 -54.69 21.94
N LEU K 190 6.19 -54.56 21.77
CA LEU K 190 5.51 -53.26 21.91
C LEU K 190 5.64 -52.70 23.33
N VAL K 191 5.43 -53.54 24.35
CA VAL K 191 5.52 -53.12 25.75
C VAL K 191 6.93 -52.58 26.09
N HIS K 192 7.95 -53.29 25.61
CA HIS K 192 9.35 -52.87 25.81
C HIS K 192 9.69 -51.61 24.99
N GLU K 193 9.08 -51.48 23.81
CA GLU K 193 9.25 -50.29 22.96
C GLU K 193 8.56 -49.04 23.52
N ARG K 194 7.43 -49.22 24.22
CA ARG K 194 6.78 -48.10 24.93
C ARG K 194 7.66 -47.54 26.04
N ASP K 195 8.37 -48.42 26.75
CA ASP K 195 9.27 -48.03 27.83
C ASP K 195 10.45 -47.20 27.33
N GLU K 196 11.14 -47.69 26.30
CA GLU K 196 12.27 -46.97 25.70
C GLU K 196 11.87 -45.62 25.10
N ALA K 197 10.69 -45.58 24.47
CA ALA K 197 10.13 -44.34 23.93
C ALA K 197 9.76 -43.36 25.05
N ALA K 198 9.17 -43.89 26.12
CA ALA K 198 8.83 -43.09 27.31
C ALA K 198 10.08 -42.56 28.02
N TYR K 199 11.13 -43.38 28.09
CA TYR K 199 12.41 -42.96 28.69
C TYR K 199 13.04 -41.80 27.92
N GLY K 200 13.17 -41.97 26.61
CA GLY K 200 13.71 -40.93 25.72
C GLY K 200 12.90 -39.64 25.73
N ALA K 201 11.58 -39.78 25.86
CA ALA K 201 10.69 -38.63 25.98
C ALA K 201 10.91 -37.89 27.30
N LEU K 202 10.94 -38.64 28.40
CA LEU K 202 11.16 -38.06 29.74
C LEU K 202 12.52 -37.39 29.91
N ARG K 203 13.55 -37.90 29.22
CA ARG K 203 14.86 -37.24 29.18
C ARG K 203 14.81 -35.95 28.36
N ALA K 204 14.13 -36.00 27.21
CA ALA K 204 13.93 -34.83 26.36
C ALA K 204 13.11 -33.73 27.05
N MET K 205 12.14 -34.14 27.87
CA MET K 205 11.35 -33.20 28.69
C MET K 205 12.22 -32.36 29.62
N VAL K 206 13.14 -33.01 30.34
CA VAL K 206 14.01 -32.32 31.30
C VAL K 206 14.97 -31.35 30.58
N LEU K 207 15.45 -31.75 29.40
CA LEU K 207 16.23 -30.85 28.53
C LEU K 207 15.40 -29.66 28.04
N ASP K 208 14.15 -29.93 27.64
CA ASP K 208 13.22 -28.87 27.22
C ASP K 208 12.82 -27.95 28.38
N LEU K 209 12.55 -28.51 29.55
CA LEU K 209 12.17 -27.73 30.74
C LEU K 209 13.26 -26.75 31.15
N ARG K 210 14.51 -27.22 31.19
CA ARG K 210 15.67 -26.35 31.44
C ARG K 210 15.80 -25.26 30.38
N ALA K 211 15.58 -25.63 29.12
CA ALA K 211 15.64 -24.69 28.00
C ALA K 211 14.53 -23.63 28.07
N PHE K 212 13.33 -24.04 28.50
CA PHE K 212 12.20 -23.11 28.62
C PHE K 212 12.40 -22.08 29.74
N TYR K 213 13.00 -22.49 30.86
CA TYR K 213 13.38 -21.54 31.92
C TYR K 213 14.40 -20.52 31.41
N ALA K 214 15.41 -20.99 30.67
CA ALA K 214 16.42 -20.11 30.08
C ALA K 214 15.83 -19.17 29.03
N GLU K 215 14.96 -19.71 28.17
CA GLU K 215 14.29 -18.92 27.12
C GLU K 215 13.28 -17.91 27.69
N LEU K 216 12.59 -18.28 28.77
CA LEU K 216 11.64 -17.37 29.45
C LEU K 216 12.33 -16.17 30.08
N TYR K 217 13.48 -16.40 30.72
CA TYR K 217 14.27 -15.31 31.29
C TYR K 217 14.87 -14.41 30.21
N HIS K 218 15.42 -15.02 29.16
CA HIS K 218 16.10 -14.28 28.09
C HIS K 218 15.18 -13.29 27.38
N ILE K 219 13.97 -13.75 27.00
CA ILE K 219 12.99 -12.91 26.31
C ILE K 219 12.38 -11.83 27.23
N ILE K 220 12.18 -12.15 28.51
CA ILE K 220 11.64 -11.19 29.48
C ILE K 220 12.70 -10.16 29.88
N SER K 221 13.93 -10.60 30.17
CA SER K 221 15.01 -9.72 30.61
C SER K 221 15.47 -8.75 29.51
N SER K 222 15.61 -9.26 28.28
CA SER K 222 16.02 -8.43 27.15
C SER K 222 14.98 -7.37 26.77
N ASN K 223 13.69 -7.74 26.88
CA ASN K 223 12.58 -6.81 26.62
C ASN K 223 11.93 -6.27 27.91
N LEU K 224 12.71 -6.20 29.00
CA LEU K 224 12.15 -5.87 30.33
C LEU K 224 11.66 -4.43 30.46
N GLU K 225 12.34 -3.49 29.80
CA GLU K 225 11.97 -2.07 29.86
C GLU K 225 10.56 -1.82 29.30
N LYS K 226 10.28 -2.38 28.13
CA LYS K 226 8.99 -2.19 27.46
C LYS K 226 7.85 -3.05 28.04
N ILE K 227 8.17 -4.21 28.62
CA ILE K 227 7.17 -5.05 29.30
C ILE K 227 6.62 -4.33 30.54
N VAL K 228 7.51 -3.79 31.36
CA VAL K 228 7.13 -3.09 32.59
C VAL K 228 6.56 -1.69 32.29
N ASN K 229 7.22 -0.97 31.37
CA ASN K 229 6.85 0.41 31.02
C ASN K 229 6.75 0.55 29.49
N PRO K 230 5.62 0.10 28.90
CA PRO K 230 5.45 0.19 27.43
C PRO K 230 5.31 1.62 26.89
N LYS K 231 4.55 2.46 27.58
CA LYS K 231 4.32 3.85 27.15
C LYS K 231 5.53 4.75 27.38
N GLY K 232 6.35 4.44 28.38
CA GLY K 232 7.56 5.22 28.69
C GLY K 232 7.23 6.49 29.46
N LEU L 4 9.86 -4.75 40.23
CA LEU L 4 10.90 -4.20 39.30
C LEU L 4 12.31 -4.27 39.94
N ARG L 5 13.13 -5.19 39.44
CA ARG L 5 14.51 -5.37 39.92
C ARG L 5 15.44 -5.70 38.73
N VAL L 6 16.74 -5.81 39.01
CA VAL L 6 17.78 -5.97 37.97
C VAL L 6 18.02 -7.43 37.58
N HIS L 7 17.96 -8.34 38.56
CA HIS L 7 18.23 -9.77 38.37
C HIS L 7 19.71 -10.05 38.01
N PRO L 8 20.64 -9.75 38.95
CA PRO L 8 22.08 -9.96 38.66
C PRO L 8 22.52 -11.42 38.63
N GLU L 9 22.11 -12.22 39.61
CA GLU L 9 22.46 -13.65 39.68
C GLU L 9 21.78 -14.47 38.57
N ALA L 10 20.57 -14.07 38.21
CA ALA L 10 19.82 -14.71 37.11
C ALA L 10 20.46 -14.47 35.74
N GLN L 11 21.01 -13.27 35.54
CA GLN L 11 21.72 -12.92 34.30
C GLN L 11 22.99 -13.74 34.12
N ALA L 12 23.72 -13.96 35.22
CA ALA L 12 24.99 -14.70 35.18
C ALA L 12 24.84 -16.17 34.77
N LYS L 13 23.83 -16.85 35.32
CA LYS L 13 23.61 -18.27 35.06
C LYS L 13 23.05 -18.55 33.65
N VAL L 14 22.29 -17.62 33.10
CA VAL L 14 21.79 -17.72 31.71
C VAL L 14 22.90 -17.38 30.70
N ASP L 15 23.75 -16.39 31.02
CA ASP L 15 24.92 -16.07 30.19
C ASP L 15 25.93 -17.22 30.10
N VAL L 16 26.13 -17.92 31.21
CA VAL L 16 26.99 -19.12 31.24
C VAL L 16 26.35 -20.27 30.45
N PHE L 17 25.05 -20.48 30.64
CA PHE L 17 24.30 -21.52 29.92
C PHE L 17 24.31 -21.32 28.40
N ARG L 18 24.21 -20.06 27.96
CA ARG L 18 24.27 -19.72 26.52
C ARG L 18 25.66 -19.98 25.92
N GLU L 19 26.72 -19.58 26.63
CA GLU L 19 28.10 -19.82 26.19
C GLU L 19 28.46 -21.31 26.15
N ASP L 20 27.85 -22.11 27.03
CA ASP L 20 27.97 -23.57 26.96
C ASP L 20 27.30 -24.12 25.70
N LEU L 21 26.09 -23.64 25.41
CA LEU L 21 25.38 -24.01 24.18
C LEU L 21 26.11 -23.53 22.91
N CYS L 22 26.69 -22.33 22.96
CA CYS L 22 27.43 -21.76 21.83
C CYS L 22 28.70 -22.54 21.50
N SER L 23 29.42 -22.97 22.53
CA SER L 23 30.63 -23.79 22.37
C SER L 23 30.31 -25.20 21.88
N LYS L 24 29.21 -25.77 22.37
CA LYS L 24 28.70 -27.06 21.89
C LYS L 24 28.27 -26.99 20.42
N THR L 25 27.60 -25.90 20.05
CA THR L 25 27.14 -25.69 18.67
C THR L 25 28.31 -25.64 17.67
N GLU L 26 29.35 -24.87 18.00
CA GLU L 26 30.56 -24.81 17.17
C GLU L 26 31.32 -26.15 17.12
N ASN L 27 31.25 -26.91 18.22
CA ASN L 27 31.79 -28.27 18.27
C ASN L 27 30.96 -29.26 17.43
N LEU L 28 29.64 -29.07 17.42
CA LEU L 28 28.73 -29.94 16.64
C LEU L 28 28.99 -29.84 15.14
N LEU L 29 28.89 -28.62 14.59
CA LEU L 29 29.21 -28.40 13.17
C LEU L 29 30.71 -28.49 12.87
N GLY L 30 31.56 -28.34 13.89
CA GLY L 30 33.00 -28.54 13.75
C GLY L 30 33.41 -30.01 13.65
N SER L 31 32.81 -30.87 14.48
CA SER L 31 33.23 -32.27 14.62
C SER L 31 32.10 -33.31 14.51
N TYR L 32 31.02 -33.12 15.25
CA TYR L 32 29.95 -34.13 15.39
C TYR L 32 29.10 -34.33 14.12
N PHE L 33 28.70 -33.24 13.49
CA PHE L 33 27.82 -33.27 12.30
C PHE L 33 28.50 -33.90 11.08
N PRO L 34 29.76 -33.54 10.78
CA PRO L 34 30.50 -34.25 9.73
C PRO L 34 30.76 -35.73 9.99
N LYS L 35 30.96 -36.10 11.26
CA LYS L 35 31.16 -37.51 11.65
C LYS L 35 29.92 -38.34 11.37
N LYS L 36 28.76 -37.84 11.81
CA LYS L 36 27.47 -38.52 11.61
C LYS L 36 27.09 -38.71 10.14
N ILE L 37 27.44 -37.75 9.29
CA ILE L 37 27.22 -37.87 7.84
C ILE L 37 28.02 -39.05 7.27
N SER L 38 29.27 -39.21 7.72
CA SER L 38 30.13 -40.32 7.29
C SER L 38 29.67 -41.69 7.81
N GLU L 39 29.21 -41.74 9.06
CA GLU L 39 28.66 -42.98 9.65
C GLU L 39 27.43 -43.48 8.91
N LEU L 40 26.50 -42.56 8.64
CA LEU L 40 25.23 -42.90 7.99
C LEU L 40 25.38 -43.21 6.50
N ASP L 41 26.31 -42.51 5.84
CA ASP L 41 26.70 -42.86 4.46
C ASP L 41 27.29 -44.28 4.39
N ALA L 42 28.16 -44.60 5.34
CA ALA L 42 28.72 -45.95 5.46
C ALA L 42 27.66 -46.99 5.81
N PHE L 43 26.72 -46.62 6.69
CA PHE L 43 25.61 -47.49 7.10
C PHE L 43 24.64 -47.77 5.94
N LEU L 44 24.38 -46.77 5.11
CA LEU L 44 23.53 -46.94 3.91
C LEU L 44 24.10 -47.92 2.88
N LYS L 45 25.43 -47.96 2.74
CA LYS L 45 26.10 -48.83 1.78
C LYS L 45 26.27 -50.30 2.23
N GLU L 46 25.97 -50.60 3.49
CA GLU L 46 26.04 -51.98 4.02
C GLU L 46 24.97 -52.90 3.39
N PRO L 47 25.19 -54.24 3.43
CA PRO L 47 24.19 -55.15 2.84
C PRO L 47 22.90 -55.33 3.67
N ALA L 48 22.87 -54.83 4.91
CA ALA L 48 21.65 -54.83 5.72
C ALA L 48 20.56 -53.92 5.13
N LEU L 49 20.95 -52.73 4.68
CA LEU L 49 20.02 -51.77 4.04
C LEU L 49 19.99 -51.86 2.50
N ASN L 50 20.78 -52.75 1.91
CA ASN L 50 20.79 -53.00 0.47
C ASN L 50 20.48 -54.48 0.20
N GLU L 51 19.29 -54.90 0.62
CA GLU L 51 18.81 -56.26 0.36
C GLU L 51 18.50 -56.42 -1.13
N ALA L 52 19.11 -57.43 -1.76
CA ALA L 52 18.97 -57.66 -3.20
C ALA L 52 17.56 -58.08 -3.59
N ASN L 53 16.94 -58.93 -2.77
CA ASN L 53 15.57 -59.40 -2.99
C ASN L 53 14.75 -59.22 -1.71
N LEU L 54 13.49 -58.80 -1.89
CA LEU L 54 12.58 -58.54 -0.77
C LEU L 54 12.05 -59.81 -0.09
N SER L 55 12.14 -60.96 -0.76
CA SER L 55 11.76 -62.25 -0.17
C SER L 55 12.70 -62.70 0.97
N ASN L 56 13.91 -62.15 1.02
CA ASN L 56 14.82 -62.36 2.15
C ASN L 56 14.24 -61.84 3.47
N LEU L 57 13.46 -60.76 3.40
CA LEU L 57 12.83 -60.14 4.57
C LEU L 57 11.53 -60.81 5.05
N LYS L 58 11.04 -61.82 4.34
CA LYS L 58 9.84 -62.56 4.76
C LYS L 58 10.11 -63.36 6.04
N ALA L 59 9.44 -62.97 7.13
CA ALA L 59 9.54 -63.68 8.41
C ALA L 59 8.61 -64.90 8.40
N PRO L 60 9.03 -66.02 9.04
CA PRO L 60 8.13 -67.15 9.23
C PRO L 60 6.84 -66.80 9.99
N LEU L 61 5.69 -67.11 9.38
CA LEU L 61 4.37 -66.87 9.99
C LEU L 61 3.62 -68.19 9.98
N ASP L 62 3.97 -69.06 10.92
CA ASP L 62 3.39 -70.40 11.01
C ASP L 62 2.06 -70.35 11.77
N ILE L 63 1.01 -69.99 11.03
CA ILE L 63 -0.38 -70.13 11.49
C ILE L 63 -0.90 -71.36 10.73
N PRO L 64 -1.50 -72.34 11.43
CA PRO L 64 -1.94 -73.55 10.73
C PRO L 64 -3.13 -73.27 9.77
N VAL L 65 -2.97 -73.66 8.51
CA VAL L 65 -4.00 -73.44 7.49
C VAL L 65 -5.12 -74.45 7.72
N PRO L 66 -6.39 -73.98 7.83
CA PRO L 66 -7.47 -74.88 8.20
C PRO L 66 -7.94 -75.71 7.00
N ASP L 67 -8.12 -77.01 7.22
CA ASP L 67 -8.56 -77.94 6.18
C ASP L 67 -9.95 -78.47 6.55
N PRO L 68 -11.01 -77.97 5.88
CA PRO L 68 -12.39 -78.35 6.27
C PRO L 68 -12.78 -79.81 5.96
N VAL L 69 -12.09 -80.46 5.03
CA VAL L 69 -12.29 -81.89 4.77
C VAL L 69 -11.75 -82.78 5.91
N LYS L 70 -10.62 -82.38 6.50
CA LYS L 70 -10.10 -83.01 7.71
C LYS L 70 -10.94 -82.68 8.96
N GLU L 71 -11.48 -81.47 9.01
CA GLU L 71 -12.21 -80.96 10.19
C GLU L 71 -13.47 -81.76 10.51
N LYS L 72 -14.25 -82.13 9.48
CA LYS L 72 -15.46 -82.93 9.66
C LYS L 72 -15.14 -84.36 10.12
N GLU L 73 -14.13 -84.97 9.49
CA GLU L 73 -13.64 -86.29 9.88
C GLU L 73 -12.79 -86.16 11.15
N PRO L 99 -8.42 -70.10 17.09
CA PRO L 99 -7.84 -71.43 17.19
C PRO L 99 -6.50 -71.46 17.92
N PRO L 100 -6.03 -72.66 18.32
CA PRO L 100 -4.69 -72.78 18.93
C PRO L 100 -3.56 -72.49 17.94
N CYS L 101 -2.56 -71.71 18.37
CA CYS L 101 -1.47 -71.27 17.52
C CYS L 101 -0.16 -71.14 18.29
N GLY L 102 0.95 -71.45 17.63
CA GLY L 102 2.29 -71.33 18.21
C GLY L 102 2.77 -69.89 18.27
N PRO L 103 3.93 -69.64 18.89
CA PRO L 103 4.43 -68.29 19.08
C PRO L 103 4.97 -67.66 17.78
N VAL L 104 4.32 -66.59 17.33
CA VAL L 104 4.70 -65.87 16.12
C VAL L 104 5.71 -64.79 16.48
N ASN L 105 6.98 -65.01 16.12
CA ASN L 105 8.07 -64.09 16.46
C ASN L 105 8.07 -62.85 15.58
N CYS L 106 8.80 -61.83 16.04
CA CYS L 106 8.99 -60.59 15.27
C CYS L 106 9.95 -60.83 14.11
N ASN L 107 9.87 -59.96 13.10
CA ASN L 107 10.78 -60.01 11.96
C ASN L 107 12.18 -59.59 12.43
N GLU L 108 13.02 -60.60 12.66
CA GLU L 108 14.34 -60.40 13.27
C GLU L 108 15.29 -59.52 12.44
N LYS L 109 15.21 -59.64 11.11
CA LYS L 109 15.98 -58.77 10.21
C LYS L 109 15.57 -57.29 10.29
N ILE L 110 14.28 -57.04 10.55
CA ILE L 110 13.79 -55.67 10.80
C ILE L 110 14.15 -55.20 12.21
N VAL L 111 14.09 -56.11 13.19
CA VAL L 111 14.42 -55.77 14.59
C VAL L 111 15.87 -55.28 14.72
N VAL L 112 16.82 -56.00 14.14
CA VAL L 112 18.24 -55.60 14.20
C VAL L 112 18.54 -54.26 13.51
N LEU L 113 17.77 -53.93 12.46
CA LEU L 113 17.83 -52.59 11.84
C LEU L 113 17.29 -51.50 12.77
N LEU L 114 16.20 -51.80 13.48
CA LEU L 114 15.62 -50.87 14.46
C LEU L 114 16.52 -50.64 15.69
N GLN L 115 17.29 -51.65 16.08
CA GLN L 115 18.27 -51.51 17.18
C GLN L 115 19.41 -50.54 16.83
N ARG L 116 19.73 -50.41 15.53
CA ARG L 116 20.68 -49.43 15.05
C ARG L 116 20.03 -48.06 14.78
N LEU L 117 18.79 -48.08 14.30
CA LEU L 117 18.04 -46.85 13.97
C LEU L 117 17.62 -46.03 15.19
N LYS L 118 17.18 -46.71 16.26
CA LYS L 118 16.69 -46.04 17.48
C LYS L 118 17.70 -45.09 18.15
N PRO L 119 18.95 -45.56 18.40
CA PRO L 119 19.96 -44.64 18.95
C PRO L 119 20.39 -43.52 18.00
N GLU L 120 20.30 -43.75 16.68
CA GLU L 120 20.54 -42.70 15.69
C GLU L 120 19.48 -41.59 15.73
N ILE L 121 18.21 -41.98 15.86
CA ILE L 121 17.10 -41.02 16.00
C ILE L 121 17.24 -40.15 17.27
N LYS L 122 17.64 -40.77 18.37
CA LYS L 122 17.86 -40.06 19.64
C LYS L 122 18.95 -38.99 19.53
N ASP L 123 20.01 -39.29 18.78
CA ASP L 123 21.11 -38.35 18.58
C ASP L 123 20.72 -37.12 17.76
N VAL L 124 19.91 -37.29 16.72
CA VAL L 124 19.51 -36.17 15.85
C VAL L 124 18.64 -35.20 16.62
N THR L 125 17.63 -35.74 17.32
CA THR L 125 16.69 -34.95 18.10
C THR L 125 17.34 -34.21 19.27
N GLU L 126 18.34 -34.85 19.89
CA GLU L 126 19.12 -34.20 20.97
C GLU L 126 19.94 -33.01 20.45
N GLN L 127 20.65 -33.22 19.34
CA GLN L 127 21.47 -32.14 18.74
C GLN L 127 20.62 -31.07 18.05
N LEU L 128 19.48 -31.46 17.47
CA LEU L 128 18.54 -30.49 16.91
C LEU L 128 17.94 -29.59 18.00
N ASN L 129 17.50 -30.20 19.09
CA ASN L 129 16.98 -29.47 20.26
C ASN L 129 18.03 -28.55 20.89
N LEU L 130 19.28 -29.00 20.94
CA LEU L 130 20.39 -28.21 21.48
C LEU L 130 20.70 -26.99 20.62
N VAL L 131 20.73 -27.19 19.30
CA VAL L 131 20.94 -26.10 18.33
C VAL L 131 19.73 -25.15 18.30
N THR L 132 18.52 -25.70 18.42
CA THR L 132 17.29 -24.89 18.48
C THR L 132 17.27 -24.00 19.72
N THR L 133 17.68 -24.55 20.87
CA THR L 133 17.79 -23.79 22.12
C THR L 133 18.83 -22.67 22.03
N TRP L 134 19.96 -22.96 21.39
CA TRP L 134 21.02 -21.96 21.15
C TRP L 134 20.50 -20.79 20.31
N LEU L 135 19.85 -21.10 19.20
CA LEU L 135 19.33 -20.08 18.28
C LEU L 135 18.24 -19.19 18.91
N GLN L 136 17.42 -19.77 19.79
CA GLN L 136 16.41 -19.01 20.54
C GLN L 136 17.03 -17.97 21.48
N LEU L 137 18.11 -18.35 22.16
CA LEU L 137 18.83 -17.45 23.07
C LEU L 137 19.67 -16.37 22.37
N GLN L 138 19.91 -16.55 21.07
CA GLN L 138 20.55 -15.51 20.23
C GLN L 138 19.57 -14.44 19.69
N ILE L 139 18.26 -14.61 19.91
CA ILE L 139 17.25 -13.65 19.45
C ILE L 139 17.35 -12.37 20.29
N PRO L 140 17.59 -11.21 19.64
CA PRO L 140 17.80 -9.96 20.38
C PRO L 140 16.49 -9.29 20.81
N ARG L 141 16.61 -8.10 21.41
CA ARG L 141 15.47 -7.27 21.81
C ARG L 141 14.56 -6.97 20.62
N ILE L 142 13.25 -6.94 20.86
CA ILE L 142 12.25 -6.64 19.82
C ILE L 142 12.27 -5.13 19.55
N GLU L 143 12.45 -4.77 18.28
CA GLU L 143 12.57 -3.36 17.86
C GLU L 143 11.81 -3.07 16.57
N ASP L 144 11.60 -1.78 16.29
CA ASP L 144 10.89 -1.31 15.08
C ASP L 144 11.59 -1.72 13.79
N GLY L 145 12.90 -1.48 13.74
CA GLY L 145 13.72 -1.76 12.56
C GLY L 145 14.98 -2.53 12.91
N ASN L 146 15.86 -2.65 11.93
CA ASN L 146 17.14 -3.37 12.07
C ASN L 146 16.89 -4.87 12.33
N ASN L 147 15.90 -5.42 11.62
CA ASN L 147 15.42 -6.79 11.86
C ASN L 147 15.71 -7.75 10.69
N PHE L 148 16.78 -7.50 9.94
CA PHE L 148 17.19 -8.43 8.89
C PHE L 148 17.84 -9.68 9.49
N GLY L 149 18.76 -9.47 10.43
CA GLY L 149 19.36 -10.57 11.20
C GLY L 149 18.34 -11.36 12.00
N VAL L 150 17.29 -10.68 12.47
CA VAL L 150 16.17 -11.33 13.14
C VAL L 150 15.39 -12.21 12.15
N ALA L 151 15.17 -11.69 10.94
CA ALA L 151 14.52 -12.46 9.86
C ALA L 151 15.36 -13.67 9.39
N VAL L 152 16.68 -13.53 9.44
CA VAL L 152 17.60 -14.65 9.13
C VAL L 152 17.46 -15.76 10.18
N GLN L 153 17.40 -15.38 11.45
CA GLN L 153 17.16 -16.33 12.55
C GLN L 153 15.81 -17.05 12.40
N GLU L 154 14.76 -16.28 12.10
CA GLU L 154 13.42 -16.83 11.87
C GLU L 154 13.34 -17.79 10.67
N LYS L 155 14.11 -17.50 9.62
CA LYS L 155 14.18 -18.36 8.43
C LYS L 155 14.87 -19.69 8.74
N VAL L 156 15.99 -19.63 9.47
CA VAL L 156 16.72 -20.84 9.88
C VAL L 156 15.94 -21.62 10.95
N PHE L 157 15.24 -20.90 11.83
CA PHE L 157 14.37 -21.52 12.85
C PHE L 157 13.19 -22.30 12.23
N GLU L 158 12.69 -21.84 11.08
CA GLU L 158 11.62 -22.52 10.34
C GLU L 158 12.02 -23.93 9.89
N LEU L 159 13.26 -24.06 9.41
CA LEU L 159 13.82 -25.36 9.01
C LEU L 159 13.93 -26.32 10.19
N MET L 160 14.41 -25.82 11.32
CA MET L 160 14.56 -26.63 12.54
C MET L 160 13.23 -27.13 13.09
N THR L 161 12.18 -26.30 12.96
CA THR L 161 10.82 -26.69 13.34
C THR L 161 10.26 -27.79 12.43
N ASN L 162 10.51 -27.66 11.13
CA ASN L 162 10.07 -28.67 10.14
C ASN L 162 10.84 -29.99 10.28
N LEU L 163 12.14 -29.89 10.60
CA LEU L 163 12.95 -31.08 10.93
C LEU L 163 12.48 -31.73 12.23
N HIS L 164 12.16 -30.92 13.23
CA HIS L 164 11.65 -31.41 14.52
C HIS L 164 10.32 -32.16 14.36
N THR L 165 9.45 -31.64 13.49
CA THR L 165 8.17 -32.30 13.17
C THR L 165 8.38 -33.63 12.42
N LYS L 166 9.36 -33.65 11.53
CA LYS L 166 9.71 -34.85 10.75
C LYS L 166 10.29 -35.96 11.64
N LEU L 167 11.29 -35.61 12.45
CA LEU L 167 12.01 -36.58 13.28
C LEU L 167 11.22 -37.08 14.50
N GLU L 168 10.22 -36.31 14.95
CA GLU L 168 9.25 -36.82 15.94
C GLU L 168 8.34 -37.89 15.33
N GLY L 169 7.95 -37.70 14.07
CA GLY L 169 7.18 -38.69 13.32
C GLY L 169 7.89 -40.02 13.11
N PHE L 170 9.22 -39.98 13.03
CA PHE L 170 10.07 -41.18 12.93
C PHE L 170 10.01 -42.02 14.21
N HIS L 171 9.97 -41.35 15.35
CA HIS L 171 9.93 -42.02 16.67
C HIS L 171 8.58 -42.69 16.93
N THR L 172 7.49 -42.03 16.53
CA THR L 172 6.14 -42.61 16.62
C THR L 172 5.92 -43.78 15.66
N GLN L 173 6.60 -43.73 14.51
CA GLN L 173 6.54 -44.79 13.48
C GLN L 173 6.93 -46.18 14.00
N ILE L 174 7.95 -46.25 14.86
CA ILE L 174 8.46 -47.53 15.38
C ILE L 174 7.47 -48.19 16.35
N SER L 175 6.84 -47.38 17.21
CA SER L 175 5.79 -47.87 18.11
C SER L 175 4.52 -48.31 17.36
N LYS L 176 4.22 -47.62 16.26
CA LYS L 176 3.08 -47.97 15.40
C LYS L 176 3.28 -49.31 14.68
N TYR L 177 4.52 -49.60 14.26
CA TYR L 177 4.86 -50.85 13.57
C TYR L 177 4.56 -52.10 14.41
N PHE L 178 5.00 -52.10 15.67
CA PHE L 178 4.75 -53.23 16.57
C PHE L 178 3.27 -53.39 16.94
N SER L 179 2.55 -52.28 17.01
CA SER L 179 1.10 -52.30 17.26
C SER L 179 0.33 -52.82 16.05
N GLU L 180 0.68 -52.36 14.86
CA GLU L 180 0.03 -52.78 13.61
C GLU L 180 0.31 -54.24 13.24
N ARG L 181 1.56 -54.67 13.39
CA ARG L 181 1.96 -56.05 13.11
C ARG L 181 1.33 -57.03 14.10
N GLY L 182 1.26 -56.64 15.37
CA GLY L 182 0.60 -57.42 16.41
C GLY L 182 -0.88 -57.64 16.15
N ASP L 183 -1.57 -56.58 15.70
CA ASP L 183 -2.98 -56.66 15.33
C ASP L 183 -3.23 -57.53 14.09
N ALA L 184 -2.31 -57.46 13.12
CA ALA L 184 -2.38 -58.29 11.91
C ALA L 184 -2.15 -59.78 12.21
N VAL L 185 -1.16 -60.07 13.06
CA VAL L 185 -0.86 -61.44 13.49
C VAL L 185 -1.99 -62.01 14.36
N ALA L 186 -2.55 -61.19 15.25
CA ALA L 186 -3.67 -61.58 16.09
C ALA L 186 -4.93 -61.88 15.28
N LYS L 187 -5.22 -61.04 14.29
CA LYS L 187 -6.31 -61.27 13.35
C LYS L 187 -6.09 -62.51 12.47
N ALA L 188 -4.84 -62.72 12.06
CA ALA L 188 -4.46 -63.91 11.28
C ALA L 188 -4.60 -65.20 12.08
N ALA L 189 -4.26 -65.15 13.36
CA ALA L 189 -4.38 -66.30 14.26
C ALA L 189 -5.85 -66.62 14.58
N LYS L 190 -6.64 -65.59 14.85
CA LYS L 190 -8.08 -65.73 15.10
C LYS L 190 -8.85 -66.23 13.87
N GLN L 191 -8.45 -65.76 12.69
CA GLN L 191 -9.10 -66.13 11.43
C GLN L 191 -8.05 -66.67 10.44
N PRO L 192 -7.70 -67.97 10.57
CA PRO L 192 -6.72 -68.59 9.67
C PRO L 192 -7.16 -68.65 8.20
N HIS L 193 -8.46 -68.89 7.98
CA HIS L 193 -9.05 -68.91 6.63
C HIS L 193 -8.83 -67.63 5.80
N VAL L 194 -8.76 -66.47 6.46
CA VAL L 194 -8.54 -65.20 5.77
C VAL L 194 -7.06 -65.06 5.41
N GLY L 195 -6.74 -65.30 4.14
CA GLY L 195 -5.35 -65.26 3.65
C GLY L 195 -4.74 -63.87 3.52
N ASP L 196 -5.58 -62.84 3.48
CA ASP L 196 -5.10 -61.45 3.36
C ASP L 196 -4.41 -60.93 4.63
N TYR L 197 -4.81 -61.44 5.79
CA TYR L 197 -4.15 -61.11 7.06
C TYR L 197 -2.72 -61.66 7.14
N ARG L 198 -2.48 -62.80 6.51
CA ARG L 198 -1.12 -63.36 6.38
C ARG L 198 -0.25 -62.47 5.48
N GLN L 199 -0.84 -62.01 4.38
CA GLN L 199 -0.18 -61.08 3.46
C GLN L 199 0.10 -59.73 4.14
N LEU L 200 -0.89 -59.23 4.89
CA LEU L 200 -0.77 -57.95 5.62
C LEU L 200 0.48 -57.89 6.53
N VAL L 201 0.77 -58.99 7.21
CA VAL L 201 1.96 -59.09 8.09
C VAL L 201 3.25 -58.96 7.26
N HIS L 202 3.27 -59.60 6.10
CA HIS L 202 4.43 -59.56 5.19
C HIS L 202 4.58 -58.19 4.50
N GLU L 203 3.45 -57.55 4.20
CA GLU L 203 3.45 -56.21 3.59
C GLU L 203 3.90 -55.12 4.56
N LEU L 204 3.51 -55.24 5.82
CA LEU L 204 3.99 -54.34 6.89
C LEU L 204 5.51 -54.45 7.09
N ASP L 205 6.04 -55.67 6.98
CA ASP L 205 7.49 -55.90 7.06
C ASP L 205 8.26 -55.28 5.90
N GLU L 206 7.77 -55.51 4.68
CA GLU L 206 8.35 -54.89 3.47
C GLU L 206 8.35 -53.36 3.56
N ALA L 207 7.22 -52.79 3.96
CA ALA L 207 7.07 -51.34 4.12
C ALA L 207 7.95 -50.79 5.24
N GLU L 208 8.10 -51.54 6.33
CA GLU L 208 8.94 -51.13 7.45
C GLU L 208 10.43 -51.10 7.08
N TYR L 209 10.89 -52.12 6.36
CA TYR L 209 12.26 -52.15 5.82
C TYR L 209 12.52 -50.96 4.89
N GLN L 210 11.58 -50.71 3.98
CA GLN L 210 11.67 -49.59 3.03
C GLN L 210 11.65 -48.22 3.72
N GLU L 211 10.83 -48.10 4.77
CA GLU L 211 10.73 -46.86 5.55
C GLU L 211 11.98 -46.61 6.39
N ILE L 212 12.49 -47.66 7.04
CA ILE L 212 13.77 -47.61 7.79
C ILE L 212 14.92 -47.17 6.89
N ARG L 213 14.93 -47.65 5.65
CA ARG L 213 15.95 -47.27 4.66
C ARG L 213 15.92 -45.76 4.38
N LEU L 214 14.73 -45.21 4.17
CA LEU L 214 14.55 -43.77 3.95
C LEU L 214 14.76 -42.92 5.21
N MET L 215 14.36 -43.45 6.37
CA MET L 215 14.56 -42.75 7.65
C MET L 215 16.04 -42.51 7.96
N VAL L 216 16.91 -43.45 7.58
CA VAL L 216 18.36 -43.28 7.70
C VAL L 216 18.87 -42.19 6.74
N MET L 217 18.35 -42.19 5.51
CA MET L 217 18.69 -41.14 4.53
C MET L 217 18.25 -39.75 4.99
N GLU L 218 17.03 -39.67 5.50
CA GLU L 218 16.46 -38.41 6.01
C GLU L 218 17.24 -37.86 7.21
N ILE L 219 17.70 -38.75 8.09
CA ILE L 219 18.54 -38.37 9.24
C ILE L 219 19.90 -37.83 8.78
N ARG L 220 20.52 -38.49 7.80
CA ARG L 220 21.78 -38.02 7.22
C ARG L 220 21.61 -36.65 6.56
N ASN L 221 20.51 -36.48 5.82
CA ASN L 221 20.20 -35.19 5.16
C ASN L 221 19.88 -34.08 6.18
N ALA L 222 19.29 -34.45 7.32
CA ALA L 222 19.03 -33.50 8.40
C ALA L 222 20.32 -32.91 8.98
N TYR L 223 21.32 -33.77 9.21
CA TYR L 223 22.65 -33.32 9.64
C TYR L 223 23.33 -32.43 8.60
N ALA L 224 23.24 -32.82 7.34
CA ALA L 224 23.88 -32.11 6.23
C ALA L 224 23.27 -30.72 5.98
N VAL L 225 21.94 -30.65 5.99
CA VAL L 225 21.22 -29.39 5.75
C VAL L 225 21.35 -28.43 6.95
N LEU L 226 21.38 -28.97 8.17
CA LEU L 226 21.67 -28.17 9.38
C LEU L 226 23.08 -27.59 9.35
N TYR L 227 24.07 -28.44 9.03
CA TYR L 227 25.45 -28.00 8.83
C TYR L 227 25.55 -26.91 7.76
N ASP L 228 24.86 -27.13 6.64
CA ASP L 228 24.90 -26.22 5.49
C ASP L 228 24.31 -24.85 5.79
N ILE L 229 23.09 -24.83 6.34
CA ILE L 229 22.36 -23.58 6.57
C ILE L 229 22.93 -22.73 7.71
N ILE L 230 23.45 -23.36 8.76
CA ILE L 230 23.98 -22.65 9.93
C ILE L 230 25.32 -21.99 9.59
N LEU L 231 26.21 -22.73 8.92
CA LEU L 231 27.53 -22.19 8.53
C LEU L 231 27.46 -20.99 7.60
N LYS L 232 26.58 -21.06 6.60
CA LYS L 232 26.38 -19.95 5.65
C LYS L 232 25.94 -18.68 6.36
N ASN L 233 24.94 -18.81 7.24
CA ASN L 233 24.34 -17.66 7.95
C ASN L 233 24.87 -17.46 9.38
N PHE L 234 26.01 -18.05 9.72
CA PHE L 234 26.49 -18.08 11.12
C PHE L 234 26.73 -16.71 11.75
N GLU L 235 27.19 -15.75 10.94
CA GLU L 235 27.44 -14.39 11.42
C GLU L 235 26.14 -13.66 11.80
N LYS L 236 25.11 -13.80 10.95
CA LYS L 236 23.80 -13.21 11.23
C LYS L 236 23.00 -13.93 12.33
N LEU L 237 23.21 -15.25 12.46
CA LEU L 237 22.60 -16.02 13.56
C LEU L 237 23.22 -15.66 14.92
N LYS L 238 24.54 -15.57 14.95
CA LYS L 238 25.29 -15.22 16.16
C LYS L 238 25.15 -13.73 16.49
N LYS L 239 25.45 -12.88 15.50
CA LYS L 239 25.39 -11.42 15.63
C LYS L 239 24.31 -10.85 14.69
N PRO L 240 23.04 -10.84 15.14
CA PRO L 240 21.95 -10.32 14.28
C PRO L 240 22.04 -8.83 13.95
N ARG L 241 22.50 -8.02 14.90
CA ARG L 241 22.70 -6.57 14.68
C ARG L 241 24.17 -6.12 14.71
N GLY L 242 25.09 -6.99 15.13
CA GLY L 242 26.53 -6.67 15.16
C GLY L 242 26.89 -5.74 16.30
N ARG M 8 38.41 -25.54 15.40
CA ARG M 8 37.13 -25.00 14.83
C ARG M 8 37.13 -25.07 13.31
N LEU M 9 36.23 -25.89 12.76
CA LEU M 9 36.06 -26.07 11.31
C LEU M 9 37.34 -26.57 10.64
N SER M 10 37.87 -27.68 11.16
CA SER M 10 39.12 -28.27 10.66
C SER M 10 38.95 -28.84 9.25
N GLY M 11 40.05 -28.88 8.50
CA GLY M 11 40.05 -29.37 7.12
C GLY M 11 39.69 -30.83 6.94
N GLU M 12 39.92 -31.64 7.97
CA GLU M 12 39.49 -33.04 7.99
C GLU M 12 37.96 -33.14 7.99
N ALA M 13 37.32 -32.34 8.83
CA ALA M 13 35.86 -32.29 8.92
C ALA M 13 35.18 -31.77 7.65
N ARG M 14 35.82 -30.81 6.98
CA ARG M 14 35.35 -30.31 5.69
C ARG M 14 35.38 -31.39 4.60
N LYS M 15 36.46 -32.19 4.60
CA LYS M 15 36.62 -33.31 3.65
C LYS M 15 35.52 -34.38 3.78
N GLN M 16 35.02 -34.58 5.00
CA GLN M 16 33.91 -35.51 5.24
C GLN M 16 32.61 -35.02 4.59
N VAL M 17 32.37 -33.72 4.70
CA VAL M 17 31.18 -33.08 4.10
C VAL M 17 31.34 -32.95 2.57
N ASP M 18 32.55 -32.68 2.10
CA ASP M 18 32.83 -32.58 0.66
C ASP M 18 32.57 -33.88 -0.10
N VAL M 19 32.94 -35.02 0.49
CA VAL M 19 32.69 -36.33 -0.10
C VAL M 19 31.18 -36.60 -0.28
N PHE M 20 30.39 -36.18 0.72
CA PHE M 20 28.93 -36.22 0.62
C PHE M 20 28.39 -35.24 -0.43
N ARG M 21 28.91 -34.01 -0.45
CA ARG M 21 28.44 -32.97 -1.37
C ARG M 21 28.78 -33.26 -2.83
N GLN M 22 29.97 -33.82 -3.07
CA GLN M 22 30.37 -34.27 -4.42
C GLN M 22 29.48 -35.41 -4.92
N ASN M 23 29.12 -36.33 -4.03
CA ASN M 23 28.22 -37.44 -4.36
C ASN M 23 26.78 -36.96 -4.62
N LEU M 24 26.27 -36.08 -3.74
CA LEU M 24 24.91 -35.53 -3.86
C LEU M 24 24.68 -34.80 -5.19
N PHE M 25 25.65 -33.97 -5.57
CA PHE M 25 25.57 -33.20 -6.82
C PHE M 25 25.71 -34.09 -8.06
N GLN M 26 26.50 -35.15 -7.96
CA GLN M 26 26.69 -36.12 -9.05
C GLN M 26 25.43 -36.96 -9.27
N GLU M 27 24.84 -37.47 -8.18
CA GLU M 27 23.60 -38.25 -8.25
C GLU M 27 22.39 -37.42 -8.70
N ALA M 28 22.36 -36.15 -8.31
CA ALA M 28 21.34 -35.20 -8.79
C ALA M 28 21.47 -34.94 -10.29
N ASP M 29 22.70 -34.92 -10.79
CA ASP M 29 22.98 -34.80 -12.23
C ASP M 29 22.63 -36.09 -12.96
N ASP M 30 23.05 -37.22 -12.40
CA ASP M 30 22.71 -38.56 -12.93
C ASP M 30 21.21 -38.84 -12.96
N PHE M 31 20.48 -38.28 -11.98
CA PHE M 31 19.02 -38.35 -11.94
C PHE M 31 18.41 -37.68 -13.18
N LEU M 32 18.79 -36.43 -13.41
CA LEU M 32 18.27 -35.62 -14.53
C LEU M 32 18.84 -36.02 -15.89
N CYS M 33 20.08 -36.52 -15.92
CA CYS M 33 20.73 -36.96 -17.17
C CYS M 33 20.09 -38.23 -17.74
N THR M 34 20.23 -39.34 -17.01
CA THR M 34 19.94 -40.68 -17.54
C THR M 34 18.82 -41.45 -16.82
N PHE M 35 18.75 -41.36 -15.49
CA PHE M 35 17.77 -42.12 -14.70
C PHE M 35 16.33 -41.71 -14.96
N LEU M 36 16.06 -40.41 -14.94
CA LEU M 36 14.69 -39.89 -15.09
C LEU M 36 14.08 -40.15 -16.48
N PRO M 37 14.85 -39.94 -17.57
CA PRO M 37 14.35 -40.32 -18.90
C PRO M 37 14.13 -41.83 -19.08
N ARG M 38 15.03 -42.65 -18.54
CA ARG M 38 14.87 -44.11 -18.56
C ARG M 38 13.63 -44.58 -17.77
N LYS M 39 13.27 -43.87 -16.72
CA LYS M 39 12.02 -44.13 -15.98
C LYS M 39 10.77 -43.81 -16.80
N ILE M 40 10.81 -42.71 -17.57
CA ILE M 40 9.70 -42.34 -18.46
C ILE M 40 9.49 -43.39 -19.57
N ILE M 41 10.59 -43.98 -20.05
CA ILE M 41 10.52 -45.07 -21.05
C ILE M 41 9.95 -46.35 -20.41
N SER M 42 10.51 -46.75 -19.27
CA SER M 42 10.10 -48.01 -18.61
C SER M 42 8.68 -47.96 -18.03
N LEU M 43 8.28 -46.80 -17.52
CA LEU M 43 6.89 -46.60 -17.06
C LEU M 43 5.90 -46.58 -18.22
N SER M 44 6.30 -46.00 -19.36
CA SER M 44 5.51 -46.08 -20.59
C SER M 44 5.41 -47.52 -21.10
N GLN M 45 6.53 -48.24 -21.05
CA GLN M 45 6.59 -49.66 -21.45
C GLN M 45 5.79 -50.55 -20.49
N LEU M 46 5.73 -50.16 -19.22
CA LEU M 46 4.90 -50.82 -18.21
C LEU M 46 3.39 -50.59 -18.47
N LEU M 47 3.03 -49.38 -18.91
CA LEU M 47 1.65 -49.04 -19.26
C LEU M 47 1.13 -49.75 -20.52
N GLN M 48 2.04 -50.20 -21.39
CA GLN M 48 1.67 -50.99 -22.58
C GLN M 48 1.39 -52.49 -22.28
N GLU M 49 1.61 -52.93 -21.04
CA GLU M 49 1.42 -54.33 -20.66
C GLU M 49 -0.07 -54.71 -20.61
N ASP M 50 -0.35 -56.00 -20.76
CA ASP M 50 -1.72 -56.53 -20.72
C ASP M 50 -2.33 -56.49 -19.31
N SER M 51 -1.48 -56.61 -18.28
CA SER M 51 -1.93 -56.53 -16.89
C SER M 51 -2.43 -55.15 -16.47
N LEU M 52 -1.97 -54.09 -17.16
CA LEU M 52 -2.41 -52.71 -16.88
C LEU M 52 -3.45 -52.17 -17.89
N ASN M 53 -3.75 -52.93 -18.94
CA ASN M 53 -4.80 -52.57 -19.91
C ASN M 53 -5.87 -53.67 -19.95
N VAL M 54 -6.47 -53.93 -18.78
CA VAL M 54 -7.56 -54.89 -18.66
C VAL M 54 -8.83 -54.22 -19.17
N ALA M 55 -9.42 -54.79 -20.23
CA ALA M 55 -10.59 -54.20 -20.89
C ALA M 55 -11.83 -54.33 -20.02
N ASP M 56 -12.16 -55.55 -19.64
CA ASP M 56 -13.29 -55.85 -18.77
C ASP M 56 -12.77 -56.15 -17.36
N LEU M 57 -13.19 -55.34 -16.38
CA LEU M 57 -12.74 -55.49 -14.99
C LEU M 57 -13.32 -56.72 -14.25
N SER M 58 -14.29 -57.39 -14.86
CA SER M 58 -14.79 -58.68 -14.36
C SER M 58 -13.75 -59.80 -14.39
N SER M 59 -12.77 -59.71 -15.29
CA SER M 59 -11.66 -60.67 -15.37
C SER M 59 -10.72 -60.61 -14.14
N LEU M 60 -10.64 -59.44 -13.50
CA LEU M 60 -9.85 -59.28 -12.27
C LEU M 60 -10.46 -59.95 -11.04
N ARG M 61 -11.76 -60.30 -11.10
CA ARG M 61 -12.45 -60.98 -10.00
C ARG M 61 -11.79 -62.30 -9.60
N ALA M 62 -11.39 -62.40 -8.33
CA ALA M 62 -10.93 -63.66 -7.74
C ALA M 62 -12.12 -64.35 -7.08
N PRO M 63 -12.17 -65.70 -7.15
CA PRO M 63 -13.29 -66.44 -6.54
C PRO M 63 -13.20 -66.46 -5.01
N LEU M 64 -14.30 -66.14 -4.33
CA LEU M 64 -14.33 -66.06 -2.87
C LEU M 64 -14.34 -67.44 -2.19
N ASP M 65 -15.09 -68.39 -2.75
CA ASP M 65 -15.21 -69.76 -2.22
C ASP M 65 -15.77 -69.82 -0.79
N ILE M 66 -16.66 -68.88 -0.45
CA ILE M 66 -17.35 -68.85 0.84
C ILE M 66 -18.70 -69.55 0.65
N PRO M 67 -19.07 -70.46 1.57
CA PRO M 67 -20.32 -71.23 1.40
C PRO M 67 -21.58 -70.37 1.56
N ILE M 68 -22.44 -70.41 0.54
CA ILE M 68 -23.70 -69.66 0.55
C ILE M 68 -24.69 -70.45 1.40
N PRO M 69 -25.26 -69.82 2.45
CA PRO M 69 -26.14 -70.56 3.36
C PRO M 69 -27.52 -70.83 2.75
N ASP M 70 -28.11 -71.96 3.12
CA ASP M 70 -29.46 -72.32 2.64
C ASP M 70 -30.52 -71.48 3.35
N PRO M 71 -31.71 -71.32 2.74
CA PRO M 71 -32.80 -70.58 3.41
C PRO M 71 -33.36 -71.31 4.65
N PRO M 72 -34.09 -70.57 5.52
CA PRO M 72 -34.62 -71.16 6.74
C PRO M 72 -35.85 -72.03 6.49
N PRO M 89 -22.01 -75.87 5.35
CA PRO M 89 -20.62 -76.15 5.04
C PRO M 89 -19.66 -75.15 5.71
N LYS M 90 -18.45 -75.61 6.03
CA LYS M 90 -17.43 -74.79 6.68
C LYS M 90 -16.53 -74.11 5.64
N CYS M 91 -16.04 -72.92 5.98
CA CYS M 91 -15.28 -72.09 5.05
C CYS M 91 -13.83 -72.56 4.93
N GLY M 92 -13.36 -72.76 3.70
CA GLY M 92 -11.98 -73.15 3.43
C GLY M 92 -11.04 -71.94 3.40
N TYR M 93 -9.83 -72.15 2.88
CA TYR M 93 -8.83 -71.08 2.80
C TYR M 93 -9.21 -70.06 1.72
N LEU M 94 -9.15 -68.78 2.08
CA LEU M 94 -9.49 -67.67 1.20
C LEU M 94 -8.23 -66.91 0.81
N PRO M 95 -7.71 -67.13 -0.42
CA PRO M 95 -6.49 -66.45 -0.84
C PRO M 95 -6.74 -65.02 -1.32
N GLY M 96 -5.68 -64.23 -1.41
CA GLY M 96 -5.76 -62.87 -1.96
C GLY M 96 -5.91 -62.87 -3.47
N ASN M 97 -6.19 -61.69 -4.02
CA ASN M 97 -6.33 -61.52 -5.47
C ASN M 97 -4.93 -61.55 -6.11
N GLU M 98 -4.64 -62.62 -6.84
CA GLU M 98 -3.31 -62.84 -7.41
C GLU M 98 -3.02 -61.98 -8.65
N LYS M 99 -4.08 -61.49 -9.31
CA LYS M 99 -3.95 -60.52 -10.40
C LYS M 99 -3.45 -59.18 -9.86
N LEU M 100 -4.05 -58.73 -8.75
CA LEU M 100 -3.65 -57.49 -8.08
C LEU M 100 -2.32 -57.60 -7.34
N LEU M 101 -2.06 -58.74 -6.69
CA LEU M 101 -0.78 -58.97 -6.01
C LEU M 101 0.42 -58.95 -6.96
N ALA M 102 0.22 -59.48 -8.17
CA ALA M 102 1.21 -59.39 -9.24
C ALA M 102 1.40 -57.95 -9.71
N LEU M 103 0.30 -57.21 -9.84
CA LEU M 103 0.32 -55.79 -10.20
C LEU M 103 0.94 -54.91 -9.10
N LEU M 104 0.63 -55.22 -7.85
CA LEU M 104 1.22 -54.52 -6.69
C LEU M 104 2.74 -54.70 -6.61
N ALA M 105 3.23 -55.88 -7.01
CA ALA M 105 4.67 -56.15 -7.09
C ALA M 105 5.39 -55.28 -8.13
N LEU M 106 4.69 -54.90 -9.20
CA LEU M 106 5.20 -53.98 -10.21
C LEU M 106 5.18 -52.51 -9.76
N VAL M 107 4.09 -52.11 -9.11
CA VAL M 107 3.87 -50.71 -8.72
C VAL M 107 4.66 -50.28 -7.48
N LYS M 108 4.68 -51.13 -6.45
CA LYS M 108 5.37 -50.81 -5.18
C LYS M 108 6.81 -50.28 -5.34
N PRO M 109 7.69 -51.02 -6.05
CA PRO M 109 9.07 -50.53 -6.24
C PRO M 109 9.18 -49.16 -6.95
N GLU M 110 8.29 -48.92 -7.93
CA GLU M 110 8.26 -47.64 -8.66
C GLU M 110 7.89 -46.47 -7.76
N VAL M 111 7.01 -46.71 -6.78
CA VAL M 111 6.62 -45.70 -5.79
C VAL M 111 7.76 -45.42 -4.81
N TRP M 112 8.42 -46.48 -4.33
CA TRP M 112 9.56 -46.33 -3.40
C TRP M 112 10.79 -45.67 -4.03
N THR M 113 11.00 -45.88 -5.32
CA THR M 113 12.11 -45.23 -6.03
C THR M 113 11.91 -43.72 -6.17
N LEU M 114 10.69 -43.31 -6.56
CA LEU M 114 10.38 -41.88 -6.74
C LEU M 114 10.41 -41.09 -5.42
N LYS M 115 9.94 -41.71 -4.33
CA LYS M 115 10.02 -41.10 -3.00
C LYS M 115 11.48 -40.87 -2.58
N GLU M 116 12.34 -41.81 -2.94
CA GLU M 116 13.79 -41.69 -2.69
C GLU M 116 14.42 -40.56 -3.50
N LYS M 117 14.01 -40.42 -4.77
CA LYS M 117 14.53 -39.36 -5.66
C LYS M 117 13.98 -37.97 -5.33
N CYS M 118 12.76 -37.90 -4.80
CA CYS M 118 12.21 -36.63 -4.28
C CYS M 118 13.02 -36.11 -3.09
N ILE M 119 13.46 -37.02 -2.22
CA ILE M 119 14.35 -36.69 -1.10
C ILE M 119 15.71 -36.20 -1.60
N LEU M 120 16.24 -36.85 -2.64
CA LEU M 120 17.51 -36.46 -3.27
C LEU M 120 17.45 -35.05 -3.85
N VAL M 121 16.37 -34.74 -4.58
CA VAL M 121 16.20 -33.43 -5.23
C VAL M 121 15.99 -32.31 -4.20
N ILE M 122 15.23 -32.59 -3.14
CA ILE M 122 15.01 -31.62 -2.06
C ILE M 122 16.32 -31.32 -1.31
N THR M 123 17.07 -32.37 -0.99
CA THR M 123 18.39 -32.22 -0.37
C THR M 123 19.38 -31.51 -1.30
N TRP M 124 19.30 -31.81 -2.59
CA TRP M 124 20.14 -31.15 -3.60
C TRP M 124 19.87 -29.64 -3.70
N ILE M 125 18.59 -29.27 -3.77
CA ILE M 125 18.21 -27.85 -3.88
C ILE M 125 18.47 -27.08 -2.58
N GLN M 126 18.22 -27.71 -1.43
CA GLN M 126 18.53 -27.11 -0.11
C GLN M 126 20.00 -26.67 0.03
N HIS M 127 20.92 -27.47 -0.50
CA HIS M 127 22.35 -27.12 -0.50
C HIS M 127 22.69 -25.97 -1.46
N LEU M 128 21.94 -25.85 -2.55
CA LEU M 128 22.10 -24.73 -3.49
C LEU M 128 21.59 -23.38 -2.98
N ILE M 129 20.77 -23.36 -1.92
CA ILE M 129 20.25 -22.11 -1.35
C ILE M 129 21.41 -21.38 -0.66
N PRO M 130 21.73 -20.15 -1.11
CA PRO M 130 22.91 -19.44 -0.60
C PRO M 130 22.70 -18.77 0.76
N LYS M 131 23.71 -18.03 1.21
CA LYS M 131 23.60 -17.15 2.38
C LYS M 131 22.45 -16.17 2.19
N ILE M 132 21.68 -15.93 3.25
CA ILE M 132 20.55 -15.02 3.21
C ILE M 132 21.07 -13.59 3.25
N GLU M 133 20.98 -12.90 2.11
CA GLU M 133 21.41 -11.52 1.95
C GLU M 133 20.22 -10.67 1.51
N ASP M 134 20.19 -9.41 1.92
CA ASP M 134 19.07 -8.51 1.60
C ASP M 134 19.25 -7.96 0.17
N GLY M 135 18.25 -8.22 -0.68
CA GLY M 135 18.29 -7.83 -2.09
C GLY M 135 18.88 -8.92 -2.98
N ASN M 136 18.42 -8.96 -4.23
CA ASN M 136 18.83 -9.97 -5.23
C ASN M 136 18.32 -11.35 -4.79
N ASP M 137 17.05 -11.38 -4.42
CA ASP M 137 16.43 -12.54 -3.78
C ASP M 137 15.39 -13.25 -4.65
N PHE M 138 15.29 -12.88 -5.93
CA PHE M 138 14.33 -13.53 -6.82
C PHE M 138 14.76 -14.94 -7.21
N GLY M 139 16.06 -15.16 -7.37
CA GLY M 139 16.62 -16.50 -7.54
C GLY M 139 16.37 -17.40 -6.34
N VAL M 140 16.43 -16.81 -5.14
CA VAL M 140 16.09 -17.51 -3.90
C VAL M 140 14.58 -17.82 -3.84
N ALA M 141 13.77 -16.87 -4.32
CA ALA M 141 12.32 -17.06 -4.42
C ALA M 141 11.92 -18.16 -5.41
N ILE M 142 12.67 -18.31 -6.50
CA ILE M 142 12.47 -19.39 -7.46
C ILE M 142 12.80 -20.75 -6.83
N GLN M 143 13.91 -20.82 -6.09
CA GLN M 143 14.29 -22.04 -5.38
C GLN M 143 13.21 -22.52 -4.40
N GLU M 144 12.60 -21.57 -3.67
CA GLU M 144 11.49 -21.86 -2.77
C GLU M 144 10.24 -22.33 -3.53
N LYS M 145 9.97 -21.72 -4.68
CA LYS M 145 8.85 -22.11 -5.55
C LYS M 145 9.05 -23.50 -6.17
N VAL M 146 10.27 -23.79 -6.62
CA VAL M 146 10.61 -25.10 -7.18
C VAL M 146 10.56 -26.18 -6.09
N LEU M 147 11.15 -25.89 -4.93
CA LEU M 147 11.16 -26.83 -3.79
C LEU M 147 9.76 -27.11 -3.25
N GLU M 148 8.88 -26.10 -3.31
CA GLU M 148 7.46 -26.28 -2.95
C GLU M 148 6.77 -27.32 -3.84
N ARG M 149 7.06 -27.29 -5.14
CA ARG M 149 6.47 -28.23 -6.10
C ARG M 149 7.02 -29.66 -5.94
N VAL M 150 8.29 -29.80 -5.54
CA VAL M 150 8.89 -31.12 -5.32
C VAL M 150 8.31 -31.77 -4.05
N ASN M 151 8.10 -30.97 -3.01
CA ASN M 151 7.40 -31.42 -1.79
C ASN M 151 5.94 -31.84 -2.08
N ALA M 152 5.27 -31.10 -2.98
CA ALA M 152 3.91 -31.43 -3.40
C ALA M 152 3.84 -32.78 -4.13
N VAL M 153 4.88 -33.09 -4.92
CA VAL M 153 5.02 -34.40 -5.56
C VAL M 153 5.30 -35.49 -4.53
N LYS M 154 6.17 -35.19 -3.55
CA LYS M 154 6.48 -36.14 -2.47
C LYS M 154 5.25 -36.46 -1.60
N THR M 155 4.40 -35.46 -1.37
CA THR M 155 3.16 -35.63 -0.61
C THR M 155 2.18 -36.59 -1.32
N LYS M 156 2.03 -36.44 -2.63
CA LYS M 156 1.19 -37.33 -3.44
C LYS M 156 1.77 -38.75 -3.55
N VAL M 157 3.10 -38.85 -3.59
CA VAL M 157 3.78 -40.16 -3.58
C VAL M 157 3.59 -40.88 -2.24
N GLU M 158 3.62 -40.11 -1.14
CA GLU M 158 3.30 -40.66 0.19
C GLU M 158 1.82 -41.11 0.31
N ALA M 159 0.93 -40.41 -0.38
CA ALA M 159 -0.49 -40.79 -0.44
C ALA M 159 -0.73 -42.11 -1.18
N PHE M 160 0.12 -42.42 -2.16
CA PHE M 160 0.08 -43.73 -2.84
C PHE M 160 0.47 -44.87 -1.91
N GLN M 161 1.45 -44.64 -1.05
CA GLN M 161 1.92 -45.65 -0.08
C GLN M 161 0.85 -45.99 0.96
N THR M 162 0.08 -44.99 1.37
CA THR M 162 -1.05 -45.21 2.28
C THR M 162 -2.20 -45.96 1.60
N THR M 163 -2.43 -45.67 0.31
CA THR M 163 -3.45 -46.39 -0.48
C THR M 163 -3.10 -47.86 -0.67
N ILE M 164 -1.82 -48.15 -0.89
CA ILE M 164 -1.32 -49.53 -1.05
C ILE M 164 -1.44 -50.30 0.27
N SER M 165 -1.00 -49.69 1.37
CA SER M 165 -1.06 -50.33 2.69
C SER M 165 -2.49 -50.54 3.20
N LYS M 166 -3.38 -49.60 2.87
CA LYS M 166 -4.79 -49.68 3.27
C LYS M 166 -5.56 -50.78 2.52
N TYR M 167 -5.17 -51.07 1.28
CA TYR M 167 -5.79 -52.15 0.49
C TYR M 167 -5.72 -53.51 1.18
N PHE M 168 -4.57 -53.83 1.76
CA PHE M 168 -4.35 -55.13 2.41
C PHE M 168 -5.18 -55.30 3.67
N SER M 169 -5.29 -54.24 4.48
CA SER M 169 -6.09 -54.25 5.70
C SER M 169 -7.60 -54.20 5.42
N GLU M 170 -8.01 -53.37 4.45
CA GLU M 170 -9.43 -53.23 4.09
C GLU M 170 -10.02 -54.48 3.43
N ARG M 171 -9.26 -55.12 2.55
CA ARG M 171 -9.69 -56.37 1.90
C ARG M 171 -9.79 -57.52 2.92
N GLY M 172 -8.82 -57.60 3.83
CA GLY M 172 -8.83 -58.58 4.91
C GLY M 172 -10.04 -58.47 5.81
N ASP M 173 -10.40 -57.25 6.18
CA ASP M 173 -11.60 -56.99 6.99
C ASP M 173 -12.90 -57.24 6.21
N ALA M 174 -12.90 -56.95 4.92
CA ALA M 174 -14.04 -57.22 4.04
C ALA M 174 -14.28 -58.73 3.85
N VAL M 175 -13.20 -59.48 3.65
CA VAL M 175 -13.25 -60.93 3.53
C VAL M 175 -13.66 -61.59 4.85
N ALA M 176 -13.17 -61.03 5.97
CA ALA M 176 -13.52 -61.52 7.31
C ALA M 176 -15.01 -61.35 7.62
N LYS M 177 -15.57 -60.20 7.29
CA LYS M 177 -17.01 -59.94 7.45
C LYS M 177 -17.87 -60.82 6.52
N ALA M 178 -17.39 -61.02 5.29
CA ALA M 178 -18.09 -61.88 4.32
C ALA M 178 -18.13 -63.34 4.74
N SER M 179 -17.05 -63.82 5.35
CA SER M 179 -16.97 -65.20 5.86
C SER M 179 -17.76 -65.38 7.16
N LYS M 180 -17.68 -64.39 8.05
CA LYS M 180 -18.36 -64.44 9.36
C LYS M 180 -19.87 -64.27 9.21
N ASP M 181 -20.29 -63.31 8.36
CA ASP M 181 -21.69 -63.13 7.98
C ASP M 181 -21.87 -63.58 6.52
N THR M 182 -22.20 -64.85 6.34
CA THR M 182 -22.32 -65.47 5.01
C THR M 182 -23.54 -64.99 4.25
N HIS M 183 -24.69 -64.96 4.94
CA HIS M 183 -25.96 -64.43 4.42
C HIS M 183 -25.90 -63.02 3.80
N VAL M 184 -25.01 -62.17 4.31
CA VAL M 184 -24.86 -60.79 3.79
C VAL M 184 -24.03 -60.81 2.51
N MET M 185 -24.71 -60.70 1.36
CA MET M 185 -24.06 -60.77 0.04
C MET M 185 -23.38 -59.46 -0.37
N ASP M 186 -23.70 -58.36 0.33
CA ASP M 186 -23.05 -57.06 0.09
C ASP M 186 -21.56 -57.08 0.43
N TYR M 187 -21.18 -57.86 1.45
CA TYR M 187 -19.76 -58.03 1.83
C TYR M 187 -18.95 -58.76 0.75
N ARG M 188 -19.60 -59.66 0.01
CA ARG M 188 -18.96 -60.32 -1.14
C ARG M 188 -18.74 -59.31 -2.28
N ALA M 189 -19.76 -58.50 -2.54
CA ALA M 189 -19.66 -57.41 -3.52
C ALA M 189 -18.66 -56.32 -3.10
N LEU M 190 -18.52 -56.10 -1.79
CA LEU M 190 -17.52 -55.18 -1.24
C LEU M 190 -16.10 -55.60 -1.55
N VAL M 191 -15.79 -56.89 -1.36
CA VAL M 191 -14.45 -57.43 -1.62
C VAL M 191 -14.07 -57.27 -3.10
N HIS M 192 -15.03 -57.52 -4.00
CA HIS M 192 -14.80 -57.37 -5.44
C HIS M 192 -14.69 -55.91 -5.88
N GLU M 193 -15.43 -55.03 -5.20
CA GLU M 193 -15.35 -53.58 -5.46
C GLU M 193 -14.02 -52.98 -4.99
N ARG M 194 -13.51 -53.48 -3.86
CA ARG M 194 -12.17 -53.11 -3.36
C ARG M 194 -11.08 -53.50 -4.36
N ASP M 195 -11.24 -54.67 -4.98
CA ASP M 195 -10.28 -55.17 -5.99
C ASP M 195 -10.30 -54.32 -7.26
N GLU M 196 -11.49 -54.04 -7.79
CA GLU M 196 -11.65 -53.16 -8.95
C GLU M 196 -11.17 -51.73 -8.66
N ALA M 197 -11.42 -51.25 -7.43
CA ALA M 197 -10.95 -49.93 -7.00
C ALA M 197 -9.43 -49.88 -6.86
N ALA M 198 -8.83 -50.95 -6.33
CA ALA M 198 -7.38 -51.07 -6.21
C ALA M 198 -6.69 -51.09 -7.57
N TYR M 199 -7.24 -51.86 -8.50
CA TYR M 199 -6.74 -51.90 -9.88
C TYR M 199 -6.78 -50.52 -10.54
N GLY M 200 -7.94 -49.86 -10.45
CA GLY M 200 -8.12 -48.51 -11.00
C GLY M 200 -7.19 -47.48 -10.37
N ALA M 201 -6.94 -47.62 -9.07
CA ALA M 201 -5.99 -46.76 -8.36
C ALA M 201 -4.56 -47.03 -8.83
N LEU M 202 -4.16 -48.30 -8.83
CA LEU M 202 -2.80 -48.70 -9.22
C LEU M 202 -2.42 -48.31 -10.66
N ARG M 203 -3.38 -48.36 -11.58
CA ARG M 203 -3.18 -47.85 -12.94
C ARG M 203 -3.00 -46.33 -12.94
N ALA M 204 -3.82 -45.64 -12.16
CA ALA M 204 -3.73 -44.19 -12.01
C ALA M 204 -2.39 -43.74 -11.37
N MET M 205 -1.84 -44.57 -10.49
CA MET M 205 -0.52 -44.30 -9.89
C MET M 205 0.58 -44.31 -10.94
N VAL M 206 0.61 -45.33 -11.79
CA VAL M 206 1.68 -45.48 -12.80
C VAL M 206 1.65 -44.32 -13.80
N LEU M 207 0.44 -43.88 -14.18
CA LEU M 207 0.26 -42.67 -14.99
C LEU M 207 0.77 -41.41 -14.28
N ASP M 208 0.45 -41.29 -12.99
CA ASP M 208 0.94 -40.17 -12.17
C ASP M 208 2.46 -40.22 -11.96
N LEU M 209 3.01 -41.41 -11.76
CA LEU M 209 4.47 -41.57 -11.56
C LEU M 209 5.26 -41.12 -12.79
N ARG M 210 4.81 -41.51 -13.97
CA ARG M 210 5.40 -41.05 -15.25
C ARG M 210 5.25 -39.53 -15.40
N ALA M 211 4.07 -39.02 -15.04
CA ALA M 211 3.80 -37.58 -15.08
C ALA M 211 4.70 -36.79 -14.12
N PHE M 212 4.93 -37.32 -12.92
CA PHE M 212 5.76 -36.66 -11.92
C PHE M 212 7.24 -36.59 -12.32
N TYR M 213 7.76 -37.63 -12.96
CA TYR M 213 9.11 -37.59 -13.53
C TYR M 213 9.23 -36.52 -14.62
N ALA M 214 8.24 -36.47 -15.51
CA ALA M 214 8.19 -35.46 -16.58
C ALA M 214 8.06 -34.03 -16.03
N GLU M 215 7.20 -33.86 -15.03
CA GLU M 215 7.00 -32.56 -14.37
C GLU M 215 8.22 -32.11 -13.56
N LEU M 216 8.86 -33.06 -12.87
CA LEU M 216 10.09 -32.77 -12.10
C LEU M 216 11.23 -32.28 -12.99
N TYR M 217 11.40 -32.91 -14.15
CA TYR M 217 12.41 -32.47 -15.13
C TYR M 217 12.06 -31.11 -15.73
N HIS M 218 10.80 -30.93 -16.10
CA HIS M 218 10.35 -29.70 -16.77
C HIS M 218 10.55 -28.45 -15.92
N ILE M 219 10.16 -28.51 -14.65
CA ILE M 219 10.31 -27.37 -13.73
C ILE M 219 11.78 -27.12 -13.33
N ILE M 220 12.57 -28.19 -13.22
CA ILE M 220 14.01 -28.06 -12.89
C ILE M 220 14.81 -27.55 -14.10
N SER M 221 14.56 -28.13 -15.27
CA SER M 221 15.29 -27.74 -16.50
C SER M 221 14.94 -26.32 -16.98
N SER M 222 13.67 -25.93 -16.84
CA SER M 222 13.23 -24.57 -17.17
C SER M 222 13.89 -23.51 -16.28
N ASN M 223 13.99 -23.81 -14.98
CA ASN M 223 14.55 -22.90 -13.98
C ASN M 223 15.96 -23.30 -13.51
N LEU M 224 16.72 -24.03 -14.34
CA LEU M 224 18.01 -24.60 -13.94
C LEU M 224 19.08 -23.54 -13.61
N GLU M 225 19.06 -22.43 -14.34
CA GLU M 225 20.00 -21.32 -14.11
C GLU M 225 19.83 -20.72 -12.72
N LYS M 226 18.58 -20.46 -12.33
CA LYS M 226 18.27 -19.85 -11.03
C LYS M 226 18.27 -20.84 -9.86
N ILE M 227 18.07 -22.14 -10.13
CA ILE M 227 18.21 -23.18 -9.09
C ILE M 227 19.68 -23.35 -8.71
N VAL M 228 20.54 -23.51 -9.72
CA VAL M 228 21.98 -23.70 -9.53
C VAL M 228 22.66 -22.40 -9.10
N ASN M 229 22.36 -21.31 -9.82
CA ASN M 229 22.99 -20.00 -9.61
C ASN M 229 21.92 -18.94 -9.34
N PRO M 230 21.36 -18.90 -8.11
CA PRO M 230 20.27 -17.97 -7.78
C PRO M 230 20.67 -16.50 -7.75
N LYS M 231 21.80 -16.19 -7.12
CA LYS M 231 22.29 -14.81 -7.04
C LYS M 231 22.75 -14.26 -8.40
N GLY M 232 23.16 -15.14 -9.31
CA GLY M 232 23.69 -14.74 -10.61
C GLY M 232 25.06 -14.15 -10.41
N GLU M 233 25.97 -14.96 -9.86
CA GLU M 233 27.27 -14.49 -9.37
C GLU M 233 28.17 -14.05 -10.52
N GLU M 234 28.48 -12.74 -10.56
CA GLU M 234 29.25 -12.12 -11.63
C GLU M 234 30.34 -11.21 -11.06
N VAL N 6 22.97 -28.53 -19.82
CA VAL N 6 22.26 -29.11 -21.01
C VAL N 6 22.20 -30.64 -20.89
N HIS N 7 20.98 -31.18 -20.92
CA HIS N 7 20.72 -32.61 -20.84
C HIS N 7 19.89 -33.02 -22.07
N PRO N 8 20.54 -33.23 -23.23
CA PRO N 8 19.83 -33.40 -24.51
C PRO N 8 19.01 -34.69 -24.64
N GLU N 9 19.47 -35.77 -24.00
CA GLU N 9 18.74 -37.05 -24.00
C GLU N 9 17.45 -36.92 -23.18
N ALA N 10 17.54 -36.24 -22.04
CA ALA N 10 16.38 -35.96 -21.20
C ALA N 10 15.45 -34.90 -21.80
N GLN N 11 16.04 -33.87 -22.41
CA GLN N 11 15.28 -32.82 -23.10
C GLN N 11 14.45 -33.40 -24.25
N ALA N 12 15.06 -34.30 -25.02
CA ALA N 12 14.39 -34.94 -26.16
C ALA N 12 13.22 -35.85 -25.76
N LYS N 13 13.38 -36.59 -24.65
CA LYS N 13 12.38 -37.58 -24.24
C LYS N 13 11.12 -36.95 -23.65
N VAL N 14 11.30 -35.89 -22.85
CA VAL N 14 10.16 -35.17 -22.24
C VAL N 14 9.40 -34.33 -23.28
N ASP N 15 10.11 -33.74 -24.24
CA ASP N 15 9.47 -33.01 -25.35
C ASP N 15 8.65 -33.93 -26.26
N VAL N 16 9.12 -35.15 -26.49
CA VAL N 16 8.34 -36.18 -27.20
C VAL N 16 7.09 -36.57 -26.41
N PHE N 17 7.23 -36.68 -25.09
CA PHE N 17 6.08 -36.92 -24.20
C PHE N 17 5.10 -35.74 -24.19
N ARG N 18 5.64 -34.52 -24.21
CA ARG N 18 4.82 -33.29 -24.33
C ARG N 18 4.10 -33.21 -25.68
N GLU N 19 4.79 -33.57 -26.77
CA GLU N 19 4.22 -33.57 -28.11
C GLU N 19 3.12 -34.64 -28.26
N ASP N 20 3.34 -35.80 -27.65
CA ASP N 20 2.35 -36.88 -27.62
C ASP N 20 1.13 -36.45 -26.77
N LEU N 21 1.40 -35.91 -25.59
CA LEU N 21 0.35 -35.51 -24.64
C LEU N 21 -0.48 -34.33 -25.14
N CYS N 22 0.16 -33.40 -25.86
CA CYS N 22 -0.54 -32.29 -26.50
C CYS N 22 -1.43 -32.75 -27.65
N SER N 23 -0.96 -33.75 -28.41
CA SER N 23 -1.74 -34.34 -29.50
C SER N 23 -2.99 -35.08 -29.02
N LYS N 24 -2.91 -35.72 -27.85
CA LYS N 24 -4.07 -36.38 -27.24
C LYS N 24 -5.12 -35.39 -26.76
N THR N 25 -4.70 -34.30 -26.12
CA THR N 25 -5.61 -33.25 -25.65
C THR N 25 -6.35 -32.53 -26.78
N GLU N 26 -5.70 -32.39 -27.94
CA GLU N 26 -6.35 -31.90 -29.16
C GLU N 26 -7.49 -32.82 -29.59
N ASN N 27 -7.25 -34.14 -29.52
CA ASN N 27 -8.26 -35.15 -29.84
C ASN N 27 -9.38 -35.21 -28.79
N LEU N 28 -9.04 -34.98 -27.52
CA LEU N 28 -10.04 -34.92 -26.45
C LEU N 28 -11.01 -33.75 -26.61
N LEU N 29 -10.47 -32.57 -26.87
CA LEU N 29 -11.28 -31.38 -27.17
C LEU N 29 -12.04 -31.54 -28.50
N GLY N 30 -11.39 -32.13 -29.49
CA GLY N 30 -11.97 -32.31 -30.82
C GLY N 30 -13.08 -33.34 -30.92
N SER N 31 -12.88 -34.50 -30.30
CA SER N 31 -13.79 -35.66 -30.47
C SER N 31 -14.35 -36.24 -29.17
N TYR N 32 -13.47 -36.57 -28.23
CA TYR N 32 -13.83 -37.37 -27.04
C TYR N 32 -14.77 -36.66 -26.05
N PHE N 33 -14.49 -35.39 -25.74
CA PHE N 33 -15.31 -34.63 -24.78
C PHE N 33 -16.72 -34.32 -25.31
N PRO N 34 -16.84 -33.86 -26.58
CA PRO N 34 -18.17 -33.73 -27.21
C PRO N 34 -18.95 -35.04 -27.34
N LYS N 35 -18.25 -36.15 -27.59
CA LYS N 35 -18.87 -37.48 -27.68
C LYS N 35 -19.43 -37.93 -26.33
N LYS N 36 -18.62 -37.79 -25.28
CA LYS N 36 -19.04 -38.16 -23.91
C LYS N 36 -20.22 -37.36 -23.38
N ILE N 37 -20.30 -36.08 -23.75
CA ILE N 37 -21.45 -35.23 -23.40
C ILE N 37 -22.74 -35.79 -24.02
N SER N 38 -22.68 -36.22 -25.27
CA SER N 38 -23.84 -36.81 -25.96
C SER N 38 -24.26 -38.16 -25.37
N GLU N 39 -23.28 -39.00 -25.05
CA GLU N 39 -23.53 -40.33 -24.46
C GLU N 39 -24.17 -40.25 -23.08
N LEU N 40 -23.68 -39.33 -22.25
CA LEU N 40 -24.20 -39.13 -20.89
C LEU N 40 -25.56 -38.42 -20.88
N ASP N 41 -25.78 -37.49 -21.82
CA ASP N 41 -27.11 -36.88 -22.03
C ASP N 41 -28.13 -37.93 -22.46
N ALA N 42 -27.72 -38.85 -23.33
CA ALA N 42 -28.57 -39.97 -23.75
C ALA N 42 -28.84 -40.93 -22.59
N PHE N 43 -27.81 -41.19 -21.78
CA PHE N 43 -27.93 -42.06 -20.59
C PHE N 43 -28.86 -41.46 -19.52
N LEU N 44 -28.79 -40.14 -19.34
CA LEU N 44 -29.67 -39.44 -18.37
C LEU N 44 -31.16 -39.50 -18.73
N LYS N 45 -31.49 -39.57 -20.01
CA LYS N 45 -32.89 -39.62 -20.47
C LYS N 45 -33.50 -41.02 -20.48
N GLU N 46 -32.69 -42.06 -20.30
CA GLU N 46 -33.17 -43.46 -20.26
C GLU N 46 -34.05 -43.72 -19.04
N PRO N 47 -34.94 -44.75 -19.10
CA PRO N 47 -35.84 -45.01 -17.98
C PRO N 47 -35.19 -45.61 -16.72
N ALA N 48 -33.96 -46.13 -16.84
CA ALA N 48 -33.20 -46.62 -15.69
C ALA N 48 -32.86 -45.52 -14.68
N LEU N 49 -32.52 -44.33 -15.18
CA LEU N 49 -32.19 -43.16 -14.33
C LEU N 49 -33.37 -42.19 -14.09
N ASN N 50 -34.56 -42.54 -14.60
CA ASN N 50 -35.78 -41.75 -14.35
C ASN N 50 -36.90 -42.68 -13.86
N GLU N 51 -36.74 -43.15 -12.62
CA GLU N 51 -37.75 -44.02 -11.99
C GLU N 51 -39.02 -43.23 -11.69
N ALA N 52 -40.15 -43.73 -12.20
CA ALA N 52 -41.46 -43.11 -11.96
C ALA N 52 -41.89 -43.23 -10.50
N ASN N 53 -41.58 -44.37 -9.87
CA ASN N 53 -41.94 -44.64 -8.48
C ASN N 53 -40.71 -45.17 -7.72
N LEU N 54 -40.46 -44.60 -6.54
CA LEU N 54 -39.37 -45.05 -5.67
C LEU N 54 -39.63 -46.41 -5.00
N SER N 55 -40.90 -46.82 -4.94
CA SER N 55 -41.28 -48.16 -4.46
C SER N 55 -40.78 -49.29 -5.38
N ASN N 56 -40.58 -49.00 -6.66
CA ASN N 56 -40.02 -49.97 -7.61
C ASN N 56 -38.57 -50.37 -7.31
N LEU N 57 -37.81 -49.45 -6.72
CA LEU N 57 -36.43 -49.73 -6.29
C LEU N 57 -36.30 -50.66 -5.07
N LYS N 58 -37.37 -50.77 -4.29
CA LYS N 58 -37.35 -51.57 -3.04
C LYS N 58 -37.03 -53.04 -3.31
N ALA N 59 -35.84 -53.46 -2.87
CA ALA N 59 -35.37 -54.84 -3.06
C ALA N 59 -35.98 -55.78 -2.02
N PRO N 60 -35.98 -57.10 -2.27
CA PRO N 60 -36.37 -58.07 -1.24
C PRO N 60 -35.39 -58.13 -0.07
N LEU N 61 -35.92 -58.00 1.15
CA LEU N 61 -35.14 -58.13 2.38
C LEU N 61 -35.77 -59.25 3.21
N ASP N 62 -35.43 -60.49 2.83
CA ASP N 62 -36.06 -61.69 3.41
C ASP N 62 -35.47 -62.05 4.77
N ILE N 63 -35.92 -61.32 5.80
CA ILE N 63 -35.56 -61.59 7.19
C ILE N 63 -36.85 -61.98 7.93
N PRO N 64 -36.87 -63.14 8.61
CA PRO N 64 -38.06 -63.52 9.38
C PRO N 64 -38.25 -62.68 10.65
N VAL N 65 -39.49 -62.28 10.92
CA VAL N 65 -39.83 -61.40 12.06
C VAL N 65 -40.01 -62.21 13.36
N PRO N 66 -39.84 -61.57 14.53
CA PRO N 66 -40.03 -62.29 15.80
C PRO N 66 -41.50 -62.35 16.25
N ASP N 67 -41.76 -63.15 17.28
CA ASP N 67 -43.12 -63.46 17.76
C ASP N 67 -44.01 -64.03 16.64
N PRO N 68 -43.69 -65.24 16.14
CA PRO N 68 -44.49 -65.83 15.05
C PRO N 68 -45.82 -66.39 15.53
N CYS N 101 -31.44 -67.44 8.93
CA CYS N 101 -31.64 -66.36 7.96
C CYS N 101 -31.00 -66.71 6.62
N GLY N 102 -31.78 -66.58 5.54
CA GLY N 102 -31.31 -66.87 4.19
C GLY N 102 -30.44 -65.75 3.62
N PRO N 103 -29.90 -65.96 2.40
CA PRO N 103 -28.99 -64.99 1.79
C PRO N 103 -29.69 -63.72 1.30
N VAL N 104 -29.25 -62.56 1.81
CA VAL N 104 -29.79 -61.26 1.41
C VAL N 104 -28.95 -60.72 0.25
N ASN N 105 -29.52 -60.76 -0.95
CA ASN N 105 -28.83 -60.31 -2.17
C ASN N 105 -28.74 -58.80 -2.24
N CYS N 106 -27.85 -58.32 -3.12
CA CYS N 106 -27.70 -56.89 -3.39
C CYS N 106 -28.88 -56.37 -4.21
N ASN N 107 -29.06 -55.04 -4.20
CA ASN N 107 -30.12 -54.40 -4.97
C ASN N 107 -29.78 -54.47 -6.46
N GLU N 108 -30.48 -55.34 -7.19
CA GLU N 108 -30.25 -55.58 -8.62
C GLU N 108 -30.35 -54.31 -9.48
N LYS N 109 -31.33 -53.46 -9.18
CA LYS N 109 -31.54 -52.21 -9.91
C LYS N 109 -30.37 -51.25 -9.77
N ILE N 110 -29.81 -51.17 -8.56
CA ILE N 110 -28.66 -50.30 -8.27
C ILE N 110 -27.35 -50.88 -8.82
N VAL N 111 -27.19 -52.21 -8.74
CA VAL N 111 -25.97 -52.88 -9.21
C VAL N 111 -25.73 -52.65 -10.72
N VAL N 112 -26.77 -52.85 -11.54
CA VAL N 112 -26.65 -52.62 -13.00
C VAL N 112 -26.35 -51.16 -13.36
N LEU N 113 -26.85 -50.22 -12.56
CA LEU N 113 -26.50 -48.80 -12.71
C LEU N 113 -25.04 -48.53 -12.36
N LEU N 114 -24.54 -49.18 -11.30
CA LEU N 114 -23.13 -49.08 -10.92
C LEU N 114 -22.18 -49.72 -11.95
N GLN N 115 -22.62 -50.78 -12.63
CA GLN N 115 -21.83 -51.40 -13.70
C GLN N 115 -21.63 -50.47 -14.90
N ARG N 116 -22.58 -49.57 -15.14
CA ARG N 116 -22.44 -48.53 -16.17
C ARG N 116 -21.71 -47.29 -15.66
N LEU N 117 -21.92 -46.94 -14.38
CA LEU N 117 -21.31 -45.76 -13.77
C LEU N 117 -19.80 -45.87 -13.55
N LYS N 118 -19.34 -47.05 -13.12
CA LYS N 118 -17.92 -47.27 -12.81
C LYS N 118 -16.95 -47.02 -13.98
N PRO N 119 -17.22 -47.58 -15.18
CA PRO N 119 -16.36 -47.27 -16.32
C PRO N 119 -16.43 -45.79 -16.78
N GLU N 120 -17.55 -45.11 -16.53
CA GLU N 120 -17.67 -43.68 -16.81
C GLU N 120 -16.80 -42.84 -15.88
N ILE N 121 -16.79 -43.18 -14.58
CA ILE N 121 -15.92 -42.51 -13.59
C ILE N 121 -14.44 -42.73 -13.93
N LYS N 122 -14.09 -43.96 -14.29
CA LYS N 122 -12.74 -44.33 -14.76
C LYS N 122 -12.27 -43.45 -15.94
N ASP N 123 -13.17 -43.19 -16.88
CA ASP N 123 -12.86 -42.37 -18.06
C ASP N 123 -12.58 -40.90 -17.72
N VAL N 124 -13.44 -40.28 -16.91
CA VAL N 124 -13.29 -38.84 -16.57
C VAL N 124 -11.97 -38.60 -15.83
N THR N 125 -11.67 -39.47 -14.88
CA THR N 125 -10.50 -39.35 -14.02
C THR N 125 -9.19 -39.46 -14.80
N GLU N 126 -9.15 -40.37 -15.79
CA GLU N 126 -7.96 -40.55 -16.64
C GLU N 126 -7.71 -39.35 -17.55
N GLN N 127 -8.77 -38.84 -18.19
CA GLN N 127 -8.65 -37.67 -19.08
C GLN N 127 -8.39 -36.38 -18.31
N LEU N 128 -8.94 -36.27 -17.10
CA LEU N 128 -8.68 -35.11 -16.24
C LEU N 128 -7.21 -35.06 -15.82
N ASN N 129 -6.65 -36.21 -15.44
CA ASN N 129 -5.22 -36.33 -15.12
C ASN N 129 -4.33 -36.09 -16.34
N LEU N 130 -4.77 -36.58 -17.51
CA LEU N 130 -4.08 -36.36 -18.78
C LEU N 130 -4.02 -34.88 -19.13
N VAL N 131 -5.15 -34.20 -19.02
CA VAL N 131 -5.25 -32.76 -19.27
C VAL N 131 -4.51 -31.94 -18.20
N THR N 132 -4.55 -32.41 -16.94
CA THR N 132 -3.80 -31.76 -15.86
C THR N 132 -2.29 -31.87 -16.08
N THR N 133 -1.83 -33.07 -16.44
CA THR N 133 -0.41 -33.31 -16.76
C THR N 133 0.05 -32.47 -17.97
N TRP N 134 -0.81 -32.33 -18.97
CA TRP N 134 -0.55 -31.48 -20.12
C TRP N 134 -0.33 -30.02 -19.70
N LEU N 135 -1.27 -29.48 -18.95
CA LEU N 135 -1.22 -28.09 -18.49
C LEU N 135 -0.03 -27.78 -17.57
N GLN N 136 0.36 -28.76 -16.75
CA GLN N 136 1.56 -28.66 -15.90
C GLN N 136 2.84 -28.47 -16.72
N LEU N 137 2.96 -29.23 -17.80
CA LEU N 137 4.12 -29.16 -18.70
C LEU N 137 4.15 -27.89 -19.59
N GLN N 138 3.01 -27.22 -19.71
CA GLN N 138 2.94 -25.91 -20.39
C GLN N 138 3.39 -24.73 -19.51
N ILE N 139 3.60 -24.95 -18.21
CA ILE N 139 4.03 -23.88 -17.29
C ILE N 139 5.47 -23.48 -17.62
N PRO N 140 5.69 -22.20 -18.00
CA PRO N 140 7.03 -21.75 -18.40
C PRO N 140 7.94 -21.45 -17.21
N ARG N 141 9.13 -20.93 -17.51
CA ARG N 141 10.10 -20.47 -16.51
C ARG N 141 9.48 -19.41 -15.58
N ILE N 142 9.82 -19.49 -14.29
CA ILE N 142 9.35 -18.53 -13.30
C ILE N 142 10.11 -17.22 -13.51
N GLU N 143 9.39 -16.14 -13.79
CA GLU N 143 9.97 -14.83 -14.07
C GLU N 143 9.34 -13.74 -13.21
N ASP N 144 10.03 -12.61 -13.11
CA ASP N 144 9.65 -11.50 -12.23
C ASP N 144 8.32 -10.87 -12.62
N GLY N 145 8.10 -10.73 -13.94
CA GLY N 145 6.85 -10.20 -14.49
C GLY N 145 6.43 -11.01 -15.71
N ASN N 146 5.47 -10.47 -16.46
CA ASN N 146 4.90 -11.10 -17.65
C ASN N 146 4.26 -12.46 -17.28
N ASN N 147 3.55 -12.47 -16.15
CA ASN N 147 2.97 -13.69 -15.58
C ASN N 147 1.43 -13.66 -15.61
N PHE N 148 0.86 -12.98 -16.61
CA PHE N 148 -0.59 -12.99 -16.79
C PHE N 148 -1.05 -14.34 -17.33
N GLY N 149 -0.36 -14.83 -18.37
CA GLY N 149 -0.59 -16.16 -18.92
C GLY N 149 -0.35 -17.27 -17.90
N VAL N 150 0.58 -17.04 -16.97
CA VAL N 150 0.82 -17.95 -15.84
C VAL N 150 -0.39 -17.96 -14.89
N ALA N 151 -0.97 -16.79 -14.64
CA ALA N 151 -2.19 -16.66 -13.85
C ALA N 151 -3.42 -17.31 -14.50
N VAL N 152 -3.47 -17.27 -15.84
CA VAL N 152 -4.52 -17.96 -16.61
C VAL N 152 -4.40 -19.47 -16.42
N GLN N 153 -3.19 -20.00 -16.53
CA GLN N 153 -2.92 -21.42 -16.28
C GLN N 153 -3.29 -21.84 -14.86
N GLU N 154 -2.89 -21.03 -13.88
CA GLU N 154 -3.22 -21.26 -12.47
C GLU N 154 -4.73 -21.22 -12.18
N LYS N 155 -5.45 -20.34 -12.88
CA LYS N 155 -6.91 -20.23 -12.75
C LYS N 155 -7.63 -21.46 -13.31
N VAL N 156 -7.18 -21.92 -14.47
CA VAL N 156 -7.72 -23.14 -15.10
C VAL N 156 -7.30 -24.40 -14.30
N PHE N 157 -6.09 -24.37 -13.74
CA PHE N 157 -5.60 -25.45 -12.88
C PHE N 157 -6.41 -25.59 -11.58
N GLU N 158 -6.95 -24.48 -11.08
CA GLU N 158 -7.81 -24.48 -9.88
C GLU N 158 -9.09 -25.31 -10.08
N LEU N 159 -9.68 -25.23 -11.27
CA LEU N 159 -10.88 -26.01 -11.61
C LEU N 159 -10.58 -27.51 -11.67
N MET N 160 -9.47 -27.86 -12.33
CA MET N 160 -9.07 -29.26 -12.49
C MET N 160 -8.76 -29.94 -11.15
N THR N 161 -8.20 -29.18 -10.21
CA THR N 161 -7.98 -29.64 -8.83
C THR N 161 -9.32 -29.88 -8.11
N ASN N 162 -10.26 -28.94 -8.27
CA ASN N 162 -11.59 -29.07 -7.66
C ASN N 162 -12.42 -30.20 -8.26
N LEU N 163 -12.32 -30.40 -9.57
CA LEU N 163 -12.95 -31.56 -10.24
C LEU N 163 -12.33 -32.87 -9.78
N HIS N 164 -11.01 -32.90 -9.67
CA HIS N 164 -10.27 -34.08 -9.19
C HIS N 164 -10.68 -34.49 -7.77
N THR N 165 -10.90 -33.49 -6.91
CA THR N 165 -11.39 -33.73 -5.54
C THR N 165 -12.81 -34.30 -5.53
N LYS N 166 -13.67 -33.79 -6.43
CA LYS N 166 -15.06 -34.25 -6.53
C LYS N 166 -15.15 -35.67 -7.11
N LEU N 167 -14.44 -35.91 -8.21
CA LEU N 167 -14.51 -37.20 -8.92
C LEU N 167 -13.84 -38.36 -8.16
N GLU N 168 -12.83 -38.06 -7.34
CA GLU N 168 -12.28 -39.06 -6.41
C GLU N 168 -13.30 -39.45 -5.34
N GLY N 169 -14.10 -38.48 -4.89
CA GLY N 169 -15.20 -38.72 -3.94
C GLY N 169 -16.28 -39.66 -4.44
N PHE N 170 -16.51 -39.68 -5.75
CA PHE N 170 -17.46 -40.61 -6.37
C PHE N 170 -16.99 -42.07 -6.30
N HIS N 171 -15.68 -42.29 -6.48
CA HIS N 171 -15.10 -43.63 -6.48
C HIS N 171 -15.15 -44.31 -5.11
N THR N 172 -14.81 -43.55 -4.06
CA THR N 172 -14.77 -44.08 -2.69
C THR N 172 -16.14 -44.37 -2.09
N GLN N 173 -17.16 -43.59 -2.46
CA GLN N 173 -18.51 -43.75 -1.89
C GLN N 173 -19.28 -44.97 -2.42
N ILE N 174 -18.83 -45.54 -3.55
CA ILE N 174 -19.39 -46.80 -4.06
C ILE N 174 -19.00 -47.96 -3.13
N SER N 175 -17.75 -47.95 -2.67
CA SER N 175 -17.29 -48.89 -1.62
C SER N 175 -18.01 -48.66 -0.29
N LYS N 176 -18.25 -47.39 0.03
CA LYS N 176 -19.02 -47.02 1.22
C LYS N 176 -20.46 -47.54 1.19
N TYR N 177 -21.08 -47.54 0.01
CA TYR N 177 -22.46 -48.04 -0.16
C TYR N 177 -22.59 -49.53 0.19
N PHE N 178 -21.71 -50.35 -0.39
CA PHE N 178 -21.68 -51.79 -0.09
C PHE N 178 -21.28 -52.08 1.36
N SER N 179 -20.42 -51.23 1.92
CA SER N 179 -20.01 -51.33 3.32
C SER N 179 -21.16 -50.99 4.28
N GLU N 180 -21.82 -49.86 4.03
CA GLU N 180 -22.92 -49.38 4.88
C GLU N 180 -24.19 -50.23 4.76
N ARG N 181 -24.49 -50.72 3.55
CA ARG N 181 -25.65 -51.60 3.32
C ARG N 181 -25.43 -52.96 4.00
N GLY N 182 -24.23 -53.51 3.86
CA GLY N 182 -23.86 -54.77 4.51
C GLY N 182 -23.94 -54.72 6.03
N ASP N 183 -23.51 -53.60 6.61
CA ASP N 183 -23.63 -53.36 8.06
C ASP N 183 -25.10 -53.21 8.49
N ALA N 184 -25.91 -52.58 7.65
CA ALA N 184 -27.35 -52.43 7.91
C ALA N 184 -28.09 -53.76 7.80
N VAL N 185 -27.77 -54.54 6.78
CA VAL N 185 -28.36 -55.88 6.58
C VAL N 185 -27.93 -56.84 7.70
N ALA N 186 -26.67 -56.76 8.10
CA ALA N 186 -26.14 -57.59 9.20
C ALA N 186 -26.83 -57.29 10.53
N LYS N 187 -27.08 -56.01 10.80
CA LYS N 187 -27.82 -55.59 12.00
C LYS N 187 -29.30 -55.95 11.96
N ALA N 188 -29.91 -55.83 10.78
CA ALA N 188 -31.32 -56.21 10.58
C ALA N 188 -31.54 -57.72 10.76
N ALA N 189 -30.61 -58.52 10.26
CA ALA N 189 -30.64 -59.97 10.43
C ALA N 189 -30.35 -60.39 11.88
N LYS N 190 -29.37 -59.74 12.50
CA LYS N 190 -29.01 -59.99 13.91
C LYS N 190 -30.15 -59.63 14.87
N GLN N 191 -30.82 -58.51 14.60
CA GLN N 191 -31.94 -58.03 15.42
C GLN N 191 -33.15 -57.73 14.52
N PRO N 192 -33.99 -58.75 14.23
CA PRO N 192 -35.21 -58.56 13.41
C PRO N 192 -36.26 -57.63 14.03
N HIS N 193 -36.43 -57.71 15.35
CA HIS N 193 -37.36 -56.84 16.09
C HIS N 193 -37.18 -55.33 15.86
N VAL N 194 -35.94 -54.90 15.63
CA VAL N 194 -35.66 -53.49 15.32
C VAL N 194 -36.05 -53.22 13.86
N GLY N 195 -37.20 -52.58 13.68
CA GLY N 195 -37.73 -52.27 12.35
C GLY N 195 -36.99 -51.18 11.58
N ASP N 196 -36.23 -50.35 12.29
CA ASP N 196 -35.49 -49.24 11.66
C ASP N 196 -34.31 -49.70 10.80
N TYR N 197 -33.69 -50.83 11.16
CA TYR N 197 -32.60 -51.41 10.36
C TYR N 197 -33.10 -51.90 8.99
N ARG N 198 -34.34 -52.37 8.93
CA ARG N 198 -34.98 -52.75 7.66
C ARG N 198 -35.23 -51.51 6.79
N GLN N 199 -35.74 -50.45 7.42
CA GLN N 199 -35.98 -49.17 6.75
C GLN N 199 -34.68 -48.51 6.30
N LEU N 200 -33.64 -48.61 7.14
CA LEU N 200 -32.30 -48.09 6.83
C LEU N 200 -31.74 -48.65 5.52
N VAL N 201 -31.91 -49.95 5.31
CA VAL N 201 -31.41 -50.63 4.09
C VAL N 201 -32.09 -50.07 2.83
N HIS N 202 -33.39 -49.80 2.92
CA HIS N 202 -34.15 -49.24 1.79
C HIS N 202 -33.82 -47.77 1.53
N GLU N 203 -33.52 -47.02 2.59
CA GLU N 203 -33.11 -45.61 2.47
C GLU N 203 -31.71 -45.45 1.88
N LEU N 204 -30.81 -46.37 2.21
CA LEU N 204 -29.48 -46.43 1.58
C LEU N 204 -29.57 -46.72 0.07
N ASP N 205 -30.54 -47.55 -0.31
CA ASP N 205 -30.80 -47.86 -1.72
C ASP N 205 -31.37 -46.67 -2.48
N GLU N 206 -32.36 -45.98 -1.88
CA GLU N 206 -32.94 -44.77 -2.47
C GLU N 206 -31.92 -43.64 -2.57
N ALA N 207 -31.13 -43.44 -1.51
CA ALA N 207 -30.07 -42.43 -1.49
C ALA N 207 -28.98 -42.69 -2.53
N GLU N 208 -28.63 -43.97 -2.73
CA GLU N 208 -27.61 -44.35 -3.72
C GLU N 208 -28.09 -44.16 -5.16
N TYR N 209 -29.34 -44.53 -5.43
CA TYR N 209 -29.97 -44.28 -6.74
C TYR N 209 -29.98 -42.79 -7.09
N GLN N 210 -30.41 -41.97 -6.14
CA GLN N 210 -30.47 -40.51 -6.32
C GLN N 210 -29.08 -39.89 -6.48
N GLU N 211 -28.10 -40.45 -5.76
CA GLU N 211 -26.70 -40.02 -5.88
C GLU N 211 -26.10 -40.42 -7.23
N ILE N 212 -26.32 -41.68 -7.63
CA ILE N 212 -25.87 -42.19 -8.96
C ILE N 212 -26.40 -41.31 -10.10
N ARG N 213 -27.65 -40.89 -10.00
CA ARG N 213 -28.26 -39.98 -10.98
C ARG N 213 -27.51 -38.63 -11.05
N LEU N 214 -27.18 -38.07 -9.88
CA LEU N 214 -26.42 -36.82 -9.80
C LEU N 214 -24.98 -36.96 -10.29
N MET N 215 -24.35 -38.10 -10.03
CA MET N 215 -22.98 -38.37 -10.51
C MET N 215 -22.87 -38.33 -12.04
N VAL N 216 -23.87 -38.89 -12.71
CA VAL N 216 -23.89 -38.90 -14.18
C VAL N 216 -24.06 -37.47 -14.72
N MET N 217 -24.83 -36.64 -14.01
CA MET N 217 -24.93 -35.21 -14.33
C MET N 217 -23.60 -34.50 -14.07
N GLU N 218 -23.04 -34.72 -12.87
CA GLU N 218 -21.75 -34.12 -12.47
C GLU N 218 -20.58 -34.51 -13.41
N ILE N 219 -20.58 -35.77 -13.85
CA ILE N 219 -19.58 -36.27 -14.80
C ILE N 219 -19.73 -35.60 -16.17
N ARG N 220 -20.98 -35.49 -16.64
CA ARG N 220 -21.29 -34.78 -17.89
C ARG N 220 -20.90 -33.30 -17.80
N ASN N 221 -21.22 -32.67 -16.67
CA ASN N 221 -20.89 -31.26 -16.43
C ASN N 221 -19.38 -31.02 -16.34
N ALA N 222 -18.64 -32.00 -15.82
CA ALA N 222 -17.18 -31.94 -15.75
C ALA N 222 -16.54 -31.88 -17.14
N TYR N 223 -17.00 -32.75 -18.04
CA TYR N 223 -16.56 -32.73 -19.45
C TYR N 223 -16.90 -31.41 -20.15
N ALA N 224 -18.12 -30.91 -19.93
CA ALA N 224 -18.59 -29.69 -20.57
C ALA N 224 -17.86 -28.43 -20.11
N VAL N 225 -17.63 -28.32 -18.80
CA VAL N 225 -16.93 -27.16 -18.22
C VAL N 225 -15.43 -27.20 -18.57
N LEU N 226 -14.84 -28.40 -18.59
CA LEU N 226 -13.45 -28.57 -19.08
C LEU N 226 -13.33 -28.20 -20.56
N TYR N 227 -14.26 -28.69 -21.39
CA TYR N 227 -14.33 -28.32 -22.80
C TYR N 227 -14.46 -26.81 -23.01
N ASP N 228 -15.30 -26.17 -22.19
CA ASP N 228 -15.56 -24.73 -22.29
C ASP N 228 -14.39 -23.88 -21.82
N ILE N 229 -13.86 -24.19 -20.64
CA ILE N 229 -12.78 -23.40 -20.02
C ILE N 229 -11.44 -23.49 -20.77
N ILE N 230 -11.14 -24.66 -21.35
CA ILE N 230 -9.87 -24.87 -22.07
C ILE N 230 -9.90 -24.19 -23.44
N LEU N 231 -10.99 -24.36 -24.19
CA LEU N 231 -11.13 -23.76 -25.53
C LEU N 231 -11.10 -22.23 -25.51
N LYS N 232 -11.75 -21.62 -24.53
CA LYS N 232 -11.75 -20.16 -24.38
C LYS N 232 -10.35 -19.61 -24.10
N ASN N 233 -9.59 -20.30 -23.25
CA ASN N 233 -8.25 -19.86 -22.84
C ASN N 233 -7.11 -20.64 -23.52
N PHE N 234 -7.40 -21.38 -24.60
CA PHE N 234 -6.40 -22.27 -25.24
C PHE N 234 -5.14 -21.55 -25.75
N GLU N 235 -5.30 -20.30 -26.19
CA GLU N 235 -4.18 -19.49 -26.66
C GLU N 235 -3.18 -19.19 -25.54
N LYS N 236 -3.70 -18.79 -24.38
CA LYS N 236 -2.87 -18.48 -23.20
C LYS N 236 -2.37 -19.73 -22.46
N LEU N 237 -3.17 -20.80 -22.44
CA LEU N 237 -2.75 -22.07 -21.84
C LEU N 237 -1.57 -22.70 -22.58
N LYS N 238 -1.64 -22.69 -23.91
CA LYS N 238 -0.57 -23.19 -24.77
C LYS N 238 0.62 -22.22 -24.79
N LYS N 239 0.32 -20.94 -25.06
CA LYS N 239 1.35 -19.89 -25.22
C LYS N 239 1.10 -18.75 -24.21
N PRO N 240 1.56 -18.93 -22.95
CA PRO N 240 1.32 -17.91 -21.91
C PRO N 240 2.06 -16.59 -22.11
N ARG N 241 3.30 -16.64 -22.60
CA ARG N 241 4.10 -15.44 -22.87
C ARG N 241 4.12 -15.00 -24.34
N GLY N 242 3.88 -15.95 -25.26
CA GLY N 242 3.86 -15.64 -26.70
C GLY N 242 4.10 -16.87 -27.56
P PO4 O . -10.16 61.88 -23.16
O1 PO4 O . -9.71 62.92 -24.15
O2 PO4 O . -10.45 60.58 -23.88
O3 PO4 O . -9.07 61.63 -22.14
O4 PO4 O . -11.41 62.35 -22.45
P PO4 P . 22.44 43.43 -45.95
O1 PO4 P . 21.84 43.39 -47.34
O2 PO4 P . 23.39 44.60 -45.85
O3 PO4 P . 23.19 42.15 -45.69
O4 PO4 P . 21.34 43.59 -44.93
P PO4 Q . -39.34 -54.89 4.40
O1 PO4 Q . -39.17 -55.23 2.95
O2 PO4 Q . -38.91 -53.45 4.63
O3 PO4 Q . -38.48 -55.80 5.24
O4 PO4 Q . -40.78 -55.05 4.79
#